data_7W2H
#
_entry.id   7W2H
#
_cell.length_a   134.453
_cell.length_b   200.751
_cell.length_c   160.593
_cell.angle_alpha   90.000
_cell.angle_beta   90.030
_cell.angle_gamma   90.000
#
_symmetry.space_group_name_H-M   'P 1 21 1'
#
loop_
_entity.id
_entity.type
_entity.pdbx_description
1 polymer 'Sigma non-opioid intracellular receptor 1'
2 non-polymer 4-[2-(5-methyl-1-naphthalen-2-yl-pyrazol-3-yl)oxyethyl]morpholine
#
_entity_poly.entity_id   1
_entity_poly.type   'polypeptide(L)'
_entity_poly.pdbx_seq_one_letter_code
;SVDTMALWLGLRAVLVVAGLAVLLQLIRGWLSSKSYVFNREEIARLAKEHSGLDYEVAFSKIIVELRKKHPGHILQDEDL
QWVFVNAGGWMGSMCLLHASLTEYVLLFGTAVDTGGHSGRYWAEISDTILSGTFRQWKEGTTKSEIFYPGDTIVHEVGEA
TSVQWSSGTWMVEYGRGFIPSTCAFALADTIFSTQDFLTLFYTVKVCSKALLLEASTHLSQLGFF
;
_entity_poly.pdbx_strand_id   A,C,E,B,D,F,G,H,I,J,K,L,M,N,O,P,Q,R,S,T,U,V,W,X
#
# COMPACT_ATOMS: atom_id res chain seq x y z
N LEU A 9 -44.60 4.87 -87.71
CA LEU A 9 -44.10 5.97 -86.91
C LEU A 9 -42.67 6.29 -87.31
N GLY A 10 -42.45 7.50 -87.82
CA GLY A 10 -41.13 7.90 -88.27
C GLY A 10 -40.61 9.14 -87.57
N LEU A 11 -39.34 9.11 -87.15
CA LEU A 11 -38.71 10.21 -86.44
C LEU A 11 -37.21 9.97 -86.39
N ARG A 12 -36.46 11.04 -86.12
CA ARG A 12 -35.02 10.92 -85.98
C ARG A 12 -34.64 10.08 -84.76
N ALA A 13 -35.52 10.04 -83.75
CA ALA A 13 -35.25 9.22 -82.57
C ALA A 13 -35.28 7.74 -82.88
N VAL A 14 -36.06 7.33 -83.88
CA VAL A 14 -36.06 5.93 -84.31
C VAL A 14 -34.70 5.57 -84.89
N LEU A 15 -34.06 6.51 -85.58
CA LEU A 15 -32.71 6.29 -86.09
C LEU A 15 -31.69 6.29 -84.97
N VAL A 16 -31.92 7.06 -83.90
CA VAL A 16 -31.04 7.03 -82.75
C VAL A 16 -31.14 5.67 -82.03
N VAL A 17 -32.35 5.12 -81.96
CA VAL A 17 -32.53 3.80 -81.34
C VAL A 17 -31.83 2.73 -82.17
N ALA A 18 -32.05 2.74 -83.50
CA ALA A 18 -31.35 1.81 -84.36
C ALA A 18 -29.85 2.06 -84.37
N GLY A 19 -29.43 3.32 -84.19
CA GLY A 19 -28.01 3.61 -84.14
C GLY A 19 -27.34 3.07 -82.89
N LEU A 20 -27.99 3.23 -81.74
CA LEU A 20 -27.48 2.62 -80.53
C LEU A 20 -27.55 1.09 -80.59
N ALA A 21 -28.54 0.55 -81.31
CA ALA A 21 -28.65 -0.90 -81.43
C ALA A 21 -27.51 -1.46 -82.28
N VAL A 22 -27.22 -0.83 -83.42
CA VAL A 22 -26.09 -1.26 -84.23
C VAL A 22 -24.77 -0.98 -83.51
N LEU A 23 -24.70 0.12 -82.75
CA LEU A 23 -23.52 0.36 -81.93
C LEU A 23 -23.34 -0.74 -80.89
N LEU A 24 -24.44 -1.20 -80.29
CA LEU A 24 -24.35 -2.31 -79.35
C LEU A 24 -24.00 -3.61 -80.07
N GLN A 25 -24.56 -3.84 -81.26
CA GLN A 25 -24.21 -5.04 -82.02
C GLN A 25 -22.72 -5.04 -82.37
N LEU A 26 -22.17 -3.87 -82.71
CA LEU A 26 -20.74 -3.77 -83.01
C LEU A 26 -19.92 -4.02 -81.74
N ILE A 27 -20.29 -3.38 -80.63
CA ILE A 27 -19.53 -3.52 -79.39
C ILE A 27 -19.67 -4.94 -78.85
N ARG A 28 -20.90 -5.47 -78.83
CA ARG A 28 -21.09 -6.84 -78.36
C ARG A 28 -20.45 -7.85 -79.31
N GLY A 29 -20.34 -7.51 -80.59
CA GLY A 29 -19.64 -8.38 -81.52
C GLY A 29 -18.14 -8.38 -81.27
N TRP A 30 -17.58 -7.21 -80.93
CA TRP A 30 -16.17 -7.15 -80.55
C TRP A 30 -15.91 -7.94 -79.27
N LEU A 31 -16.79 -7.80 -78.27
CA LEU A 31 -16.62 -8.54 -77.03
C LEU A 31 -16.84 -10.05 -77.21
N SER A 32 -17.60 -10.44 -78.23
CA SER A 32 -17.88 -11.85 -78.47
C SER A 32 -16.82 -12.54 -79.32
N SER A 33 -15.94 -11.79 -79.99
CA SER A 33 -14.93 -12.37 -80.86
C SER A 33 -13.52 -11.96 -80.49
N LYS A 34 -13.32 -11.39 -79.30
CA LYS A 34 -12.02 -10.87 -78.88
C LYS A 34 -11.28 -11.93 -78.06
N SER A 35 -10.26 -12.53 -78.65
CA SER A 35 -9.29 -13.36 -77.93
C SER A 35 -8.87 -12.72 -76.61
N TYR A 36 -9.36 -13.28 -75.51
CA TYR A 36 -9.05 -12.80 -74.16
C TYR A 36 -7.84 -13.51 -73.58
N VAL A 37 -7.29 -12.93 -72.52
CA VAL A 37 -6.12 -13.48 -71.83
C VAL A 37 -6.58 -14.49 -70.78
N PHE A 38 -7.41 -14.03 -69.85
CA PHE A 38 -7.87 -14.81 -68.72
C PHE A 38 -9.26 -15.39 -69.01
N ASN A 39 -9.69 -16.28 -68.12
CA ASN A 39 -11.06 -16.77 -68.10
C ASN A 39 -11.47 -16.91 -66.64
N ARG A 40 -12.79 -16.82 -66.41
CA ARG A 40 -13.26 -16.79 -65.02
C ARG A 40 -13.00 -18.11 -64.31
N GLU A 41 -13.02 -19.23 -65.03
CA GLU A 41 -12.74 -20.51 -64.40
C GLU A 41 -11.29 -20.62 -63.97
N GLU A 42 -10.37 -20.09 -64.78
CA GLU A 42 -8.95 -20.15 -64.44
C GLU A 42 -8.67 -19.39 -63.14
N ILE A 43 -9.16 -18.16 -63.05
CA ILE A 43 -8.95 -17.36 -61.85
C ILE A 43 -9.68 -17.99 -60.66
N ALA A 44 -10.87 -18.53 -60.90
CA ALA A 44 -11.64 -19.14 -59.81
C ALA A 44 -10.92 -20.35 -59.24
N ARG A 45 -10.39 -21.22 -60.11
CA ARG A 45 -9.69 -22.41 -59.64
C ARG A 45 -8.41 -22.04 -58.91
N LEU A 46 -7.64 -21.11 -59.46
CA LEU A 46 -6.39 -20.71 -58.81
C LEU A 46 -6.64 -20.13 -57.43
N ALA A 47 -7.76 -19.42 -57.25
CA ALA A 47 -8.09 -18.87 -55.94
C ALA A 47 -8.64 -19.94 -55.01
N LYS A 48 -9.43 -20.87 -55.54
CA LYS A 48 -10.00 -21.91 -54.69
C LYS A 48 -8.95 -22.91 -54.23
N GLU A 49 -7.84 -23.02 -54.95
CA GLU A 49 -6.75 -23.90 -54.51
C GLU A 49 -6.18 -23.45 -53.18
N HIS A 50 -6.12 -22.14 -52.96
CA HIS A 50 -5.51 -21.58 -51.76
C HIS A 50 -6.53 -21.16 -50.70
N SER A 51 -7.81 -21.44 -50.92
CA SER A 51 -8.81 -21.23 -49.88
C SER A 51 -8.54 -22.16 -48.71
N GLY A 52 -8.86 -21.69 -47.50
CA GLY A 52 -8.55 -22.43 -46.30
C GLY A 52 -7.16 -22.19 -45.75
N LEU A 53 -6.39 -21.30 -46.36
CA LEU A 53 -5.09 -20.88 -45.87
C LEU A 53 -5.15 -19.42 -45.45
N ASP A 54 -4.06 -18.94 -44.86
CA ASP A 54 -3.99 -17.53 -44.50
C ASP A 54 -4.08 -16.69 -45.78
N TYR A 55 -4.97 -15.69 -45.77
CA TYR A 55 -5.27 -14.96 -47.00
C TYR A 55 -4.08 -14.17 -47.52
N GLU A 56 -3.16 -13.77 -46.64
CA GLU A 56 -1.96 -13.09 -47.09
C GLU A 56 -1.04 -14.03 -47.88
N VAL A 57 -0.86 -15.26 -47.36
CA VAL A 57 -0.08 -16.25 -48.09
C VAL A 57 -0.75 -16.61 -49.41
N ALA A 58 -2.09 -16.70 -49.41
CA ALA A 58 -2.82 -16.99 -50.63
C ALA A 58 -2.63 -15.88 -51.66
N PHE A 59 -2.67 -14.62 -51.23
CA PHE A 59 -2.42 -13.51 -52.13
C PHE A 59 -1.08 -13.66 -52.83
N SER A 60 -0.02 -13.93 -52.05
CA SER A 60 1.32 -14.04 -52.62
C SER A 60 1.42 -15.20 -53.59
N LYS A 61 0.88 -16.37 -53.21
CA LYS A 61 0.95 -17.54 -54.08
C LYS A 61 0.15 -17.33 -55.36
N ILE A 62 -0.99 -16.65 -55.27
CA ILE A 62 -1.80 -16.39 -56.46
C ILE A 62 -1.10 -15.41 -57.39
N ILE A 63 -0.45 -14.38 -56.83
CA ILE A 63 0.30 -13.43 -57.64
C ILE A 63 1.46 -14.12 -58.34
N VAL A 64 2.16 -15.01 -57.64
CA VAL A 64 3.28 -15.73 -58.25
C VAL A 64 2.78 -16.61 -59.38
N GLU A 65 1.67 -17.31 -59.17
CA GLU A 65 1.14 -18.19 -60.21
C GLU A 65 0.66 -17.40 -61.41
N LEU A 66 0.05 -16.24 -61.19
CA LEU A 66 -0.43 -15.43 -62.31
C LEU A 66 0.73 -14.88 -63.13
N ARG A 67 1.79 -14.41 -62.47
CA ARG A 67 2.95 -13.92 -63.19
C ARG A 67 3.72 -15.04 -63.88
N LYS A 68 3.61 -16.28 -63.40
CA LYS A 68 4.26 -17.39 -64.08
C LYS A 68 3.51 -17.77 -65.36
N LYS A 69 2.20 -18.00 -65.25
CA LYS A 69 1.43 -18.46 -66.40
C LYS A 69 1.07 -17.34 -67.36
N HIS A 70 1.15 -16.08 -66.95
CA HIS A 70 0.84 -14.94 -67.81
C HIS A 70 1.87 -13.84 -67.58
N PRO A 71 3.06 -13.98 -68.14
CA PRO A 71 4.07 -12.93 -67.98
C PRO A 71 3.70 -11.71 -68.81
N GLY A 72 4.08 -10.54 -68.29
CA GLY A 72 3.82 -9.29 -68.97
C GLY A 72 2.38 -8.81 -68.90
N HIS A 73 1.53 -9.50 -68.12
CA HIS A 73 0.14 -9.10 -68.00
C HIS A 73 -0.26 -8.74 -66.57
N ILE A 74 0.60 -8.98 -65.58
CA ILE A 74 0.33 -8.66 -64.19
C ILE A 74 1.35 -7.62 -63.74
N LEU A 75 0.88 -6.58 -63.05
CA LEU A 75 1.76 -5.52 -62.57
C LEU A 75 2.82 -6.07 -61.61
N GLN A 76 3.96 -5.40 -61.57
CA GLN A 76 5.03 -5.76 -60.65
C GLN A 76 4.72 -5.26 -59.24
N ASP A 77 5.52 -5.73 -58.29
CA ASP A 77 5.32 -5.35 -56.89
C ASP A 77 5.53 -3.85 -56.67
N GLU A 78 6.32 -3.21 -57.53
CA GLU A 78 6.55 -1.77 -57.39
C GLU A 78 5.27 -0.98 -57.64
N ASP A 79 4.38 -1.48 -58.49
CA ASP A 79 3.15 -0.79 -58.86
C ASP A 79 1.92 -1.33 -58.13
N LEU A 80 2.11 -2.11 -57.08
CA LEU A 80 0.99 -2.66 -56.31
C LEU A 80 0.80 -1.87 -55.03
N GLN A 81 -0.44 -1.53 -54.71
CA GLN A 81 -0.78 -0.85 -53.47
C GLN A 81 -2.27 -1.05 -53.19
N TRP A 82 -2.59 -1.14 -51.90
CA TRP A 82 -3.99 -1.28 -51.48
C TRP A 82 -4.68 0.08 -51.55
N VAL A 83 -5.74 0.17 -52.35
CA VAL A 83 -6.52 1.39 -52.52
C VAL A 83 -7.93 1.14 -52.01
N PHE A 84 -8.44 2.10 -51.24
CA PHE A 84 -9.81 2.00 -50.75
C PHE A 84 -10.80 2.08 -51.91
N VAL A 85 -11.94 1.42 -51.74
CA VAL A 85 -13.00 1.39 -52.74
C VAL A 85 -14.32 1.64 -52.02
N ASN A 86 -14.95 2.76 -52.31
CA ASN A 86 -16.26 3.11 -51.77
C ASN A 86 -17.27 3.16 -52.92
N ALA A 87 -18.30 2.34 -52.84
CA ALA A 87 -19.30 2.28 -53.90
C ALA A 87 -20.58 1.67 -53.35
N GLY A 88 -21.72 2.21 -53.78
CA GLY A 88 -23.01 1.65 -53.46
C GLY A 88 -23.37 1.56 -51.99
N GLY A 89 -22.57 2.20 -51.13
CA GLY A 89 -22.82 2.16 -49.71
C GLY A 89 -21.93 1.22 -48.93
N TRP A 90 -21.03 0.49 -49.59
CA TRP A 90 -20.07 -0.37 -48.94
C TRP A 90 -18.66 0.17 -49.14
N MET A 91 -17.73 -0.32 -48.32
CA MET A 91 -16.36 0.14 -48.37
C MET A 91 -15.40 -1.04 -48.21
N GLY A 92 -14.45 -1.15 -49.13
CA GLY A 92 -13.41 -2.15 -49.04
C GLY A 92 -12.09 -1.65 -49.58
N SER A 93 -11.19 -2.55 -49.95
CA SER A 93 -9.91 -2.17 -50.52
C SER A 93 -9.54 -3.17 -51.61
N MET A 94 -8.79 -2.71 -52.60
CA MET A 94 -8.41 -3.52 -53.75
C MET A 94 -6.91 -3.45 -53.98
N CYS A 95 -6.39 -4.51 -54.61
CA CYS A 95 -5.02 -4.55 -55.09
C CYS A 95 -5.10 -5.01 -56.55
N LEU A 96 -4.92 -4.08 -57.48
CA LEU A 96 -5.14 -4.36 -58.90
C LEU A 96 -3.93 -5.08 -59.48
N LEU A 97 -4.13 -6.33 -59.92
CA LEU A 97 -3.06 -7.10 -60.53
C LEU A 97 -2.99 -6.90 -62.04
N HIS A 98 -4.14 -6.92 -62.72
CA HIS A 98 -4.21 -6.74 -64.16
C HIS A 98 -5.47 -5.96 -64.49
N ALA A 99 -5.38 -5.12 -65.53
CA ALA A 99 -6.53 -4.36 -65.97
C ALA A 99 -6.32 -3.93 -67.42
N SER A 100 -7.34 -4.14 -68.24
CA SER A 100 -7.32 -3.72 -69.64
C SER A 100 -8.66 -3.06 -69.95
N LEU A 101 -8.96 -2.89 -71.23
CA LEU A 101 -10.25 -2.33 -71.63
C LEU A 101 -11.38 -3.37 -71.59
N THR A 102 -11.05 -4.66 -71.48
CA THR A 102 -12.05 -5.71 -71.44
C THR A 102 -11.91 -6.65 -70.25
N GLU A 103 -10.77 -6.69 -69.58
CA GLU A 103 -10.55 -7.57 -68.45
C GLU A 103 -9.91 -6.82 -67.30
N TYR A 104 -10.07 -7.36 -66.09
CA TYR A 104 -9.32 -6.87 -64.95
C TYR A 104 -9.26 -7.96 -63.88
N VAL A 105 -8.13 -8.05 -63.20
CA VAL A 105 -7.92 -8.99 -62.10
C VAL A 105 -7.42 -8.19 -60.90
N LEU A 106 -7.99 -8.47 -59.73
CA LEU A 106 -7.56 -7.77 -58.52
C LEU A 106 -7.82 -8.63 -57.30
N LEU A 107 -7.26 -8.21 -56.18
CA LEU A 107 -7.51 -8.82 -54.87
C LEU A 107 -8.38 -7.85 -54.08
N PHE A 108 -9.62 -8.24 -53.83
CA PHE A 108 -10.56 -7.38 -53.14
C PHE A 108 -10.88 -7.96 -51.77
N GLY A 109 -11.30 -7.07 -50.87
CA GLY A 109 -11.75 -7.49 -49.56
C GLY A 109 -11.83 -6.30 -48.63
N THR A 110 -12.38 -6.55 -47.46
CA THR A 110 -12.55 -5.53 -46.44
C THR A 110 -12.23 -6.08 -45.08
N ALA A 111 -11.69 -5.22 -44.20
CA ALA A 111 -11.46 -5.54 -42.81
C ALA A 111 -12.50 -4.92 -41.89
N VAL A 112 -13.59 -4.40 -42.44
CA VAL A 112 -14.69 -3.86 -41.66
C VAL A 112 -15.99 -4.44 -42.19
N ASP A 113 -17.04 -4.28 -41.41
CA ASP A 113 -18.36 -4.76 -41.79
C ASP A 113 -19.04 -3.69 -42.64
N THR A 114 -19.20 -3.98 -43.94
CA THR A 114 -19.86 -3.05 -44.84
C THR A 114 -20.82 -3.83 -45.74
N GLY A 115 -21.59 -3.09 -46.53
CA GLY A 115 -22.56 -3.67 -47.44
C GLY A 115 -23.42 -2.66 -48.20
N GLY A 116 -23.95 -3.06 -49.35
CA GLY A 116 -24.80 -2.15 -50.12
C GLY A 116 -25.09 -2.67 -51.50
N HIS A 117 -25.18 -1.75 -52.45
CA HIS A 117 -25.53 -2.10 -53.82
C HIS A 117 -24.30 -2.62 -54.56
N SER A 118 -24.43 -3.79 -55.20
CA SER A 118 -23.33 -4.38 -55.94
C SER A 118 -23.02 -3.63 -57.23
N GLY A 119 -23.99 -2.89 -57.75
CA GLY A 119 -23.81 -2.14 -58.98
C GLY A 119 -24.25 -2.89 -60.22
N ARG A 120 -24.95 -2.19 -61.11
CA ARG A 120 -25.44 -2.76 -62.37
C ARG A 120 -24.63 -2.14 -63.50
N TYR A 121 -23.82 -2.96 -64.16
CA TYR A 121 -22.91 -2.46 -65.19
C TYR A 121 -22.77 -3.50 -66.30
N TRP A 122 -22.04 -3.12 -67.35
CA TRP A 122 -21.86 -3.95 -68.54
C TRP A 122 -20.60 -4.79 -68.41
N ALA A 123 -20.60 -5.68 -67.41
CA ALA A 123 -19.43 -6.50 -67.15
C ALA A 123 -19.80 -7.70 -66.31
N GLU A 124 -19.31 -8.87 -66.69
CA GLU A 124 -19.48 -10.08 -65.89
C GLU A 124 -18.32 -10.20 -64.91
N ILE A 125 -18.65 -10.33 -63.63
CA ILE A 125 -17.65 -10.33 -62.56
C ILE A 125 -17.74 -11.63 -61.78
N SER A 126 -16.58 -12.20 -61.48
CA SER A 126 -16.48 -13.44 -60.71
C SER A 126 -15.59 -13.20 -59.49
N ASP A 127 -16.10 -13.54 -58.31
CA ASP A 127 -15.38 -13.37 -57.06
C ASP A 127 -15.27 -14.72 -56.36
N THR A 128 -14.05 -15.14 -56.07
CA THR A 128 -13.79 -16.37 -55.33
C THR A 128 -13.32 -16.00 -53.93
N ILE A 129 -14.14 -16.33 -52.93
CA ILE A 129 -13.84 -15.93 -51.56
C ILE A 129 -12.69 -16.75 -51.02
N LEU A 130 -11.64 -16.06 -50.56
CA LEU A 130 -10.52 -16.74 -49.90
C LEU A 130 -10.77 -16.92 -48.41
N SER A 131 -11.40 -15.94 -47.77
CA SER A 131 -11.70 -16.02 -46.35
C SER A 131 -12.88 -15.10 -46.05
N GLY A 132 -13.57 -15.39 -44.96
CA GLY A 132 -14.70 -14.57 -44.56
C GLY A 132 -16.05 -15.08 -45.02
N THR A 133 -17.02 -14.18 -45.17
CA THR A 133 -18.36 -14.54 -45.63
C THR A 133 -18.85 -13.53 -46.65
N PHE A 134 -19.78 -13.97 -47.50
CA PHE A 134 -20.35 -13.13 -48.55
C PHE A 134 -21.86 -13.35 -48.55
N ARG A 135 -22.61 -12.34 -48.13
CA ARG A 135 -24.07 -12.39 -48.19
C ARG A 135 -24.54 -11.75 -49.49
N GLN A 136 -25.27 -12.50 -50.29
CA GLN A 136 -25.78 -12.02 -51.57
C GLN A 136 -27.30 -12.01 -51.53
N TRP A 137 -27.90 -10.91 -51.97
CA TRP A 137 -29.35 -10.74 -52.02
C TRP A 137 -29.73 -10.41 -53.45
N LYS A 138 -30.21 -11.41 -54.19
CA LYS A 138 -30.53 -11.20 -55.59
C LYS A 138 -31.79 -10.34 -55.74
N GLU A 139 -31.90 -9.71 -56.90
CA GLU A 139 -33.03 -8.83 -57.15
C GLU A 139 -34.31 -9.64 -57.33
N GLY A 140 -35.41 -9.12 -56.78
CA GLY A 140 -36.70 -9.76 -56.92
C GLY A 140 -36.97 -10.87 -55.94
N THR A 141 -36.11 -11.08 -54.95
CA THR A 141 -36.29 -12.13 -53.95
C THR A 141 -36.44 -11.51 -52.56
N THR A 142 -36.85 -12.35 -51.61
CA THR A 142 -37.01 -11.94 -50.23
C THR A 142 -36.06 -12.68 -49.29
N LYS A 143 -35.15 -13.49 -49.83
CA LYS A 143 -34.18 -14.22 -49.03
C LYS A 143 -32.79 -14.05 -49.62
N SER A 144 -31.79 -14.08 -48.76
CA SER A 144 -30.40 -13.95 -49.17
C SER A 144 -29.64 -15.23 -48.86
N GLU A 145 -28.52 -15.41 -49.54
CA GLU A 145 -27.65 -16.57 -49.36
C GLU A 145 -26.30 -16.12 -48.83
N ILE A 146 -25.67 -16.98 -48.03
CA ILE A 146 -24.37 -16.70 -47.44
C ILE A 146 -23.36 -17.67 -48.03
N PHE A 147 -22.27 -17.13 -48.58
CA PHE A 147 -21.24 -17.91 -49.23
C PHE A 147 -19.97 -17.87 -48.39
N TYR A 148 -19.24 -18.99 -48.40
CA TYR A 148 -18.11 -19.20 -47.50
C TYR A 148 -16.83 -19.39 -48.29
N PRO A 149 -15.65 -19.44 -47.66
CA PRO A 149 -14.41 -19.62 -48.41
C PRO A 149 -14.47 -20.85 -49.32
N GLY A 150 -13.99 -20.67 -50.55
CA GLY A 150 -14.07 -21.67 -51.58
C GLY A 150 -15.16 -21.41 -52.61
N ASP A 151 -16.22 -20.71 -52.22
CA ASP A 151 -17.30 -20.42 -53.14
C ASP A 151 -16.89 -19.38 -54.16
N THR A 152 -17.56 -19.40 -55.30
CA THR A 152 -17.32 -18.45 -56.38
C THR A 152 -18.66 -17.90 -56.83
N ILE A 153 -18.79 -16.58 -56.83
CA ILE A 153 -20.04 -15.90 -57.16
C ILE A 153 -19.84 -15.14 -58.46
N VAL A 154 -20.80 -15.30 -59.36
CA VAL A 154 -20.74 -14.69 -60.69
C VAL A 154 -21.82 -13.61 -60.76
N HIS A 155 -21.39 -12.35 -60.78
CA HIS A 155 -22.31 -11.22 -60.96
C HIS A 155 -22.42 -10.96 -62.46
N GLU A 156 -23.54 -11.37 -63.04
CA GLU A 156 -23.70 -11.34 -64.48
C GLU A 156 -23.94 -9.91 -64.96
N VAL A 157 -23.91 -9.74 -66.28
CA VAL A 157 -24.10 -8.43 -66.88
C VAL A 157 -25.55 -8.00 -66.72
N GLY A 158 -25.77 -6.75 -66.32
CA GLY A 158 -27.09 -6.21 -66.11
C GLY A 158 -27.75 -6.63 -64.81
N GLU A 159 -27.13 -7.52 -64.03
CA GLU A 159 -27.70 -7.94 -62.76
C GLU A 159 -27.33 -6.94 -61.66
N ALA A 160 -28.26 -6.75 -60.72
CA ALA A 160 -28.04 -5.88 -59.57
C ALA A 160 -28.45 -6.63 -58.32
N THR A 161 -27.51 -6.78 -57.38
CA THR A 161 -27.76 -7.48 -56.13
C THR A 161 -27.28 -6.61 -54.97
N SER A 162 -27.65 -7.01 -53.76
CA SER A 162 -27.19 -6.38 -52.53
C SER A 162 -26.13 -7.26 -51.89
N VAL A 163 -24.95 -6.69 -51.65
CA VAL A 163 -23.82 -7.44 -51.11
C VAL A 163 -23.59 -7.02 -49.66
N GLN A 164 -23.00 -7.94 -48.89
CA GLN A 164 -22.64 -7.68 -47.51
C GLN A 164 -21.43 -8.54 -47.19
N TRP A 165 -20.45 -7.96 -46.50
CA TRP A 165 -19.21 -8.64 -46.18
C TRP A 165 -18.92 -8.54 -44.69
N SER A 166 -18.17 -9.52 -44.19
CA SER A 166 -17.80 -9.56 -42.78
C SER A 166 -16.52 -8.75 -42.55
N SER A 167 -16.06 -8.76 -41.30
CA SER A 167 -14.90 -7.98 -40.88
C SER A 167 -13.57 -8.64 -41.24
N GLY A 168 -13.57 -9.67 -42.07
CA GLY A 168 -12.33 -10.33 -42.45
C GLY A 168 -12.46 -11.03 -43.78
N THR A 169 -13.22 -10.43 -44.69
CA THR A 169 -13.55 -11.04 -45.97
C THR A 169 -12.49 -10.63 -47.00
N TRP A 170 -11.97 -11.62 -47.73
CA TRP A 170 -10.98 -11.37 -48.76
C TRP A 170 -11.19 -12.34 -49.91
N MET A 171 -11.06 -11.84 -51.13
CA MET A 171 -11.42 -12.61 -52.31
C MET A 171 -10.56 -12.19 -53.49
N VAL A 172 -10.49 -13.08 -54.48
CA VAL A 172 -9.84 -12.80 -55.76
C VAL A 172 -10.95 -12.61 -56.80
N GLU A 173 -10.89 -11.50 -57.51
CA GLU A 173 -11.97 -11.08 -58.40
C GLU A 173 -11.46 -10.89 -59.82
N TYR A 174 -12.25 -11.36 -60.79
CA TYR A 174 -11.94 -11.21 -62.20
C TYR A 174 -13.18 -10.71 -62.93
N GLY A 175 -13.01 -9.71 -63.77
CA GLY A 175 -14.11 -9.08 -64.48
C GLY A 175 -13.92 -9.09 -65.98
N ARG A 176 -15.00 -9.33 -66.71
CA ARG A 176 -15.01 -9.36 -68.17
C ARG A 176 -16.13 -8.47 -68.69
N GLY A 177 -15.86 -7.77 -69.79
CA GLY A 177 -16.89 -6.96 -70.42
C GLY A 177 -16.42 -5.58 -70.80
N PHE A 178 -17.33 -4.61 -70.88
CA PHE A 178 -16.99 -3.23 -71.18
C PHE A 178 -16.56 -2.56 -69.87
N ILE A 179 -15.26 -2.61 -69.59
CA ILE A 179 -14.76 -2.13 -68.30
C ILE A 179 -14.96 -0.63 -68.10
N PRO A 180 -14.68 0.25 -69.07
CA PRO A 180 -14.79 1.70 -68.80
C PRO A 180 -16.15 2.14 -68.25
N SER A 181 -17.23 1.44 -68.57
CA SER A 181 -18.54 1.84 -68.05
C SER A 181 -18.63 1.63 -66.54
N THR A 182 -17.93 0.61 -66.02
CA THR A 182 -18.03 0.27 -64.61
C THR A 182 -17.35 1.28 -63.69
N CYS A 183 -16.37 2.02 -64.19
CA CYS A 183 -15.64 2.97 -63.35
C CYS A 183 -16.51 4.12 -62.85
N ALA A 184 -17.60 4.43 -63.55
CA ALA A 184 -18.53 5.46 -63.08
C ALA A 184 -19.14 5.08 -61.74
N PHE A 185 -19.53 3.81 -61.58
CA PHE A 185 -20.10 3.36 -60.31
C PHE A 185 -19.04 3.23 -59.23
N ALA A 186 -17.82 2.83 -59.60
CA ALA A 186 -16.77 2.63 -58.61
C ALA A 186 -16.31 3.93 -57.96
N LEU A 187 -16.64 5.08 -58.55
CA LEU A 187 -16.17 6.37 -58.04
C LEU A 187 -17.32 7.27 -57.61
N ALA A 188 -18.54 6.76 -57.54
CA ALA A 188 -19.68 7.59 -57.17
C ALA A 188 -19.59 8.04 -55.72
N ASP A 189 -19.40 7.08 -54.79
CA ASP A 189 -19.29 7.44 -53.38
C ASP A 189 -18.03 8.26 -53.11
N THR A 190 -16.98 8.03 -53.89
CA THR A 190 -15.75 8.82 -53.70
C THR A 190 -15.94 10.29 -54.08
N ILE A 191 -16.94 10.60 -54.90
CA ILE A 191 -17.22 11.97 -55.32
C ILE A 191 -18.28 12.62 -54.45
N PHE A 192 -19.39 11.94 -54.19
CA PHE A 192 -20.54 12.52 -53.54
C PHE A 192 -20.67 12.15 -52.07
N SER A 193 -19.77 11.33 -51.54
CA SER A 193 -19.87 10.95 -50.13
C SER A 193 -18.55 11.14 -49.40
N THR A 194 -17.51 10.40 -49.81
CA THR A 194 -16.24 10.48 -49.09
C THR A 194 -15.44 11.71 -49.49
N GLN A 195 -15.49 12.10 -50.75
CA GLN A 195 -14.70 13.21 -51.28
C GLN A 195 -13.22 13.03 -50.95
N ASP A 196 -12.77 11.77 -51.00
CA ASP A 196 -11.36 11.44 -50.79
C ASP A 196 -10.70 11.39 -52.16
N PHE A 197 -10.35 12.58 -52.67
CA PHE A 197 -9.79 12.69 -54.01
C PHE A 197 -8.42 12.04 -54.11
N LEU A 198 -7.70 11.88 -53.00
CA LEU A 198 -6.43 11.17 -53.05
C LEU A 198 -6.63 9.71 -53.40
N THR A 199 -7.70 9.10 -52.88
CA THR A 199 -8.02 7.73 -53.27
C THR A 199 -8.44 7.66 -54.73
N LEU A 200 -9.17 8.68 -55.21
CA LEU A 200 -9.49 8.79 -56.63
C LEU A 200 -8.21 8.86 -57.47
N PHE A 201 -7.23 9.64 -57.01
CA PHE A 201 -5.95 9.70 -57.72
C PHE A 201 -5.27 8.33 -57.73
N TYR A 202 -5.30 7.62 -56.60
CA TYR A 202 -4.71 6.29 -56.56
C TYR A 202 -5.39 5.34 -57.55
N THR A 203 -6.73 5.39 -57.61
CA THR A 203 -7.46 4.52 -58.51
C THR A 203 -7.11 4.83 -59.97
N VAL A 204 -7.11 6.12 -60.33
CA VAL A 204 -6.72 6.50 -61.69
C VAL A 204 -5.26 6.13 -61.94
N LYS A 205 -4.42 6.20 -60.89
CA LYS A 205 -3.01 5.89 -61.05
C LYS A 205 -2.80 4.42 -61.39
N VAL A 206 -3.35 3.52 -60.58
CA VAL A 206 -3.15 2.09 -60.83
C VAL A 206 -3.84 1.67 -62.11
N CYS A 207 -4.97 2.30 -62.45
CA CYS A 207 -5.64 1.99 -63.71
C CYS A 207 -4.80 2.40 -64.91
N SER A 208 -4.19 3.58 -64.84
CA SER A 208 -3.32 4.02 -65.94
C SER A 208 -2.09 3.15 -66.07
N LYS A 209 -1.50 2.74 -64.94
CA LYS A 209 -0.31 1.88 -64.99
C LYS A 209 -0.64 0.53 -65.61
N ALA A 210 -1.78 -0.05 -65.25
CA ALA A 210 -2.17 -1.35 -65.82
C ALA A 210 -2.46 -1.24 -67.30
N LEU A 211 -3.13 -0.17 -67.73
CA LEU A 211 -3.42 0.01 -69.15
C LEU A 211 -2.14 0.19 -69.96
N LEU A 212 -1.19 0.97 -69.43
CA LEU A 212 0.06 1.20 -70.14
C LEU A 212 0.91 -0.07 -70.17
N LEU A 213 0.87 -0.88 -69.12
CA LEU A 213 1.59 -2.16 -69.15
C LEU A 213 1.01 -3.08 -70.22
N GLU A 214 -0.32 -3.16 -70.32
CA GLU A 214 -0.94 -3.98 -71.34
C GLU A 214 -0.65 -3.43 -72.74
N ALA A 215 -0.61 -2.10 -72.87
CA ALA A 215 -0.29 -1.49 -74.16
C ALA A 215 1.16 -1.76 -74.53
N SER A 216 2.08 -1.68 -73.56
CA SER A 216 3.48 -1.96 -73.83
C SER A 216 3.70 -3.43 -74.20
N THR A 217 2.97 -4.33 -73.56
CA THR A 217 3.09 -5.75 -73.90
C THR A 217 2.57 -6.02 -75.31
N HIS A 218 1.49 -5.34 -75.71
CA HIS A 218 0.99 -5.50 -77.07
C HIS A 218 1.98 -4.93 -78.08
N LEU A 219 2.66 -3.83 -77.73
CA LEU A 219 3.64 -3.25 -78.63
C LEU A 219 4.84 -4.18 -78.83
N SER A 220 5.27 -4.85 -77.76
CA SER A 220 6.39 -5.78 -77.86
C SER A 220 6.05 -7.01 -78.70
N GLN A 221 4.76 -7.27 -78.95
CA GLN A 221 4.35 -8.40 -79.75
C GLN A 221 3.94 -7.96 -81.15
N TRP B 8 10.84 24.76 -71.01
CA TRP B 8 10.43 24.88 -69.61
C TRP B 8 9.51 26.07 -69.42
N LEU B 9 8.67 26.34 -70.43
CA LEU B 9 7.72 27.44 -70.39
C LEU B 9 6.59 27.08 -69.43
N GLY B 10 6.87 27.21 -68.13
CA GLY B 10 5.83 26.95 -67.14
C GLY B 10 4.73 27.98 -67.21
N LEU B 11 5.10 29.25 -67.33
CA LEU B 11 4.18 30.37 -67.51
C LEU B 11 3.27 30.42 -66.28
N ARG B 12 1.94 30.46 -66.45
CA ARG B 12 1.07 30.52 -65.29
C ARG B 12 1.03 29.22 -64.52
N ALA B 13 1.40 28.10 -65.15
CA ALA B 13 1.34 26.81 -64.47
C ALA B 13 2.40 26.71 -63.38
N VAL B 14 3.66 27.04 -63.72
CA VAL B 14 4.73 26.99 -62.73
C VAL B 14 4.54 28.04 -61.66
N LEU B 15 3.76 29.09 -61.93
CA LEU B 15 3.50 30.13 -60.94
C LEU B 15 2.31 29.79 -60.05
N VAL B 16 1.26 29.18 -60.61
CA VAL B 16 0.14 28.73 -59.79
C VAL B 16 0.60 27.66 -58.80
N VAL B 17 1.46 26.75 -59.26
CA VAL B 17 2.02 25.72 -58.39
C VAL B 17 2.80 26.37 -57.25
N ALA B 18 3.69 27.30 -57.58
CA ALA B 18 4.45 27.99 -56.54
C ALA B 18 3.55 28.92 -55.73
N GLY B 19 2.50 29.47 -56.34
CA GLY B 19 1.60 30.33 -55.58
C GLY B 19 0.83 29.55 -54.52
N LEU B 20 0.29 28.39 -54.90
CA LEU B 20 -0.37 27.54 -53.93
C LEU B 20 0.62 27.01 -52.89
N ALA B 21 1.88 26.84 -53.27
CA ALA B 21 2.89 26.42 -52.31
C ALA B 21 3.18 27.51 -51.29
N VAL B 22 3.22 28.76 -51.74
CA VAL B 22 3.45 29.88 -50.82
C VAL B 22 2.24 30.07 -49.90
N LEU B 23 1.03 29.90 -50.45
CA LEU B 23 -0.17 30.00 -49.63
C LEU B 23 -0.18 28.92 -48.55
N LEU B 24 0.25 27.70 -48.89
CA LEU B 24 0.30 26.63 -47.91
C LEU B 24 1.36 26.90 -46.85
N GLN B 25 2.51 27.45 -47.24
CA GLN B 25 3.53 27.82 -46.26
C GLN B 25 3.03 28.95 -45.37
N LEU B 26 2.23 29.86 -45.92
CA LEU B 26 1.66 30.92 -45.10
C LEU B 26 0.68 30.35 -44.09
N ILE B 27 -0.21 29.45 -44.54
CA ILE B 27 -1.21 28.88 -43.65
C ILE B 27 -0.54 27.98 -42.61
N ARG B 28 0.38 27.11 -43.05
CA ARG B 28 1.04 26.20 -42.12
C ARG B 28 1.92 26.96 -41.14
N GLY B 29 2.42 28.13 -41.52
CA GLY B 29 3.12 28.97 -40.56
C GLY B 29 2.17 29.58 -39.54
N TRP B 30 0.96 29.98 -39.99
CA TRP B 30 -0.05 30.49 -39.09
C TRP B 30 -0.48 29.44 -38.06
N LEU B 31 -0.66 28.19 -38.50
CA LEU B 31 -1.03 27.13 -37.56
C LEU B 31 0.06 26.87 -36.53
N SER B 32 1.31 27.21 -36.84
CA SER B 32 2.40 27.04 -35.89
C SER B 32 2.52 28.24 -34.95
N SER B 33 1.82 29.34 -35.25
CA SER B 33 1.90 30.57 -34.47
C SER B 33 0.53 30.99 -33.94
N LYS B 34 -0.44 30.09 -33.93
CA LYS B 34 -1.80 30.42 -33.52
C LYS B 34 -2.03 30.25 -32.03
N SER B 35 -1.21 29.43 -31.36
CA SER B 35 -1.21 29.33 -29.90
C SER B 35 -2.60 28.97 -29.39
N TYR B 36 -3.08 27.83 -29.88
CA TYR B 36 -4.40 27.28 -29.60
C TYR B 36 -4.75 27.27 -28.12
N VAL B 37 -6.03 27.12 -27.83
CA VAL B 37 -6.50 27.08 -26.43
C VAL B 37 -6.35 25.68 -25.86
N PHE B 38 -6.92 24.68 -26.54
CA PHE B 38 -6.94 23.31 -26.07
C PHE B 38 -5.77 22.54 -26.70
N ASN B 39 -5.54 21.34 -26.17
CA ASN B 39 -4.59 20.41 -26.75
C ASN B 39 -5.14 19.00 -26.64
N ARG B 40 -4.67 18.12 -27.54
CA ARG B 40 -5.24 16.78 -27.62
C ARG B 40 -4.99 15.99 -26.34
N GLU B 41 -3.85 16.21 -25.68
CA GLU B 41 -3.58 15.52 -24.43
C GLU B 41 -4.54 15.98 -23.33
N GLU B 42 -4.85 17.28 -23.31
CA GLU B 42 -5.75 17.81 -22.29
C GLU B 42 -7.14 17.19 -22.42
N ILE B 43 -7.71 17.21 -23.62
CA ILE B 43 -9.04 16.63 -23.82
C ILE B 43 -9.01 15.13 -23.60
N ALA B 44 -7.92 14.46 -24.02
CA ALA B 44 -7.83 13.01 -23.86
C ALA B 44 -7.84 12.60 -22.40
N ARG B 45 -7.09 13.30 -21.55
CA ARG B 45 -7.07 12.97 -20.13
C ARG B 45 -8.42 13.23 -19.48
N LEU B 46 -9.02 14.38 -19.79
CA LEU B 46 -10.32 14.72 -19.21
C LEU B 46 -11.38 13.69 -19.57
N ALA B 47 -11.31 13.13 -20.78
CA ALA B 47 -12.27 12.10 -21.17
C ALA B 47 -11.91 10.75 -20.56
N LYS B 48 -10.61 10.45 -20.42
CA LYS B 48 -10.21 9.17 -19.85
C LYS B 48 -10.53 9.08 -18.37
N GLU B 49 -10.60 10.21 -17.67
CA GLU B 49 -10.95 10.19 -16.26
C GLU B 49 -12.36 9.64 -16.04
N HIS B 50 -13.27 9.95 -16.96
CA HIS B 50 -14.66 9.54 -16.84
C HIS B 50 -15.01 8.33 -17.70
N SER B 51 -14.03 7.74 -18.38
CA SER B 51 -14.27 6.49 -19.09
C SER B 51 -14.59 5.38 -18.11
N GLY B 52 -15.46 4.47 -18.52
CA GLY B 52 -15.95 3.44 -17.63
C GLY B 52 -17.14 3.85 -16.79
N LEU B 53 -17.67 5.04 -16.98
CA LEU B 53 -18.87 5.53 -16.34
C LEU B 53 -19.96 5.74 -17.38
N ASP B 54 -21.17 6.06 -16.90
CA ASP B 54 -22.26 6.35 -17.82
C ASP B 54 -21.92 7.56 -18.67
N TYR B 55 -22.10 7.42 -19.99
CA TYR B 55 -21.69 8.46 -20.93
C TYR B 55 -22.49 9.74 -20.73
N GLU B 56 -23.71 9.64 -20.21
CA GLU B 56 -24.47 10.84 -19.90
C GLU B 56 -23.85 11.60 -18.75
N VAL B 57 -23.45 10.90 -17.69
CA VAL B 57 -22.77 11.52 -16.57
C VAL B 57 -21.40 12.05 -17.00
N ALA B 58 -20.69 11.28 -17.84
CA ALA B 58 -19.38 11.72 -18.32
C ALA B 58 -19.49 12.99 -19.14
N PHE B 59 -20.52 13.09 -19.99
CA PHE B 59 -20.73 14.31 -20.76
C PHE B 59 -20.86 15.52 -19.84
N SER B 60 -21.70 15.42 -18.82
CA SER B 60 -21.96 16.57 -17.95
C SER B 60 -20.70 17.01 -17.21
N LYS B 61 -19.97 16.05 -16.63
CA LYS B 61 -18.77 16.41 -15.87
C LYS B 61 -17.69 16.99 -16.77
N ILE B 62 -17.57 16.48 -18.00
CA ILE B 62 -16.56 17.02 -18.91
C ILE B 62 -16.93 18.44 -19.35
N ILE B 63 -18.21 18.69 -19.58
CA ILE B 63 -18.65 20.04 -19.92
C ILE B 63 -18.38 20.99 -18.76
N VAL B 64 -18.64 20.55 -17.53
CA VAL B 64 -18.37 21.39 -16.36
C VAL B 64 -16.88 21.69 -16.24
N GLU B 65 -16.04 20.67 -16.41
CA GLU B 65 -14.59 20.87 -16.34
C GLU B 65 -14.09 21.78 -17.46
N LEU B 66 -14.66 21.63 -18.66
CA LEU B 66 -14.24 22.48 -19.77
C LEU B 66 -14.63 23.94 -19.53
N ARG B 67 -15.84 24.19 -19.03
CA ARG B 67 -16.25 25.55 -18.73
C ARG B 67 -15.51 26.12 -17.53
N LYS B 68 -14.99 25.27 -16.63
CA LYS B 68 -14.22 25.76 -15.50
C LYS B 68 -12.82 26.19 -15.93
N LYS B 69 -12.09 25.30 -16.61
CA LYS B 69 -10.70 25.59 -16.96
C LYS B 69 -10.58 26.51 -18.18
N HIS B 70 -11.63 26.64 -18.97
CA HIS B 70 -11.61 27.50 -20.16
C HIS B 70 -12.93 28.25 -20.25
N PRO B 71 -13.11 29.29 -19.42
CA PRO B 71 -14.36 30.06 -19.49
C PRO B 71 -14.42 30.91 -20.75
N GLY B 72 -15.65 31.11 -21.24
CA GLY B 72 -15.86 31.90 -22.43
C GLY B 72 -15.49 31.21 -23.72
N HIS B 73 -15.15 29.92 -23.68
CA HIS B 73 -14.78 29.18 -24.86
C HIS B 73 -15.69 27.99 -25.16
N ILE B 74 -16.59 27.63 -24.25
CA ILE B 74 -17.52 26.53 -24.44
C ILE B 74 -18.93 27.09 -24.44
N LEU B 75 -19.74 26.64 -25.39
CA LEU B 75 -21.11 27.12 -25.50
C LEU B 75 -21.89 26.82 -24.22
N GLN B 76 -22.89 27.65 -23.93
CA GLN B 76 -23.74 27.43 -22.78
C GLN B 76 -24.77 26.34 -23.07
N ASP B 77 -25.44 25.89 -22.00
CA ASP B 77 -26.45 24.86 -22.16
C ASP B 77 -27.62 25.30 -23.04
N GLU B 78 -27.85 26.61 -23.13
CA GLU B 78 -28.92 27.13 -23.98
C GLU B 78 -28.65 26.87 -25.45
N ASP B 79 -27.38 26.83 -25.85
CA ASP B 79 -27.01 26.68 -27.25
C ASP B 79 -26.56 25.26 -27.59
N LEU B 80 -26.87 24.29 -26.74
CA LEU B 80 -26.48 22.90 -26.97
C LEU B 80 -27.68 22.10 -27.47
N GLN B 81 -27.43 21.28 -28.49
CA GLN B 81 -28.45 20.37 -29.01
C GLN B 81 -27.74 19.27 -29.78
N TRP B 82 -28.31 18.06 -29.70
CA TRP B 82 -27.78 16.93 -30.44
C TRP B 82 -28.17 17.07 -31.91
N VAL B 83 -27.17 17.11 -32.78
CA VAL B 83 -27.36 17.26 -34.22
C VAL B 83 -26.88 15.99 -34.90
N PHE B 84 -27.68 15.47 -35.82
CA PHE B 84 -27.28 14.31 -36.60
C PHE B 84 -26.09 14.66 -37.50
N VAL B 85 -25.25 13.66 -37.75
CA VAL B 85 -24.05 13.83 -38.57
C VAL B 85 -23.98 12.66 -39.54
N ASN B 86 -24.13 12.95 -40.84
CA ASN B 86 -24.01 11.96 -41.89
C ASN B 86 -22.80 12.28 -42.73
N ALA B 87 -21.84 11.35 -42.80
CA ALA B 87 -20.62 11.58 -43.54
C ALA B 87 -19.96 10.24 -43.85
N GLY B 88 -19.39 10.13 -45.04
CA GLY B 88 -18.60 8.97 -45.42
C GLY B 88 -19.32 7.63 -45.40
N GLY B 89 -20.64 7.65 -45.28
CA GLY B 89 -21.43 6.44 -45.23
C GLY B 89 -21.88 6.01 -43.86
N TRP B 90 -21.50 6.73 -42.81
CA TRP B 90 -21.95 6.46 -41.46
C TRP B 90 -22.83 7.59 -40.94
N MET B 91 -23.56 7.30 -39.86
CA MET B 91 -24.48 8.26 -39.28
C MET B 91 -24.36 8.21 -37.76
N GLY B 92 -24.17 9.38 -37.15
CA GLY B 92 -24.10 9.53 -35.72
C GLY B 92 -24.71 10.83 -35.25
N SER B 93 -24.32 11.29 -34.06
CA SER B 93 -24.82 12.56 -33.52
C SER B 93 -23.69 13.26 -32.78
N MET B 94 -23.75 14.59 -32.76
CA MET B 94 -22.72 15.40 -32.15
C MET B 94 -23.34 16.40 -31.19
N CYS B 95 -22.55 16.81 -30.21
CA CYS B 95 -22.87 17.92 -29.32
C CYS B 95 -21.67 18.84 -29.31
N LEU B 96 -21.76 19.96 -30.02
CA LEU B 96 -20.61 20.85 -30.22
C LEU B 96 -20.42 21.72 -28.98
N LEU B 97 -19.29 21.54 -28.30
CA LEU B 97 -18.98 22.36 -27.13
C LEU B 97 -18.19 23.60 -27.48
N HIS B 98 -17.19 23.47 -28.34
CA HIS B 98 -16.36 24.59 -28.75
C HIS B 98 -15.99 24.42 -30.22
N ALA B 99 -15.89 25.54 -30.93
CA ALA B 99 -15.50 25.49 -32.33
C ALA B 99 -14.97 26.86 -32.75
N SER B 100 -13.85 26.87 -33.44
CA SER B 100 -13.26 28.10 -33.96
C SER B 100 -12.83 27.83 -35.41
N LEU B 101 -11.97 28.70 -35.94
CA LEU B 101 -11.45 28.50 -37.28
C LEU B 101 -10.32 27.50 -37.33
N THR B 102 -9.74 27.14 -36.19
CA THR B 102 -8.65 26.18 -36.13
C THR B 102 -8.88 25.04 -35.15
N GLU B 103 -9.84 25.15 -34.24
CA GLU B 103 -10.13 24.11 -33.26
C GLU B 103 -11.62 23.83 -33.21
N TYR B 104 -11.96 22.64 -32.73
CA TYR B 104 -13.34 22.33 -32.38
C TYR B 104 -13.33 21.18 -31.38
N VAL B 105 -14.26 21.25 -30.43
CA VAL B 105 -14.44 20.21 -29.41
C VAL B 105 -15.91 19.81 -29.42
N LEU B 106 -16.17 18.51 -29.42
CA LEU B 106 -17.55 18.04 -29.40
C LEU B 106 -17.62 16.66 -28.76
N LEU B 107 -18.85 16.24 -28.49
CA LEU B 107 -19.17 14.92 -28.00
C LEU B 107 -19.85 14.17 -29.14
N PHE B 108 -19.17 13.15 -29.68
CA PHE B 108 -19.68 12.41 -30.81
C PHE B 108 -20.00 10.98 -30.39
N GLY B 109 -20.91 10.37 -31.14
CA GLY B 109 -21.24 8.98 -30.93
C GLY B 109 -22.51 8.62 -31.64
N THR B 110 -22.82 7.32 -31.64
CA THR B 110 -23.99 6.81 -32.31
C THR B 110 -24.66 5.76 -31.44
N ALA B 111 -25.99 5.69 -31.55
CA ALA B 111 -26.80 4.67 -30.90
C ALA B 111 -27.24 3.58 -31.86
N VAL B 112 -26.68 3.54 -33.07
CA VAL B 112 -26.94 2.49 -34.05
C VAL B 112 -25.60 2.00 -34.57
N ASP B 113 -25.63 0.88 -35.27
CA ASP B 113 -24.42 0.29 -35.85
C ASP B 113 -24.16 0.95 -37.21
N THR B 114 -23.11 1.76 -37.30
CA THR B 114 -22.75 2.44 -38.54
C THR B 114 -21.24 2.37 -38.73
N GLY B 115 -20.80 2.83 -39.90
CA GLY B 115 -19.41 2.84 -40.25
C GLY B 115 -19.17 3.26 -41.68
N GLY B 116 -17.97 3.74 -41.99
CA GLY B 116 -17.67 4.14 -43.35
C GLY B 116 -16.33 4.85 -43.45
N HIS B 117 -16.27 5.81 -44.37
CA HIS B 117 -15.04 6.52 -44.64
C HIS B 117 -14.85 7.64 -43.63
N SER B 118 -13.67 7.69 -43.01
CA SER B 118 -13.39 8.70 -42.00
C SER B 118 -13.25 10.08 -42.59
N GLY B 119 -12.92 10.19 -43.88
CA GLY B 119 -12.74 11.48 -44.50
C GLY B 119 -11.29 11.92 -44.46
N ARG B 120 -10.80 12.45 -45.58
CA ARG B 120 -9.44 12.96 -45.68
C ARG B 120 -9.54 14.49 -45.78
N TYR B 121 -9.06 15.17 -44.74
CA TYR B 121 -9.21 16.62 -44.65
C TYR B 121 -7.94 17.19 -44.01
N TRP B 122 -7.89 18.52 -43.95
CA TRP B 122 -6.73 19.23 -43.42
C TRP B 122 -6.91 19.52 -41.92
N ALA B 123 -6.98 18.45 -41.13
CA ALA B 123 -7.21 18.59 -39.70
C ALA B 123 -6.82 17.29 -38.99
N GLU B 124 -6.10 17.43 -37.89
CA GLU B 124 -5.77 16.29 -37.03
C GLU B 124 -6.86 16.14 -35.96
N ILE B 125 -7.43 14.95 -35.87
CA ILE B 125 -8.58 14.70 -35.00
C ILE B 125 -8.20 13.63 -33.99
N SER B 126 -8.57 13.85 -32.73
CA SER B 126 -8.32 12.93 -31.63
C SER B 126 -9.63 12.59 -30.96
N ASP B 127 -9.92 11.30 -30.82
CA ASP B 127 -11.15 10.82 -30.20
C ASP B 127 -10.81 9.89 -29.04
N THR B 128 -11.35 10.21 -27.86
CA THR B 128 -11.20 9.39 -26.67
C THR B 128 -12.54 8.70 -26.41
N ILE B 129 -12.55 7.37 -26.53
CA ILE B 129 -13.80 6.61 -26.41
C ILE B 129 -14.24 6.57 -24.95
N LEU B 130 -15.47 6.99 -24.69
CA LEU B 130 -16.08 6.87 -23.37
C LEU B 130 -16.79 5.56 -23.16
N SER B 131 -17.46 5.05 -24.19
CA SER B 131 -18.16 3.77 -24.12
C SER B 131 -18.33 3.24 -25.53
N GLY B 132 -18.51 1.93 -25.62
CA GLY B 132 -18.70 1.28 -26.90
C GLY B 132 -17.41 0.71 -27.46
N THR B 133 -17.38 0.59 -28.78
CA THR B 133 -16.21 0.09 -29.48
C THR B 133 -15.95 0.96 -30.71
N PHE B 134 -14.69 0.96 -31.14
CA PHE B 134 -14.24 1.74 -32.30
C PHE B 134 -13.34 0.82 -33.12
N ARG B 135 -13.81 0.42 -34.30
CA ARG B 135 -13.00 -0.33 -35.24
C ARG B 135 -12.36 0.63 -36.24
N GLN B 136 -11.03 0.60 -36.32
CA GLN B 136 -10.29 1.44 -37.26
C GLN B 136 -9.54 0.56 -38.25
N TRP B 137 -9.64 0.90 -39.53
CA TRP B 137 -8.98 0.17 -40.61
C TRP B 137 -8.09 1.15 -41.36
N LYS B 138 -6.79 1.12 -41.07
CA LYS B 138 -5.87 2.07 -41.68
C LYS B 138 -5.67 1.75 -43.15
N GLU B 139 -5.25 2.77 -43.90
CA GLU B 139 -5.04 2.61 -45.33
C GLU B 139 -3.81 1.76 -45.59
N GLY B 140 -3.89 0.89 -46.60
CA GLY B 140 -2.77 0.07 -46.99
C GLY B 140 -2.57 -1.19 -46.18
N THR B 141 -3.51 -1.54 -45.30
CA THR B 141 -3.41 -2.76 -44.51
C THR B 141 -4.56 -3.69 -44.84
N THR B 142 -4.46 -4.92 -44.33
CA THR B 142 -5.50 -5.93 -44.51
C THR B 142 -6.13 -6.35 -43.19
N LYS B 143 -5.77 -5.71 -42.08
CA LYS B 143 -6.33 -6.00 -40.78
C LYS B 143 -6.74 -4.72 -40.07
N SER B 144 -7.77 -4.83 -39.25
CA SER B 144 -8.29 -3.70 -38.49
C SER B 144 -8.09 -3.93 -37.00
N GLU B 145 -8.14 -2.84 -36.24
CA GLU B 145 -7.97 -2.89 -34.79
C GLU B 145 -9.24 -2.39 -34.11
N ILE B 146 -9.51 -2.93 -32.92
CA ILE B 146 -10.68 -2.59 -32.13
C ILE B 146 -10.21 -1.87 -30.87
N PHE B 147 -10.75 -0.68 -30.64
CA PHE B 147 -10.40 0.14 -29.49
C PHE B 147 -11.58 0.23 -28.53
N TYR B 148 -11.28 0.27 -27.24
CA TYR B 148 -12.27 0.16 -26.18
C TYR B 148 -12.29 1.43 -25.34
N PRO B 149 -13.25 1.60 -24.42
CA PRO B 149 -13.27 2.82 -23.60
C PRO B 149 -11.97 3.04 -22.86
N GLY B 150 -11.50 4.28 -22.87
CA GLY B 150 -10.24 4.67 -22.31
C GLY B 150 -9.16 4.94 -23.36
N ASP B 151 -9.24 4.27 -24.50
CA ASP B 151 -8.26 4.47 -25.56
C ASP B 151 -8.48 5.81 -26.25
N THR B 152 -7.43 6.29 -26.91
CA THR B 152 -7.46 7.55 -27.65
C THR B 152 -6.88 7.31 -29.04
N ILE B 153 -7.64 7.66 -30.07
CA ILE B 153 -7.27 7.43 -31.46
C ILE B 153 -7.02 8.77 -32.13
N VAL B 154 -5.90 8.87 -32.84
CA VAL B 154 -5.48 10.11 -33.49
C VAL B 154 -5.57 9.90 -34.99
N HIS B 155 -6.53 10.55 -35.63
CA HIS B 155 -6.65 10.57 -37.09
C HIS B 155 -5.87 11.77 -37.60
N GLU B 156 -4.69 11.52 -38.16
CA GLU B 156 -3.80 12.60 -38.53
C GLU B 156 -4.27 13.30 -39.80
N VAL B 157 -3.61 14.41 -40.11
CA VAL B 157 -3.95 15.19 -41.29
C VAL B 157 -3.57 14.41 -42.53
N GLY B 158 -4.48 14.37 -43.50
CA GLY B 158 -4.24 13.64 -44.73
C GLY B 158 -4.42 12.14 -44.63
N GLU B 159 -4.65 11.62 -43.43
CA GLU B 159 -4.85 10.20 -43.23
C GLU B 159 -6.29 9.83 -43.57
N ALA B 160 -6.45 8.62 -44.12
CA ALA B 160 -7.77 8.09 -44.46
C ALA B 160 -7.88 6.68 -43.90
N THR B 161 -8.88 6.46 -43.05
CA THR B 161 -9.14 5.16 -42.46
C THR B 161 -10.61 4.82 -42.62
N SER B 162 -10.94 3.56 -42.33
CA SER B 162 -12.33 3.10 -42.30
C SER B 162 -12.75 2.95 -40.84
N VAL B 163 -13.84 3.61 -40.47
CA VAL B 163 -14.31 3.62 -39.09
C VAL B 163 -15.59 2.78 -38.99
N GLN B 164 -15.81 2.22 -37.81
CA GLN B 164 -17.00 1.43 -37.52
C GLN B 164 -17.30 1.57 -36.03
N TRP B 165 -18.57 1.76 -35.70
CA TRP B 165 -18.97 1.97 -34.32
C TRP B 165 -20.10 1.02 -33.96
N SER B 166 -20.21 0.71 -32.67
CA SER B 166 -21.25 -0.18 -32.18
C SER B 166 -22.52 0.61 -31.88
N SER B 167 -23.53 -0.08 -31.35
CA SER B 167 -24.84 0.51 -31.10
C SER B 167 -24.88 1.36 -29.84
N GLY B 168 -23.75 1.67 -29.23
CA GLY B 168 -23.74 2.50 -28.04
C GLY B 168 -22.41 3.19 -27.83
N THR B 169 -21.77 3.58 -28.92
CA THR B 169 -20.44 4.15 -28.87
C THR B 169 -20.54 5.66 -28.69
N TRP B 170 -19.77 6.19 -27.74
CA TRP B 170 -19.76 7.62 -27.45
C TRP B 170 -18.34 8.02 -27.06
N MET B 171 -17.92 9.20 -27.51
CA MET B 171 -16.53 9.61 -27.38
C MET B 171 -16.46 11.13 -27.29
N VAL B 172 -15.34 11.62 -26.76
CA VAL B 172 -15.02 13.03 -26.71
C VAL B 172 -13.95 13.31 -27.75
N GLU B 173 -14.23 14.28 -28.63
CA GLU B 173 -13.42 14.50 -29.83
C GLU B 173 -12.90 15.93 -29.86
N TYR B 174 -11.63 16.08 -30.24
CA TYR B 174 -10.98 17.38 -30.38
C TYR B 174 -10.25 17.43 -31.71
N GLY B 175 -10.44 18.51 -32.45
CA GLY B 175 -9.87 18.66 -33.77
C GLY B 175 -9.03 19.90 -33.90
N ARG B 176 -7.90 19.77 -34.60
CA ARG B 176 -6.96 20.87 -34.84
C ARG B 176 -6.66 20.96 -36.32
N GLY B 177 -6.55 22.19 -36.85
CA GLY B 177 -6.13 22.39 -38.22
C GLY B 177 -7.00 23.41 -38.94
N PHE B 178 -7.04 23.29 -40.27
CA PHE B 178 -7.87 24.17 -41.09
C PHE B 178 -9.30 23.64 -41.07
N ILE B 179 -10.09 24.14 -40.11
CA ILE B 179 -11.44 23.60 -39.91
C ILE B 179 -12.36 23.82 -41.10
N PRO B 180 -12.41 25.00 -41.74
CA PRO B 180 -13.36 25.19 -42.85
C PRO B 180 -13.28 24.15 -43.96
N SER B 181 -12.12 23.53 -44.18
CA SER B 181 -12.02 22.52 -45.23
C SER B 181 -12.81 21.26 -44.89
N THR B 182 -12.93 20.94 -43.59
CA THR B 182 -13.56 19.69 -43.20
C THR B 182 -15.06 19.72 -43.39
N CYS B 183 -15.69 20.89 -43.36
CA CYS B 183 -17.14 20.97 -43.48
C CYS B 183 -17.64 20.50 -44.84
N ALA B 184 -16.78 20.52 -45.87
CA ALA B 184 -17.17 19.97 -47.16
C ALA B 184 -17.48 18.48 -47.04
N PHE B 185 -16.63 17.73 -46.32
CA PHE B 185 -16.86 16.30 -46.15
C PHE B 185 -18.02 16.04 -45.18
N ALA B 186 -18.16 16.88 -44.16
CA ALA B 186 -19.18 16.66 -43.14
C ALA B 186 -20.59 16.82 -43.66
N LEU B 187 -20.76 17.48 -44.81
CA LEU B 187 -22.09 17.76 -45.35
C LEU B 187 -22.34 17.09 -46.69
N ALA B 188 -21.46 16.19 -47.12
CA ALA B 188 -21.64 15.52 -48.41
C ALA B 188 -22.86 14.60 -48.38
N ASP B 189 -22.92 13.71 -47.38
CA ASP B 189 -24.05 12.79 -47.29
C ASP B 189 -25.36 13.53 -47.01
N THR B 190 -25.29 14.65 -46.29
CA THR B 190 -26.50 15.43 -46.04
C THR B 190 -27.04 16.08 -47.30
N ILE B 191 -26.20 16.25 -48.32
CA ILE B 191 -26.65 16.86 -49.57
C ILE B 191 -27.06 15.82 -50.61
N PHE B 192 -26.24 14.79 -50.80
CA PHE B 192 -26.42 13.84 -51.87
C PHE B 192 -27.04 12.52 -51.43
N SER B 193 -27.33 12.36 -50.14
CA SER B 193 -27.90 11.10 -49.66
C SER B 193 -29.14 11.34 -48.80
N THR B 194 -28.96 12.02 -47.66
CA THR B 194 -30.06 12.19 -46.72
C THR B 194 -31.02 13.29 -47.14
N GLN B 195 -30.50 14.37 -47.73
CA GLN B 195 -31.31 15.53 -48.10
C GLN B 195 -32.08 16.07 -46.89
N ASP B 196 -31.46 15.99 -45.73
CA ASP B 196 -32.02 16.52 -44.48
C ASP B 196 -31.51 17.94 -44.29
N PHE B 197 -32.17 18.88 -44.98
CA PHE B 197 -31.74 20.27 -44.95
C PHE B 197 -31.91 20.91 -43.58
N LEU B 198 -32.81 20.40 -42.74
CA LEU B 198 -32.94 20.93 -41.39
C LEU B 198 -31.72 20.59 -40.55
N THR B 199 -31.15 19.39 -40.72
CA THR B 199 -29.91 19.05 -40.03
C THR B 199 -28.76 19.90 -40.53
N LEU B 200 -28.72 20.19 -41.83
CA LEU B 200 -27.73 21.12 -42.35
C LEU B 200 -27.91 22.50 -41.72
N PHE B 201 -29.16 22.95 -41.57
CA PHE B 201 -29.42 24.21 -40.90
C PHE B 201 -28.95 24.18 -39.45
N TYR B 202 -29.21 23.07 -38.75
CA TYR B 202 -28.75 22.93 -37.37
C TYR B 202 -27.21 22.98 -37.29
N THR B 203 -26.54 22.32 -38.22
CA THR B 203 -25.08 22.30 -38.21
C THR B 203 -24.51 23.70 -38.42
N VAL B 204 -25.05 24.43 -39.41
CA VAL B 204 -24.62 25.81 -39.62
C VAL B 204 -24.97 26.67 -38.42
N LYS B 205 -26.10 26.39 -37.76
CA LYS B 205 -26.53 27.20 -36.62
C LYS B 205 -25.56 27.07 -35.45
N VAL B 206 -25.28 25.84 -35.01
CA VAL B 206 -24.40 25.66 -33.86
C VAL B 206 -22.97 26.06 -34.21
N CYS B 207 -22.56 25.87 -35.47
CA CYS B 207 -21.24 26.32 -35.89
C CYS B 207 -21.14 27.84 -35.85
N SER B 208 -22.19 28.53 -36.28
CA SER B 208 -22.20 29.99 -36.23
C SER B 208 -22.19 30.49 -34.78
N LYS B 209 -22.94 29.82 -33.91
CA LYS B 209 -22.97 30.22 -32.50
C LYS B 209 -21.60 30.07 -31.85
N ALA B 210 -20.90 28.96 -32.15
CA ALA B 210 -19.58 28.76 -31.59
C ALA B 210 -18.58 29.78 -32.12
N LEU B 211 -18.66 30.10 -33.42
CA LEU B 211 -17.77 31.11 -33.98
C LEU B 211 -18.04 32.48 -33.39
N LEU B 212 -19.31 32.85 -33.21
CA LEU B 212 -19.63 34.16 -32.63
C LEU B 212 -19.26 34.23 -31.16
N LEU B 213 -19.38 33.11 -30.43
CA LEU B 213 -18.93 33.10 -29.04
C LEU B 213 -17.43 33.32 -28.94
N GLU B 214 -16.65 32.66 -29.81
CA GLU B 214 -15.20 32.85 -29.81
C GLU B 214 -14.83 34.27 -30.23
N ALA B 215 -15.57 34.84 -31.18
CA ALA B 215 -15.30 36.21 -31.61
C ALA B 215 -15.64 37.20 -30.50
N SER B 216 -16.73 36.98 -29.78
CA SER B 216 -17.10 37.85 -28.68
C SER B 216 -16.09 37.78 -27.54
N THR B 217 -15.55 36.58 -27.28
CA THR B 217 -14.53 36.45 -26.24
C THR B 217 -13.25 37.18 -26.65
N HIS B 218 -12.90 37.14 -27.94
CA HIS B 218 -11.73 37.88 -28.40
C HIS B 218 -11.97 39.39 -28.31
N LEU B 219 -13.19 39.83 -28.60
CA LEU B 219 -13.49 41.26 -28.53
C LEU B 219 -13.42 41.78 -27.09
N SER B 220 -13.89 40.98 -26.13
CA SER B 220 -13.83 41.39 -24.74
C SER B 220 -12.39 41.43 -24.22
N GLN B 221 -11.45 40.81 -24.93
CA GLN B 221 -10.06 40.81 -24.52
C GLN B 221 -9.25 41.81 -25.34
N VAL C 16 -43.22 36.74 -51.41
CA VAL C 16 -43.06 35.30 -51.52
C VAL C 16 -43.20 34.67 -50.13
N VAL C 17 -42.81 35.43 -49.10
CA VAL C 17 -42.97 34.96 -47.73
C VAL C 17 -44.44 34.63 -47.45
N ALA C 18 -45.31 35.61 -47.61
CA ALA C 18 -46.75 35.34 -47.55
C ALA C 18 -47.19 34.49 -48.73
N GLY C 19 -46.49 34.57 -49.86
CA GLY C 19 -46.82 33.77 -51.02
C GLY C 19 -46.72 32.28 -50.77
N LEU C 20 -45.53 31.82 -50.36
CA LEU C 20 -45.36 30.41 -50.04
C LEU C 20 -46.11 30.01 -48.78
N ALA C 21 -46.35 30.97 -47.87
CA ALA C 21 -47.14 30.68 -46.68
C ALA C 21 -48.59 30.39 -47.06
N VAL C 22 -49.16 31.22 -47.94
CA VAL C 22 -50.52 30.98 -48.41
C VAL C 22 -50.57 29.72 -49.27
N LEU C 23 -49.53 29.48 -50.07
CA LEU C 23 -49.47 28.23 -50.84
C LEU C 23 -49.45 27.02 -49.92
N LEU C 24 -48.71 27.11 -48.81
CA LEU C 24 -48.72 26.02 -47.84
C LEU C 24 -50.05 25.96 -47.08
N GLN C 25 -50.70 27.10 -46.87
CA GLN C 25 -52.05 27.08 -46.32
C GLN C 25 -53.00 26.33 -47.24
N LEU C 26 -52.86 26.53 -48.55
CA LEU C 26 -53.75 25.86 -49.51
C LEU C 26 -53.45 24.38 -49.59
N ILE C 27 -52.16 24.02 -49.69
CA ILE C 27 -51.80 22.60 -49.82
C ILE C 27 -52.11 21.85 -48.54
N ARG C 28 -51.75 22.41 -47.39
CA ARG C 28 -52.06 21.75 -46.12
C ARG C 28 -53.56 21.75 -45.85
N GLY C 29 -54.28 22.72 -46.39
CA GLY C 29 -55.73 22.70 -46.26
C GLY C 29 -56.36 21.60 -47.09
N TRP C 30 -55.82 21.36 -48.29
CA TRP C 30 -56.27 20.24 -49.11
C TRP C 30 -55.97 18.91 -48.44
N LEU C 31 -54.77 18.77 -47.86
CA LEU C 31 -54.44 17.53 -47.15
C LEU C 31 -55.28 17.34 -45.90
N SER C 32 -55.78 18.43 -45.32
CA SER C 32 -56.59 18.36 -44.12
C SER C 32 -58.08 18.15 -44.40
N SER C 33 -58.52 18.34 -45.65
CA SER C 33 -59.93 18.21 -46.00
C SER C 33 -60.17 17.19 -47.11
N LYS C 34 -59.18 16.35 -47.43
CA LYS C 34 -59.27 15.39 -48.53
C LYS C 34 -59.74 14.04 -48.02
N SER C 35 -60.99 13.68 -48.32
CA SER C 35 -61.48 12.32 -48.17
C SER C 35 -60.46 11.29 -48.66
N TYR C 36 -59.82 10.60 -47.72
CA TYR C 36 -58.82 9.59 -48.01
C TYR C 36 -59.45 8.20 -48.11
N VAL C 37 -58.69 7.28 -48.70
CA VAL C 37 -59.13 5.90 -48.86
C VAL C 37 -58.76 5.09 -47.62
N PHE C 38 -57.47 5.06 -47.30
CA PHE C 38 -56.93 4.27 -46.19
C PHE C 38 -56.71 5.16 -44.97
N ASN C 39 -56.42 4.50 -43.84
CA ASN C 39 -55.96 5.17 -42.64
C ASN C 39 -54.90 4.29 -41.98
N ARG C 40 -54.04 4.93 -41.19
CA ARG C 40 -52.90 4.21 -40.63
C ARG C 40 -53.33 3.12 -39.66
N GLU C 41 -54.45 3.32 -38.95
CA GLU C 41 -54.93 2.29 -38.04
C GLU C 41 -55.40 1.05 -38.79
N GLU C 42 -56.02 1.25 -39.96
CA GLU C 42 -56.51 0.13 -40.75
C GLU C 42 -55.37 -0.79 -41.19
N ILE C 43 -54.34 -0.22 -41.81
CA ILE C 43 -53.21 -1.02 -42.28
C ILE C 43 -52.46 -1.64 -41.11
N ALA C 44 -52.33 -0.90 -40.00
CA ALA C 44 -51.63 -1.41 -38.83
C ALA C 44 -52.33 -2.62 -38.24
N ARG C 45 -53.65 -2.56 -38.12
CA ARG C 45 -54.39 -3.70 -37.57
C ARG C 45 -54.31 -4.89 -38.51
N LEU C 46 -54.50 -4.67 -39.82
CA LEU C 46 -54.43 -5.76 -40.78
C LEU C 46 -53.05 -6.41 -40.79
N ALA C 47 -52.00 -5.64 -40.57
CA ALA C 47 -50.65 -6.21 -40.55
C ALA C 47 -50.38 -6.91 -39.22
N LYS C 48 -50.86 -6.37 -38.11
CA LYS C 48 -50.61 -7.00 -36.82
C LYS C 48 -51.39 -8.30 -36.65
N GLU C 49 -52.51 -8.46 -37.36
CA GLU C 49 -53.25 -9.71 -37.31
C GLU C 49 -52.40 -10.87 -37.82
N HIS C 50 -51.57 -10.61 -38.82
CA HIS C 50 -50.75 -11.63 -39.46
C HIS C 50 -49.30 -11.60 -38.98
N SER C 51 -48.98 -10.74 -38.01
CA SER C 51 -47.65 -10.73 -37.41
C SER C 51 -47.41 -12.03 -36.65
N GLY C 52 -46.14 -12.46 -36.63
CA GLY C 52 -45.78 -13.73 -36.06
C GLY C 52 -45.88 -14.90 -37.00
N LEU C 53 -46.19 -14.66 -38.27
CA LEU C 53 -46.25 -15.69 -39.30
C LEU C 53 -45.16 -15.43 -40.33
N ASP C 54 -45.03 -16.37 -41.27
CA ASP C 54 -44.10 -16.18 -42.38
C ASP C 54 -44.48 -14.94 -43.17
N TYR C 55 -43.48 -14.09 -43.46
CA TYR C 55 -43.76 -12.80 -44.07
C TYR C 55 -44.37 -12.96 -45.46
N GLU C 56 -44.07 -14.08 -46.14
CA GLU C 56 -44.70 -14.31 -47.44
C GLU C 56 -46.18 -14.59 -47.27
N VAL C 57 -46.56 -15.44 -46.31
CA VAL C 57 -47.97 -15.68 -46.04
C VAL C 57 -48.67 -14.42 -45.58
N ALA C 58 -48.00 -13.63 -44.74
CA ALA C 58 -48.59 -12.38 -44.29
C ALA C 58 -48.78 -11.40 -45.45
N PHE C 59 -47.79 -11.31 -46.34
CA PHE C 59 -47.92 -10.44 -47.51
C PHE C 59 -49.13 -10.81 -48.34
N SER C 60 -49.27 -12.10 -48.67
CA SER C 60 -50.36 -12.52 -49.55
C SER C 60 -51.72 -12.29 -48.91
N LYS C 61 -51.87 -12.65 -47.63
CA LYS C 61 -53.15 -12.47 -46.96
C LYS C 61 -53.53 -10.99 -46.85
N ILE C 62 -52.55 -10.13 -46.61
CA ILE C 62 -52.83 -8.70 -46.51
C ILE C 62 -53.23 -8.13 -47.88
N ILE C 63 -52.57 -8.59 -48.94
CA ILE C 63 -52.93 -8.14 -50.29
C ILE C 63 -54.36 -8.58 -50.63
N VAL C 64 -54.72 -9.80 -50.25
CA VAL C 64 -56.08 -10.29 -50.50
C VAL C 64 -57.10 -9.48 -49.73
N GLU C 65 -56.81 -9.19 -48.45
CA GLU C 65 -57.74 -8.41 -47.64
C GLU C 65 -57.87 -6.98 -48.17
N LEU C 66 -56.76 -6.40 -48.64
CA LEU C 66 -56.81 -5.03 -49.16
C LEU C 66 -57.63 -4.96 -50.45
N ARG C 67 -57.46 -5.93 -51.35
CA ARG C 67 -58.27 -5.94 -52.57
C ARG C 67 -59.72 -6.28 -52.29
N LYS C 68 -60.01 -6.98 -51.19
CA LYS C 68 -61.39 -7.26 -50.84
C LYS C 68 -62.07 -6.00 -50.32
N LYS C 69 -61.47 -5.35 -49.32
CA LYS C 69 -62.09 -4.18 -48.71
C LYS C 69 -61.94 -2.93 -49.55
N HIS C 70 -61.01 -2.92 -50.51
CA HIS C 70 -60.78 -1.76 -51.38
C HIS C 70 -60.55 -2.23 -52.81
N PRO C 71 -61.61 -2.60 -53.51
CA PRO C 71 -61.44 -3.02 -54.91
C PRO C 71 -61.11 -1.83 -55.80
N GLY C 72 -60.33 -2.09 -56.83
CA GLY C 72 -59.94 -1.05 -57.77
C GLY C 72 -58.90 -0.09 -57.28
N HIS C 73 -58.31 -0.34 -56.10
CA HIS C 73 -57.29 0.54 -55.53
C HIS C 73 -55.94 -0.13 -55.32
N ILE C 74 -55.85 -1.45 -55.47
CA ILE C 74 -54.60 -2.18 -55.29
C ILE C 74 -54.22 -2.85 -56.59
N LEU C 75 -52.94 -2.74 -56.96
CA LEU C 75 -52.43 -3.31 -58.19
C LEU C 75 -52.64 -4.83 -58.22
N GLN C 76 -52.71 -5.37 -59.44
CA GLN C 76 -52.89 -6.80 -59.62
C GLN C 76 -51.59 -7.54 -59.38
N ASP C 77 -51.68 -8.87 -59.23
CA ASP C 77 -50.50 -9.68 -58.98
C ASP C 77 -49.54 -9.66 -60.16
N GLU C 78 -50.07 -9.47 -61.37
CA GLU C 78 -49.21 -9.40 -62.55
C GLU C 78 -48.34 -8.15 -62.53
N ASP C 79 -48.81 -7.07 -61.90
CA ASP C 79 -48.12 -5.79 -61.89
C ASP C 79 -47.33 -5.57 -60.62
N LEU C 80 -47.08 -6.62 -59.85
CA LEU C 80 -46.32 -6.53 -58.62
C LEU C 80 -44.90 -7.03 -58.84
N GLN C 81 -43.92 -6.31 -58.29
CA GLN C 81 -42.53 -6.74 -58.39
C GLN C 81 -41.73 -6.10 -57.28
N TRP C 82 -40.75 -6.85 -56.78
CA TRP C 82 -39.83 -6.34 -55.77
C TRP C 82 -38.81 -5.43 -56.44
N VAL C 83 -38.78 -4.17 -56.02
CA VAL C 83 -37.86 -3.17 -56.56
C VAL C 83 -36.94 -2.75 -55.42
N PHE C 84 -35.65 -2.70 -55.70
CA PHE C 84 -34.69 -2.25 -54.69
C PHE C 84 -34.90 -0.78 -54.36
N VAL C 85 -34.60 -0.42 -53.12
CA VAL C 85 -34.73 0.95 -52.63
C VAL C 85 -33.46 1.29 -51.87
N ASN C 86 -32.70 2.24 -52.40
CA ASN C 86 -31.48 2.74 -51.76
C ASN C 86 -31.71 4.19 -51.37
N ALA C 87 -31.61 4.48 -50.07
CA ALA C 87 -31.85 5.83 -49.58
C ALA C 87 -31.22 5.98 -48.21
N GLY C 88 -30.65 7.15 -47.95
CA GLY C 88 -30.14 7.50 -46.64
C GLY C 88 -29.04 6.61 -46.09
N GLY C 89 -28.49 5.74 -46.92
CA GLY C 89 -27.44 4.82 -46.49
C GLY C 89 -27.88 3.40 -46.22
N TRP C 90 -29.17 3.09 -46.35
CA TRP C 90 -29.68 1.74 -46.21
C TRP C 90 -30.20 1.24 -47.55
N MET C 91 -30.37 -0.08 -47.64
CA MET C 91 -30.84 -0.70 -48.87
C MET C 91 -31.85 -1.78 -48.53
N GLY C 92 -33.01 -1.72 -49.17
CA GLY C 92 -34.02 -2.74 -49.01
C GLY C 92 -34.78 -2.96 -50.30
N SER C 93 -35.99 -3.51 -50.21
CA SER C 93 -36.81 -3.73 -51.39
C SER C 93 -38.27 -3.45 -51.03
N MET C 94 -39.02 -3.03 -52.04
CA MET C 94 -40.41 -2.66 -51.85
C MET C 94 -41.30 -3.37 -52.87
N CYS C 95 -42.56 -3.56 -52.50
CA CYS C 95 -43.60 -4.03 -53.40
C CYS C 95 -44.78 -3.07 -53.27
N LEU C 96 -44.96 -2.22 -54.27
CA LEU C 96 -45.94 -1.14 -54.18
C LEU C 96 -47.34 -1.70 -54.45
N LEU C 97 -48.21 -1.61 -53.43
CA LEU C 97 -49.58 -2.07 -53.54
C LEU C 97 -50.52 -0.95 -54.00
N HIS C 98 -50.37 0.25 -53.43
CA HIS C 98 -51.19 1.39 -53.79
C HIS C 98 -50.33 2.65 -53.72
N ALA C 99 -50.62 3.60 -54.60
CA ALA C 99 -49.91 4.88 -54.59
C ALA C 99 -50.76 5.93 -55.28
N SER C 100 -50.90 7.09 -54.63
CA SER C 100 -51.61 8.23 -55.20
C SER C 100 -50.77 9.47 -54.90
N LEU C 101 -51.38 10.66 -55.05
CA LEU C 101 -50.66 11.88 -54.73
C LEU C 101 -50.66 12.19 -53.24
N THR C 102 -51.48 11.51 -52.45
CA THR C 102 -51.55 11.75 -51.01
C THR C 102 -51.38 10.49 -50.17
N GLU C 103 -51.53 9.29 -50.74
CA GLU C 103 -51.39 8.05 -50.01
C GLU C 103 -50.51 7.10 -50.79
N TYR C 104 -49.92 6.14 -50.08
CA TYR C 104 -49.26 5.02 -50.73
C TYR C 104 -49.16 3.87 -49.74
N VAL C 105 -49.35 2.65 -50.25
CA VAL C 105 -49.23 1.43 -49.46
C VAL C 105 -48.26 0.50 -50.17
N LEU C 106 -47.33 -0.09 -49.42
CA LEU C 106 -46.38 -1.01 -50.01
C LEU C 106 -45.91 -2.00 -48.96
N LEU C 107 -45.23 -3.04 -49.42
CA LEU C 107 -44.58 -4.02 -48.56
C LEU C 107 -43.08 -3.78 -48.66
N PHE C 108 -42.47 -3.34 -47.56
CA PHE C 108 -41.06 -3.00 -47.53
C PHE C 108 -40.31 -3.99 -46.64
N GLY C 109 -39.02 -4.12 -46.90
CA GLY C 109 -38.16 -4.93 -46.06
C GLY C 109 -36.85 -5.21 -46.74
N THR C 110 -35.95 -5.83 -45.97
CA THR C 110 -34.64 -6.17 -46.48
C THR C 110 -34.23 -7.55 -46.01
N ALA C 111 -33.45 -8.23 -46.83
CA ALA C 111 -32.86 -9.52 -46.49
C ALA C 111 -31.38 -9.41 -46.12
N VAL C 112 -30.89 -8.19 -45.91
CA VAL C 112 -29.53 -7.93 -45.44
C VAL C 112 -29.58 -6.93 -44.30
N ASP C 113 -28.45 -6.78 -43.60
CA ASP C 113 -28.34 -5.85 -42.47
C ASP C 113 -27.98 -4.47 -43.02
N THR C 114 -28.93 -3.53 -42.93
CA THR C 114 -28.70 -2.20 -43.45
C THR C 114 -29.25 -1.18 -42.46
N GLY C 115 -29.00 0.07 -42.74
CA GLY C 115 -29.47 1.12 -41.88
C GLY C 115 -28.92 2.44 -42.33
N GLY C 116 -29.61 3.48 -41.93
CA GLY C 116 -29.18 4.82 -42.28
C GLY C 116 -30.21 5.86 -41.89
N HIS C 117 -30.28 6.92 -42.69
CA HIS C 117 -31.17 8.06 -42.43
C HIS C 117 -32.57 7.75 -42.92
N SER C 118 -33.56 7.94 -42.05
CA SER C 118 -34.94 7.65 -42.42
C SER C 118 -35.50 8.66 -43.40
N GLY C 119 -34.94 9.86 -43.47
CA GLY C 119 -35.43 10.88 -44.38
C GLY C 119 -36.43 11.81 -43.75
N ARG C 120 -36.29 13.11 -44.01
CA ARG C 120 -37.20 14.13 -43.51
C ARG C 120 -38.01 14.65 -44.70
N TYR C 121 -39.31 14.38 -44.69
CA TYR C 121 -40.17 14.72 -45.82
C TYR C 121 -41.54 15.13 -45.29
N TRP C 122 -42.40 15.58 -46.20
CA TRP C 122 -43.74 16.07 -45.85
C TRP C 122 -44.75 14.94 -45.96
N ALA C 123 -44.57 13.94 -45.10
CA ALA C 123 -45.43 12.77 -45.16
C ALA C 123 -45.35 12.01 -43.84
N GLU C 124 -46.50 11.60 -43.31
CA GLU C 124 -46.56 10.75 -42.14
C GLU C 124 -46.59 9.29 -42.58
N ILE C 125 -45.66 8.50 -42.05
CA ILE C 125 -45.45 7.12 -42.48
C ILE C 125 -45.62 6.20 -41.27
N SER C 126 -46.32 5.09 -41.48
CA SER C 126 -46.55 4.10 -40.45
C SER C 126 -46.05 2.74 -40.94
N ASP C 127 -45.20 2.09 -40.15
CA ASP C 127 -44.64 0.80 -40.49
C ASP C 127 -45.00 -0.20 -39.40
N THR C 128 -45.64 -1.31 -39.81
CA THR C 128 -45.98 -2.40 -38.90
C THR C 128 -45.07 -3.58 -39.23
N ILE C 129 -44.18 -3.93 -38.29
CA ILE C 129 -43.20 -4.97 -38.52
C ILE C 129 -43.88 -6.34 -38.51
N LEU C 130 -43.71 -7.10 -39.58
CA LEU C 130 -44.19 -8.48 -39.66
C LEU C 130 -43.17 -9.47 -39.14
N SER C 131 -41.88 -9.24 -39.40
CA SER C 131 -40.83 -10.14 -38.92
C SER C 131 -39.52 -9.37 -38.87
N GLY C 132 -38.61 -9.85 -38.04
CA GLY C 132 -37.31 -9.20 -37.93
C GLY C 132 -37.23 -8.21 -36.77
N THR C 133 -36.34 -7.22 -36.87
CA THR C 133 -36.21 -6.20 -35.84
C THR C 133 -36.07 -4.83 -36.50
N PHE C 134 -36.44 -3.80 -35.75
CA PHE C 134 -36.39 -2.42 -36.24
C PHE C 134 -35.76 -1.57 -35.15
N ARG C 135 -34.54 -1.09 -35.37
CA ARG C 135 -33.90 -0.16 -34.45
C ARG C 135 -34.15 1.26 -34.95
N GLN C 136 -34.75 2.09 -34.09
CA GLN C 136 -35.02 3.49 -34.41
C GLN C 136 -34.25 4.36 -33.43
N TRP C 137 -33.59 5.38 -33.96
CA TRP C 137 -32.80 6.31 -33.15
C TRP C 137 -33.38 7.70 -33.41
N LYS C 138 -34.20 8.18 -32.48
CA LYS C 138 -34.91 9.43 -32.65
C LYS C 138 -33.94 10.61 -32.48
N GLU C 139 -34.34 11.74 -33.05
CA GLU C 139 -33.50 12.94 -33.04
C GLU C 139 -33.41 13.54 -31.64
N GLY C 140 -32.21 14.01 -31.29
CA GLY C 140 -32.00 14.69 -30.03
C GLY C 140 -31.77 13.82 -28.82
N THR C 141 -31.67 12.51 -28.99
CA THR C 141 -31.45 11.60 -27.88
C THR C 141 -30.13 10.86 -28.06
N THR C 142 -29.73 10.14 -27.01
CA THR C 142 -28.51 9.35 -27.02
C THR C 142 -28.78 7.86 -26.90
N LYS C 143 -30.04 7.45 -26.93
CA LYS C 143 -30.41 6.04 -26.84
C LYS C 143 -31.42 5.72 -27.94
N SER C 144 -31.36 4.48 -28.42
CA SER C 144 -32.25 4.00 -29.46
C SER C 144 -33.17 2.92 -28.92
N GLU C 145 -34.26 2.68 -29.64
CA GLU C 145 -35.24 1.68 -29.26
C GLU C 145 -35.31 0.60 -30.34
N ILE C 146 -35.58 -0.63 -29.91
CA ILE C 146 -35.68 -1.78 -30.81
C ILE C 146 -37.12 -2.27 -30.82
N PHE C 147 -37.69 -2.39 -32.01
CA PHE C 147 -39.07 -2.81 -32.19
C PHE C 147 -39.12 -4.18 -32.86
N TYR C 148 -40.10 -4.98 -32.46
CA TYR C 148 -40.19 -6.38 -32.83
C TYR C 148 -41.48 -6.64 -33.60
N PRO C 149 -41.68 -7.84 -34.17
CA PRO C 149 -42.93 -8.11 -34.90
C PRO C 149 -44.15 -7.86 -34.05
N GLY C 150 -45.14 -7.20 -34.66
CA GLY C 150 -46.35 -6.77 -34.00
C GLY C 150 -46.38 -5.29 -33.68
N ASP C 151 -45.21 -4.68 -33.49
CA ASP C 151 -45.15 -3.26 -33.19
C ASP C 151 -45.41 -2.44 -34.44
N THR C 152 -45.83 -1.19 -34.22
CA THR C 152 -46.13 -0.25 -35.29
C THR C 152 -45.41 1.06 -34.99
N ILE C 153 -44.63 1.53 -35.95
CA ILE C 153 -43.81 2.72 -35.78
C ILE C 153 -44.36 3.83 -36.68
N VAL C 154 -44.52 5.02 -36.11
CA VAL C 154 -45.10 6.16 -36.79
C VAL C 154 -44.01 7.21 -36.98
N HIS C 155 -43.60 7.41 -38.23
CA HIS C 155 -42.66 8.47 -38.59
C HIS C 155 -43.47 9.71 -38.92
N GLU C 156 -43.51 10.66 -37.98
CA GLU C 156 -44.36 11.83 -38.14
C GLU C 156 -43.78 12.81 -39.15
N VAL C 157 -44.59 13.80 -39.52
CA VAL C 157 -44.17 14.78 -40.50
C VAL C 157 -43.05 15.63 -39.92
N GLY C 158 -42.00 15.84 -40.71
CA GLY C 158 -40.87 16.65 -40.28
C GLY C 158 -39.90 15.96 -39.33
N GLU C 159 -40.21 14.74 -38.90
CA GLU C 159 -39.33 14.02 -38.01
C GLU C 159 -38.20 13.35 -38.80
N ALA C 160 -37.02 13.30 -38.18
CA ALA C 160 -35.85 12.65 -38.78
C ALA C 160 -35.22 11.71 -37.77
N THR C 161 -35.15 10.42 -38.12
CA THR C 161 -34.58 9.41 -37.24
C THR C 161 -33.57 8.58 -38.01
N SER C 162 -32.82 7.75 -37.27
CA SER C 162 -31.90 6.79 -37.84
C SER C 162 -32.52 5.40 -37.73
N VAL C 163 -32.63 4.71 -38.85
CA VAL C 163 -33.26 3.40 -38.91
C VAL C 163 -32.19 2.34 -39.10
N GLN C 164 -32.49 1.13 -38.62
CA GLN C 164 -31.61 -0.02 -38.77
C GLN C 164 -32.47 -1.28 -38.81
N TRP C 165 -32.15 -2.18 -39.73
CA TRP C 165 -32.91 -3.40 -39.92
C TRP C 165 -31.97 -4.60 -39.90
N SER C 166 -32.52 -5.74 -39.51
CA SER C 166 -31.78 -6.99 -39.45
C SER C 166 -31.83 -7.70 -40.81
N SER C 167 -31.25 -8.89 -40.86
CA SER C 167 -31.13 -9.66 -42.09
C SER C 167 -32.42 -10.36 -42.48
N GLY C 168 -33.54 -10.03 -41.86
CA GLY C 168 -34.80 -10.66 -42.21
C GLY C 168 -36.00 -9.80 -41.86
N THR C 169 -35.86 -8.48 -42.00
CA THR C 169 -36.90 -7.56 -41.58
C THR C 169 -37.87 -7.32 -42.72
N TRP C 170 -39.16 -7.43 -42.43
CA TRP C 170 -40.22 -7.22 -43.42
C TRP C 170 -41.41 -6.59 -42.72
N MET C 171 -42.04 -5.62 -43.39
CA MET C 171 -43.08 -4.82 -42.77
C MET C 171 -44.05 -4.33 -43.83
N VAL C 172 -45.24 -3.94 -43.38
CA VAL C 172 -46.25 -3.31 -44.24
C VAL C 172 -46.29 -1.84 -43.89
N GLU C 173 -46.16 -0.98 -44.90
CA GLU C 173 -45.97 0.44 -44.71
C GLU C 173 -47.06 1.24 -45.42
N TYR C 174 -47.56 2.28 -44.75
CA TYR C 174 -48.55 3.18 -45.29
C TYR C 174 -48.11 4.63 -45.02
N GLY C 175 -48.18 5.47 -46.04
CA GLY C 175 -47.73 6.85 -45.95
C GLY C 175 -48.80 7.84 -46.34
N ARG C 176 -48.89 8.94 -45.60
CA ARG C 176 -49.85 10.01 -45.81
C ARG C 176 -49.13 11.35 -45.87
N GLY C 177 -49.58 12.21 -46.77
CA GLY C 177 -49.05 13.56 -46.88
C GLY C 177 -48.79 13.90 -48.33
N PHE C 178 -47.88 14.84 -48.55
CA PHE C 178 -47.49 15.27 -49.89
C PHE C 178 -46.47 14.27 -50.42
N ILE C 179 -46.98 13.25 -51.12
CA ILE C 179 -46.13 12.14 -51.55
C ILE C 179 -45.05 12.58 -52.54
N PRO C 180 -45.32 13.41 -53.56
CA PRO C 180 -44.27 13.75 -54.53
C PRO C 180 -42.99 14.29 -53.90
N SER C 181 -43.08 14.93 -52.74
CA SER C 181 -41.89 15.46 -52.09
C SER C 181 -40.98 14.34 -51.60
N THR C 182 -41.55 13.20 -51.22
CA THR C 182 -40.77 12.12 -50.64
C THR C 182 -39.92 11.40 -51.67
N CYS C 183 -40.33 11.43 -52.94
CA CYS C 183 -39.59 10.71 -53.98
C CYS C 183 -38.20 11.28 -54.21
N ALA C 184 -37.97 12.55 -53.86
CA ALA C 184 -36.63 13.12 -53.95
C ALA C 184 -35.65 12.36 -53.05
N PHE C 185 -36.07 12.03 -51.84
CA PHE C 185 -35.23 11.27 -50.93
C PHE C 185 -35.10 9.82 -51.36
N ALA C 186 -36.17 9.24 -51.92
CA ALA C 186 -36.16 7.84 -52.31
C ALA C 186 -35.23 7.57 -53.48
N LEU C 187 -34.83 8.59 -54.22
CA LEU C 187 -34.02 8.41 -55.42
C LEU C 187 -32.66 9.10 -55.31
N ALA C 188 -32.30 9.61 -54.13
CA ALA C 188 -31.03 10.31 -53.99
C ALA C 188 -29.86 9.34 -54.10
N ASP C 189 -29.87 8.25 -53.32
CA ASP C 189 -28.77 7.30 -53.37
C ASP C 189 -28.71 6.57 -54.70
N THR C 190 -29.86 6.37 -55.35
CA THR C 190 -29.86 5.74 -56.66
C THR C 190 -29.21 6.63 -57.70
N ILE C 191 -29.11 7.92 -57.44
CA ILE C 191 -28.49 8.86 -58.37
C ILE C 191 -27.02 9.06 -58.06
N PHE C 192 -26.68 9.27 -56.79
CA PHE C 192 -25.32 9.66 -56.42
C PHE C 192 -24.51 8.52 -55.82
N SER C 193 -25.07 7.33 -55.67
CA SER C 193 -24.32 6.24 -55.07
C SER C 193 -24.38 4.97 -55.90
N THR C 194 -25.57 4.39 -56.06
CA THR C 194 -25.69 3.12 -56.77
C THR C 194 -25.63 3.31 -58.28
N GLN C 195 -26.20 4.40 -58.78
CA GLN C 195 -26.30 4.66 -60.21
C GLN C 195 -26.96 3.50 -60.94
N ASP C 196 -27.94 2.88 -60.28
CA ASP C 196 -28.72 1.79 -60.83
C ASP C 196 -29.98 2.38 -61.47
N PHE C 197 -29.81 2.91 -62.68
CA PHE C 197 -30.90 3.58 -63.37
C PHE C 197 -32.01 2.64 -63.79
N LEU C 198 -31.72 1.34 -63.93
CA LEU C 198 -32.78 0.38 -64.22
C LEU C 198 -33.73 0.24 -63.04
N THR C 199 -33.20 0.27 -61.81
CA THR C 199 -34.06 0.26 -60.63
C THR C 199 -34.87 1.55 -60.55
N LEU C 200 -34.27 2.67 -60.94
CA LEU C 200 -35.02 3.93 -61.05
C LEU C 200 -36.17 3.79 -62.05
N PHE C 201 -35.92 3.14 -63.18
CA PHE C 201 -36.99 2.91 -64.15
C PHE C 201 -38.09 2.04 -63.57
N TYR C 202 -37.72 1.00 -62.83
CA TYR C 202 -38.72 0.14 -62.20
C TYR C 202 -39.59 0.93 -61.22
N THR C 203 -38.97 1.81 -60.43
CA THR C 203 -39.73 2.63 -59.49
C THR C 203 -40.70 3.54 -60.22
N VAL C 204 -40.21 4.23 -61.27
CA VAL C 204 -41.08 5.10 -62.05
C VAL C 204 -42.19 4.28 -62.72
N LYS C 205 -41.87 3.05 -63.14
CA LYS C 205 -42.86 2.23 -63.83
C LYS C 205 -44.00 1.83 -62.90
N VAL C 206 -43.68 1.25 -61.74
CA VAL C 206 -44.72 0.80 -60.82
C VAL C 206 -45.49 1.98 -60.24
N CYS C 207 -44.82 3.11 -60.02
CA CYS C 207 -45.52 4.29 -59.53
C CYS C 207 -46.49 4.83 -60.58
N SER C 208 -46.08 4.82 -61.85
CA SER C 208 -46.97 5.27 -62.92
C SER C 208 -48.17 4.34 -63.04
N LYS C 209 -47.95 3.03 -62.89
CA LYS C 209 -49.05 2.07 -62.94
C LYS C 209 -50.03 2.31 -61.81
N ALA C 210 -49.54 2.57 -60.60
CA ALA C 210 -50.43 2.84 -59.48
C ALA C 210 -51.20 4.13 -59.67
N LEU C 211 -50.54 5.16 -60.20
CA LEU C 211 -51.23 6.43 -60.46
C LEU C 211 -52.29 6.27 -61.53
N LEU C 212 -51.99 5.53 -62.60
CA LEU C 212 -52.96 5.33 -63.67
C LEU C 212 -54.14 4.47 -63.20
N LEU C 213 -53.87 3.50 -62.33
CA LEU C 213 -54.96 2.71 -61.75
C LEU C 213 -55.89 3.59 -60.92
N GLU C 214 -55.32 4.46 -60.10
CA GLU C 214 -56.14 5.36 -59.29
C GLU C 214 -56.91 6.34 -60.16
N ALA C 215 -56.27 6.81 -61.24
CA ALA C 215 -56.95 7.72 -62.16
C ALA C 215 -58.09 7.03 -62.90
N SER C 216 -57.86 5.77 -63.31
CA SER C 216 -58.92 5.02 -63.99
C SER C 216 -60.08 4.74 -63.05
N THR C 217 -59.79 4.43 -61.79
CA THR C 217 -60.86 4.20 -60.82
C THR C 217 -61.64 5.49 -60.55
N HIS C 218 -60.96 6.64 -60.52
CA HIS C 218 -61.66 7.90 -60.36
C HIS C 218 -62.54 8.20 -61.56
N LEU C 219 -62.07 7.86 -62.77
CA LEU C 219 -62.85 8.12 -63.97
C LEU C 219 -64.11 7.25 -64.02
N SER C 220 -64.00 5.99 -63.59
CA SER C 220 -65.17 5.11 -63.60
C SER C 220 -66.22 5.53 -62.59
N GLN C 221 -65.86 6.37 -61.62
CA GLN C 221 -66.81 6.86 -60.63
C GLN C 221 -67.20 8.30 -60.92
N LEU D 9 -96.46 -7.29 2.01
CA LEU D 9 -95.40 -7.70 1.09
C LEU D 9 -95.50 -9.18 0.77
N GLY D 10 -96.58 -9.59 0.10
CA GLY D 10 -96.82 -10.99 -0.15
C GLY D 10 -97.47 -11.68 1.03
N LEU D 11 -97.78 -12.96 0.85
CA LEU D 11 -98.43 -13.78 1.87
C LEU D 11 -97.48 -14.87 2.32
N ARG D 12 -97.25 -14.95 3.63
CA ARG D 12 -96.36 -15.91 4.29
C ARG D 12 -95.04 -16.13 3.54
N ALA D 13 -94.59 -15.11 2.81
CA ALA D 13 -93.31 -15.16 2.11
C ALA D 13 -92.20 -14.40 2.85
N VAL D 14 -92.57 -13.49 3.75
CA VAL D 14 -91.57 -12.79 4.56
C VAL D 14 -91.32 -13.50 5.89
N LEU D 15 -92.22 -14.37 6.30
CA LEU D 15 -92.06 -15.04 7.60
C LEU D 15 -90.88 -16.00 7.58
N VAL D 16 -90.69 -16.73 6.47
CA VAL D 16 -89.55 -17.64 6.40
C VAL D 16 -88.25 -16.86 6.29
N VAL D 17 -88.27 -15.68 5.66
CA VAL D 17 -87.08 -14.84 5.58
C VAL D 17 -86.73 -14.31 6.96
N ALA D 18 -87.70 -13.73 7.67
CA ALA D 18 -87.43 -13.23 9.02
C ALA D 18 -87.10 -14.36 9.98
N GLY D 19 -87.66 -15.55 9.74
CA GLY D 19 -87.34 -16.68 10.59
C GLY D 19 -85.91 -17.14 10.46
N LEU D 20 -85.39 -17.19 9.22
CA LEU D 20 -83.98 -17.49 9.03
C LEU D 20 -83.08 -16.35 9.51
N ALA D 21 -83.59 -15.12 9.44
CA ALA D 21 -82.80 -13.98 9.94
C ALA D 21 -82.69 -14.02 11.46
N VAL D 22 -83.79 -14.32 12.16
CA VAL D 22 -83.73 -14.46 13.61
C VAL D 22 -82.96 -15.71 14.00
N LEU D 23 -83.08 -16.78 13.21
CA LEU D 23 -82.27 -17.97 13.44
C LEU D 23 -80.79 -17.66 13.27
N LEU D 24 -80.46 -16.82 12.28
CA LEU D 24 -79.07 -16.41 12.12
C LEU D 24 -78.62 -15.49 13.26
N GLN D 25 -79.50 -14.60 13.72
CA GLN D 25 -79.16 -13.75 14.85
C GLN D 25 -78.90 -14.58 16.10
N LEU D 26 -79.67 -15.65 16.30
CA LEU D 26 -79.46 -16.53 17.44
C LEU D 26 -78.17 -17.31 17.30
N ILE D 27 -77.94 -17.89 16.12
CA ILE D 27 -76.74 -18.70 15.89
C ILE D 27 -75.50 -17.82 15.92
N ARG D 28 -75.53 -16.68 15.23
CA ARG D 28 -74.39 -15.78 15.26
C ARG D 28 -74.21 -15.14 16.62
N GLY D 29 -75.29 -15.02 17.40
CA GLY D 29 -75.16 -14.52 18.75
C GLY D 29 -74.44 -15.51 19.66
N TRP D 30 -74.74 -16.81 19.49
CA TRP D 30 -74.00 -17.83 20.22
C TRP D 30 -72.53 -17.83 19.82
N LEU D 31 -72.25 -17.71 18.52
CA LEU D 31 -70.87 -17.67 18.07
C LEU D 31 -70.15 -16.40 18.53
N SER D 32 -70.90 -15.34 18.79
CA SER D 32 -70.32 -14.07 19.22
C SER D 32 -70.10 -13.98 20.73
N SER D 33 -70.70 -14.86 21.52
CA SER D 33 -70.59 -14.81 22.98
C SER D 33 -70.07 -16.11 23.59
N LYS D 34 -69.54 -17.03 22.78
CA LYS D 34 -69.11 -18.34 23.24
C LYS D 34 -67.63 -18.34 23.59
N SER D 35 -67.32 -18.37 24.88
CA SER D 35 -65.98 -18.64 25.37
C SER D 35 -65.32 -19.79 24.61
N TYR D 36 -64.36 -19.46 23.76
CA TYR D 36 -63.62 -20.42 22.95
C TYR D 36 -62.36 -20.88 23.69
N VAL D 37 -61.81 -21.99 23.21
CA VAL D 37 -60.58 -22.57 23.77
C VAL D 37 -59.36 -21.92 23.13
N PHE D 38 -59.27 -22.03 21.81
CA PHE D 38 -58.13 -21.54 21.05
C PHE D 38 -58.44 -20.17 20.43
N ASN D 39 -57.39 -19.56 19.89
CA ASN D 39 -57.53 -18.36 19.07
C ASN D 39 -56.56 -18.47 17.90
N ARG D 40 -56.89 -17.78 16.81
CA ARG D 40 -56.10 -17.92 15.59
C ARG D 40 -54.70 -17.40 15.77
N GLU D 41 -54.51 -16.36 16.60
CA GLU D 41 -53.17 -15.83 16.83
C GLU D 41 -52.31 -16.82 17.60
N GLU D 42 -52.90 -17.52 18.58
CA GLU D 42 -52.15 -18.50 19.35
C GLU D 42 -51.63 -19.63 18.46
N ILE D 43 -52.52 -20.20 17.65
CA ILE D 43 -52.10 -21.28 16.76
C ILE D 43 -51.12 -20.77 15.72
N ALA D 44 -51.34 -19.56 15.20
CA ALA D 44 -50.46 -19.02 14.18
C ALA D 44 -49.05 -18.80 14.72
N ARG D 45 -48.92 -18.23 15.92
CA ARG D 45 -47.61 -17.99 16.49
C ARG D 45 -46.89 -19.30 16.81
N LEU D 46 -47.61 -20.27 17.40
CA LEU D 46 -46.98 -21.54 17.73
C LEU D 46 -46.47 -22.25 16.49
N ALA D 47 -47.17 -22.11 15.36
CA ALA D 47 -46.71 -22.72 14.12
C ALA D 47 -45.58 -21.94 13.50
N LYS D 48 -45.62 -20.61 13.58
CA LYS D 48 -44.58 -19.80 12.98
C LYS D 48 -43.25 -19.91 13.72
N GLU D 49 -43.29 -20.28 15.01
CA GLU D 49 -42.05 -20.48 15.76
C GLU D 49 -41.21 -21.59 15.15
N HIS D 50 -41.85 -22.63 14.64
CA HIS D 50 -41.16 -23.79 14.11
C HIS D 50 -41.02 -23.77 12.60
N SER D 51 -41.42 -22.69 11.95
CA SER D 51 -41.15 -22.54 10.53
C SER D 51 -39.65 -22.43 10.31
N GLY D 52 -39.18 -22.95 9.19
CA GLY D 52 -37.77 -23.05 8.92
C GLY D 52 -37.10 -24.28 9.49
N LEU D 53 -37.87 -25.18 10.10
CA LEU D 53 -37.39 -26.47 10.59
C LEU D 53 -38.07 -27.58 9.80
N ASP D 54 -37.64 -28.81 10.05
CA ASP D 54 -38.29 -29.97 9.43
C ASP D 54 -39.75 -30.03 9.86
N TYR D 55 -40.65 -30.17 8.89
CA TYR D 55 -42.08 -30.07 9.18
C TYR D 55 -42.55 -31.20 10.07
N GLU D 56 -41.88 -32.37 10.02
CA GLU D 56 -42.25 -33.46 10.92
C GLU D 56 -41.88 -33.15 12.36
N VAL D 57 -40.67 -32.61 12.58
CA VAL D 57 -40.29 -32.20 13.93
C VAL D 57 -41.18 -31.06 14.41
N ALA D 58 -41.54 -30.15 13.51
CA ALA D 58 -42.45 -29.06 13.86
C ALA D 58 -43.81 -29.61 14.27
N PHE D 59 -44.33 -30.60 13.54
CA PHE D 59 -45.58 -31.24 13.92
C PHE D 59 -45.52 -31.76 15.35
N SER D 60 -44.46 -32.49 15.68
CA SER D 60 -44.33 -33.10 17.01
C SER D 60 -44.23 -32.02 18.09
N LYS D 61 -43.41 -30.99 17.84
CA LYS D 61 -43.23 -29.93 18.83
C LYS D 61 -44.53 -29.15 19.04
N ILE D 62 -45.28 -28.92 17.96
CA ILE D 62 -46.55 -28.20 18.08
C ILE D 62 -47.57 -29.03 18.84
N ILE D 63 -47.61 -30.34 18.58
CA ILE D 63 -48.53 -31.21 19.32
C ILE D 63 -48.18 -31.22 20.79
N VAL D 64 -46.88 -31.27 21.11
CA VAL D 64 -46.46 -31.27 22.50
C VAL D 64 -46.86 -29.97 23.18
N GLU D 65 -46.65 -28.84 22.51
CA GLU D 65 -47.01 -27.55 23.09
C GLU D 65 -48.52 -27.42 23.27
N LEU D 66 -49.30 -27.93 22.31
CA LEU D 66 -50.76 -27.84 22.44
C LEU D 66 -51.26 -28.70 23.59
N ARG D 67 -50.73 -29.91 23.74
CA ARG D 67 -51.14 -30.75 24.86
C ARG D 67 -50.65 -30.22 26.19
N LYS D 68 -49.57 -29.44 26.21
CA LYS D 68 -49.11 -28.85 27.46
C LYS D 68 -50.02 -27.69 27.87
N LYS D 69 -50.25 -26.73 26.96
CA LYS D 69 -51.03 -25.55 27.30
C LYS D 69 -52.53 -25.80 27.29
N HIS D 70 -52.99 -26.88 26.66
CA HIS D 70 -54.42 -27.20 26.61
C HIS D 70 -54.61 -28.70 26.81
N PRO D 71 -54.52 -29.16 28.06
CA PRO D 71 -54.75 -30.58 28.32
C PRO D 71 -56.21 -30.94 28.16
N GLY D 72 -56.46 -32.18 27.72
CA GLY D 72 -57.82 -32.63 27.53
C GLY D 72 -58.53 -32.08 26.31
N HIS D 73 -57.84 -31.35 25.44
CA HIS D 73 -58.45 -30.79 24.25
C HIS D 73 -57.82 -31.27 22.96
N ILE D 74 -56.68 -31.96 23.01
CA ILE D 74 -56.01 -32.49 21.83
C ILE D 74 -56.00 -34.01 21.93
N LEU D 75 -56.35 -34.67 20.84
CA LEU D 75 -56.39 -36.13 20.81
C LEU D 75 -55.03 -36.72 21.12
N GLN D 76 -55.04 -37.93 21.68
CA GLN D 76 -53.82 -38.65 21.97
C GLN D 76 -53.25 -39.28 20.70
N ASP D 77 -52.00 -39.76 20.80
CA ASP D 77 -51.36 -40.38 19.64
C ASP D 77 -52.09 -41.62 19.17
N GLU D 78 -52.83 -42.28 20.07
CA GLU D 78 -53.59 -43.46 19.68
C GLU D 78 -54.69 -43.13 18.69
N ASP D 79 -55.26 -41.92 18.77
CA ASP D 79 -56.37 -41.50 17.92
C ASP D 79 -55.91 -40.59 16.78
N LEU D 80 -54.61 -40.55 16.49
CA LEU D 80 -54.10 -39.73 15.41
C LEU D 80 -53.78 -40.59 14.20
N GLN D 81 -54.21 -40.13 13.02
CA GLN D 81 -53.90 -40.80 11.77
C GLN D 81 -54.10 -39.83 10.63
N TRP D 82 -53.27 -39.97 9.60
CA TRP D 82 -53.38 -39.13 8.41
C TRP D 82 -54.54 -39.62 7.54
N VAL D 83 -55.50 -38.73 7.28
CA VAL D 83 -56.66 -39.04 6.47
C VAL D 83 -56.62 -38.17 5.23
N PHE D 84 -56.85 -38.77 4.06
CA PHE D 84 -56.89 -38.01 2.83
C PHE D 84 -58.09 -37.06 2.82
N VAL D 85 -57.93 -35.94 2.11
CA VAL D 85 -58.96 -34.92 2.00
C VAL D 85 -59.07 -34.52 0.54
N ASN D 86 -60.21 -34.83 -0.08
CA ASN D 86 -60.50 -34.43 -1.45
C ASN D 86 -61.66 -33.45 -1.42
N ALA D 87 -61.44 -32.24 -1.93
CA ALA D 87 -62.48 -31.22 -1.91
C ALA D 87 -62.15 -30.16 -2.95
N GLY D 88 -63.18 -29.68 -3.64
CA GLY D 88 -63.06 -28.57 -4.55
C GLY D 88 -62.11 -28.78 -5.71
N GLY D 89 -61.65 -30.01 -5.93
CA GLY D 89 -60.73 -30.30 -7.01
C GLY D 89 -59.28 -30.47 -6.60
N TRP D 90 -58.96 -30.32 -5.33
CA TRP D 90 -57.61 -30.54 -4.81
C TRP D 90 -57.61 -31.74 -3.89
N MET D 91 -56.40 -32.26 -3.62
CA MET D 91 -56.24 -33.43 -2.78
C MET D 91 -55.08 -33.24 -1.82
N GLY D 92 -55.33 -33.46 -0.53
CA GLY D 92 -54.29 -33.40 0.47
C GLY D 92 -54.53 -34.40 1.59
N SER D 93 -53.93 -34.18 2.75
CA SER D 93 -54.12 -35.05 3.89
C SER D 93 -54.14 -34.22 5.16
N MET D 94 -54.87 -34.69 6.17
CA MET D 94 -55.03 -33.98 7.43
C MET D 94 -54.73 -34.91 8.59
N CYS D 95 -54.32 -34.30 9.70
CA CYS D 95 -54.16 -35.00 10.98
C CYS D 95 -54.91 -34.15 12.01
N LEU D 96 -56.09 -34.61 12.40
CA LEU D 96 -56.97 -33.82 13.25
C LEU D 96 -56.51 -33.90 14.70
N LEU D 97 -56.09 -32.76 15.25
CA LEU D 97 -55.65 -32.69 16.64
C LEU D 97 -56.80 -32.36 17.59
N HIS D 98 -57.64 -31.41 17.22
CA HIS D 98 -58.77 -31.00 18.03
C HIS D 98 -59.94 -30.65 17.13
N ALA D 99 -61.14 -30.94 17.60
CA ALA D 99 -62.35 -30.60 16.84
C ALA D 99 -63.54 -30.54 17.79
N SER D 100 -64.33 -29.48 17.67
CA SER D 100 -65.55 -29.31 18.45
C SER D 100 -66.64 -28.84 17.48
N LEU D 101 -67.73 -28.31 18.03
CA LEU D 101 -68.79 -27.77 17.18
C LEU D 101 -68.49 -26.36 16.68
N THR D 102 -67.51 -25.68 17.26
CA THR D 102 -67.16 -24.33 16.83
C THR D 102 -65.69 -24.13 16.51
N GLU D 103 -64.80 -25.03 16.93
CA GLU D 103 -63.38 -24.91 16.67
C GLU D 103 -62.83 -26.24 16.16
N TYR D 104 -61.70 -26.16 15.46
CA TYR D 104 -60.96 -27.36 15.11
C TYR D 104 -59.51 -26.98 14.81
N VAL D 105 -58.59 -27.87 15.19
CA VAL D 105 -57.17 -27.69 14.93
C VAL D 105 -56.67 -28.97 14.26
N LEU D 106 -55.89 -28.80 13.19
CA LEU D 106 -55.35 -29.96 12.48
C LEU D 106 -54.04 -29.59 11.81
N LEU D 107 -53.34 -30.63 11.34
CA LEU D 107 -52.13 -30.48 10.53
C LEU D 107 -52.50 -30.88 9.10
N PHE D 108 -52.49 -29.90 8.20
CA PHE D 108 -52.86 -30.14 6.81
C PHE D 108 -51.65 -29.99 5.91
N GLY D 109 -51.72 -30.66 4.76
CA GLY D 109 -50.68 -30.51 3.75
C GLY D 109 -50.82 -31.60 2.72
N THR D 110 -50.01 -31.45 1.66
CA THR D 110 -50.02 -32.38 0.56
C THR D 110 -48.60 -32.66 0.09
N ALA D 111 -48.38 -33.88 -0.38
CA ALA D 111 -47.11 -34.29 -0.99
C ALA D 111 -47.21 -34.38 -2.50
N VAL D 112 -48.28 -33.86 -3.10
CA VAL D 112 -48.43 -33.81 -4.55
C VAL D 112 -48.87 -32.40 -4.93
N ASP D 113 -48.78 -32.10 -6.22
CA ASP D 113 -49.19 -30.81 -6.76
C ASP D 113 -50.69 -30.86 -7.04
N THR D 114 -51.47 -30.15 -6.24
CA THR D 114 -52.92 -30.10 -6.41
C THR D 114 -53.39 -28.67 -6.25
N GLY D 115 -54.68 -28.45 -6.50
CA GLY D 115 -55.27 -27.12 -6.39
C GLY D 115 -56.71 -27.04 -6.82
N GLY D 116 -57.44 -26.04 -6.33
CA GLY D 116 -58.84 -25.89 -6.73
C GLY D 116 -59.57 -24.85 -5.90
N HIS D 117 -60.84 -25.13 -5.66
CA HIS D 117 -61.70 -24.20 -4.94
C HIS D 117 -61.48 -24.34 -3.44
N SER D 118 -61.25 -23.21 -2.75
CA SER D 118 -61.02 -23.23 -1.32
C SER D 118 -62.27 -23.56 -0.52
N GLY D 119 -63.45 -23.34 -1.09
CA GLY D 119 -64.71 -23.60 -0.41
C GLY D 119 -65.27 -22.40 0.29
N ARG D 120 -66.57 -22.16 0.14
CA ARG D 120 -67.26 -21.05 0.77
C ARG D 120 -68.17 -21.60 1.86
N TYR D 121 -67.83 -21.32 3.12
CA TYR D 121 -68.55 -21.89 4.25
C TYR D 121 -68.63 -20.87 5.39
N TRP D 122 -69.35 -21.24 6.45
CA TRP D 122 -69.58 -20.36 7.59
C TRP D 122 -68.53 -20.61 8.67
N ALA D 123 -67.28 -20.30 8.32
CA ALA D 123 -66.17 -20.53 9.25
C ALA D 123 -64.97 -19.71 8.82
N GLU D 124 -64.32 -19.07 9.79
CA GLU D 124 -63.07 -18.38 9.56
C GLU D 124 -61.92 -19.35 9.82
N ILE D 125 -61.05 -19.50 8.83
CA ILE D 125 -59.98 -20.50 8.86
C ILE D 125 -58.63 -19.79 8.69
N SER D 126 -57.66 -20.20 9.50
CA SER D 126 -56.31 -19.66 9.45
C SER D 126 -55.33 -20.79 9.25
N ASP D 127 -54.46 -20.65 8.24
CA ASP D 127 -53.46 -21.65 7.90
C ASP D 127 -52.08 -21.02 7.96
N THR D 128 -51.20 -21.59 8.77
CA THR D 128 -49.82 -21.13 8.88
C THR D 128 -48.91 -22.15 8.20
N ILE D 129 -48.30 -21.74 7.09
CA ILE D 129 -47.50 -22.65 6.28
C ILE D 129 -46.20 -22.95 7.03
N LEU D 130 -45.92 -24.23 7.24
CA LEU D 130 -44.64 -24.63 7.83
C LEU D 130 -43.57 -24.83 6.77
N SER D 131 -43.95 -25.34 5.60
CA SER D 131 -43.00 -25.57 4.51
C SER D 131 -43.78 -25.60 3.20
N GLY D 132 -43.08 -25.34 2.11
CA GLY D 132 -43.70 -25.35 0.80
C GLY D 132 -44.14 -23.98 0.31
N THR D 133 -45.14 -23.94 -0.56
CA THR D 133 -45.68 -22.69 -1.06
C THR D 133 -47.20 -22.77 -1.10
N PHE D 134 -47.83 -21.60 -1.07
CA PHE D 134 -49.30 -21.48 -1.06
C PHE D 134 -49.67 -20.37 -2.04
N ARG D 135 -50.28 -20.74 -3.16
CA ARG D 135 -50.78 -19.74 -4.11
C ARG D 135 -52.25 -19.48 -3.82
N GLN D 136 -52.59 -18.21 -3.57
CA GLN D 136 -53.95 -17.80 -3.28
C GLN D 136 -54.43 -16.84 -4.35
N TRP D 137 -55.63 -17.09 -4.88
CA TRP D 137 -56.25 -16.28 -5.92
C TRP D 137 -57.59 -15.79 -5.38
N LYS D 138 -57.63 -14.54 -4.93
CA LYS D 138 -58.84 -14.01 -4.33
C LYS D 138 -59.91 -13.75 -5.38
N GLU D 139 -61.16 -13.71 -4.91
CA GLU D 139 -62.28 -13.52 -5.80
C GLU D 139 -62.31 -12.10 -6.35
N GLY D 140 -62.65 -11.97 -7.63
CA GLY D 140 -62.77 -10.68 -8.25
C GLY D 140 -61.47 -10.05 -8.75
N THR D 141 -60.36 -10.78 -8.69
CA THR D 141 -59.07 -10.29 -9.14
C THR D 141 -58.57 -11.12 -10.32
N THR D 142 -57.51 -10.64 -10.96
CA THR D 142 -56.89 -11.33 -12.08
C THR D 142 -55.45 -11.73 -11.77
N LYS D 143 -54.99 -11.53 -10.54
CA LYS D 143 -53.64 -11.92 -10.13
C LYS D 143 -53.72 -12.65 -8.80
N SER D 144 -52.78 -13.57 -8.62
CA SER D 144 -52.69 -14.38 -7.40
C SER D 144 -51.39 -14.05 -6.67
N GLU D 145 -51.37 -14.39 -5.38
CA GLU D 145 -50.21 -14.17 -4.53
C GLU D 145 -49.67 -15.51 -4.05
N ILE D 146 -48.36 -15.57 -3.86
CA ILE D 146 -47.67 -16.79 -3.41
C ILE D 146 -47.14 -16.54 -2.02
N PHE D 147 -47.48 -17.44 -1.10
CA PHE D 147 -47.10 -17.32 0.30
C PHE D 147 -46.12 -18.43 0.66
N TYR D 148 -45.16 -18.10 1.53
CA TYR D 148 -44.02 -18.95 1.83
C TYR D 148 -44.02 -19.35 3.30
N PRO D 149 -43.14 -20.26 3.73
CA PRO D 149 -43.13 -20.66 5.15
C PRO D 149 -42.99 -19.46 6.06
N GLY D 150 -43.78 -19.44 7.13
CA GLY D 150 -43.88 -18.34 8.04
C GLY D 150 -45.14 -17.52 7.87
N ASP D 151 -45.69 -17.49 6.65
CA ASP D 151 -46.88 -16.72 6.41
C ASP D 151 -48.10 -17.38 7.02
N THR D 152 -49.12 -16.57 7.29
CA THR D 152 -50.37 -17.03 7.85
C THR D 152 -51.51 -16.43 7.03
N ILE D 153 -52.38 -17.28 6.50
CA ILE D 153 -53.46 -16.85 5.63
C ILE D 153 -54.78 -17.06 6.34
N VAL D 154 -55.64 -16.04 6.31
CA VAL D 154 -56.92 -16.07 6.99
C VAL D 154 -58.01 -16.11 5.91
N HIS D 155 -58.68 -17.25 5.79
CA HIS D 155 -59.81 -17.40 4.89
C HIS D 155 -61.07 -17.01 5.66
N GLU D 156 -61.59 -15.81 5.38
CA GLU D 156 -62.68 -15.26 6.15
C GLU D 156 -63.99 -15.97 5.82
N VAL D 157 -65.01 -15.68 6.62
CA VAL D 157 -66.32 -16.29 6.43
C VAL D 157 -66.96 -15.72 5.18
N GLY D 158 -67.54 -16.61 4.36
CA GLY D 158 -68.17 -16.22 3.12
C GLY D 158 -67.24 -15.92 1.98
N GLU D 159 -65.93 -15.92 2.21
CA GLU D 159 -64.95 -15.66 1.16
C GLU D 159 -64.67 -16.94 0.39
N ALA D 160 -64.45 -16.81 -0.93
CA ALA D 160 -64.12 -17.93 -1.79
C ALA D 160 -62.89 -17.57 -2.63
N THR D 161 -61.85 -18.37 -2.51
CA THR D 161 -60.61 -18.17 -3.25
C THR D 161 -60.20 -19.46 -3.95
N SER D 162 -59.22 -19.35 -4.83
CA SER D 162 -58.63 -20.51 -5.50
C SER D 162 -57.27 -20.79 -4.87
N VAL D 163 -57.07 -22.02 -4.40
CA VAL D 163 -55.85 -22.41 -3.72
C VAL D 163 -55.03 -23.33 -4.61
N GLN D 164 -53.72 -23.31 -4.41
CA GLN D 164 -52.80 -24.19 -5.12
C GLN D 164 -51.60 -24.43 -4.22
N TRP D 165 -51.15 -25.69 -4.17
CA TRP D 165 -50.07 -26.08 -3.28
C TRP D 165 -48.99 -26.83 -4.06
N SER D 166 -47.77 -26.78 -3.54
CA SER D 166 -46.63 -27.44 -4.15
C SER D 166 -46.53 -28.89 -3.65
N SER D 167 -45.48 -29.57 -4.10
CA SER D 167 -45.26 -30.98 -3.81
C SER D 167 -44.67 -31.23 -2.43
N GLY D 168 -44.64 -30.23 -1.55
CA GLY D 168 -44.10 -30.43 -0.23
C GLY D 168 -44.65 -29.44 0.77
N THR D 169 -45.91 -29.07 0.59
CA THR D 169 -46.54 -28.04 1.40
C THR D 169 -47.17 -28.67 2.65
N TRP D 170 -46.89 -28.07 3.80
CA TRP D 170 -47.43 -28.53 5.07
C TRP D 170 -47.70 -27.32 5.96
N MET D 171 -48.82 -27.36 6.67
CA MET D 171 -49.29 -26.20 7.40
C MET D 171 -50.09 -26.64 8.63
N VAL D 172 -50.20 -25.72 9.58
CA VAL D 172 -51.03 -25.90 10.77
C VAL D 172 -52.25 -25.01 10.60
N GLU D 173 -53.43 -25.60 10.74
CA GLU D 173 -54.68 -24.92 10.41
C GLU D 173 -55.61 -24.90 11.62
N TYR D 174 -56.25 -23.74 11.82
CA TYR D 174 -57.22 -23.55 12.89
C TYR D 174 -58.47 -22.89 12.31
N GLY D 175 -59.63 -23.42 12.63
CA GLY D 175 -60.89 -22.94 12.09
C GLY D 175 -61.88 -22.58 13.19
N ARG D 176 -62.61 -21.49 12.98
CA ARG D 176 -63.63 -20.98 13.89
C ARG D 176 -64.91 -20.71 13.13
N GLY D 177 -66.05 -20.99 13.77
CA GLY D 177 -67.35 -20.69 13.20
C GLY D 177 -68.26 -21.88 13.36
N PHE D 178 -69.26 -21.95 12.47
CA PHE D 178 -70.22 -23.04 12.44
C PHE D 178 -69.59 -24.20 11.68
N ILE D 179 -68.89 -25.06 12.43
CA ILE D 179 -68.11 -26.14 11.81
C ILE D 179 -68.99 -27.15 11.07
N PRO D 180 -70.12 -27.63 11.62
CA PRO D 180 -70.88 -28.67 10.91
C PRO D 180 -71.26 -28.32 9.47
N SER D 181 -71.43 -27.04 9.15
CA SER D 181 -71.76 -26.67 7.78
C SER D 181 -70.59 -26.92 6.84
N THR D 182 -69.36 -26.78 7.33
CA THR D 182 -68.18 -26.87 6.47
C THR D 182 -67.92 -28.30 6.01
N CYS D 183 -68.36 -29.30 6.78
CA CYS D 183 -68.09 -30.69 6.44
C CYS D 183 -68.77 -31.13 5.14
N ALA D 184 -69.83 -30.43 4.71
CA ALA D 184 -70.47 -30.77 3.45
C ALA D 184 -69.51 -30.61 2.27
N PHE D 185 -68.72 -29.53 2.28
CA PHE D 185 -67.77 -29.29 1.19
C PHE D 185 -66.60 -30.26 1.25
N ALA D 186 -66.18 -30.65 2.46
CA ALA D 186 -65.02 -31.53 2.62
C ALA D 186 -65.28 -32.93 2.11
N LEU D 187 -66.55 -33.31 1.88
CA LEU D 187 -66.89 -34.66 1.47
C LEU D 187 -67.54 -34.72 0.09
N ALA D 188 -67.56 -33.61 -0.65
CA ALA D 188 -68.21 -33.60 -1.95
C ALA D 188 -67.44 -34.47 -2.95
N ASP D 189 -66.13 -34.23 -3.09
CA ASP D 189 -65.34 -35.01 -4.03
C ASP D 189 -65.24 -36.47 -3.59
N THR D 190 -65.27 -36.72 -2.28
CA THR D 190 -65.23 -38.09 -1.79
C THR D 190 -66.49 -38.86 -2.16
N ILE D 191 -67.59 -38.16 -2.44
CA ILE D 191 -68.85 -38.81 -2.81
C ILE D 191 -69.00 -38.91 -4.32
N PHE D 192 -68.74 -37.82 -5.04
CA PHE D 192 -69.02 -37.73 -6.46
C PHE D 192 -67.79 -37.87 -7.35
N SER D 193 -66.59 -38.04 -6.77
CA SER D 193 -65.41 -38.16 -7.60
C SER D 193 -64.57 -39.37 -7.20
N THR D 194 -64.04 -39.37 -5.97
CA THR D 194 -63.17 -40.47 -5.55
C THR D 194 -63.97 -41.71 -5.16
N GLN D 195 -65.11 -41.52 -4.50
CA GLN D 195 -65.93 -42.63 -3.99
C GLN D 195 -65.09 -43.56 -3.12
N ASP D 196 -64.18 -42.96 -2.35
CA ASP D 196 -63.34 -43.69 -1.40
C ASP D 196 -64.04 -43.64 -0.04
N PHE D 197 -65.03 -44.53 0.12
CA PHE D 197 -65.84 -44.52 1.32
C PHE D 197 -65.05 -44.90 2.57
N LEU D 198 -63.93 -45.60 2.43
CA LEU D 198 -63.09 -45.87 3.59
C LEU D 198 -62.49 -44.59 4.15
N THR D 199 -62.09 -43.67 3.27
CA THR D 199 -61.62 -42.37 3.73
C THR D 199 -62.75 -41.57 4.37
N LEU D 200 -63.96 -41.68 3.81
CA LEU D 200 -65.14 -41.08 4.44
C LEU D 200 -65.36 -41.62 5.85
N PHE D 201 -65.21 -42.95 6.02
CA PHE D 201 -65.32 -43.54 7.34
C PHE D 201 -64.25 -43.01 8.28
N TYR D 202 -63.02 -42.89 7.78
CA TYR D 202 -61.93 -42.34 8.61
C TYR D 202 -62.25 -40.92 9.04
N THR D 203 -62.79 -40.11 8.13
CA THR D 203 -63.12 -38.72 8.46
C THR D 203 -64.20 -38.67 9.53
N VAL D 204 -65.28 -39.44 9.35
CA VAL D 204 -66.33 -39.49 10.37
C VAL D 204 -65.79 -40.07 11.67
N LYS D 205 -64.84 -41.01 11.57
CA LYS D 205 -64.29 -41.64 12.77
C LYS D 205 -63.51 -40.63 13.61
N VAL D 206 -62.55 -39.93 13.00
CA VAL D 206 -61.74 -38.98 13.77
C VAL D 206 -62.57 -37.80 14.22
N CYS D 207 -63.58 -37.40 13.44
CA CYS D 207 -64.47 -36.32 13.86
C CYS D 207 -65.28 -36.71 15.08
N SER D 208 -65.80 -37.94 15.11
CA SER D 208 -66.55 -38.41 16.27
C SER D 208 -65.66 -38.56 17.49
N LYS D 209 -64.43 -39.05 17.32
CA LYS D 209 -63.54 -39.20 18.46
C LYS D 209 -63.19 -37.86 19.09
N ALA D 210 -62.94 -36.85 18.25
CA ALA D 210 -62.62 -35.52 18.78
C ALA D 210 -63.83 -34.91 19.49
N LEU D 211 -65.03 -35.08 18.92
CA LEU D 211 -66.23 -34.54 19.55
C LEU D 211 -66.49 -35.23 20.89
N LEU D 212 -66.30 -36.54 20.96
CA LEU D 212 -66.53 -37.25 22.21
C LEU D 212 -65.47 -36.91 23.25
N LEU D 213 -64.24 -36.66 22.82
CA LEU D 213 -63.20 -36.20 23.75
C LEU D 213 -63.56 -34.85 24.34
N GLU D 214 -64.02 -33.91 23.49
CA GLU D 214 -64.42 -32.60 23.98
C GLU D 214 -65.63 -32.71 24.91
N ALA D 215 -66.56 -33.62 24.59
CA ALA D 215 -67.72 -33.83 25.46
C ALA D 215 -67.29 -34.43 26.80
N SER D 216 -66.35 -35.37 26.77
CA SER D 216 -65.86 -35.97 28.01
C SER D 216 -65.12 -34.95 28.86
N THR D 217 -64.38 -34.04 28.23
CA THR D 217 -63.70 -32.98 28.98
C THR D 217 -64.69 -32.02 29.61
N HIS D 218 -65.79 -31.72 28.90
CA HIS D 218 -66.82 -30.87 29.48
C HIS D 218 -67.53 -31.57 30.64
N LEU D 219 -67.74 -32.88 30.53
CA LEU D 219 -68.41 -33.62 31.60
C LEU D 219 -67.55 -33.66 32.87
N SER D 220 -66.24 -33.83 32.71
CA SER D 220 -65.34 -33.86 33.86
C SER D 220 -65.24 -32.51 34.56
N GLN D 221 -65.66 -31.42 33.91
CA GLN D 221 -65.61 -30.10 34.51
C GLN D 221 -66.99 -29.66 34.98
N TRP E 8 -78.14 -60.25 22.45
CA TRP E 8 -77.41 -60.70 21.26
C TRP E 8 -78.38 -61.04 20.13
N LEU E 9 -79.52 -60.36 20.10
CA LEU E 9 -80.52 -60.56 19.05
C LEU E 9 -80.00 -59.91 17.77
N GLY E 10 -79.07 -60.60 17.11
CA GLY E 10 -78.59 -60.13 15.82
C GLY E 10 -79.67 -60.14 14.76
N LEU E 11 -80.46 -61.21 14.70
CA LEU E 11 -81.58 -61.36 13.78
C LEU E 11 -81.03 -61.24 12.36
N ARG E 12 -81.58 -60.37 11.51
CA ARG E 12 -81.04 -60.22 10.16
C ARG E 12 -79.70 -59.50 10.14
N ALA E 13 -79.35 -58.78 11.21
CA ALA E 13 -78.09 -58.03 11.22
C ALA E 13 -76.89 -58.98 11.26
N VAL E 14 -76.91 -59.94 12.18
CA VAL E 14 -75.81 -60.90 12.26
C VAL E 14 -75.79 -61.81 11.04
N LEU E 15 -76.96 -62.06 10.43
CA LEU E 15 -77.02 -62.93 9.26
C LEU E 15 -76.53 -62.20 8.01
N VAL E 16 -76.86 -60.92 7.87
CA VAL E 16 -76.36 -60.15 6.72
C VAL E 16 -74.85 -59.99 6.80
N VAL E 17 -74.32 -59.78 8.00
CA VAL E 17 -72.86 -59.76 8.18
C VAL E 17 -72.26 -61.11 7.79
N ALA E 18 -72.84 -62.19 8.30
CA ALA E 18 -72.35 -63.51 7.92
C ALA E 18 -72.61 -63.83 6.47
N GLY E 19 -73.70 -63.31 5.90
CA GLY E 19 -74.00 -63.58 4.51
C GLY E 19 -73.00 -62.92 3.57
N LEU E 20 -72.72 -61.63 3.82
CA LEU E 20 -71.70 -60.95 3.04
C LEU E 20 -70.31 -61.54 3.28
N ALA E 21 -70.06 -62.07 4.49
CA ALA E 21 -68.80 -62.74 4.75
C ALA E 21 -68.66 -64.01 3.93
N VAL E 22 -69.74 -64.80 3.84
CA VAL E 22 -69.70 -66.02 3.04
C VAL E 22 -69.63 -65.67 1.55
N LEU E 23 -70.38 -64.65 1.13
CA LEU E 23 -70.31 -64.22 -0.27
C LEU E 23 -68.91 -63.75 -0.64
N LEU E 24 -68.25 -63.05 0.27
CA LEU E 24 -66.87 -62.63 0.02
C LEU E 24 -65.94 -63.84 -0.01
N GLN E 25 -66.14 -64.81 0.89
CA GLN E 25 -65.34 -66.03 0.83
C GLN E 25 -65.59 -66.77 -0.48
N LEU E 26 -66.82 -66.71 -0.99
CA LEU E 26 -67.12 -67.35 -2.28
C LEU E 26 -66.45 -66.59 -3.42
N ILE E 27 -66.58 -65.26 -3.43
CA ILE E 27 -66.01 -64.46 -4.51
C ILE E 27 -64.49 -64.50 -4.44
N ARG E 28 -63.92 -64.31 -3.26
CA ARG E 28 -62.46 -64.36 -3.13
C ARG E 28 -61.94 -65.77 -3.36
N GLY E 29 -62.76 -66.79 -3.10
CA GLY E 29 -62.33 -68.15 -3.40
C GLY E 29 -62.25 -68.40 -4.90
N TRP E 30 -63.21 -67.86 -5.67
CA TRP E 30 -63.13 -67.94 -7.11
C TRP E 30 -61.91 -67.19 -7.64
N LEU E 31 -61.65 -65.99 -7.11
CA LEU E 31 -60.51 -65.20 -7.56
C LEU E 31 -59.19 -65.85 -7.17
N SER E 32 -59.19 -66.66 -6.11
CA SER E 32 -57.98 -67.33 -5.67
C SER E 32 -57.74 -68.66 -6.38
N SER E 33 -58.74 -69.19 -7.09
CA SER E 33 -58.63 -70.48 -7.75
C SER E 33 -58.92 -70.39 -9.25
N LYS E 34 -58.95 -69.19 -9.81
CA LYS E 34 -59.30 -69.00 -11.21
C LYS E 34 -58.03 -68.97 -12.07
N SER E 35 -57.81 -70.04 -12.83
CA SER E 35 -56.82 -70.03 -13.91
C SER E 35 -56.89 -68.75 -14.72
N TYR E 36 -55.90 -67.88 -14.54
CA TYR E 36 -55.80 -66.60 -15.23
C TYR E 36 -54.99 -66.72 -16.51
N VAL E 37 -55.13 -65.71 -17.36
CA VAL E 37 -54.42 -65.65 -18.63
C VAL E 37 -53.04 -65.04 -18.45
N PHE E 38 -53.00 -63.81 -17.96
CA PHE E 38 -51.78 -63.04 -17.81
C PHE E 38 -51.28 -63.09 -16.35
N ASN E 39 -50.07 -62.56 -16.15
CA ASN E 39 -49.54 -62.32 -14.82
C ASN E 39 -48.80 -61.00 -14.83
N ARG E 40 -48.71 -60.37 -13.65
CA ARG E 40 -48.17 -59.02 -13.59
C ARG E 40 -46.69 -58.98 -13.97
N GLU E 41 -45.93 -60.04 -13.64
CA GLU E 41 -44.53 -60.05 -14.01
C GLU E 41 -44.35 -60.12 -15.52
N GLU E 42 -45.21 -60.88 -16.19
CA GLU E 42 -45.15 -60.99 -17.65
C GLU E 42 -45.36 -59.62 -18.30
N ILE E 43 -46.43 -58.93 -17.88
CA ILE E 43 -46.70 -57.60 -18.43
C ILE E 43 -45.61 -56.63 -18.04
N ALA E 44 -45.07 -56.76 -16.82
CA ALA E 44 -44.02 -55.85 -16.37
C ALA E 44 -42.74 -56.02 -17.20
N ARG E 45 -42.34 -57.25 -17.48
CA ARG E 45 -41.13 -57.48 -18.27
C ARG E 45 -41.31 -57.00 -19.71
N LEU E 46 -42.45 -57.33 -20.33
CA LEU E 46 -42.68 -56.94 -21.71
C LEU E 46 -42.67 -55.43 -21.88
N ALA E 47 -43.15 -54.69 -20.87
CA ALA E 47 -43.12 -53.24 -20.94
C ALA E 47 -41.73 -52.69 -20.64
N LYS E 48 -41.00 -53.33 -19.72
CA LYS E 48 -39.67 -52.84 -19.37
C LYS E 48 -38.66 -53.07 -20.49
N GLU E 49 -38.90 -54.07 -21.35
CA GLU E 49 -38.00 -54.31 -22.47
C GLU E 49 -37.96 -53.13 -23.45
N HIS E 50 -39.09 -52.44 -23.62
CA HIS E 50 -39.18 -51.33 -24.56
C HIS E 50 -39.07 -49.98 -23.87
N SER E 51 -38.79 -49.95 -22.57
CA SER E 51 -38.50 -48.69 -21.90
C SER E 51 -37.21 -48.11 -22.46
N GLY E 52 -37.16 -46.79 -22.54
CA GLY E 52 -36.06 -46.11 -23.19
C GLY E 52 -36.21 -45.97 -24.69
N LEU E 53 -37.33 -46.41 -25.26
CA LEU E 53 -37.65 -46.24 -26.66
C LEU E 53 -38.87 -45.33 -26.79
N ASP E 54 -39.19 -44.98 -28.04
CA ASP E 54 -40.39 -44.18 -28.29
C ASP E 54 -41.64 -44.93 -27.84
N TYR E 55 -42.50 -44.23 -27.08
CA TYR E 55 -43.63 -44.91 -26.46
C TYR E 55 -44.63 -45.40 -27.50
N GLU E 56 -44.70 -44.74 -28.67
CA GLU E 56 -45.57 -45.25 -29.73
C GLU E 56 -45.01 -46.55 -30.30
N VAL E 57 -43.70 -46.60 -30.54
CA VAL E 57 -43.07 -47.84 -30.99
C VAL E 57 -43.20 -48.92 -29.92
N ALA E 58 -43.07 -48.53 -28.65
CA ALA E 58 -43.24 -49.48 -27.56
C ALA E 58 -44.67 -50.02 -27.53
N PHE E 59 -45.66 -49.15 -27.76
CA PHE E 59 -47.04 -49.59 -27.84
C PHE E 59 -47.22 -50.67 -28.91
N SER E 60 -46.73 -50.41 -30.13
CA SER E 60 -46.94 -51.35 -31.23
C SER E 60 -46.24 -52.67 -30.96
N LYS E 61 -44.99 -52.63 -30.51
CA LYS E 61 -44.26 -53.86 -30.26
C LYS E 61 -44.88 -54.67 -29.14
N ILE E 62 -45.40 -54.01 -28.10
CA ILE E 62 -46.05 -54.74 -27.01
C ILE E 62 -47.35 -55.38 -27.48
N ILE E 63 -48.11 -54.67 -28.32
CA ILE E 63 -49.35 -55.25 -28.86
C ILE E 63 -49.05 -56.47 -29.71
N VAL E 64 -47.99 -56.40 -30.53
CA VAL E 64 -47.63 -57.53 -31.37
C VAL E 64 -47.21 -58.72 -30.52
N GLU E 65 -46.40 -58.49 -29.48
CA GLU E 65 -45.96 -59.58 -28.61
C GLU E 65 -47.13 -60.18 -27.85
N LEU E 66 -48.07 -59.35 -27.40
CA LEU E 66 -49.21 -59.86 -26.67
C LEU E 66 -50.10 -60.72 -27.57
N ARG E 67 -50.33 -60.29 -28.80
CA ARG E 67 -51.12 -61.10 -29.72
C ARG E 67 -50.40 -62.36 -30.15
N LYS E 68 -49.05 -62.37 -30.11
CA LYS E 68 -48.31 -63.58 -30.46
C LYS E 68 -48.39 -64.61 -29.35
N LYS E 69 -48.05 -64.22 -28.12
CA LYS E 69 -48.00 -65.18 -27.02
C LYS E 69 -49.37 -65.48 -26.44
N HIS E 70 -50.38 -64.66 -26.72
CA HIS E 70 -51.75 -64.89 -26.25
C HIS E 70 -52.72 -64.58 -27.38
N PRO E 71 -52.84 -65.47 -28.35
CA PRO E 71 -53.78 -65.24 -29.45
C PRO E 71 -55.23 -65.39 -28.99
N GLY E 72 -56.11 -64.62 -29.63
CA GLY E 72 -57.51 -64.65 -29.29
C GLY E 72 -57.87 -63.96 -28.00
N HIS E 73 -56.94 -63.26 -27.36
CA HIS E 73 -57.19 -62.58 -26.11
C HIS E 73 -56.98 -61.07 -26.17
N ILE E 74 -56.42 -60.54 -27.25
CA ILE E 74 -56.18 -59.12 -27.42
C ILE E 74 -57.00 -58.64 -28.61
N LEU E 75 -57.67 -57.50 -28.45
CA LEU E 75 -58.49 -56.94 -29.51
C LEU E 75 -57.66 -56.66 -30.76
N GLN E 76 -58.31 -56.70 -31.91
CA GLN E 76 -57.66 -56.40 -33.17
C GLN E 76 -57.52 -54.89 -33.37
N ASP E 77 -56.74 -54.50 -34.38
CA ASP E 77 -56.53 -53.09 -34.67
C ASP E 77 -57.82 -52.39 -35.06
N GLU E 78 -58.80 -53.14 -35.57
CA GLU E 78 -60.08 -52.54 -35.93
C GLU E 78 -60.84 -52.02 -34.71
N ASP E 79 -60.66 -52.66 -33.55
CA ASP E 79 -61.42 -52.34 -32.35
C ASP E 79 -60.61 -51.50 -31.35
N LEU E 80 -59.50 -50.90 -31.77
CA LEU E 80 -58.67 -50.09 -30.89
C LEU E 80 -58.92 -48.60 -31.12
N GLN E 81 -59.05 -47.86 -30.02
CA GLN E 81 -59.21 -46.42 -30.07
C GLN E 81 -58.81 -45.83 -28.73
N TRP E 82 -58.21 -44.64 -28.77
CA TRP E 82 -57.84 -43.92 -27.56
C TRP E 82 -59.09 -43.30 -26.95
N VAL E 83 -59.38 -43.66 -25.70
CA VAL E 83 -60.56 -43.18 -24.99
C VAL E 83 -60.10 -42.36 -23.79
N PHE E 84 -60.70 -41.19 -23.61
CA PHE E 84 -60.41 -40.37 -22.45
C PHE E 84 -60.88 -41.06 -21.18
N VAL E 85 -60.15 -40.81 -20.08
CA VAL E 85 -60.45 -41.39 -18.78
C VAL E 85 -60.38 -40.28 -17.74
N ASN E 86 -61.51 -39.95 -17.13
CA ASN E 86 -61.58 -38.97 -16.07
C ASN E 86 -61.97 -39.67 -14.78
N ALA E 87 -61.11 -39.59 -13.76
CA ALA E 87 -61.37 -40.25 -12.50
C ALA E 87 -60.52 -39.62 -11.41
N GLY E 88 -61.11 -39.49 -10.21
CA GLY E 88 -60.38 -39.05 -9.03
C GLY E 88 -59.75 -37.68 -9.11
N GLY E 89 -60.10 -36.91 -10.14
CA GLY E 89 -59.53 -35.59 -10.33
C GLY E 89 -58.44 -35.49 -11.37
N TRP E 90 -58.07 -36.60 -12.01
CA TRP E 90 -57.09 -36.59 -13.09
C TRP E 90 -57.74 -37.00 -14.40
N MET E 91 -57.05 -36.70 -15.51
CA MET E 91 -57.54 -36.97 -16.85
C MET E 91 -56.40 -37.50 -17.70
N GLY E 92 -56.65 -38.64 -18.35
CA GLY E 92 -55.69 -39.25 -19.27
C GLY E 92 -56.37 -39.93 -20.44
N SER E 93 -55.69 -40.89 -21.07
CA SER E 93 -56.26 -41.64 -22.17
C SER E 93 -55.81 -43.09 -22.07
N MET E 94 -56.66 -44.00 -22.55
CA MET E 94 -56.41 -45.42 -22.47
C MET E 94 -56.59 -46.07 -23.84
N CYS E 95 -55.90 -47.19 -24.03
CA CYS E 95 -56.08 -48.05 -25.20
C CYS E 95 -56.24 -49.48 -24.67
N LEU E 96 -57.48 -49.96 -24.65
CA LEU E 96 -57.78 -51.25 -24.03
C LEU E 96 -57.40 -52.39 -24.98
N LEU E 97 -56.42 -53.19 -24.56
CA LEU E 97 -55.99 -54.34 -25.36
C LEU E 97 -56.72 -55.61 -24.98
N HIS E 98 -56.90 -55.88 -23.70
CA HIS E 98 -57.59 -57.07 -23.21
C HIS E 98 -58.38 -56.70 -21.97
N ALA E 99 -59.55 -57.32 -21.80
CA ALA E 99 -60.38 -57.08 -20.63
C ALA E 99 -61.33 -58.24 -20.44
N SER E 100 -61.44 -58.72 -19.20
CA SER E 100 -62.38 -59.78 -18.86
C SER E 100 -63.07 -59.37 -17.55
N LEU E 101 -63.71 -60.32 -16.89
CA LEU E 101 -64.35 -60.06 -15.60
C LEU E 101 -63.36 -60.07 -14.45
N THR E 102 -62.14 -60.59 -14.66
CA THR E 102 -61.12 -60.64 -13.63
C THR E 102 -59.80 -60.03 -14.03
N GLU E 103 -59.54 -59.82 -15.32
CA GLU E 103 -58.29 -59.24 -15.79
C GLU E 103 -58.58 -58.16 -16.81
N TYR E 104 -57.63 -57.23 -16.97
CA TYR E 104 -57.67 -56.28 -18.06
C TYR E 104 -56.27 -55.75 -18.31
N VAL E 105 -55.96 -55.52 -19.59
CA VAL E 105 -54.68 -54.98 -20.02
C VAL E 105 -54.94 -53.78 -20.91
N LEU E 106 -54.22 -52.68 -20.67
CA LEU E 106 -54.39 -51.49 -21.47
C LEU E 106 -53.10 -50.67 -21.47
N LEU E 107 -53.07 -49.69 -22.36
CA LEU E 107 -51.99 -48.71 -22.45
C LEU E 107 -52.54 -47.39 -21.93
N PHE E 108 -52.05 -46.94 -20.79
CA PHE E 108 -52.55 -45.72 -20.18
C PHE E 108 -51.48 -44.63 -20.21
N GLY E 109 -51.92 -43.39 -20.18
CA GLY E 109 -51.02 -42.27 -20.08
C GLY E 109 -51.73 -40.98 -20.42
N THR E 110 -51.02 -39.88 -20.19
CA THR E 110 -51.57 -38.56 -20.44
C THR E 110 -50.51 -37.68 -21.08
N ALA E 111 -50.99 -36.77 -21.94
CA ALA E 111 -50.14 -35.74 -22.54
C ALA E 111 -50.33 -34.38 -21.89
N VAL E 112 -51.01 -34.33 -20.74
CA VAL E 112 -51.16 -33.10 -19.96
C VAL E 112 -50.82 -33.41 -18.51
N ASP E 113 -50.64 -32.36 -17.72
CA ASP E 113 -50.30 -32.49 -16.31
C ASP E 113 -51.58 -32.69 -15.50
N THR E 114 -51.76 -33.89 -14.96
CA THR E 114 -52.93 -34.20 -14.15
C THR E 114 -52.50 -35.01 -12.93
N GLY E 115 -53.45 -35.22 -12.02
CA GLY E 115 -53.22 -35.97 -10.81
C GLY E 115 -54.39 -35.94 -9.87
N GLY E 116 -54.48 -36.93 -8.97
CA GLY E 116 -55.57 -36.95 -8.02
C GLY E 116 -55.62 -38.24 -7.24
N HIS E 117 -56.84 -38.68 -6.94
CA HIS E 117 -57.06 -39.87 -6.13
C HIS E 117 -56.96 -41.11 -7.03
N SER E 118 -56.15 -42.08 -6.60
CA SER E 118 -55.96 -43.30 -7.39
C SER E 118 -57.20 -44.18 -7.39
N GLY E 119 -58.07 -44.03 -6.40
CA GLY E 119 -59.26 -44.85 -6.32
C GLY E 119 -59.05 -46.09 -5.48
N ARG E 120 -60.01 -46.41 -4.63
CA ARG E 120 -59.95 -47.61 -3.79
C ARG E 120 -60.98 -48.60 -4.30
N TYR E 121 -60.51 -49.72 -4.84
CA TYR E 121 -61.38 -50.70 -5.48
C TYR E 121 -60.86 -52.10 -5.18
N TRP E 122 -61.63 -53.08 -5.61
CA TRP E 122 -61.32 -54.49 -5.36
C TRP E 122 -60.55 -55.09 -6.54
N ALA E 123 -59.34 -54.55 -6.76
CA ALA E 123 -58.52 -54.98 -7.88
C ALA E 123 -57.07 -54.57 -7.65
N GLU E 124 -56.15 -55.49 -7.90
CA GLU E 124 -54.73 -55.19 -7.86
C GLU E 124 -54.27 -54.73 -9.24
N ILE E 125 -53.64 -53.56 -9.30
CA ILE E 125 -53.26 -52.94 -10.55
C ILE E 125 -51.76 -52.73 -10.57
N SER E 126 -51.13 -53.07 -11.70
CA SER E 126 -49.70 -52.92 -11.89
C SER E 126 -49.46 -52.07 -13.14
N ASP E 127 -48.65 -51.02 -13.00
CA ASP E 127 -48.33 -50.12 -14.10
C ASP E 127 -46.82 -50.05 -14.29
N THR E 128 -46.36 -50.31 -15.51
CA THR E 128 -44.96 -50.21 -15.88
C THR E 128 -44.79 -48.98 -16.76
N ILE E 129 -44.06 -47.97 -16.25
CA ILE E 129 -43.93 -46.71 -16.96
C ILE E 129 -43.00 -46.87 -18.15
N LEU E 130 -43.49 -46.49 -19.34
CA LEU E 130 -42.67 -46.46 -20.54
C LEU E 130 -41.92 -45.14 -20.71
N SER E 131 -42.57 -44.03 -20.37
CA SER E 131 -41.96 -42.72 -20.48
C SER E 131 -42.67 -41.78 -19.52
N GLY E 132 -41.99 -40.71 -19.15
CA GLY E 132 -42.55 -39.73 -18.25
C GLY E 132 -42.16 -39.97 -16.80
N THR E 133 -43.00 -39.45 -15.90
CA THR E 133 -42.77 -39.61 -14.47
C THR E 133 -44.08 -39.98 -13.79
N PHE E 134 -43.96 -40.63 -12.64
CA PHE E 134 -45.11 -41.08 -11.86
C PHE E 134 -44.84 -40.72 -10.42
N ARG E 135 -45.58 -39.75 -9.89
CA ARG E 135 -45.50 -39.40 -8.48
C ARG E 135 -46.59 -40.14 -7.73
N GLN E 136 -46.19 -40.93 -6.73
CA GLN E 136 -47.12 -41.68 -5.90
C GLN E 136 -47.00 -41.22 -4.46
N TRP E 137 -48.14 -40.98 -3.81
CA TRP E 137 -48.19 -40.54 -2.42
C TRP E 137 -49.03 -41.55 -1.65
N LYS E 138 -48.36 -42.44 -0.92
CA LYS E 138 -49.07 -43.49 -0.22
C LYS E 138 -49.85 -42.93 0.96
N GLU E 139 -50.89 -43.66 1.37
CA GLU E 139 -51.73 -43.22 2.46
C GLU E 139 -50.99 -43.33 3.79
N GLY E 140 -51.19 -42.34 4.66
CA GLY E 140 -50.57 -42.37 5.97
C GLY E 140 -49.15 -41.87 6.03
N THR E 141 -48.62 -41.31 4.95
CA THR E 141 -47.27 -40.78 4.92
C THR E 141 -47.31 -39.28 4.62
N THR E 142 -46.15 -38.64 4.78
CA THR E 142 -45.99 -37.22 4.51
C THR E 142 -45.02 -36.95 3.36
N LYS E 143 -44.52 -37.98 2.69
CA LYS E 143 -43.60 -37.83 1.57
C LYS E 143 -44.07 -38.70 0.41
N SER E 144 -43.80 -38.23 -0.80
CA SER E 144 -44.15 -38.93 -2.02
C SER E 144 -42.88 -39.36 -2.75
N GLU E 145 -43.04 -40.34 -3.64
CA GLU E 145 -41.93 -40.88 -4.41
C GLU E 145 -42.19 -40.66 -5.90
N ILE E 146 -41.09 -40.49 -6.64
CA ILE E 146 -41.14 -40.27 -8.09
C ILE E 146 -40.53 -41.47 -8.79
N PHE E 147 -41.28 -42.05 -9.71
CA PHE E 147 -40.85 -43.24 -10.45
C PHE E 147 -40.65 -42.88 -11.92
N TYR E 148 -39.65 -43.52 -12.53
CA TYR E 148 -39.17 -43.16 -13.86
C TYR E 148 -39.37 -44.33 -14.82
N PRO E 149 -39.15 -44.15 -16.13
CA PRO E 149 -39.33 -45.26 -17.06
C PRO E 149 -38.51 -46.49 -16.66
N GLY E 150 -39.15 -47.66 -16.75
CA GLY E 150 -38.58 -48.91 -16.32
C GLY E 150 -39.12 -49.41 -15.00
N ASP E 151 -39.54 -48.52 -14.11
CA ASP E 151 -40.09 -48.92 -12.83
C ASP E 151 -41.49 -49.47 -13.00
N THR E 152 -41.92 -50.27 -12.02
CA THR E 152 -43.25 -50.89 -12.00
C THR E 152 -43.89 -50.65 -10.65
N ILE E 153 -45.10 -50.07 -10.66
CA ILE E 153 -45.81 -49.70 -9.44
C ILE E 153 -47.04 -50.58 -9.31
N VAL E 154 -47.25 -51.13 -8.12
CA VAL E 154 -48.34 -52.04 -7.83
C VAL E 154 -49.31 -51.34 -6.88
N HIS E 155 -50.49 -51.00 -7.40
CA HIS E 155 -51.57 -50.44 -6.60
C HIS E 155 -52.40 -51.58 -6.05
N GLU E 156 -52.26 -51.86 -4.76
CA GLU E 156 -52.84 -53.05 -4.15
C GLU E 156 -54.36 -52.91 -4.03
N VAL E 157 -54.99 -54.04 -3.71
CA VAL E 157 -56.43 -54.04 -3.50
C VAL E 157 -56.73 -53.32 -2.19
N GLY E 158 -57.71 -52.42 -2.22
CA GLY E 158 -58.05 -51.68 -1.02
C GLY E 158 -57.09 -50.57 -0.69
N GLU E 159 -56.00 -50.43 -1.44
CA GLU E 159 -55.02 -49.37 -1.21
C GLU E 159 -55.49 -48.08 -1.86
N ALA E 160 -55.16 -46.96 -1.22
CA ALA E 160 -55.48 -45.65 -1.75
C ALA E 160 -54.23 -44.77 -1.72
N THR E 161 -53.83 -44.29 -2.89
CA THR E 161 -52.67 -43.42 -3.02
C THR E 161 -53.06 -42.20 -3.85
N SER E 162 -52.19 -41.20 -3.86
CA SER E 162 -52.34 -40.02 -4.70
C SER E 162 -51.38 -40.12 -5.87
N VAL E 163 -51.90 -40.04 -7.08
CA VAL E 163 -51.11 -40.19 -8.29
C VAL E 163 -50.94 -38.84 -8.96
N GLN E 164 -49.84 -38.69 -9.68
CA GLN E 164 -49.56 -37.48 -10.46
C GLN E 164 -48.70 -37.87 -11.64
N TRP E 165 -49.02 -37.32 -12.80
CA TRP E 165 -48.31 -37.65 -14.03
C TRP E 165 -47.84 -36.37 -14.71
N SER E 166 -46.76 -36.50 -15.50
CA SER E 166 -46.21 -35.36 -16.22
C SER E 166 -46.93 -35.22 -17.57
N SER E 167 -46.46 -34.25 -18.36
CA SER E 167 -47.10 -33.93 -19.63
C SER E 167 -46.76 -34.91 -20.75
N GLY E 168 -46.13 -36.03 -20.43
CA GLY E 168 -45.80 -37.00 -21.46
C GLY E 168 -45.63 -38.40 -20.89
N THR E 169 -46.42 -38.72 -19.87
CA THR E 169 -46.29 -39.98 -19.16
C THR E 169 -47.15 -41.03 -19.85
N TRP E 170 -46.56 -42.20 -20.10
CA TRP E 170 -47.25 -43.31 -20.75
C TRP E 170 -46.76 -44.62 -20.15
N MET E 171 -47.68 -45.55 -19.94
CA MET E 171 -47.38 -46.77 -19.21
C MET E 171 -48.26 -47.91 -19.72
N VAL E 172 -47.80 -49.13 -19.43
CA VAL E 172 -48.55 -50.36 -19.71
C VAL E 172 -49.09 -50.88 -18.39
N GLU E 173 -50.39 -51.12 -18.33
CA GLU E 173 -51.10 -51.40 -17.10
C GLU E 173 -51.83 -52.74 -17.18
N TYR E 174 -51.76 -53.51 -16.09
CA TYR E 174 -52.43 -54.79 -15.98
C TYR E 174 -53.17 -54.86 -14.66
N GLY E 175 -54.43 -55.26 -14.69
CA GLY E 175 -55.26 -55.31 -13.50
C GLY E 175 -55.85 -56.68 -13.23
N ARG E 176 -55.85 -57.07 -11.97
CA ARG E 176 -56.39 -58.35 -11.53
C ARG E 176 -57.38 -58.14 -10.40
N GLY E 177 -58.47 -58.91 -10.41
CA GLY E 177 -59.41 -58.85 -9.30
C GLY E 177 -60.87 -58.79 -9.73
N PHE E 178 -61.72 -58.23 -8.88
CA PHE E 178 -63.13 -58.07 -9.24
C PHE E 178 -63.26 -56.81 -10.09
N ILE E 179 -63.16 -56.97 -11.41
CA ILE E 179 -63.14 -55.81 -12.30
C ILE E 179 -64.42 -54.99 -12.26
N PRO E 180 -65.63 -55.58 -12.27
CA PRO E 180 -66.84 -54.75 -12.30
C PRO E 180 -66.94 -53.70 -11.20
N SER E 181 -66.31 -53.91 -10.04
CA SER E 181 -66.37 -52.91 -8.98
C SER E 181 -65.63 -51.63 -9.34
N THR E 182 -64.54 -51.76 -10.13
CA THR E 182 -63.70 -50.60 -10.42
C THR E 182 -64.37 -49.63 -11.38
N CYS E 183 -65.29 -50.12 -12.22
CA CYS E 183 -65.92 -49.26 -13.21
C CYS E 183 -66.79 -48.18 -12.56
N ALA E 184 -67.24 -48.38 -11.32
CA ALA E 184 -67.96 -47.33 -10.62
C ALA E 184 -67.07 -46.11 -10.40
N PHE E 185 -65.81 -46.32 -10.02
CA PHE E 185 -64.89 -45.20 -9.82
C PHE E 185 -64.41 -44.60 -11.13
N ALA E 186 -64.23 -45.43 -12.16
CA ALA E 186 -63.71 -44.95 -13.43
C ALA E 186 -64.68 -44.03 -14.16
N LEU E 187 -65.96 -44.01 -13.77
CA LEU E 187 -66.96 -43.22 -14.45
C LEU E 187 -67.57 -42.14 -13.56
N ALA E 188 -67.01 -41.92 -12.36
CA ALA E 188 -67.57 -40.93 -11.46
C ALA E 188 -67.41 -39.52 -12.01
N ASP E 189 -66.18 -39.15 -12.40
CA ASP E 189 -65.95 -37.82 -12.94
C ASP E 189 -66.65 -37.63 -14.28
N THR E 190 -66.82 -38.70 -15.06
CA THR E 190 -67.52 -38.59 -16.33
C THR E 190 -69.01 -38.28 -16.15
N ILE E 191 -69.57 -38.58 -14.98
CA ILE E 191 -70.98 -38.33 -14.70
C ILE E 191 -71.18 -36.99 -13.99
N PHE E 192 -70.38 -36.73 -12.96
CA PHE E 192 -70.60 -35.58 -12.08
C PHE E 192 -69.68 -34.41 -12.38
N SER E 193 -68.78 -34.55 -13.34
CA SER E 193 -67.85 -33.47 -13.64
C SER E 193 -67.82 -33.13 -15.13
N THR E 194 -67.35 -34.08 -15.95
CA THR E 194 -67.16 -33.82 -17.37
C THR E 194 -68.48 -33.87 -18.15
N GLN E 195 -69.37 -34.78 -17.76
CA GLN E 195 -70.63 -35.00 -18.49
C GLN E 195 -70.38 -35.28 -19.98
N ASP E 196 -69.30 -36.00 -20.24
CA ASP E 196 -68.96 -36.42 -21.61
C ASP E 196 -69.54 -37.81 -21.84
N PHE E 197 -70.83 -37.84 -22.16
CA PHE E 197 -71.51 -39.13 -22.35
C PHE E 197 -71.01 -39.88 -23.57
N LEU E 198 -70.42 -39.18 -24.55
CA LEU E 198 -69.86 -39.88 -25.69
C LEU E 198 -68.63 -40.69 -25.29
N THR E 199 -67.80 -40.16 -24.39
CA THR E 199 -66.67 -40.92 -23.87
C THR E 199 -67.15 -42.09 -23.00
N LEU E 200 -68.22 -41.87 -22.23
CA LEU E 200 -68.82 -42.98 -21.50
C LEU E 200 -69.31 -44.07 -22.45
N PHE E 201 -69.93 -43.66 -23.56
CA PHE E 201 -70.35 -44.63 -24.58
C PHE E 201 -69.16 -45.37 -25.16
N TYR E 202 -68.07 -44.65 -25.44
CA TYR E 202 -66.87 -45.30 -25.96
C TYR E 202 -66.31 -46.32 -24.96
N THR E 203 -66.29 -45.96 -23.68
CA THR E 203 -65.77 -46.86 -22.65
C THR E 203 -66.60 -48.14 -22.58
N VAL E 204 -67.92 -48.00 -22.54
CA VAL E 204 -68.79 -49.18 -22.54
C VAL E 204 -68.61 -49.96 -23.83
N LYS E 205 -68.36 -49.27 -24.95
CA LYS E 205 -68.20 -49.94 -26.22
C LYS E 205 -66.96 -50.82 -26.25
N VAL E 206 -65.81 -50.26 -25.91
CA VAL E 206 -64.57 -51.06 -25.95
C VAL E 206 -64.59 -52.13 -24.87
N CYS E 207 -65.23 -51.85 -23.73
CA CYS E 207 -65.36 -52.86 -22.69
C CYS E 207 -66.23 -54.02 -23.15
N SER E 208 -67.32 -53.72 -23.85
CA SER E 208 -68.18 -54.77 -24.38
C SER E 208 -67.47 -55.59 -25.45
N LYS E 209 -66.69 -54.94 -26.30
CA LYS E 209 -65.94 -55.67 -27.33
C LYS E 209 -64.94 -56.62 -26.71
N ALA E 210 -64.22 -56.18 -25.67
CA ALA E 210 -63.25 -57.04 -25.01
C ALA E 210 -63.93 -58.21 -24.31
N LEU E 211 -65.08 -57.97 -23.67
CA LEU E 211 -65.80 -59.05 -23.02
C LEU E 211 -66.34 -60.06 -24.02
N LEU E 212 -66.88 -59.58 -25.15
CA LEU E 212 -67.41 -60.50 -26.16
C LEU E 212 -66.30 -61.26 -26.87
N LEU E 213 -65.14 -60.63 -27.06
CA LEU E 213 -64.00 -61.35 -27.63
C LEU E 213 -63.56 -62.49 -26.72
N GLU E 214 -63.48 -62.23 -25.42
CA GLU E 214 -63.11 -63.28 -24.47
C GLU E 214 -64.17 -64.36 -24.42
N ALA E 215 -65.45 -63.99 -24.52
CA ALA E 215 -66.52 -64.98 -24.52
C ALA E 215 -66.47 -65.84 -25.77
N SER E 216 -66.20 -65.23 -26.93
CA SER E 216 -66.09 -66.00 -28.17
C SER E 216 -64.90 -66.95 -28.14
N THR E 217 -63.79 -66.53 -27.53
CA THR E 217 -62.63 -67.40 -27.40
C THR E 217 -62.94 -68.59 -26.49
N HIS E 218 -63.72 -68.37 -25.43
CA HIS E 218 -64.13 -69.48 -24.58
C HIS E 218 -65.07 -70.43 -25.32
N LEU E 219 -65.94 -69.89 -26.17
CA LEU E 219 -66.86 -70.73 -26.92
C LEU E 219 -66.12 -71.58 -27.95
N SER E 220 -65.11 -71.02 -28.60
CA SER E 220 -64.33 -71.77 -29.57
C SER E 220 -63.50 -72.88 -28.93
N GLN E 221 -63.28 -72.80 -27.62
CA GLN E 221 -62.52 -73.82 -26.91
C GLN E 221 -63.42 -74.76 -26.12
N VAL F 16 -90.06 -41.52 -31.68
CA VAL F 16 -89.23 -40.53 -31.02
C VAL F 16 -87.88 -40.43 -31.75
N VAL F 17 -87.46 -41.54 -32.34
CA VAL F 17 -86.24 -41.53 -33.16
C VAL F 17 -86.38 -40.51 -34.29
N ALA F 18 -87.46 -40.62 -35.06
CA ALA F 18 -87.76 -39.59 -36.06
C ALA F 18 -88.22 -38.30 -35.40
N GLY F 19 -88.79 -38.39 -34.19
CA GLY F 19 -89.24 -37.19 -33.51
C GLY F 19 -88.09 -36.30 -33.06
N LEU F 20 -87.09 -36.91 -32.41
CA LEU F 20 -85.92 -36.14 -32.01
C LEU F 20 -85.04 -35.79 -33.21
N ALA F 21 -85.10 -36.59 -34.27
CA ALA F 21 -84.36 -36.26 -35.49
C ALA F 21 -84.94 -35.02 -36.16
N VAL F 22 -86.27 -34.93 -36.25
CA VAL F 22 -86.90 -33.75 -36.82
C VAL F 22 -86.73 -32.55 -35.90
N LEU F 23 -86.80 -32.76 -34.59
CA LEU F 23 -86.54 -31.68 -33.65
C LEU F 23 -85.13 -31.13 -33.83
N LEU F 24 -84.15 -32.01 -34.05
CA LEU F 24 -82.80 -31.55 -34.33
C LEU F 24 -82.70 -30.90 -35.70
N GLN F 25 -83.49 -31.37 -36.67
CA GLN F 25 -83.55 -30.68 -37.96
C GLN F 25 -84.10 -29.27 -37.79
N LEU F 26 -85.12 -29.12 -36.94
CA LEU F 26 -85.71 -27.79 -36.72
C LEU F 26 -84.72 -26.88 -35.99
N ILE F 27 -84.10 -27.39 -34.93
CA ILE F 27 -83.17 -26.57 -34.14
C ILE F 27 -81.92 -26.25 -34.95
N ARG F 28 -81.34 -27.25 -35.60
CA ARG F 28 -80.15 -26.98 -36.41
C ARG F 28 -80.47 -26.13 -37.64
N GLY F 29 -81.71 -26.19 -38.12
CA GLY F 29 -82.11 -25.30 -39.21
C GLY F 29 -82.19 -23.86 -38.76
N TRP F 30 -82.69 -23.62 -37.56
CA TRP F 30 -82.68 -22.28 -36.99
C TRP F 30 -81.27 -21.76 -36.78
N LEU F 31 -80.37 -22.61 -36.27
CA LEU F 31 -79.00 -22.19 -36.04
C LEU F 31 -78.26 -21.94 -37.36
N SER F 32 -78.69 -22.58 -38.44
CA SER F 32 -78.05 -22.40 -39.74
C SER F 32 -78.60 -21.23 -40.53
N SER F 33 -79.73 -20.67 -40.13
CA SER F 33 -80.36 -19.56 -40.86
C SER F 33 -80.59 -18.33 -39.99
N LYS F 34 -79.98 -18.26 -38.80
CA LYS F 34 -80.22 -17.17 -37.86
C LYS F 34 -79.17 -16.09 -38.04
N SER F 35 -79.57 -14.94 -38.61
CA SER F 35 -78.77 -13.73 -38.58
C SER F 35 -78.15 -13.49 -37.21
N TYR F 36 -76.84 -13.71 -37.10
CA TYR F 36 -76.08 -13.54 -35.88
C TYR F 36 -75.50 -12.13 -35.78
N VAL F 37 -75.10 -11.77 -34.56
CA VAL F 37 -74.50 -10.46 -34.29
C VAL F 37 -73.00 -10.50 -34.54
N PHE F 38 -72.31 -11.40 -33.85
CA PHE F 38 -70.86 -11.53 -33.90
C PHE F 38 -70.46 -12.66 -34.84
N ASN F 39 -69.17 -12.75 -35.11
CA ASN F 39 -68.58 -13.90 -35.79
C ASN F 39 -67.22 -14.18 -35.16
N ARG F 40 -66.78 -15.44 -35.29
CA ARG F 40 -65.55 -15.85 -34.61
C ARG F 40 -64.32 -15.13 -35.15
N GLU F 41 -64.32 -14.79 -36.45
CA GLU F 41 -63.18 -14.08 -37.00
C GLU F 41 -63.09 -12.66 -36.45
N GLU F 42 -64.24 -12.01 -36.24
CA GLU F 42 -64.24 -10.66 -35.70
C GLU F 42 -63.62 -10.61 -34.31
N ILE F 43 -64.08 -11.48 -33.42
CA ILE F 43 -63.55 -11.50 -32.05
C ILE F 43 -62.08 -11.93 -32.07
N ALA F 44 -61.72 -12.86 -32.96
CA ALA F 44 -60.34 -13.32 -33.03
C ALA F 44 -59.41 -12.20 -33.48
N ARG F 45 -59.80 -11.44 -34.49
CA ARG F 45 -58.97 -10.33 -34.96
C ARG F 45 -58.86 -9.24 -33.91
N LEU F 46 -59.99 -8.86 -33.30
CA LEU F 46 -59.97 -7.81 -32.28
C LEU F 46 -59.10 -8.20 -31.10
N ALA F 47 -59.06 -9.48 -30.74
CA ALA F 47 -58.22 -9.91 -29.63
C ALA F 47 -56.77 -10.02 -30.06
N LYS F 48 -56.51 -10.48 -31.28
CA LYS F 48 -55.13 -10.63 -31.74
C LYS F 48 -54.46 -9.29 -31.98
N GLU F 49 -55.23 -8.23 -32.24
CA GLU F 49 -54.64 -6.91 -32.39
C GLU F 49 -53.96 -6.45 -31.11
N HIS F 50 -54.52 -6.83 -29.96
CA HIS F 50 -54.01 -6.39 -28.67
C HIS F 50 -53.17 -7.46 -27.98
N SER F 51 -52.92 -8.59 -28.64
CA SER F 51 -52.00 -9.58 -28.10
C SER F 51 -50.58 -9.01 -28.04
N GLY F 52 -49.83 -9.45 -27.04
CA GLY F 52 -48.53 -8.88 -26.78
C GLY F 52 -48.55 -7.62 -25.94
N LEU F 53 -49.72 -7.22 -25.45
CA LEU F 53 -49.88 -6.10 -24.54
C LEU F 53 -50.34 -6.63 -23.19
N ASP F 54 -50.42 -5.72 -22.22
CA ASP F 54 -50.95 -6.11 -20.92
C ASP F 54 -52.39 -6.59 -21.06
N TYR F 55 -52.69 -7.75 -20.48
CA TYR F 55 -54.00 -8.36 -20.69
C TYR F 55 -55.12 -7.50 -20.13
N GLU F 56 -54.83 -6.70 -19.10
CA GLU F 56 -55.85 -5.78 -18.59
C GLU F 56 -56.13 -4.67 -19.58
N VAL F 57 -55.08 -4.09 -20.18
CA VAL F 57 -55.28 -3.07 -21.20
C VAL F 57 -55.97 -3.67 -22.42
N ALA F 58 -55.61 -4.90 -22.78
CA ALA F 58 -56.28 -5.57 -23.90
C ALA F 58 -57.75 -5.79 -23.60
N PHE F 59 -58.08 -6.20 -22.36
CA PHE F 59 -59.47 -6.38 -21.97
C PHE F 59 -60.27 -5.08 -22.16
N SER F 60 -59.76 -3.97 -21.63
CA SER F 60 -60.49 -2.71 -21.70
C SER F 60 -60.64 -2.23 -23.14
N LYS F 61 -59.57 -2.29 -23.93
CA LYS F 61 -59.65 -1.83 -25.31
C LYS F 61 -60.62 -2.66 -26.13
N ILE F 62 -60.68 -3.98 -25.87
CA ILE F 62 -61.60 -4.84 -26.60
C ILE F 62 -63.04 -4.53 -26.21
N ILE F 63 -63.28 -4.26 -24.92
CA ILE F 63 -64.63 -3.89 -24.47
C ILE F 63 -65.07 -2.59 -25.13
N VAL F 64 -64.15 -1.62 -25.24
CA VAL F 64 -64.48 -0.35 -25.87
C VAL F 64 -64.82 -0.55 -27.34
N GLU F 65 -64.02 -1.35 -28.04
CA GLU F 65 -64.26 -1.60 -29.46
C GLU F 65 -65.57 -2.36 -29.67
N LEU F 66 -65.88 -3.31 -28.78
CA LEU F 66 -67.12 -4.07 -28.91
C LEU F 66 -68.34 -3.19 -28.69
N ARG F 67 -68.30 -2.32 -27.68
CA ARG F 67 -69.41 -1.40 -27.45
C ARG F 67 -69.51 -0.34 -28.54
N LYS F 68 -68.41 -0.03 -29.22
CA LYS F 68 -68.48 0.92 -30.32
C LYS F 68 -69.12 0.29 -31.55
N LYS F 69 -68.61 -0.86 -31.99
CA LYS F 69 -69.10 -1.48 -33.20
C LYS F 69 -70.41 -2.23 -33.00
N HIS F 70 -70.78 -2.54 -31.77
CA HIS F 70 -72.03 -3.23 -31.47
C HIS F 70 -72.68 -2.59 -30.26
N PRO F 71 -73.34 -1.45 -30.46
CA PRO F 71 -74.02 -0.80 -29.33
C PRO F 71 -75.26 -1.57 -28.91
N GLY F 72 -75.54 -1.52 -27.61
CA GLY F 72 -76.71 -2.18 -27.07
C GLY F 72 -76.60 -3.70 -26.97
N HIS F 73 -75.43 -4.27 -27.24
CA HIS F 73 -75.23 -5.71 -27.18
C HIS F 73 -74.18 -6.14 -26.16
N ILE F 74 -73.44 -5.21 -25.57
CA ILE F 74 -72.43 -5.54 -24.57
C ILE F 74 -72.82 -4.89 -23.26
N LEU F 75 -72.71 -5.65 -22.17
CA LEU F 75 -73.06 -5.15 -20.84
C LEU F 75 -72.23 -3.94 -20.48
N GLN F 76 -72.81 -3.07 -19.64
CA GLN F 76 -72.13 -1.89 -19.17
C GLN F 76 -71.16 -2.24 -18.05
N ASP F 77 -70.30 -1.28 -17.70
CA ASP F 77 -69.32 -1.50 -16.64
C ASP F 77 -70.00 -1.72 -15.30
N GLU F 78 -71.22 -1.20 -15.14
CA GLU F 78 -71.96 -1.40 -13.89
C GLU F 78 -72.31 -2.88 -13.71
N ASP F 79 -72.50 -3.61 -14.80
CA ASP F 79 -72.93 -5.00 -14.76
C ASP F 79 -71.79 -5.99 -15.00
N LEU F 80 -70.54 -5.55 -14.87
CA LEU F 80 -69.38 -6.40 -15.09
C LEU F 80 -68.78 -6.85 -13.76
N GLN F 81 -68.47 -8.14 -13.67
CA GLN F 81 -67.80 -8.68 -12.49
C GLN F 81 -67.13 -9.99 -12.85
N TRP F 82 -65.98 -10.25 -12.21
CA TRP F 82 -65.27 -11.50 -12.40
C TRP F 82 -65.95 -12.59 -11.58
N VAL F 83 -66.40 -13.64 -12.26
CA VAL F 83 -67.10 -14.76 -11.63
C VAL F 83 -66.24 -16.01 -11.82
N PHE F 84 -66.04 -16.76 -10.74
CA PHE F 84 -65.30 -18.00 -10.84
C PHE F 84 -66.06 -19.03 -11.68
N VAL F 85 -65.30 -19.88 -12.36
CA VAL F 85 -65.86 -20.93 -13.20
C VAL F 85 -65.10 -22.22 -12.91
N ASN F 86 -65.78 -23.21 -12.34
CA ASN F 86 -65.23 -24.53 -12.07
C ASN F 86 -65.94 -25.55 -12.95
N ALA F 87 -65.19 -26.25 -13.78
CA ALA F 87 -65.77 -27.23 -14.69
C ALA F 87 -64.68 -28.19 -15.15
N GLY F 88 -65.05 -29.47 -15.29
CA GLY F 88 -64.18 -30.47 -15.88
C GLY F 88 -62.85 -30.72 -15.18
N GLY F 89 -62.67 -30.17 -13.98
CA GLY F 89 -61.45 -30.33 -13.25
C GLY F 89 -60.51 -29.13 -13.27
N TRP F 90 -60.87 -28.08 -13.98
CA TRP F 90 -60.09 -26.84 -13.99
C TRP F 90 -60.90 -25.72 -13.35
N MET F 91 -60.20 -24.65 -12.99
CA MET F 91 -60.83 -23.51 -12.33
C MET F 91 -60.29 -22.23 -12.93
N GLY F 92 -61.19 -21.35 -13.35
CA GLY F 92 -60.80 -20.04 -13.86
C GLY F 92 -61.82 -18.98 -13.48
N SER F 93 -61.84 -17.87 -14.22
CA SER F 93 -62.80 -16.81 -13.97
C SER F 93 -63.21 -16.20 -15.31
N MET F 94 -64.43 -15.68 -15.35
CA MET F 94 -64.99 -15.11 -16.56
C MET F 94 -65.55 -13.72 -16.28
N CYS F 95 -65.58 -12.90 -17.33
CA CYS F 95 -66.26 -11.61 -17.30
C CYS F 95 -67.15 -11.57 -18.54
N LEU F 96 -68.44 -11.75 -18.35
CA LEU F 96 -69.37 -11.91 -19.48
C LEU F 96 -69.69 -10.55 -20.07
N LEU F 97 -69.32 -10.36 -21.34
CA LEU F 97 -69.59 -9.13 -22.06
C LEU F 97 -70.93 -9.17 -22.79
N HIS F 98 -71.22 -10.29 -23.46
CA HIS F 98 -72.46 -10.48 -24.19
C HIS F 98 -72.89 -11.93 -24.07
N ALA F 99 -74.20 -12.16 -24.05
CA ALA F 99 -74.73 -13.52 -24.00
C ALA F 99 -76.17 -13.51 -24.50
N SER F 100 -76.48 -14.46 -25.38
CA SER F 100 -77.83 -14.64 -25.90
C SER F 100 -78.12 -16.15 -25.87
N LEU F 101 -79.16 -16.56 -26.59
CA LEU F 101 -79.49 -17.99 -26.67
C LEU F 101 -78.62 -18.74 -27.67
N THR F 102 -77.91 -18.02 -28.55
CA THR F 102 -77.04 -18.64 -29.55
C THR F 102 -75.63 -18.12 -29.56
N GLU F 103 -75.34 -16.98 -28.92
CA GLU F 103 -74.02 -16.39 -28.89
C GLU F 103 -73.66 -15.99 -27.46
N TYR F 104 -72.36 -15.93 -27.19
CA TYR F 104 -71.89 -15.33 -25.94
C TYR F 104 -70.44 -14.91 -26.11
N VAL F 105 -70.09 -13.77 -25.51
CA VAL F 105 -68.74 -13.23 -25.53
C VAL F 105 -68.32 -12.95 -24.09
N LEU F 106 -67.12 -13.37 -23.72
CA LEU F 106 -66.62 -13.12 -22.38
C LEU F 106 -65.11 -13.05 -22.40
N LEU F 107 -64.54 -12.59 -21.28
CA LEU F 107 -63.11 -12.58 -21.05
C LEU F 107 -62.81 -13.66 -20.02
N PHE F 108 -62.12 -14.71 -20.44
CA PHE F 108 -61.82 -15.85 -19.59
C PHE F 108 -60.33 -15.92 -19.28
N GLY F 109 -60.02 -16.57 -18.17
CA GLY F 109 -58.63 -16.81 -17.82
C GLY F 109 -58.52 -17.24 -16.38
N THR F 110 -57.30 -17.61 -16.01
CA THR F 110 -56.99 -18.05 -14.66
C THR F 110 -55.66 -17.48 -14.21
N ALA F 111 -55.55 -17.22 -12.92
CA ALA F 111 -54.31 -16.79 -12.29
C ALA F 111 -53.64 -17.93 -11.52
N VAL F 112 -54.11 -19.16 -11.70
CA VAL F 112 -53.49 -20.34 -11.10
C VAL F 112 -53.34 -21.39 -12.20
N ASP F 113 -52.54 -22.40 -11.89
CA ASP F 113 -52.32 -23.52 -12.80
C ASP F 113 -53.45 -24.52 -12.64
N THR F 114 -54.30 -24.63 -13.65
CA THR F 114 -55.42 -25.55 -13.65
C THR F 114 -55.50 -26.23 -15.00
N GLY F 115 -56.40 -27.22 -15.09
CA GLY F 115 -56.62 -27.99 -16.30
C GLY F 115 -57.60 -29.13 -16.13
N GLY F 116 -58.20 -29.59 -17.22
CA GLY F 116 -59.13 -30.70 -17.13
C GLY F 116 -59.87 -30.92 -18.43
N HIS F 117 -61.12 -31.35 -18.29
CA HIS F 117 -61.93 -31.67 -19.45
C HIS F 117 -62.53 -30.41 -20.06
N SER F 118 -62.34 -30.23 -21.38
CA SER F 118 -62.85 -29.05 -22.05
C SER F 118 -64.37 -29.07 -22.16
N GLY F 119 -64.98 -30.25 -22.11
CA GLY F 119 -66.42 -30.35 -22.21
C GLY F 119 -66.90 -30.56 -23.62
N ARG F 120 -67.86 -31.47 -23.81
CA ARG F 120 -68.45 -31.76 -25.11
C ARG F 120 -69.88 -31.23 -25.10
N TYR F 121 -70.14 -30.20 -25.90
CA TYR F 121 -71.44 -29.55 -25.91
C TYR F 121 -71.79 -29.14 -27.33
N TRP F 122 -73.02 -28.62 -27.49
CA TRP F 122 -73.53 -28.25 -28.80
C TRP F 122 -73.25 -26.76 -29.07
N ALA F 123 -71.96 -26.44 -29.14
CA ALA F 123 -71.55 -25.05 -29.34
C ALA F 123 -70.11 -25.00 -29.84
N GLU F 124 -69.87 -24.18 -30.85
CA GLU F 124 -68.53 -23.92 -31.34
C GLU F 124 -67.93 -22.73 -30.59
N ILE F 125 -66.76 -22.92 -30.01
CA ILE F 125 -66.12 -21.93 -29.15
C ILE F 125 -64.76 -21.57 -29.73
N SER F 126 -64.47 -20.26 -29.74
CA SER F 126 -63.18 -19.75 -30.22
C SER F 126 -62.54 -18.92 -29.12
N ASP F 127 -61.29 -19.23 -28.79
CA ASP F 127 -60.53 -18.54 -27.75
C ASP F 127 -59.24 -18.00 -28.36
N THR F 128 -59.03 -16.69 -28.23
CA THR F 128 -57.80 -16.04 -28.68
C THR F 128 -56.99 -15.66 -27.45
N ILE F 129 -55.83 -16.28 -27.28
CA ILE F 129 -55.02 -16.09 -26.08
C ILE F 129 -54.39 -14.71 -26.11
N LEU F 130 -54.63 -13.91 -25.05
CA LEU F 130 -53.99 -12.62 -24.87
C LEU F 130 -52.66 -12.73 -24.12
N SER F 131 -52.58 -13.62 -23.13
CA SER F 131 -51.36 -13.82 -22.38
C SER F 131 -51.37 -15.22 -21.79
N GLY F 132 -50.18 -15.74 -21.49
CA GLY F 132 -50.03 -17.05 -20.91
C GLY F 132 -49.78 -18.13 -21.94
N THR F 133 -50.15 -19.35 -21.57
CA THR F 133 -50.01 -20.50 -22.46
C THR F 133 -51.28 -21.34 -22.39
N PHE F 134 -51.54 -22.09 -23.46
CA PHE F 134 -52.72 -22.93 -23.57
C PHE F 134 -52.26 -24.28 -24.10
N ARG F 135 -52.30 -25.31 -23.26
CA ARG F 135 -52.00 -26.67 -23.70
C ARG F 135 -53.31 -27.36 -24.06
N GLN F 136 -53.43 -27.84 -25.29
CA GLN F 136 -54.62 -28.55 -25.75
C GLN F 136 -54.22 -29.96 -26.13
N TRP F 137 -55.01 -30.93 -25.67
CA TRP F 137 -54.78 -32.35 -25.94
C TRP F 137 -56.03 -32.88 -26.65
N LYS F 138 -55.95 -33.00 -27.96
CA LYS F 138 -57.10 -33.42 -28.75
C LYS F 138 -57.39 -34.90 -28.54
N GLU F 139 -58.63 -35.27 -28.83
CA GLU F 139 -59.08 -36.64 -28.61
C GLU F 139 -58.44 -37.59 -29.62
N GLY F 140 -58.08 -38.78 -29.14
CA GLY F 140 -57.54 -39.81 -30.00
C GLY F 140 -56.06 -39.71 -30.33
N THR F 141 -55.34 -38.79 -29.71
CA THR F 141 -53.92 -38.60 -29.95
C THR F 141 -53.13 -38.86 -28.69
N THR F 142 -51.80 -38.91 -28.84
CA THR F 142 -50.89 -39.13 -27.72
C THR F 142 -49.96 -37.94 -27.49
N LYS F 143 -50.15 -36.84 -28.22
CA LYS F 143 -49.34 -35.64 -28.06
C LYS F 143 -50.25 -34.43 -27.95
N SER F 144 -49.78 -33.43 -27.21
CA SER F 144 -50.51 -32.20 -26.99
C SER F 144 -49.78 -31.04 -27.65
N GLU F 145 -50.51 -29.96 -27.89
CA GLU F 145 -49.96 -28.77 -28.50
C GLU F 145 -50.07 -27.63 -27.51
N ILE F 146 -49.10 -26.71 -27.57
CA ILE F 146 -49.05 -25.55 -26.68
C ILE F 146 -49.23 -24.30 -27.53
N PHE F 147 -50.20 -23.47 -27.15
CA PHE F 147 -50.51 -22.26 -27.87
C PHE F 147 -50.15 -21.04 -27.02
N TYR F 148 -49.70 -20.00 -27.68
CA TYR F 148 -49.11 -18.83 -27.04
C TYR F 148 -49.94 -17.59 -27.39
N PRO F 149 -49.67 -16.43 -26.77
CA PRO F 149 -50.45 -15.23 -27.10
C PRO F 149 -50.44 -14.93 -28.59
N GLY F 150 -51.61 -14.58 -29.11
CA GLY F 150 -51.83 -14.34 -30.52
C GLY F 150 -52.54 -15.48 -31.21
N ASP F 151 -52.37 -16.70 -30.73
CA ASP F 151 -53.02 -17.84 -31.34
C ASP F 151 -54.50 -17.86 -31.00
N THR F 152 -55.28 -18.53 -31.85
CA THR F 152 -56.71 -18.67 -31.68
C THR F 152 -57.09 -20.14 -31.83
N ILE F 153 -57.78 -20.68 -30.83
CA ILE F 153 -58.12 -22.09 -30.78
C ILE F 153 -59.63 -22.23 -30.95
N VAL F 154 -60.05 -23.13 -31.83
CA VAL F 154 -61.45 -23.33 -32.16
C VAL F 154 -61.85 -24.72 -31.64
N HIS F 155 -62.68 -24.72 -30.60
CA HIS F 155 -63.26 -25.95 -30.06
C HIS F 155 -64.57 -26.21 -30.79
N GLU F 156 -64.55 -27.16 -31.73
CA GLU F 156 -65.69 -27.39 -32.60
C GLU F 156 -66.81 -28.12 -31.86
N VAL F 157 -67.97 -28.20 -32.52
CA VAL F 157 -69.12 -28.86 -31.94
C VAL F 157 -68.86 -30.36 -31.85
N GLY F 158 -69.18 -30.95 -30.70
CA GLY F 158 -68.97 -32.37 -30.48
C GLY F 158 -67.56 -32.79 -30.19
N GLU F 159 -66.59 -31.87 -30.25
CA GLU F 159 -65.22 -32.22 -29.95
C GLU F 159 -64.99 -32.18 -28.45
N ALA F 160 -64.12 -33.08 -27.97
CA ALA F 160 -63.76 -33.14 -26.56
C ALA F 160 -62.24 -33.19 -26.45
N THR F 161 -61.65 -32.21 -25.76
CA THR F 161 -60.21 -32.13 -25.59
C THR F 161 -59.87 -31.94 -24.11
N SER F 162 -58.58 -32.08 -23.81
CA SER F 162 -58.04 -31.81 -22.49
C SER F 162 -57.31 -30.47 -22.51
N VAL F 163 -57.69 -29.57 -21.61
CA VAL F 163 -57.12 -28.22 -21.57
C VAL F 163 -56.22 -28.11 -20.35
N GLN F 164 -55.24 -27.20 -20.46
CA GLN F 164 -54.34 -26.87 -19.37
C GLN F 164 -53.86 -25.44 -19.55
N TRP F 165 -53.83 -24.69 -18.45
CA TRP F 165 -53.45 -23.29 -18.50
C TRP F 165 -52.36 -23.01 -17.47
N SER F 166 -51.57 -21.98 -17.75
CA SER F 166 -50.50 -21.58 -16.86
C SER F 166 -51.03 -20.59 -15.81
N SER F 167 -50.12 -20.09 -14.98
CA SER F 167 -50.48 -19.22 -13.86
C SER F 167 -50.77 -17.79 -14.29
N GLY F 168 -50.93 -17.52 -15.59
CA GLY F 168 -51.22 -16.17 -16.03
C GLY F 168 -51.92 -16.11 -17.37
N THR F 169 -52.80 -17.08 -17.62
CA THR F 169 -53.44 -17.21 -18.93
C THR F 169 -54.73 -16.38 -18.96
N TRP F 170 -54.89 -15.60 -20.03
CA TRP F 170 -56.08 -14.79 -20.21
C TRP F 170 -56.40 -14.70 -21.70
N MET F 171 -57.68 -14.79 -22.04
CA MET F 171 -58.10 -14.92 -23.42
C MET F 171 -59.48 -14.30 -23.60
N VAL F 172 -59.81 -13.99 -24.85
CA VAL F 172 -61.14 -13.53 -25.23
C VAL F 172 -61.83 -14.67 -25.97
N GLU F 173 -63.03 -15.02 -25.52
CA GLU F 173 -63.73 -16.21 -25.98
C GLU F 173 -65.09 -15.86 -26.56
N TYR F 174 -65.44 -16.50 -27.67
CA TYR F 174 -66.73 -16.33 -28.32
C TYR F 174 -67.32 -17.69 -28.67
N GLY F 175 -68.58 -17.89 -28.34
CA GLY F 175 -69.24 -19.18 -28.54
C GLY F 175 -70.49 -19.07 -29.39
N ARG F 176 -70.68 -20.04 -30.28
CA ARG F 176 -71.83 -20.10 -31.16
C ARG F 176 -72.48 -21.47 -31.05
N GLY F 177 -73.81 -21.51 -31.08
CA GLY F 177 -74.54 -22.76 -31.06
C GLY F 177 -75.70 -22.75 -30.08
N PHE F 178 -76.09 -23.92 -29.60
CA PHE F 178 -77.16 -24.04 -28.61
C PHE F 178 -76.56 -23.76 -27.24
N ILE F 179 -76.58 -22.47 -26.85
CA ILE F 179 -75.90 -22.07 -25.62
C ILE F 179 -76.50 -22.71 -24.37
N PRO F 180 -77.82 -22.77 -24.18
CA PRO F 180 -78.36 -23.35 -22.93
C PRO F 180 -77.83 -24.73 -22.61
N SER F 181 -77.44 -25.52 -23.62
CA SER F 181 -76.92 -26.86 -23.36
C SER F 181 -75.57 -26.81 -22.65
N THR F 182 -74.78 -25.78 -22.91
CA THR F 182 -73.44 -25.72 -22.36
C THR F 182 -73.44 -25.42 -20.86
N CYS F 183 -74.49 -24.75 -20.36
CA CYS F 183 -74.52 -24.38 -18.95
C CYS F 183 -74.55 -25.58 -18.03
N ALA F 184 -75.00 -26.74 -18.51
CA ALA F 184 -74.94 -27.95 -17.69
C ALA F 184 -73.51 -28.31 -17.32
N PHE F 185 -72.58 -28.19 -18.28
CA PHE F 185 -71.19 -28.48 -18.01
C PHE F 185 -70.55 -27.40 -17.15
N ALA F 186 -70.95 -26.15 -17.34
CA ALA F 186 -70.34 -25.05 -16.60
C ALA F 186 -70.70 -25.07 -15.12
N LEU F 187 -71.73 -25.81 -14.72
CA LEU F 187 -72.19 -25.83 -13.33
C LEU F 187 -72.09 -27.20 -12.68
N ALA F 188 -71.46 -28.16 -13.35
CA ALA F 188 -71.36 -29.50 -12.78
C ALA F 188 -70.45 -29.52 -11.55
N ASP F 189 -69.23 -28.99 -11.69
CA ASP F 189 -68.30 -28.97 -10.56
C ASP F 189 -68.79 -28.07 -9.43
N THR F 190 -69.53 -27.00 -9.77
CA THR F 190 -70.08 -26.13 -8.75
C THR F 190 -71.15 -26.85 -7.92
N ILE F 191 -71.72 -27.92 -8.45
CA ILE F 191 -72.75 -28.67 -7.74
C ILE F 191 -72.15 -29.82 -6.95
N PHE F 192 -71.27 -30.60 -7.57
CA PHE F 192 -70.76 -31.84 -6.98
C PHE F 192 -69.36 -31.72 -6.41
N SER F 193 -68.71 -30.56 -6.52
CA SER F 193 -67.35 -30.45 -6.01
C SER F 193 -67.15 -29.22 -5.13
N THR F 194 -67.31 -28.03 -5.70
CA THR F 194 -67.05 -26.81 -4.94
C THR F 194 -68.21 -26.46 -4.02
N GLN F 195 -69.45 -26.72 -4.46
CA GLN F 195 -70.65 -26.38 -3.70
C GLN F 195 -70.66 -24.89 -3.33
N ASP F 196 -70.13 -24.07 -4.24
CA ASP F 196 -70.09 -22.62 -4.08
C ASP F 196 -71.35 -22.04 -4.75
N PHE F 197 -72.46 -22.14 -4.03
CA PHE F 197 -73.74 -21.72 -4.60
C PHE F 197 -73.83 -20.21 -4.81
N LEU F 198 -73.02 -19.43 -4.10
CA LEU F 198 -72.98 -18.00 -4.36
C LEU F 198 -72.40 -17.72 -5.74
N THR F 199 -71.38 -18.50 -6.14
CA THR F 199 -70.85 -18.37 -7.49
C THR F 199 -71.88 -18.80 -8.52
N LEU F 200 -72.67 -19.84 -8.20
CA LEU F 200 -73.79 -20.20 -9.07
C LEU F 200 -74.79 -19.05 -9.18
N PHE F 201 -75.07 -18.38 -8.06
CA PHE F 201 -75.96 -17.23 -8.12
C PHE F 201 -75.38 -16.11 -9.00
N TYR F 202 -74.08 -15.84 -8.86
CA TYR F 202 -73.45 -14.83 -9.70
C TYR F 202 -73.53 -15.19 -11.17
N THR F 203 -73.30 -16.46 -11.51
CA THR F 203 -73.36 -16.89 -12.90
C THR F 203 -74.77 -16.71 -13.46
N VAL F 204 -75.78 -17.15 -12.70
CA VAL F 204 -77.17 -16.96 -13.13
C VAL F 204 -77.51 -15.47 -13.21
N LYS F 205 -76.94 -14.67 -12.31
CA LYS F 205 -77.24 -13.23 -12.30
C LYS F 205 -76.71 -12.54 -13.56
N VAL F 206 -75.42 -12.72 -13.85
CA VAL F 206 -74.82 -12.05 -15.01
C VAL F 206 -75.40 -12.58 -16.30
N CYS F 207 -75.76 -13.87 -16.34
CA CYS F 207 -76.40 -14.42 -17.52
C CYS F 207 -77.79 -13.82 -17.72
N SER F 208 -78.54 -13.63 -16.63
CA SER F 208 -79.85 -12.99 -16.73
C SER F 208 -79.73 -11.56 -17.19
N LYS F 209 -78.72 -10.83 -16.70
CA LYS F 209 -78.53 -9.46 -17.12
C LYS F 209 -78.22 -9.36 -18.61
N ALA F 210 -77.36 -10.25 -19.11
CA ALA F 210 -77.04 -10.24 -20.53
C ALA F 210 -78.23 -10.62 -21.39
N LEU F 211 -79.01 -11.62 -20.97
CA LEU F 211 -80.20 -12.00 -21.72
C LEU F 211 -81.23 -10.89 -21.73
N LEU F 212 -81.44 -10.23 -20.59
CA LEU F 212 -82.41 -9.15 -20.54
C LEU F 212 -81.93 -7.94 -21.33
N LEU F 213 -80.63 -7.69 -21.36
CA LEU F 213 -80.11 -6.62 -22.21
C LEU F 213 -80.39 -6.91 -23.68
N GLU F 214 -80.15 -8.14 -24.11
CA GLU F 214 -80.41 -8.50 -25.49
C GLU F 214 -81.90 -8.44 -25.81
N ALA F 215 -82.74 -8.84 -24.86
CA ALA F 215 -84.19 -8.76 -25.06
C ALA F 215 -84.66 -7.32 -25.14
N SER F 216 -84.10 -6.43 -24.30
CA SER F 216 -84.47 -5.02 -24.36
C SER F 216 -84.02 -4.38 -25.67
N THR F 217 -82.86 -4.77 -26.17
CA THR F 217 -82.41 -4.27 -27.47
C THR F 217 -83.30 -4.78 -28.60
N HIS F 218 -83.77 -6.03 -28.50
CA HIS F 218 -84.68 -6.55 -29.50
C HIS F 218 -86.03 -5.84 -29.45
N LEU F 219 -86.50 -5.50 -28.26
CA LEU F 219 -87.79 -4.80 -28.15
C LEU F 219 -87.69 -3.39 -28.71
N SER F 220 -86.57 -2.71 -28.49
CA SER F 220 -86.40 -1.37 -29.03
C SER F 220 -86.30 -1.36 -30.55
N GLN F 221 -86.04 -2.51 -31.17
CA GLN F 221 -85.97 -2.60 -32.63
C GLN F 221 -87.22 -3.27 -33.19
N LEU G 9 46.66 -24.40 10.39
CA LEU G 9 45.65 -24.35 11.45
C LEU G 9 44.30 -23.96 10.88
N GLY G 10 43.65 -22.98 11.51
CA GLY G 10 42.33 -22.57 11.08
C GLY G 10 41.34 -23.72 11.09
N LEU G 11 41.23 -24.39 12.24
CA LEU G 11 40.39 -25.58 12.36
C LEU G 11 38.94 -25.30 12.00
N ARG G 12 38.35 -24.24 12.55
CA ARG G 12 36.97 -23.88 12.23
C ARG G 12 36.82 -22.58 11.48
N ALA G 13 37.81 -21.67 11.56
CA ALA G 13 37.72 -20.43 10.81
C ALA G 13 37.72 -20.69 9.31
N VAL G 14 38.54 -21.65 8.86
CA VAL G 14 38.51 -22.02 7.45
C VAL G 14 37.18 -22.68 7.10
N LEU G 15 36.60 -23.41 8.05
CA LEU G 15 35.28 -24.01 7.81
C LEU G 15 34.20 -22.94 7.75
N VAL G 16 34.31 -21.91 8.59
CA VAL G 16 33.35 -20.80 8.52
C VAL G 16 33.49 -20.05 7.19
N VAL G 17 34.73 -19.88 6.73
CA VAL G 17 34.96 -19.25 5.44
C VAL G 17 34.37 -20.09 4.31
N ALA G 18 34.70 -21.39 4.29
CA ALA G 18 34.15 -22.28 3.28
C ALA G 18 32.65 -22.42 3.43
N GLY G 19 32.14 -22.35 4.66
CA GLY G 19 30.71 -22.41 4.88
C GLY G 19 29.99 -21.19 4.36
N LEU G 20 30.59 -20.01 4.54
CA LEU G 20 30.03 -18.80 3.94
C LEU G 20 30.19 -18.80 2.42
N ALA G 21 31.23 -19.47 1.91
CA ALA G 21 31.39 -19.56 0.46
C ALA G 21 30.34 -20.45 -0.16
N VAL G 22 30.07 -21.61 0.45
CA VAL G 22 29.04 -22.50 -0.06
C VAL G 22 27.65 -21.88 0.13
N LEU G 23 27.44 -21.18 1.23
CA LEU G 23 26.19 -20.44 1.41
C LEU G 23 26.02 -19.38 0.34
N LEU G 24 27.12 -18.70 -0.02
CA LEU G 24 27.05 -17.74 -1.12
C LEU G 24 26.79 -18.43 -2.45
N GLN G 25 27.43 -19.58 -2.69
CA GLN G 25 27.16 -20.33 -3.92
C GLN G 25 25.70 -20.74 -4.00
N LEU G 26 25.11 -21.12 -2.86
CA LEU G 26 23.70 -21.51 -2.84
C LEU G 26 22.80 -20.29 -3.07
N ILE G 27 23.06 -19.20 -2.37
CA ILE G 27 22.23 -18.01 -2.51
C ILE G 27 22.39 -17.40 -3.90
N ARG G 28 23.65 -17.26 -4.35
CA ARG G 28 23.88 -16.73 -5.69
C ARG G 28 23.39 -17.70 -6.77
N GLY G 29 23.37 -19.00 -6.46
CA GLY G 29 22.81 -19.94 -7.41
C GLY G 29 21.30 -19.80 -7.55
N TRP G 30 20.61 -19.55 -6.43
CA TRP G 30 19.18 -19.26 -6.49
C TRP G 30 18.92 -17.97 -7.27
N LEU G 31 19.72 -16.94 -7.01
CA LEU G 31 19.55 -15.68 -7.73
C LEU G 31 19.90 -15.83 -9.21
N SER G 32 20.73 -16.80 -9.55
CA SER G 32 21.14 -17.01 -10.93
C SER G 32 20.18 -17.90 -11.73
N SER G 33 19.29 -18.62 -11.05
CA SER G 33 18.36 -19.53 -11.73
C SER G 33 16.90 -19.24 -11.41
N LYS G 34 16.59 -18.08 -10.83
CA LYS G 34 15.23 -17.77 -10.40
C LYS G 34 14.51 -16.97 -11.49
N SER G 35 13.57 -17.62 -12.17
CA SER G 35 12.60 -16.96 -13.04
C SER G 35 12.05 -15.68 -12.41
N TYR G 36 12.49 -14.53 -12.92
CA TYR G 36 12.08 -13.22 -12.43
C TYR G 36 10.86 -12.71 -13.21
N VAL G 37 10.20 -11.70 -12.63
CA VAL G 37 9.02 -11.10 -13.24
C VAL G 37 9.45 -10.00 -14.21
N PHE G 38 10.17 -9.02 -13.70
CA PHE G 38 10.60 -7.85 -14.46
C PHE G 38 12.04 -8.01 -14.92
N ASN G 39 12.46 -7.08 -15.78
CA ASN G 39 13.85 -6.96 -16.17
C ASN G 39 14.18 -5.48 -16.27
N ARG G 40 15.47 -5.16 -16.09
CA ARG G 40 15.86 -3.76 -16.03
C ARG G 40 15.63 -3.05 -17.36
N GLU G 41 15.76 -3.76 -18.48
CA GLU G 41 15.53 -3.13 -19.78
C GLU G 41 14.06 -2.77 -19.97
N GLU G 42 13.15 -3.63 -19.51
CA GLU G 42 11.72 -3.36 -19.64
C GLU G 42 11.34 -2.10 -18.86
N ILE G 43 11.75 -2.03 -17.60
CA ILE G 43 11.44 -0.85 -16.79
C ILE G 43 12.12 0.38 -17.35
N ALA G 44 13.35 0.23 -17.83
CA ALA G 44 14.09 1.37 -18.37
C ALA G 44 13.41 1.94 -19.61
N ARG G 45 12.98 1.06 -20.52
CA ARG G 45 12.31 1.52 -21.73
C ARG G 45 10.97 2.15 -21.43
N LEU G 46 10.17 1.52 -20.56
CA LEU G 46 8.87 2.06 -20.23
C LEU G 46 8.99 3.45 -19.59
N ALA G 47 10.04 3.67 -18.81
CA ALA G 47 10.23 4.99 -18.21
C ALA G 47 10.78 5.99 -19.23
N LYS G 48 11.66 5.54 -20.13
CA LYS G 48 12.23 6.45 -21.11
C LYS G 48 11.20 6.87 -22.15
N GLU G 49 10.15 6.08 -22.35
CA GLU G 49 9.09 6.47 -23.28
C GLU G 49 8.43 7.77 -22.83
N HIS G 50 8.29 7.94 -21.52
CA HIS G 50 7.61 9.10 -20.96
C HIS G 50 8.57 10.17 -20.48
N SER G 51 9.88 9.99 -20.70
CA SER G 51 10.82 11.04 -20.42
C SER G 51 10.56 12.22 -21.35
N GLY G 52 10.79 13.42 -20.83
CA GLY G 52 10.43 14.61 -21.57
C GLY G 52 8.98 15.03 -21.40
N LEU G 53 8.23 14.34 -20.55
CA LEU G 53 6.86 14.69 -20.20
C LEU G 53 6.81 15.05 -18.72
N ASP G 54 5.65 15.53 -18.28
CA ASP G 54 5.44 15.83 -16.88
C ASP G 54 5.59 14.56 -16.05
N TYR G 55 6.40 14.64 -14.98
CA TYR G 55 6.74 13.45 -14.22
C TYR G 55 5.52 12.85 -13.51
N GLU G 56 4.53 13.68 -13.18
CA GLU G 56 3.31 13.15 -12.58
C GLU G 56 2.49 12.37 -13.59
N VAL G 57 2.33 12.92 -14.79
CA VAL G 57 1.64 12.20 -15.87
C VAL G 57 2.40 10.93 -16.23
N ALA G 58 3.75 11.02 -16.25
CA ALA G 58 4.56 9.84 -16.54
C ALA G 58 4.38 8.77 -15.47
N PHE G 59 4.31 9.17 -14.20
CA PHE G 59 4.05 8.21 -13.14
C PHE G 59 2.76 7.44 -13.38
N SER G 60 1.67 8.17 -13.69
CA SER G 60 0.39 7.53 -13.87
C SER G 60 0.40 6.58 -15.07
N LYS G 61 0.97 7.03 -16.19
CA LYS G 61 1.01 6.20 -17.39
C LYS G 61 1.88 4.96 -17.17
N ILE G 62 2.98 5.10 -16.44
CA ILE G 62 3.86 3.97 -16.18
C ILE G 62 3.17 2.95 -15.26
N ILE G 63 2.45 3.45 -14.25
CA ILE G 63 1.71 2.55 -13.36
C ILE G 63 0.63 1.80 -14.14
N VAL G 64 -0.08 2.50 -15.04
CA VAL G 64 -1.11 1.84 -15.84
C VAL G 64 -0.50 0.77 -16.73
N GLU G 65 0.62 1.08 -17.38
CA GLU G 65 1.27 0.11 -18.25
C GLU G 65 1.79 -1.08 -17.47
N LEU G 66 2.34 -0.84 -16.26
CA LEU G 66 2.84 -1.96 -15.46
C LEU G 66 1.71 -2.86 -14.98
N ARG G 67 0.58 -2.27 -14.56
CA ARG G 67 -0.55 -3.08 -14.14
C ARG G 67 -1.21 -3.80 -15.31
N LYS G 68 -1.06 -3.28 -16.54
CA LYS G 68 -1.60 -3.96 -17.70
C LYS G 68 -0.77 -5.18 -18.06
N LYS G 69 0.54 -4.99 -18.20
CA LYS G 69 1.41 -6.08 -18.63
C LYS G 69 1.75 -7.05 -17.52
N HIS G 70 1.58 -6.67 -16.25
CA HIS G 70 1.86 -7.54 -15.12
C HIS G 70 0.77 -7.40 -14.08
N PRO G 71 -0.39 -8.03 -14.31
CA PRO G 71 -1.46 -7.96 -13.31
C PRO G 71 -1.11 -8.81 -12.09
N GLY G 72 -1.59 -8.36 -10.94
CA GLY G 72 -1.32 -9.06 -9.70
C GLY G 72 0.08 -8.89 -9.15
N HIS G 73 0.89 -8.01 -9.73
CA HIS G 73 2.24 -7.78 -9.26
C HIS G 73 2.49 -6.34 -8.82
N ILE G 74 1.58 -5.41 -9.10
CA ILE G 74 1.72 -4.01 -8.70
C ILE G 74 0.60 -3.68 -7.72
N LEU G 75 0.96 -3.00 -6.63
CA LEU G 75 0.00 -2.63 -5.62
C LEU G 75 -1.10 -1.73 -6.20
N GLN G 76 -2.28 -1.79 -5.59
CA GLN G 76 -3.39 -0.96 -6.01
C GLN G 76 -3.21 0.46 -5.49
N ASP G 77 -4.04 1.37 -6.00
CA ASP G 77 -3.96 2.77 -5.58
C ASP G 77 -4.23 2.94 -4.10
N GLU G 78 -4.98 2.01 -3.50
CA GLU G 78 -5.26 2.08 -2.08
C GLU G 78 -3.99 1.88 -1.24
N ASP G 79 -3.03 1.11 -1.74
CA ASP G 79 -1.82 0.79 -1.01
C ASP G 79 -0.62 1.63 -1.45
N LEU G 80 -0.84 2.72 -2.18
CA LEU G 80 0.22 3.59 -2.64
C LEU G 80 0.28 4.84 -1.78
N GLN G 81 1.50 5.22 -1.36
CA GLN G 81 1.71 6.45 -0.62
C GLN G 81 3.18 6.83 -0.70
N TRP G 82 3.44 8.13 -0.74
CA TRP G 82 4.81 8.63 -0.77
C TRP G 82 5.41 8.55 0.63
N VAL G 83 6.52 7.83 0.75
CA VAL G 83 7.22 7.65 2.02
C VAL G 83 8.60 8.27 1.88
N PHE G 84 9.00 9.05 2.89
CA PHE G 84 10.33 9.64 2.89
C PHE G 84 11.41 8.57 3.03
N VAL G 85 12.57 8.85 2.44
CA VAL G 85 13.71 7.93 2.46
C VAL G 85 14.96 8.73 2.81
N ASN G 86 15.54 8.46 3.97
CA ASN G 86 16.79 9.06 4.41
C ASN G 86 17.85 7.98 4.47
N ALA G 87 18.93 8.15 3.71
CA ALA G 87 19.98 7.15 3.67
C ALA G 87 21.26 7.80 3.16
N GLY G 88 22.38 7.40 3.75
CA GLY G 88 23.68 7.82 3.29
C GLY G 88 23.95 9.32 3.28
N GLY G 89 23.08 10.11 3.90
CA GLY G 89 23.24 11.54 3.92
C GLY G 89 22.35 12.32 2.96
N TRP G 90 21.52 11.63 2.18
CA TRP G 90 20.57 12.28 1.29
C TRP G 90 19.14 11.98 1.74
N MET G 91 18.20 12.76 1.22
CA MET G 91 16.80 12.62 1.59
C MET G 91 15.93 12.73 0.34
N GLY G 92 15.04 11.75 0.15
CA GLY G 92 14.07 11.77 -0.92
C GLY G 92 12.76 11.12 -0.53
N SER G 93 11.96 10.71 -1.52
CA SER G 93 10.71 10.02 -1.25
C SER G 93 10.49 8.96 -2.31
N MET G 94 9.80 7.89 -1.91
CA MET G 94 9.54 6.75 -2.79
C MET G 94 8.06 6.40 -2.79
N CYS G 95 7.62 5.79 -3.88
CA CYS G 95 6.28 5.19 -3.97
C CYS G 95 6.46 3.76 -4.47
N LEU G 96 6.30 2.81 -3.57
CA LEU G 96 6.61 1.42 -3.88
C LEU G 96 5.49 0.79 -4.70
N LEU G 97 5.80 0.42 -5.94
CA LEU G 97 4.84 -0.22 -6.82
C LEU G 97 4.87 -1.75 -6.71
N HIS G 98 6.07 -2.33 -6.67
CA HIS G 98 6.25 -3.77 -6.56
C HIS G 98 7.44 -4.06 -5.67
N ALA G 99 7.35 -5.14 -4.90
CA ALA G 99 8.46 -5.56 -4.05
C ALA G 99 8.30 -7.03 -3.71
N SER G 100 9.39 -7.78 -3.85
CA SER G 100 9.43 -9.19 -3.48
C SER G 100 10.74 -9.41 -2.72
N LEU G 101 11.15 -10.67 -2.58
CA LEU G 101 12.42 -10.97 -1.93
C LEU G 101 13.61 -10.80 -2.87
N THR G 102 13.38 -10.70 -4.17
CA THR G 102 14.46 -10.53 -5.13
C THR G 102 14.30 -9.34 -6.07
N GLU G 103 13.11 -8.77 -6.19
CA GLU G 103 12.87 -7.64 -7.09
C GLU G 103 12.08 -6.56 -6.35
N TYR G 104 12.20 -5.33 -6.85
CA TYR G 104 11.34 -4.26 -6.38
C TYR G 104 11.28 -3.17 -7.44
N VAL G 105 10.11 -2.55 -7.58
CA VAL G 105 9.88 -1.44 -8.49
C VAL G 105 9.27 -0.30 -7.70
N LEU G 106 9.78 0.92 -7.89
CA LEU G 106 9.24 2.07 -7.19
C LEU G 106 9.48 3.34 -8.01
N LEU G 107 8.82 4.41 -7.59
CA LEU G 107 9.02 5.74 -8.14
C LEU G 107 9.76 6.56 -7.09
N PHE G 108 11.01 6.92 -7.39
CA PHE G 108 11.84 7.65 -6.45
C PHE G 108 12.10 9.06 -6.97
N GLY G 109 12.38 9.96 -6.05
CA GLY G 109 12.76 11.31 -6.42
C GLY G 109 12.70 12.23 -5.22
N THR G 110 13.20 13.45 -5.44
CA THR G 110 13.26 14.47 -4.40
C THR G 110 12.88 15.82 -4.97
N ALA G 111 12.25 16.64 -4.13
CA ALA G 111 11.94 18.02 -4.45
C ALA G 111 12.87 19.00 -3.75
N VAL G 112 13.96 18.50 -3.17
CA VAL G 112 14.98 19.35 -2.55
C VAL G 112 16.34 18.91 -3.06
N ASP G 113 17.34 19.76 -2.82
CA ASP G 113 18.71 19.47 -3.21
C ASP G 113 19.36 18.64 -2.11
N THR G 114 19.61 17.37 -2.39
CA THR G 114 20.25 16.48 -1.43
C THR G 114 21.30 15.64 -2.16
N GLY G 115 22.06 14.87 -1.38
CA GLY G 115 23.11 14.02 -1.93
C GLY G 115 23.96 13.29 -0.90
N GLY G 116 24.58 12.19 -1.31
CA GLY G 116 25.44 11.45 -0.38
C GLY G 116 25.86 10.10 -0.92
N HIS G 117 25.96 9.14 -0.01
CA HIS G 117 26.43 7.80 -0.37
C HIS G 117 25.28 6.99 -0.96
N SER G 118 25.53 6.39 -2.13
CA SER G 118 24.50 5.59 -2.80
C SER G 118 24.22 4.28 -2.06
N GLY G 119 25.15 3.81 -1.26
CA GLY G 119 24.98 2.56 -0.53
C GLY G 119 25.57 1.37 -1.27
N ARG G 120 26.28 0.52 -0.55
CA ARG G 120 26.89 -0.69 -1.11
C ARG G 120 26.13 -1.89 -0.57
N TYR G 121 25.42 -2.59 -1.46
CA TYR G 121 24.56 -3.69 -1.06
C TYR G 121 24.58 -4.77 -2.13
N TRP G 122 23.90 -5.89 -1.84
CA TRP G 122 23.87 -7.05 -2.72
C TRP G 122 22.65 -6.97 -3.64
N ALA G 123 22.66 -5.96 -4.51
CA ALA G 123 21.54 -5.74 -5.41
C ALA G 123 21.96 -4.85 -6.57
N GLU G 124 21.56 -5.23 -7.78
CA GLU G 124 21.76 -4.40 -8.96
C GLU G 124 20.53 -3.52 -9.14
N ILE G 125 20.75 -2.21 -9.23
CA ILE G 125 19.68 -1.21 -9.27
C ILE G 125 19.80 -0.39 -10.54
N SER G 126 18.67 -0.15 -11.19
CA SER G 126 18.61 0.64 -12.40
C SER G 126 17.64 1.79 -12.19
N ASP G 127 18.09 3.02 -12.46
CA ASP G 127 17.28 4.23 -12.29
C ASP G 127 17.22 4.96 -13.62
N THR G 128 16.01 5.20 -14.11
CA THR G 128 15.78 5.97 -15.33
C THR G 128 15.18 7.32 -14.94
N ILE G 129 15.95 8.39 -15.17
CA ILE G 129 15.53 9.72 -14.75
C ILE G 129 14.41 10.20 -15.66
N LEU G 130 13.28 10.58 -15.05
CA LEU G 130 12.18 11.16 -15.81
C LEU G 130 12.33 12.67 -15.93
N SER G 131 12.83 13.33 -14.89
CA SER G 131 13.04 14.77 -14.91
C SER G 131 14.12 15.10 -13.89
N GLY G 132 14.76 16.25 -14.09
CA GLY G 132 15.80 16.70 -13.19
C GLY G 132 17.19 16.33 -13.68
N THR G 133 18.11 16.23 -12.72
CA THR G 133 19.49 15.86 -13.01
C THR G 133 19.97 14.85 -11.97
N PHE G 134 20.97 14.07 -12.37
CA PHE G 134 21.56 13.03 -11.52
C PHE G 134 23.06 13.14 -11.67
N ARG G 135 23.76 13.58 -10.63
CA ARG G 135 25.22 13.59 -10.61
C ARG G 135 25.72 12.33 -9.96
N GLN G 136 26.55 11.57 -10.67
CA GLN G 136 27.12 10.33 -10.17
C GLN G 136 28.65 10.46 -10.09
N TRP G 137 29.22 10.05 -8.97
CA TRP G 137 30.66 10.10 -8.73
C TRP G 137 31.13 8.68 -8.42
N LYS G 138 31.73 8.02 -9.40
CA LYS G 138 32.15 6.64 -9.23
C LYS G 138 33.36 6.56 -8.31
N GLU G 139 33.52 5.37 -7.70
CA GLU G 139 34.61 5.15 -6.75
C GLU G 139 35.94 5.11 -7.48
N GLY G 140 36.96 5.70 -6.86
CA GLY G 140 38.30 5.68 -7.42
C GLY G 140 38.59 6.71 -8.47
N THR G 141 37.67 7.65 -8.73
CA THR G 141 37.86 8.68 -9.72
C THR G 141 37.85 10.05 -9.05
N THR G 142 38.23 11.08 -9.81
CA THR G 142 38.25 12.45 -9.33
C THR G 142 37.28 13.35 -10.08
N LYS G 143 36.46 12.78 -10.97
CA LYS G 143 35.48 13.54 -11.72
C LYS G 143 34.13 12.83 -11.67
N SER G 144 33.06 13.62 -11.72
CA SER G 144 31.69 13.11 -11.70
C SER G 144 31.01 13.41 -13.02
N GLU G 145 29.94 12.66 -13.29
CA GLU G 145 29.15 12.83 -14.50
C GLU G 145 27.73 13.25 -14.13
N ILE G 146 27.11 14.03 -15.02
CA ILE G 146 25.75 14.51 -14.83
C ILE G 146 24.85 13.86 -15.87
N PHE G 147 23.77 13.24 -15.41
CA PHE G 147 22.85 12.52 -16.26
C PHE G 147 21.52 13.27 -16.30
N TYR G 148 20.86 13.22 -17.46
CA TYR G 148 19.69 14.05 -17.72
C TYR G 148 18.49 13.16 -18.01
N PRO G 149 17.28 13.71 -18.12
CA PRO G 149 16.10 12.87 -18.40
C PRO G 149 16.30 12.04 -19.66
N GLY G 150 15.91 10.77 -19.58
CA GLY G 150 16.13 9.79 -20.61
C GLY G 150 17.25 8.83 -20.31
N ASP G 151 18.23 9.27 -19.53
CA ASP G 151 19.36 8.42 -19.20
C ASP G 151 18.94 7.33 -18.20
N THR G 152 19.71 6.25 -18.20
CA THR G 152 19.49 5.12 -17.31
C THR G 152 20.82 4.75 -16.67
N ILE G 153 20.86 4.73 -15.35
CA ILE G 153 22.08 4.46 -14.60
C ILE G 153 21.94 3.12 -13.90
N VAL G 154 22.97 2.29 -14.01
CA VAL G 154 22.96 0.95 -13.44
C VAL G 154 23.96 0.91 -12.31
N HIS G 155 23.46 0.83 -11.08
CA HIS G 155 24.30 0.67 -9.89
C HIS G 155 24.50 -0.82 -9.66
N GLU G 156 25.68 -1.32 -10.01
CA GLU G 156 25.93 -2.74 -9.97
C GLU G 156 26.11 -3.23 -8.53
N VAL G 157 26.13 -4.55 -8.38
CA VAL G 157 26.29 -5.17 -7.07
C VAL G 157 27.70 -4.92 -6.56
N GLY G 158 27.80 -4.53 -5.28
CA GLY G 158 29.08 -4.25 -4.66
C GLY G 158 29.68 -2.91 -5.02
N GLU G 159 29.08 -2.17 -5.95
CA GLU G 159 29.59 -0.86 -6.33
C GLU G 159 29.10 0.19 -5.35
N ALA G 160 29.96 1.19 -5.11
CA ALA G 160 29.63 2.32 -4.25
C ALA G 160 29.98 3.62 -4.95
N THR G 161 28.99 4.48 -5.13
CA THR G 161 29.18 5.78 -5.76
C THR G 161 28.56 6.86 -4.89
N SER G 162 28.85 8.11 -5.23
CA SER G 162 28.26 9.27 -4.57
C SER G 162 27.20 9.87 -5.48
N VAL G 163 25.99 10.03 -4.95
CA VAL G 163 24.86 10.54 -5.73
C VAL G 163 24.52 11.95 -5.28
N GLN G 164 23.95 12.72 -6.20
CA GLN G 164 23.48 14.07 -5.92
C GLN G 164 22.32 14.36 -6.87
N TRP G 165 21.25 14.96 -6.34
CA TRP G 165 20.05 15.22 -7.10
C TRP G 165 19.65 16.68 -7.00
N SER G 166 18.92 17.16 -8.00
CA SER G 166 18.45 18.53 -8.03
C SER G 166 17.11 18.65 -7.29
N SER G 167 16.55 19.86 -7.29
CA SER G 167 15.34 20.15 -6.57
C SER G 167 14.07 19.71 -7.30
N GLY G 168 14.19 18.92 -8.35
CA GLY G 168 13.01 18.46 -9.07
C GLY G 168 13.27 17.16 -9.80
N THR G 169 14.09 16.30 -9.19
CA THR G 169 14.51 15.06 -9.82
C THR G 169 13.51 13.97 -9.49
N TRP G 170 13.09 13.21 -10.50
CA TRP G 170 12.14 12.12 -10.34
C TRP G 170 12.50 11.02 -11.33
N MET G 171 12.42 9.78 -10.86
CA MET G 171 12.92 8.66 -11.64
C MET G 171 12.12 7.40 -11.30
N VAL G 172 12.19 6.43 -12.21
CA VAL G 172 11.61 5.11 -12.00
C VAL G 172 12.76 4.14 -11.77
N GLU G 173 12.68 3.39 -10.68
CA GLU G 173 13.79 2.58 -10.21
C GLU G 173 13.38 1.12 -10.09
N TYR G 174 14.25 0.23 -10.56
CA TYR G 174 14.06 -1.21 -10.49
C TYR G 174 15.31 -1.86 -9.93
N GLY G 175 15.13 -2.75 -8.96
CA GLY G 175 16.25 -3.38 -8.28
C GLY G 175 16.16 -4.89 -8.33
N ARG G 176 17.31 -5.54 -8.52
CA ARG G 176 17.42 -7.00 -8.58
C ARG G 176 18.51 -7.47 -7.63
N GLY G 177 18.25 -8.60 -6.96
CA GLY G 177 19.25 -9.20 -6.10
C GLY G 177 18.71 -9.65 -4.76
N PHE G 178 19.58 -9.71 -3.75
CA PHE G 178 19.17 -10.08 -2.40
C PHE G 178 18.62 -8.83 -1.73
N ILE G 179 17.30 -8.62 -1.87
CA ILE G 179 16.70 -7.38 -1.39
C ILE G 179 16.79 -7.22 0.13
N PRO G 180 16.53 -8.24 0.96
CA PRO G 180 16.57 -8.01 2.42
C PRO G 180 17.87 -7.41 2.94
N SER G 181 19.00 -7.64 2.26
CA SER G 181 20.26 -7.06 2.73
C SER G 181 20.27 -5.55 2.56
N THR G 182 19.58 -5.05 1.53
CA THR G 182 19.63 -3.62 1.20
C THR G 182 18.87 -2.75 2.19
N CYS G 183 17.87 -3.32 2.88
CA CYS G 183 17.04 -2.52 3.78
C CYS G 183 17.81 -1.97 4.97
N ALA G 184 18.95 -2.56 5.33
CA ALA G 184 19.77 -2.02 6.41
C ALA G 184 20.27 -0.62 6.09
N PHE G 185 20.70 -0.38 4.86
CA PHE G 185 21.20 0.93 4.49
C PHE G 185 20.08 1.95 4.37
N ALA G 186 18.91 1.52 3.89
CA ALA G 186 17.79 2.44 3.69
C ALA G 186 17.22 2.98 4.99
N LEU G 187 17.54 2.37 6.13
CA LEU G 187 16.97 2.76 7.41
C LEU G 187 18.02 3.25 8.40
N ALA G 188 19.27 3.44 7.96
CA ALA G 188 20.32 3.87 8.89
C ALA G 188 20.07 5.30 9.36
N ASP G 189 19.88 6.24 8.42
CA ASP G 189 19.65 7.62 8.80
C ASP G 189 18.32 7.79 9.53
N THR G 190 17.33 6.96 9.20
CA THR G 190 16.05 7.02 9.91
C THR G 190 16.19 6.62 11.37
N ILE G 191 17.22 5.87 11.72
CA ILE G 191 17.43 5.42 13.09
C ILE G 191 18.37 6.35 13.85
N PHE G 192 19.51 6.70 13.24
CA PHE G 192 20.56 7.42 13.93
C PHE G 192 20.63 8.90 13.59
N SER G 193 19.75 9.40 12.71
CA SER G 193 19.79 10.80 12.34
C SER G 193 18.42 11.44 12.47
N THR G 194 17.45 10.97 11.68
CA THR G 194 16.13 11.61 11.70
C THR G 194 15.30 11.15 12.88
N GLN G 195 15.42 9.87 13.25
CA GLN G 195 14.60 9.27 14.32
C GLN G 195 13.11 9.50 14.06
N ASP G 196 12.73 9.43 12.78
CA ASP G 196 11.34 9.56 12.36
C ASP G 196 10.77 8.15 12.26
N PHE G 197 10.38 7.62 13.42
CA PHE G 197 9.89 6.24 13.50
C PHE G 197 8.58 6.05 12.76
N LEU G 198 7.78 7.11 12.57
CA LEU G 198 6.56 6.97 11.78
C LEU G 198 6.88 6.68 10.32
N THR G 199 7.93 7.29 9.79
CA THR G 199 8.36 6.98 8.43
C THR G 199 8.91 5.55 8.35
N LEU G 200 9.62 5.12 9.39
CA LEU G 200 10.04 3.72 9.47
C LEU G 200 8.84 2.78 9.46
N PHE G 201 7.79 3.13 10.19
CA PHE G 201 6.57 2.33 10.17
C PHE G 201 5.96 2.29 8.77
N TYR G 202 5.94 3.45 8.09
CA TYR G 202 5.44 3.48 6.72
C TYR G 202 6.25 2.58 5.80
N THR G 203 7.58 2.59 5.96
CA THR G 203 8.44 1.74 5.13
C THR G 203 8.15 0.27 5.37
N VAL G 204 8.09 -0.14 6.64
CA VAL G 204 7.75 -1.52 6.96
C VAL G 204 6.34 -1.86 6.50
N LYS G 205 5.43 -0.87 6.55
CA LYS G 205 4.05 -1.12 6.16
C LYS G 205 3.94 -1.42 4.67
N VAL G 206 4.49 -0.55 3.82
CA VAL G 206 4.37 -0.75 2.38
C VAL G 206 5.17 -1.97 1.94
N CYS G 207 6.28 -2.26 2.62
CA CYS G 207 7.05 -3.46 2.29
C CYS G 207 6.26 -4.72 2.60
N SER G 208 5.60 -4.76 3.75
CA SER G 208 4.78 -5.92 4.10
C SER G 208 3.60 -6.08 3.16
N LYS G 209 2.97 -4.97 2.77
CA LYS G 209 1.83 -5.06 1.85
C LYS G 209 2.27 -5.59 0.50
N ALA G 210 3.41 -5.13 -0.01
CA ALA G 210 3.90 -5.61 -1.29
C ALA G 210 4.30 -7.09 -1.22
N LEU G 211 4.94 -7.49 -0.13
CA LEU G 211 5.33 -8.89 0.02
C LEU G 211 4.10 -9.79 0.12
N LEU G 212 3.08 -9.36 0.85
CA LEU G 212 1.87 -10.17 0.97
C LEU G 212 1.10 -10.23 -0.35
N LEU G 213 1.14 -9.15 -1.14
CA LEU G 213 0.52 -9.20 -2.47
C LEU G 213 1.22 -10.22 -3.36
N GLU G 214 2.55 -10.23 -3.35
CA GLU G 214 3.28 -11.19 -4.16
C GLU G 214 3.04 -12.61 -3.67
N ALA G 215 2.94 -12.80 -2.35
CA ALA G 215 2.65 -14.12 -1.80
C ALA G 215 1.24 -14.57 -2.18
N SER G 216 0.26 -13.66 -2.16
CA SER G 216 -1.10 -14.00 -2.54
C SER G 216 -1.19 -14.35 -4.01
N THR G 217 -0.43 -13.65 -4.87
CA THR G 217 -0.43 -13.98 -6.29
C THR G 217 0.18 -15.36 -6.53
N HIS G 218 1.22 -15.72 -5.78
CA HIS G 218 1.79 -17.06 -5.92
C HIS G 218 0.83 -18.12 -5.41
N LEU G 219 0.07 -17.83 -4.36
CA LEU G 219 -0.88 -18.80 -3.84
C LEU G 219 -2.01 -19.06 -4.83
N SER G 220 -2.49 -18.01 -5.51
CA SER G 220 -3.56 -18.19 -6.50
C SER G 220 -3.09 -18.95 -7.72
N GLN G 221 -1.78 -19.08 -7.94
CA GLN G 221 -1.24 -19.82 -9.07
C GLN G 221 -0.72 -21.18 -8.64
N LEU H 9 -10.86 -11.45 23.83
CA LEU H 9 -10.54 -10.86 25.13
C LEU H 9 -9.07 -10.42 25.15
N GLY H 10 -8.82 -9.18 25.60
CA GLY H 10 -7.47 -8.68 25.64
C GLY H 10 -6.68 -9.15 26.86
N LEU H 11 -5.38 -8.89 26.82
CA LEU H 11 -4.46 -9.26 27.88
C LEU H 11 -4.12 -8.02 28.71
N ARG H 12 -3.25 -8.20 29.71
CA ARG H 12 -2.73 -7.09 30.49
C ARG H 12 -2.09 -6.00 29.62
N ALA H 13 -1.66 -6.36 28.40
CA ALA H 13 -1.11 -5.36 27.49
C ALA H 13 -2.15 -4.37 27.00
N VAL H 14 -3.43 -4.73 27.06
CA VAL H 14 -4.48 -3.77 26.72
C VAL H 14 -4.49 -2.63 27.73
N LEU H 15 -4.21 -2.93 29.00
CA LEU H 15 -4.09 -1.87 29.99
C LEU H 15 -2.88 -0.99 29.72
N VAL H 16 -1.84 -1.54 29.11
CA VAL H 16 -0.69 -0.73 28.71
C VAL H 16 -1.09 0.27 27.63
N VAL H 17 -1.89 -0.19 26.65
CA VAL H 17 -2.42 0.71 25.64
C VAL H 17 -3.33 1.76 26.28
N ALA H 18 -4.21 1.33 27.19
CA ALA H 18 -5.12 2.27 27.83
C ALA H 18 -4.38 3.22 28.75
N GLY H 19 -3.31 2.74 29.41
CA GLY H 19 -2.55 3.59 30.29
C GLY H 19 -1.82 4.70 29.54
N LEU H 20 -1.18 4.36 28.42
CA LEU H 20 -0.54 5.38 27.60
C LEU H 20 -1.57 6.32 26.99
N ALA H 21 -2.78 5.84 26.71
CA ALA H 21 -3.83 6.73 26.24
C ALA H 21 -4.25 7.71 27.32
N VAL H 22 -4.37 7.24 28.56
CA VAL H 22 -4.73 8.12 29.66
C VAL H 22 -3.59 9.08 29.97
N LEU H 23 -2.35 8.60 29.94
CA LEU H 23 -1.20 9.47 30.16
C LEU H 23 -1.13 10.56 29.10
N LEU H 24 -1.41 10.22 27.85
CA LEU H 24 -1.45 11.23 26.80
C LEU H 24 -2.58 12.21 27.03
N GLN H 25 -3.74 11.72 27.46
CA GLN H 25 -4.84 12.62 27.79
C GLN H 25 -4.47 13.54 28.95
N LEU H 26 -3.68 13.03 29.90
CA LEU H 26 -3.23 13.85 31.01
C LEU H 26 -2.21 14.88 30.53
N ILE H 27 -1.23 14.45 29.73
CA ILE H 27 -0.19 15.36 29.26
C ILE H 27 -0.77 16.37 28.28
N ARG H 28 -1.58 15.90 27.32
CA ARG H 28 -2.18 16.83 26.37
C ARG H 28 -3.21 17.72 27.04
N GLY H 29 -3.82 17.26 28.14
CA GLY H 29 -4.72 18.13 28.88
C GLY H 29 -3.99 19.25 29.60
N TRP H 30 -2.81 18.95 30.15
CA TRP H 30 -1.97 20.00 30.73
C TRP H 30 -1.51 20.99 29.67
N LEU H 31 -1.10 20.49 28.50
CA LEU H 31 -0.64 21.37 27.43
C LEU H 31 -1.78 22.22 26.87
N SER H 32 -3.02 21.73 26.98
CA SER H 32 -4.17 22.45 26.46
C SER H 32 -4.73 23.46 27.46
N SER H 33 -4.34 23.40 28.72
CA SER H 33 -4.87 24.27 29.77
C SER H 33 -3.77 25.06 30.48
N LYS H 34 -2.55 25.08 29.94
CA LYS H 34 -1.42 25.73 30.60
C LYS H 34 -1.28 27.16 30.10
N SER H 35 -1.61 28.12 30.96
CA SER H 35 -1.26 29.52 30.75
C SER H 35 0.16 29.66 30.22
N TYR H 36 0.31 29.98 28.96
CA TYR H 36 1.60 30.17 28.31
C TYR H 36 2.04 31.63 28.37
N VAL H 37 3.33 31.85 28.12
CA VAL H 37 3.92 33.18 28.14
C VAL H 37 3.77 33.85 26.78
N PHE H 38 4.32 33.21 25.75
CA PHE H 38 4.34 33.73 24.40
C PHE H 38 3.22 33.12 23.55
N ASN H 39 3.03 33.68 22.36
CA ASN H 39 2.17 33.09 21.35
C ASN H 39 2.82 33.26 19.99
N ARG H 40 2.48 32.36 19.06
CA ARG H 40 3.17 32.34 17.78
C ARG H 40 2.91 33.60 16.97
N GLU H 41 1.71 34.18 17.09
CA GLU H 41 1.41 35.40 16.35
C GLU H 41 2.25 36.56 16.85
N GLU H 42 2.48 36.62 18.17
CA GLU H 42 3.31 37.67 18.74
C GLU H 42 4.73 37.61 18.19
N ILE H 43 5.34 36.42 18.25
CA ILE H 43 6.69 36.26 17.73
C ILE H 43 6.74 36.49 16.23
N ALA H 44 5.70 36.06 15.51
CA ALA H 44 5.67 36.24 14.06
C ALA H 44 5.65 37.72 13.68
N ARG H 45 4.81 38.51 14.37
CA ARG H 45 4.75 39.94 14.06
C ARG H 45 6.05 40.65 14.41
N LEU H 46 6.61 40.37 15.59
CA LEU H 46 7.84 41.04 16.03
C LEU H 46 8.99 40.77 15.06
N ALA H 47 9.03 39.57 14.49
CA ALA H 47 10.08 39.26 13.51
C ALA H 47 9.77 39.87 12.15
N LYS H 48 8.49 39.91 11.77
CA LYS H 48 8.12 40.45 10.47
C LYS H 48 8.31 41.95 10.41
N GLU H 49 8.25 42.64 11.55
CA GLU H 49 8.49 44.09 11.57
C GLU H 49 9.91 44.43 11.11
N HIS H 50 10.88 43.58 11.45
CA HIS H 50 12.27 43.84 11.12
C HIS H 50 12.74 43.08 9.89
N SER H 51 11.84 42.41 9.18
CA SER H 51 12.20 41.82 7.91
C SER H 51 12.52 42.93 6.91
N GLY H 52 13.50 42.65 6.04
CA GLY H 52 14.01 43.67 5.14
C GLY H 52 15.11 44.53 5.73
N LEU H 53 15.55 44.24 6.94
CA LEU H 53 16.67 44.92 7.58
C LEU H 53 17.81 43.93 7.79
N ASP H 54 18.95 44.44 8.24
CA ASP H 54 20.07 43.58 8.57
C ASP H 54 19.70 42.62 9.68
N TYR H 55 19.99 41.33 9.49
CA TYR H 55 19.51 40.32 10.43
C TYR H 55 20.16 40.47 11.80
N GLU H 56 21.38 41.02 11.86
CA GLU H 56 21.99 41.28 13.16
C GLU H 56 21.26 42.41 13.89
N VAL H 57 20.94 43.48 13.18
CA VAL H 57 20.16 44.56 13.78
C VAL H 57 18.78 44.06 14.16
N ALA H 58 18.20 43.19 13.32
CA ALA H 58 16.92 42.58 13.64
C ALA H 58 17.01 41.73 14.90
N PHE H 59 18.09 40.97 15.04
CA PHE H 59 18.30 40.17 16.24
C PHE H 59 18.29 41.05 17.49
N SER H 60 19.07 42.13 17.48
CA SER H 60 19.18 42.98 18.67
C SER H 60 17.85 43.63 19.01
N LYS H 61 17.16 44.16 18.00
CA LYS H 61 15.89 44.84 18.25
C LYS H 61 14.83 43.87 18.75
N ILE H 62 14.83 42.62 18.25
CA ILE H 62 13.87 41.64 18.72
C ILE H 62 14.18 41.22 20.15
N ILE H 63 15.47 41.08 20.49
CA ILE H 63 15.84 40.75 21.86
C ILE H 63 15.42 41.86 22.82
N VAL H 64 15.60 43.12 22.41
CA VAL H 64 15.20 44.24 23.26
C VAL H 64 13.69 44.24 23.48
N GLU H 65 12.92 44.02 22.41
CA GLU H 65 11.46 44.00 22.55
C GLU H 65 10.99 42.85 23.41
N LEU H 66 11.64 41.68 23.28
CA LEU H 66 11.25 40.53 24.08
C LEU H 66 11.53 40.76 25.56
N ARG H 67 12.69 41.33 25.88
CA ARG H 67 13.00 41.63 27.28
C ARG H 67 12.14 42.77 27.80
N LYS H 68 11.66 43.66 26.93
CA LYS H 68 10.78 44.73 27.38
C LYS H 68 9.38 44.21 27.71
N LYS H 69 8.76 43.50 26.77
CA LYS H 69 7.39 43.05 26.97
C LYS H 69 7.28 41.81 27.85
N HIS H 70 8.38 41.08 28.05
CA HIS H 70 8.40 39.89 28.90
C HIS H 70 9.67 39.88 29.73
N PRO H 71 9.71 40.69 30.79
CA PRO H 71 10.90 40.71 31.65
C PRO H 71 11.00 39.43 32.47
N GLY H 72 12.25 39.04 32.75
CA GLY H 72 12.49 37.84 33.53
C GLY H 72 12.26 36.55 32.79
N HIS H 73 12.02 36.60 31.48
CA HIS H 73 11.78 35.42 30.68
C HIS H 73 12.78 35.20 29.56
N ILE H 74 13.63 36.20 29.27
CA ILE H 74 14.64 36.10 28.21
C ILE H 74 16.01 36.20 28.85
N LEU H 75 16.92 35.32 28.43
CA LEU H 75 18.27 35.30 28.99
C LEU H 75 18.96 36.64 28.76
N GLN H 76 19.88 36.97 29.66
CA GLN H 76 20.66 38.18 29.53
C GLN H 76 21.80 37.97 28.52
N ASP H 77 22.45 39.07 28.15
CA ASP H 77 23.54 39.01 27.19
C ASP H 77 24.71 38.19 27.70
N GLU H 78 24.87 38.07 29.02
CA GLU H 78 25.96 37.28 29.57
C GLU H 78 25.80 35.80 29.25
N ASP H 79 24.56 35.31 29.13
CA ASP H 79 24.29 33.89 28.92
C ASP H 79 23.93 33.56 27.48
N LEU H 80 24.22 34.46 26.53
CA LEU H 80 23.92 34.22 25.12
C LEU H 80 25.17 33.82 24.36
N GLN H 81 25.03 32.80 23.51
CA GLN H 81 26.11 32.35 22.65
C GLN H 81 25.52 31.58 21.48
N TRP H 82 26.17 31.72 20.32
CA TRP H 82 25.74 30.97 19.13
C TRP H 82 26.22 29.53 19.25
N VAL H 83 25.27 28.60 19.21
CA VAL H 83 25.57 27.17 19.37
C VAL H 83 25.22 26.46 18.06
N PHE H 84 26.13 25.62 17.59
CA PHE H 84 25.87 24.82 16.40
C PHE H 84 24.75 23.81 16.66
N VAL H 85 23.99 23.52 15.61
CA VAL H 85 22.87 22.58 15.70
C VAL H 85 22.95 21.65 14.49
N ASN H 86 23.19 20.37 14.73
CA ASN H 86 23.19 19.35 13.70
C ASN H 86 22.05 18.38 13.96
N ALA H 87 21.13 18.26 12.99
CA ALA H 87 19.97 17.39 13.15
C ALA H 87 19.40 17.07 11.78
N GLY H 88 18.95 15.83 11.60
CA GLY H 88 18.25 15.42 10.41
C GLY H 88 19.02 15.54 9.10
N GLY H 89 20.32 15.80 9.19
CA GLY H 89 21.15 15.97 8.01
C GLY H 89 21.49 17.39 7.65
N TRP H 90 21.01 18.38 8.38
CA TRP H 90 21.34 19.78 8.16
C TRP H 90 22.15 20.33 9.32
N MET H 91 22.79 21.47 9.09
CA MET H 91 23.63 22.12 10.09
C MET H 91 23.39 23.61 10.07
N GLY H 92 23.10 24.18 11.24
CA GLY H 92 22.92 25.61 11.38
C GLY H 92 23.43 26.12 12.72
N SER H 93 22.93 27.26 13.18
CA SER H 93 23.31 27.81 14.47
C SER H 93 22.09 28.44 15.14
N MET H 94 22.08 28.42 16.46
CA MET H 94 20.96 28.93 17.25
C MET H 94 21.46 29.89 18.31
N CYS H 95 20.57 30.81 18.70
CA CYS H 95 20.78 31.69 19.84
C CYS H 95 19.53 31.62 20.71
N LEU H 96 19.62 30.90 21.82
CA LEU H 96 18.45 30.63 22.65
C LEU H 96 18.13 31.84 23.51
N LEU H 97 16.97 32.46 23.28
CA LEU H 97 16.53 33.61 24.06
C LEU H 97 15.66 33.19 25.24
N HIS H 98 14.72 32.27 25.03
CA HIS H 98 13.84 31.79 26.07
C HIS H 98 13.59 30.31 25.85
N ALA H 99 13.47 29.57 26.95
CA ALA H 99 13.19 28.13 26.87
C ALA H 99 12.60 27.66 28.19
N SER H 100 11.53 26.89 28.10
CA SER H 100 10.90 26.27 29.27
C SER H 100 10.61 24.82 28.91
N LEU H 101 9.76 24.16 29.71
CA LEU H 101 9.37 22.79 29.43
C LEU H 101 8.27 22.70 28.37
N THR H 102 7.61 23.82 28.06
CA THR H 102 6.55 23.84 27.08
C THR H 102 6.75 24.88 25.98
N GLU H 103 7.62 25.86 26.17
CA GLU H 103 7.88 26.89 25.17
C GLU H 103 9.39 27.07 25.00
N TYR H 104 9.78 27.58 23.84
CA TYR H 104 11.15 28.01 23.64
C TYR H 104 11.19 29.02 22.49
N VAL H 105 12.06 30.02 22.64
CA VAL H 105 12.27 31.05 21.61
C VAL H 105 13.76 31.12 21.33
N LEU H 106 14.11 31.17 20.04
CA LEU H 106 15.51 31.26 19.65
C LEU H 106 15.63 31.94 18.30
N LEU H 107 16.86 32.31 17.96
CA LEU H 107 17.21 32.85 16.65
C LEU H 107 18.00 31.78 15.92
N PHE H 108 17.42 31.25 14.85
CA PHE H 108 18.05 30.18 14.10
C PHE H 108 18.45 30.66 12.71
N GLY H 109 19.43 29.99 12.14
CA GLY H 109 19.84 30.25 10.78
C GLY H 109 21.18 29.62 10.51
N THR H 110 21.56 29.66 9.23
CA THR H 110 22.81 29.06 8.80
C THR H 110 23.49 29.97 7.78
N ALA H 111 24.82 29.94 7.80
CA ALA H 111 25.63 30.64 6.81
C ALA H 111 26.21 29.71 5.75
N VAL H 112 25.73 28.46 5.69
CA VAL H 112 26.14 27.50 4.68
C VAL H 112 24.89 26.88 4.08
N ASP H 113 25.06 26.18 2.97
CA ASP H 113 23.96 25.53 2.27
C ASP H 113 23.74 24.15 2.90
N THR H 114 22.63 23.99 3.61
CA THR H 114 22.30 22.73 4.25
C THR H 114 20.82 22.41 4.06
N GLY H 115 20.44 21.22 4.47
CA GLY H 115 19.07 20.75 4.37
C GLY H 115 18.91 19.29 4.76
N GLY H 116 17.70 18.89 5.13
CA GLY H 116 17.48 17.51 5.50
C GLY H 116 16.10 17.30 6.09
N HIS H 117 16.03 16.38 7.05
CA HIS H 117 14.77 16.02 7.69
C HIS H 117 14.44 17.02 8.80
N SER H 118 13.22 17.55 8.76
CA SER H 118 12.82 18.54 9.76
C SER H 118 12.64 17.93 11.14
N GLY H 119 12.41 16.63 11.22
CA GLY H 119 12.20 15.97 12.49
C GLY H 119 10.74 15.90 12.85
N ARG H 120 10.31 14.75 13.35
CA ARG H 120 8.93 14.53 13.78
C ARG H 120 8.92 14.42 15.30
N TYR H 121 8.32 15.42 15.96
CA TYR H 121 8.34 15.51 17.42
C TYR H 121 7.00 16.04 17.90
N TRP H 122 6.85 16.08 19.23
CA TRP H 122 5.61 16.51 19.87
C TRP H 122 5.68 18.00 20.22
N ALA H 123 5.76 18.81 19.16
CA ALA H 123 5.89 20.25 19.35
C ALA H 123 5.53 20.98 18.06
N GLU H 124 4.75 22.05 18.21
CA GLU H 124 4.43 22.94 17.09
C GLU H 124 5.47 24.05 17.02
N ILE H 125 6.08 24.22 15.85
CA ILE H 125 7.18 25.15 15.66
C ILE H 125 6.79 26.16 14.59
N SER H 126 7.08 27.43 14.87
CA SER H 126 6.82 28.53 13.95
C SER H 126 8.11 29.30 13.72
N ASP H 127 8.46 29.50 12.44
CA ASP H 127 9.67 30.21 12.07
C ASP H 127 9.32 31.37 11.15
N THR H 128 9.75 32.58 11.52
CA THR H 128 9.56 33.78 10.72
C THR H 128 10.90 34.16 10.12
N ILE H 129 11.01 34.06 8.79
CA ILE H 129 12.28 34.27 8.11
C ILE H 129 12.62 35.76 8.10
N LEU H 130 13.81 36.10 8.60
CA LEU H 130 14.32 37.47 8.52
C LEU H 130 15.07 37.74 7.23
N SER H 131 15.85 36.75 6.76
CA SER H 131 16.59 36.89 5.53
C SER H 131 16.88 35.50 4.98
N GLY H 132 17.14 35.43 3.69
CA GLY H 132 17.45 34.18 3.03
C GLY H 132 16.25 33.54 2.38
N THR H 133 16.33 32.21 2.22
CA THR H 133 15.25 31.44 1.64
C THR H 133 15.03 30.18 2.45
N PHE H 134 13.81 29.66 2.38
CA PHE H 134 13.40 28.47 3.11
C PHE H 134 12.63 27.58 2.15
N ARG H 135 13.22 26.47 1.74
CA ARG H 135 12.55 25.48 0.92
C ARG H 135 11.94 24.41 1.82
N GLN H 136 10.63 24.23 1.72
CA GLN H 136 9.90 23.24 2.50
C GLN H 136 9.26 22.23 1.55
N TRP H 137 9.41 20.95 1.86
CA TRP H 137 8.86 19.86 1.06
C TRP H 137 7.96 19.05 1.96
N LYS H 138 6.64 19.24 1.83
CA LYS H 138 5.70 18.55 2.70
C LYS H 138 5.64 17.07 2.36
N GLU H 139 5.24 16.27 3.34
CA GLU H 139 5.17 14.83 3.17
C GLU H 139 4.00 14.47 2.26
N GLY H 140 4.22 13.47 1.40
CA GLY H 140 3.15 13.00 0.54
C GLY H 140 2.94 13.79 -0.71
N THR H 141 3.81 14.75 -1.01
CA THR H 141 3.71 15.56 -2.21
C THR H 141 4.93 15.35 -3.09
N THR H 142 4.87 15.87 -4.32
CA THR H 142 5.97 15.80 -5.25
C THR H 142 6.53 17.16 -5.61
N LYS H 143 6.08 18.23 -4.97
CA LYS H 143 6.57 19.57 -5.21
C LYS H 143 6.86 20.26 -3.89
N SER H 144 7.86 21.16 -3.91
CA SER H 144 8.25 21.92 -2.74
C SER H 144 7.99 23.40 -2.98
N GLU H 145 7.91 24.16 -1.88
CA GLU H 145 7.68 25.60 -1.93
C GLU H 145 8.86 26.35 -1.33
N ILE H 146 9.10 27.55 -1.84
CA ILE H 146 10.18 28.41 -1.37
C ILE H 146 9.57 29.64 -0.72
N PHE H 147 9.98 29.91 0.52
CA PHE H 147 9.47 31.03 1.30
C PHE H 147 10.56 32.06 1.50
N TYR H 148 10.16 33.34 1.52
CA TYR H 148 11.10 34.45 1.50
C TYR H 148 10.97 35.28 2.77
N PRO H 149 11.85 36.25 3.02
CA PRO H 149 11.74 37.06 4.24
C PRO H 149 10.35 37.70 4.38
N GLY H 150 9.82 37.65 5.60
CA GLY H 150 8.49 38.11 5.90
C GLY H 150 7.49 36.99 6.09
N ASP H 151 7.68 35.86 5.42
CA ASP H 151 6.78 34.72 5.56
C ASP H 151 7.01 34.01 6.89
N THR H 152 5.99 33.27 7.33
CA THR H 152 6.04 32.51 8.58
C THR H 152 5.57 31.09 8.30
N ILE H 153 6.39 30.12 8.68
CA ILE H 153 6.13 28.70 8.40
C ILE H 153 5.86 28.00 9.72
N VAL H 154 4.80 27.19 9.75
CA VAL H 154 4.36 26.49 10.96
C VAL H 154 4.59 25.00 10.74
N HIS H 155 5.56 24.44 11.47
CA HIS H 155 5.81 23.00 11.46
C HIS H 155 4.95 22.36 12.55
N GLU H 156 3.90 21.66 12.14
CA GLU H 156 2.89 21.17 13.08
C GLU H 156 3.44 20.01 13.90
N VAL H 157 2.67 19.65 14.93
CA VAL H 157 3.02 18.51 15.77
C VAL H 157 2.82 17.24 14.96
N GLY H 158 3.82 16.35 15.00
CA GLY H 158 3.73 15.11 14.26
C GLY H 158 3.96 15.23 12.77
N GLU H 159 4.11 16.44 12.26
CA GLU H 159 4.34 16.66 10.84
C GLU H 159 5.82 16.45 10.53
N ALA H 160 6.09 15.93 9.33
CA ALA H 160 7.46 15.72 8.87
C ALA H 160 7.59 16.33 7.49
N THR H 161 8.53 17.26 7.35
CA THR H 161 8.81 17.92 6.09
C THR H 161 10.32 17.87 5.83
N SER H 162 10.69 18.23 4.61
CA SER H 162 12.09 18.37 4.24
C SER H 162 12.43 19.85 4.15
N VAL H 163 13.44 20.28 4.88
CA VAL H 163 13.83 21.68 4.95
C VAL H 163 15.13 21.89 4.19
N GLN H 164 15.30 23.09 3.66
CA GLN H 164 16.52 23.49 2.97
C GLN H 164 16.69 24.98 3.12
N TRP H 165 17.93 25.41 3.40
CA TRP H 165 18.23 26.81 3.63
C TRP H 165 19.38 27.25 2.74
N SER H 166 19.41 28.54 2.43
CA SER H 166 20.46 29.11 1.61
C SER H 166 21.66 29.49 2.48
N SER H 167 22.68 30.08 1.86
CA SER H 167 23.92 30.38 2.54
C SER H 167 23.83 31.63 3.41
N GLY H 168 22.64 32.15 3.66
CA GLY H 168 22.50 33.31 4.50
C GLY H 168 21.13 33.43 5.13
N THR H 169 20.54 32.29 5.45
CA THR H 169 19.17 32.24 5.94
C THR H 169 19.17 32.39 7.46
N TRP H 170 18.32 33.28 7.96
CA TRP H 170 18.22 33.55 9.39
C TRP H 170 16.77 33.84 9.73
N MET H 171 16.32 33.31 10.86
CA MET H 171 14.90 33.36 11.21
C MET H 171 14.74 33.40 12.73
N VAL H 172 13.56 33.84 13.16
CA VAL H 172 13.16 33.84 14.56
C VAL H 172 12.15 32.73 14.75
N GLU H 173 12.41 31.85 15.71
CA GLU H 173 11.67 30.61 15.85
C GLU H 173 11.05 30.51 17.24
N TYR H 174 9.80 30.03 17.29
CA TYR H 174 9.06 29.83 18.53
C TYR H 174 8.43 28.45 18.51
N GLY H 175 8.60 27.70 19.59
CA GLY H 175 8.10 26.33 19.67
C GLY H 175 7.20 26.11 20.87
N ARG H 176 6.13 25.35 20.65
CA ARG H 176 5.15 25.01 21.68
C ARG H 176 4.92 23.51 21.68
N GLY H 177 4.76 22.94 22.87
CA GLY H 177 4.43 21.55 23.01
C GLY H 177 5.28 20.89 24.08
N PHE H 178 5.44 19.57 23.96
CA PHE H 178 6.26 18.81 24.88
C PHE H 178 7.72 18.95 24.45
N ILE H 179 8.40 19.94 25.01
CA ILE H 179 9.76 20.26 24.56
C ILE H 179 10.74 19.13 24.82
N PRO H 180 10.77 18.47 25.98
CA PRO H 180 11.79 17.43 26.20
C PRO H 180 11.85 16.34 25.14
N SER H 181 10.74 16.06 24.46
CA SER H 181 10.76 15.02 23.44
C SER H 181 11.60 15.43 22.23
N THR H 182 11.66 16.74 21.93
CA THR H 182 12.35 17.19 20.74
C THR H 182 13.87 17.10 20.88
N CYS H 183 14.38 17.13 22.12
CA CYS H 183 15.83 17.10 22.31
C CYS H 183 16.43 15.77 21.88
N ALA H 184 15.64 14.70 21.83
CA ALA H 184 16.15 13.44 21.28
C ALA H 184 16.56 13.59 19.82
N PHE H 185 15.73 14.28 19.02
CA PHE H 185 16.06 14.51 17.61
C PHE H 185 17.15 15.54 17.45
N ALA H 186 17.18 16.56 18.31
CA ALA H 186 18.14 17.65 18.17
C ALA H 186 19.57 17.21 18.43
N LEU H 187 19.78 16.05 19.06
CA LEU H 187 21.11 15.59 19.42
C LEU H 187 21.49 14.29 18.72
N ALA H 188 20.69 13.83 17.76
CA ALA H 188 21.00 12.58 17.07
C ALA H 188 22.26 12.70 16.24
N ASP H 189 22.32 13.71 15.37
CA ASP H 189 23.51 13.90 14.54
C ASP H 189 24.72 14.29 15.38
N THR H 190 24.52 14.98 16.50
CA THR H 190 25.63 15.34 17.36
C THR H 190 26.28 14.13 18.03
N ILE H 191 25.56 13.02 18.13
CA ILE H 191 26.07 11.80 18.75
C ILE H 191 26.62 10.83 17.71
N PHE H 192 25.88 10.62 16.62
CA PHE H 192 26.21 9.58 15.66
C PHE H 192 26.89 10.09 14.40
N SER H 193 27.11 11.41 14.29
CA SER H 193 27.72 11.94 13.09
C SER H 193 28.89 12.87 13.41
N THR H 194 28.62 13.99 14.08
CA THR H 194 29.66 14.98 14.32
C THR H 194 30.55 14.59 15.50
N GLN H 195 29.98 13.96 16.52
CA GLN H 195 30.71 13.62 17.74
C GLN H 195 31.37 14.85 18.35
N ASP H 196 30.68 15.99 18.25
CA ASP H 196 31.15 17.25 18.84
C ASP H 196 30.53 17.38 20.22
N PHE H 197 31.16 16.72 21.19
CA PHE H 197 30.62 16.72 22.56
C PHE H 197 30.67 18.10 23.20
N LEU H 198 31.55 18.99 22.72
CA LEU H 198 31.57 20.34 23.26
C LEU H 198 30.31 21.11 22.86
N THR H 199 29.83 20.91 21.64
CA THR H 199 28.57 21.52 21.24
C THR H 199 27.39 20.93 22.00
N LEU H 200 27.41 19.62 22.26
CA LEU H 200 26.40 19.02 23.12
C LEU H 200 26.42 19.64 24.50
N PHE H 201 27.62 19.86 25.05
CA PHE H 201 27.74 20.52 26.35
C PHE H 201 27.19 21.93 26.30
N TYR H 202 27.49 22.68 25.22
CA TYR H 202 26.96 24.03 25.08
C TYR H 202 25.44 24.03 25.05
N THR H 203 24.85 23.08 24.32
CA THR H 203 23.39 23.01 24.22
C THR H 203 22.76 22.73 25.58
N VAL H 204 23.30 21.75 26.31
CA VAL H 204 22.80 21.45 27.64
C VAL H 204 23.00 22.65 28.58
N LYS H 205 24.10 23.38 28.38
CA LYS H 205 24.39 24.51 29.25
C LYS H 205 23.35 25.63 29.07
N VAL H 206 23.15 26.07 27.82
CA VAL H 206 22.20 27.16 27.59
C VAL H 206 20.78 26.72 27.90
N CYS H 207 20.46 25.45 27.67
CA CYS H 207 19.14 24.94 28.01
C CYS H 207 18.94 24.96 29.52
N SER H 208 19.98 24.57 30.28
CA SER H 208 19.89 24.60 31.73
C SER H 208 19.74 26.01 32.26
N LYS H 209 20.46 26.97 31.66
CA LYS H 209 20.36 28.35 32.09
C LYS H 209 18.96 28.90 31.84
N ALA H 210 18.37 28.58 30.68
CA ALA H 210 17.02 29.04 30.39
C ALA H 210 16.00 28.43 31.34
N LEU H 211 16.16 27.14 31.66
CA LEU H 211 15.26 26.49 32.60
C LEU H 211 15.40 27.08 34.01
N LEU H 212 16.63 27.33 34.45
CA LEU H 212 16.83 27.89 35.79
C LEU H 212 16.36 29.34 35.87
N LEU H 213 16.51 30.10 34.78
CA LEU H 213 15.98 31.46 34.77
C LEU H 213 14.46 31.47 34.90
N GLU H 214 13.78 30.59 34.16
CA GLU H 214 12.33 30.52 34.26
C GLU H 214 11.90 30.04 35.63
N ALA H 215 12.65 29.10 36.22
CA ALA H 215 12.33 28.63 37.56
C ALA H 215 12.53 29.73 38.60
N SER H 216 13.59 30.53 38.46
CA SER H 216 13.83 31.62 39.39
C SER H 216 12.75 32.69 39.29
N THR H 217 12.26 32.96 38.08
CA THR H 217 11.18 33.92 37.91
C THR H 217 9.88 33.39 38.54
N HIS H 218 9.65 32.08 38.45
CA HIS H 218 8.48 31.50 39.11
C HIS H 218 8.61 31.59 40.63
N LEU H 219 9.83 31.42 41.14
CA LEU H 219 10.04 31.51 42.59
C LEU H 219 9.83 32.95 43.08
N SER H 220 10.28 33.93 42.30
CA SER H 220 10.10 35.33 42.68
C SER H 220 8.64 35.75 42.63
N GLN H 221 7.78 34.99 41.96
CA GLN H 221 6.36 35.30 41.89
C GLN H 221 5.54 34.42 42.81
N ARG I 12 38.85 9.13 45.42
CA ARG I 12 39.39 8.59 44.18
C ARG I 12 39.01 9.48 43.00
N ALA I 13 37.94 10.25 43.17
CA ALA I 13 37.42 11.04 42.07
C ALA I 13 38.36 12.20 41.73
N VAL I 14 38.88 12.90 42.76
CA VAL I 14 39.88 13.92 42.52
C VAL I 14 41.19 13.31 42.02
N LEU I 15 41.43 12.02 42.31
CA LEU I 15 42.62 11.36 41.81
C LEU I 15 42.52 11.07 40.32
N VAL I 16 41.31 10.80 39.81
CA VAL I 16 41.14 10.61 38.37
C VAL I 16 41.22 11.95 37.64
N VAL I 17 40.79 13.04 38.30
CA VAL I 17 40.95 14.37 37.71
C VAL I 17 42.41 14.69 37.50
N ALA I 18 43.22 14.55 38.56
CA ALA I 18 44.66 14.74 38.41
C ALA I 18 45.28 13.64 37.57
N GLY I 19 44.66 12.46 37.54
CA GLY I 19 45.20 11.37 36.74
C GLY I 19 45.15 11.66 35.25
N LEU I 20 43.97 12.01 34.75
CA LEU I 20 43.86 12.40 33.34
C LEU I 20 44.50 13.75 33.06
N ALA I 21 44.65 14.62 34.06
CA ALA I 21 45.38 15.85 33.86
C ALA I 21 46.87 15.57 33.65
N VAL I 22 47.45 14.66 34.43
CA VAL I 22 48.85 14.29 34.25
C VAL I 22 49.03 13.49 32.97
N LEU I 23 48.06 12.62 32.65
CA LEU I 23 48.11 11.91 31.38
C LEU I 23 48.10 12.87 30.21
N LEU I 24 47.27 13.92 30.28
CA LEU I 24 47.29 14.94 29.24
C LEU I 24 48.58 15.75 29.27
N GLN I 25 49.15 15.97 30.45
CA GLN I 25 50.46 16.62 30.51
C GLN I 25 51.53 15.73 29.86
N LEU I 26 51.41 14.41 30.05
CA LEU I 26 52.39 13.49 29.49
C LEU I 26 52.26 13.42 27.97
N ILE I 27 51.02 13.27 27.48
CA ILE I 27 50.80 13.15 26.04
C ILE I 27 51.11 14.45 25.33
N ARG I 28 50.61 15.58 25.86
CA ARG I 28 50.90 16.87 25.24
C ARG I 28 52.37 17.24 25.38
N GLY I 29 53.05 16.74 26.41
CA GLY I 29 54.48 16.96 26.51
C GLY I 29 55.25 16.20 25.45
N TRP I 30 54.82 14.99 25.14
CA TRP I 30 55.40 14.25 24.02
C TRP I 30 55.14 14.95 22.70
N LEU I 31 53.92 15.46 22.51
CA LEU I 31 53.58 16.16 21.27
C LEU I 31 54.33 17.48 21.15
N SER I 32 54.75 18.07 22.27
CA SER I 32 55.47 19.34 22.26
C SER I 32 56.98 19.18 22.10
N SER I 33 57.50 17.96 22.28
CA SER I 33 58.93 17.72 22.19
C SER I 33 59.31 16.65 21.18
N LYS I 34 58.38 16.25 20.30
CA LYS I 34 58.62 15.16 19.35
C LYS I 34 59.11 15.71 18.02
N SER I 35 60.39 15.48 17.72
CA SER I 35 60.93 15.68 16.39
C SER I 35 59.99 15.15 15.31
N TYR I 36 59.33 16.06 14.59
CA TYR I 36 58.41 15.73 13.53
C TYR I 36 59.13 15.67 12.18
N VAL I 37 58.46 15.05 11.21
CA VAL I 37 58.98 14.92 9.84
C VAL I 37 58.58 16.15 9.03
N PHE I 38 57.27 16.40 8.94
CA PHE I 38 56.73 17.48 8.14
C PHE I 38 56.39 18.69 9.01
N ASN I 39 56.06 19.79 8.34
CA ASN I 39 55.50 20.96 8.99
C ASN I 39 54.45 21.57 8.08
N ARG I 40 53.51 22.30 8.68
CA ARG I 40 52.37 22.80 7.91
C ARG I 40 52.80 23.82 6.86
N GLU I 41 53.85 24.60 7.13
CA GLU I 41 54.33 25.56 6.14
C GLU I 41 54.90 24.85 4.92
N GLU I 42 55.60 23.74 5.14
CA GLU I 42 56.19 23.00 4.02
C GLU I 42 55.13 22.52 3.05
N ILE I 43 54.10 21.83 3.55
CA ILE I 43 53.05 21.33 2.69
C ILE I 43 52.28 22.48 2.06
N ALA I 44 52.07 23.56 2.81
CA ALA I 44 51.34 24.72 2.27
C ALA I 44 52.09 25.35 1.11
N ARG I 45 53.39 25.54 1.25
CA ARG I 45 54.17 26.15 0.17
C ARG I 45 54.20 25.23 -1.04
N LEU I 46 54.46 23.93 -0.82
CA LEU I 46 54.51 22.98 -1.93
C LEU I 46 53.18 22.91 -2.67
N ALA I 47 52.06 23.04 -1.95
CA ALA I 47 50.77 23.00 -2.61
C ALA I 47 50.44 24.30 -3.31
N LYS I 48 50.83 25.43 -2.72
CA LYS I 48 50.53 26.72 -3.34
C LYS I 48 51.37 26.95 -4.60
N GLU I 49 52.54 26.30 -4.70
CA GLU I 49 53.35 26.43 -5.90
C GLU I 49 52.61 25.93 -7.13
N HIS I 50 51.81 24.88 -6.96
CA HIS I 50 51.11 24.25 -8.08
C HIS I 50 49.64 24.65 -8.15
N SER I 51 49.19 25.56 -7.30
CA SER I 51 47.84 26.10 -7.41
C SER I 51 47.70 26.90 -8.69
N GLY I 52 46.49 26.87 -9.26
CA GLY I 52 46.25 27.47 -10.56
C GLY I 52 46.56 26.56 -11.73
N LEU I 53 46.95 25.32 -11.48
CA LEU I 53 47.18 24.31 -12.50
C LEU I 53 46.15 23.21 -12.35
N ASP I 54 46.17 22.26 -13.28
CA ASP I 54 45.28 21.11 -13.17
C ASP I 54 45.56 20.35 -11.89
N TYR I 55 44.50 20.07 -11.13
CA TYR I 55 44.68 19.49 -9.79
C TYR I 55 45.29 18.09 -9.86
N GLU I 56 45.08 17.38 -10.97
CA GLU I 56 45.72 16.08 -11.13
C GLU I 56 47.22 16.24 -11.34
N VAL I 57 47.64 17.19 -12.18
CA VAL I 57 49.06 17.46 -12.36
C VAL I 57 49.68 17.97 -11.07
N ALA I 58 48.93 18.80 -10.33
CA ALA I 58 49.43 19.28 -9.05
C ALA I 58 49.62 18.13 -8.06
N PHE I 59 48.67 17.20 -8.02
CA PHE I 59 48.79 16.02 -7.16
C PHE I 59 50.08 15.26 -7.46
N SER I 60 50.32 14.95 -8.73
CA SER I 60 51.49 14.16 -9.09
C SER I 60 52.79 14.88 -8.77
N LYS I 61 52.87 16.17 -9.10
CA LYS I 61 54.09 16.93 -8.82
C LYS I 61 54.34 17.03 -7.33
N ILE I 62 53.28 17.17 -6.53
CA ILE I 62 53.45 17.24 -5.08
C ILE I 62 53.93 15.91 -4.53
N ILE I 63 53.40 14.81 -5.05
CA ILE I 63 53.83 13.48 -4.62
C ILE I 63 55.30 13.27 -4.98
N VAL I 64 55.71 13.71 -6.17
CA VAL I 64 57.11 13.56 -6.57
C VAL I 64 58.02 14.38 -5.66
N GLU I 65 57.63 15.62 -5.37
CA GLU I 65 58.44 16.47 -4.50
C GLU I 65 58.51 15.92 -3.09
N LEU I 66 57.40 15.37 -2.59
CA LEU I 66 57.39 14.81 -1.24
C LEU I 66 58.28 13.58 -1.15
N ARG I 67 58.22 12.69 -2.15
CA ARG I 67 59.08 11.52 -2.14
C ARG I 67 60.53 11.87 -2.36
N LYS I 68 60.82 13.00 -3.01
CA LYS I 68 62.20 13.43 -3.18
C LYS I 68 62.77 13.98 -1.88
N LYS I 69 62.07 14.93 -1.26
CA LYS I 69 62.58 15.58 -0.07
C LYS I 69 62.40 14.74 1.19
N HIS I 70 61.53 13.74 1.15
CA HIS I 70 61.28 12.86 2.30
C HIS I 70 61.18 11.42 1.81
N PRO I 71 62.31 10.78 1.53
CA PRO I 71 62.28 9.38 1.11
C PRO I 71 61.94 8.46 2.26
N GLY I 72 61.24 7.37 1.92
CA GLY I 72 60.85 6.41 2.93
C GLY I 72 59.71 6.82 3.84
N HIS I 73 59.07 7.96 3.56
CA HIS I 73 57.96 8.44 4.38
C HIS I 73 56.65 8.57 3.62
N ILE I 74 56.65 8.43 2.30
CA ILE I 74 55.45 8.53 1.48
C ILE I 74 55.22 7.19 0.80
N LEU I 75 53.98 6.71 0.82
CA LEU I 75 53.64 5.44 0.20
C LEU I 75 53.95 5.47 -1.30
N GLN I 76 54.23 4.29 -1.83
CA GLN I 76 54.49 4.16 -3.26
C GLN I 76 53.18 4.15 -4.05
N ASP I 77 53.31 4.27 -5.37
CA ASP I 77 52.14 4.28 -6.24
C ASP I 77 51.35 2.98 -6.18
N GLU I 78 52.00 1.86 -5.82
CA GLU I 78 51.29 0.60 -5.70
C GLU I 78 50.27 0.64 -4.56
N ASP I 79 50.55 1.42 -3.52
CA ASP I 79 49.71 1.47 -2.32
C ASP I 79 48.81 2.70 -2.28
N LEU I 80 48.62 3.39 -3.41
CA LEU I 80 47.78 4.58 -3.48
C LEU I 80 46.43 4.23 -4.08
N GLN I 81 45.36 4.73 -3.45
CA GLN I 81 44.03 4.54 -3.99
C GLN I 81 43.09 5.59 -3.40
N TRP I 82 42.12 6.02 -4.22
CA TRP I 82 41.11 6.97 -3.76
C TRP I 82 40.08 6.24 -2.91
N VAL I 83 39.94 6.68 -1.66
CA VAL I 83 39.01 6.08 -0.71
C VAL I 83 37.97 7.12 -0.35
N PHE I 84 36.70 6.72 -0.36
CA PHE I 84 35.64 7.63 0.05
C PHE I 84 35.74 7.95 1.54
N VAL I 85 35.32 9.15 1.91
CA VAL I 85 35.33 9.61 3.29
C VAL I 85 33.99 10.28 3.57
N ASN I 86 33.19 9.68 4.44
CA ASN I 86 31.91 10.23 4.88
C ASN I 86 32.00 10.56 6.36
N ALA I 87 31.78 11.83 6.70
CA ALA I 87 31.87 12.28 8.09
C ALA I 87 31.11 13.59 8.23
N GLY I 88 30.42 13.76 9.36
CA GLY I 88 29.80 15.01 9.72
C GLY I 88 28.73 15.54 8.77
N GLY I 89 28.32 14.72 7.80
CA GLY I 89 27.33 15.15 6.83
C GLY I 89 27.86 15.52 5.47
N TRP I 90 29.18 15.47 5.26
CA TRP I 90 29.78 15.71 3.96
C TRP I 90 30.42 14.43 3.45
N MET I 91 30.69 14.39 2.16
CA MET I 91 31.29 13.21 1.53
C MET I 91 32.35 13.65 0.54
N GLY I 92 33.54 13.08 0.67
CA GLY I 92 34.63 13.34 -0.27
C GLY I 92 35.46 12.10 -0.48
N SER I 93 36.70 12.27 -0.94
CA SER I 93 37.62 11.16 -1.14
C SER I 93 39.03 11.60 -0.77
N MET I 94 39.82 10.65 -0.30
CA MET I 94 41.19 10.92 0.13
C MET I 94 42.15 9.97 -0.55
N CYS I 95 43.40 10.42 -0.69
CA CYS I 95 44.50 9.58 -1.14
C CYS I 95 45.63 9.79 -0.15
N LEU I 96 45.85 8.81 0.71
CA LEU I 96 46.77 8.95 1.84
C LEU I 96 48.20 8.77 1.36
N LEU I 97 49.00 9.83 1.50
CA LEU I 97 50.42 9.78 1.13
C LEU I 97 51.30 9.37 2.30
N HIS I 98 51.04 9.93 3.48
CA HIS I 98 51.81 9.62 4.69
C HIS I 98 50.87 9.64 5.88
N ALA I 99 51.15 8.78 6.85
CA ALA I 99 50.36 8.76 8.09
C ALA I 99 51.16 8.08 9.19
N SER I 100 51.20 8.72 10.36
CA SER I 100 51.85 8.16 11.54
C SER I 100 50.93 8.37 12.73
N LEU I 101 51.47 8.24 13.94
CA LEU I 101 50.67 8.47 15.14
C LEU I 101 50.54 9.95 15.47
N THR I 102 51.35 10.82 14.88
CA THR I 102 51.30 12.25 15.13
C THR I 102 51.18 13.11 13.87
N GLU I 103 51.44 12.56 12.69
CA GLU I 103 51.35 13.30 11.44
C GLU I 103 50.59 12.48 10.41
N TYR I 104 50.01 13.17 9.43
CA TYR I 104 49.46 12.49 8.26
C TYR I 104 49.37 13.49 7.11
N VAL I 105 49.63 13.01 5.90
CA VAL I 105 49.54 13.81 4.69
C VAL I 105 48.66 13.05 3.70
N LEU I 106 47.72 13.76 3.08
CA LEU I 106 46.84 13.12 2.10
C LEU I 106 46.38 14.16 1.09
N LEU I 107 45.77 13.67 0.02
CA LEU I 107 45.14 14.49 -1.01
C LEU I 107 43.63 14.31 -0.86
N PHE I 108 42.95 15.38 -0.46
CA PHE I 108 41.51 15.33 -0.20
C PHE I 108 40.76 16.15 -1.24
N GLY I 109 39.50 15.81 -1.42
CA GLY I 109 38.62 16.57 -2.28
C GLY I 109 37.37 15.82 -2.61
N THR I 110 36.45 16.52 -3.28
CA THR I 110 35.18 15.95 -3.70
C THR I 110 34.83 16.42 -5.10
N ALA I 111 34.15 15.55 -5.84
CA ALA I 111 33.61 15.88 -7.15
C ALA I 111 32.12 16.13 -7.11
N VAL I 112 31.54 16.26 -5.92
CA VAL I 112 30.14 16.62 -5.76
C VAL I 112 30.05 17.75 -4.74
N ASP I 113 28.87 18.36 -4.69
CA ASP I 113 28.62 19.45 -3.75
C ASP I 113 28.22 18.85 -2.41
N THR I 114 29.10 18.99 -1.42
CA THR I 114 28.86 18.47 -0.09
C THR I 114 29.25 19.50 0.96
N GLY I 115 28.94 19.19 2.21
CA GLY I 115 29.23 20.04 3.34
C GLY I 115 28.68 19.56 4.68
N GLY I 116 29.29 20.01 5.77
CA GLY I 116 28.80 19.62 7.08
C GLY I 116 29.75 20.03 8.19
N HIS I 117 29.80 19.19 9.22
CA HIS I 117 30.61 19.49 10.39
C HIS I 117 32.06 19.08 10.15
N SER I 118 32.99 20.01 10.42
CA SER I 118 34.41 19.74 10.22
C SER I 118 34.95 18.76 11.25
N GLY I 119 34.32 18.66 12.41
CA GLY I 119 34.77 17.76 13.45
C GLY I 119 35.70 18.43 14.43
N ARG I 120 35.50 18.16 15.72
CA ARG I 120 36.33 18.71 16.79
C ARG I 120 37.18 17.58 17.35
N TYR I 121 38.50 17.66 17.13
CA TYR I 121 39.41 16.58 17.51
C TYR I 121 40.71 17.18 18.00
N TRP I 122 41.61 16.31 18.48
CA TRP I 122 42.89 16.73 19.03
C TRP I 122 43.97 16.71 17.96
N ALA I 123 43.79 17.57 16.96
CA ALA I 123 44.73 17.61 15.84
C ALA I 123 44.58 18.92 15.10
N GLU I 124 45.71 19.54 14.78
CA GLU I 124 45.74 20.75 13.95
C GLU I 124 45.88 20.34 12.50
N ILE I 125 44.97 20.82 11.66
CA ILE I 125 44.88 20.42 10.26
C ILE I 125 45.03 21.65 9.38
N SER I 126 45.83 21.51 8.32
CA SER I 126 46.04 22.58 7.34
C SER I 126 45.70 22.07 5.95
N ASP I 127 44.84 22.79 5.25
CA ASP I 127 44.42 22.44 3.90
C ASP I 127 44.72 23.60 2.95
N THR I 128 45.47 23.31 1.89
CA THR I 128 45.79 24.28 0.84
C THR I 128 44.99 23.90 -0.39
N ILE I 129 44.03 24.74 -0.77
CA ILE I 129 43.12 24.43 -1.86
C ILE I 129 43.86 24.52 -3.18
N LEU I 130 43.84 23.44 -3.95
CA LEU I 130 44.40 23.43 -5.30
C LEU I 130 43.39 23.86 -6.36
N SER I 131 42.12 23.49 -6.17
CA SER I 131 41.07 23.87 -7.10
C SER I 131 39.73 23.82 -6.37
N GLY I 132 38.77 24.57 -6.89
CA GLY I 132 37.44 24.60 -6.33
C GLY I 132 37.25 25.77 -5.36
N THR I 133 36.30 25.59 -4.45
CA THR I 133 36.00 26.60 -3.44
C THR I 133 35.83 25.90 -2.10
N PHE I 134 36.09 26.66 -1.03
CA PHE I 134 36.00 26.15 0.34
C PHE I 134 35.26 27.20 1.15
N ARG I 135 34.03 26.90 1.56
CA ARG I 135 33.29 27.78 2.46
C ARG I 135 33.50 27.30 3.89
N GLN I 136 34.01 28.18 4.74
CA GLN I 136 34.24 27.88 6.15
C GLN I 136 33.38 28.79 7.01
N TRP I 137 32.71 28.19 8.00
CA TRP I 137 31.83 28.92 8.91
C TRP I 137 32.33 28.67 10.32
N LYS I 138 33.05 29.65 10.87
CA LYS I 138 33.65 29.49 12.18
C LYS I 138 32.60 29.53 13.28
N GLU I 139 32.95 28.95 14.42
CA GLU I 139 32.03 28.85 15.54
C GLU I 139 31.80 30.22 16.19
N GLY I 140 30.56 30.47 16.57
CA GLY I 140 30.20 31.70 17.26
C GLY I 140 29.95 32.90 16.39
N THR I 141 29.95 32.73 15.07
CA THR I 141 29.72 33.83 14.15
C THR I 141 28.46 33.59 13.33
N THR I 142 28.04 34.62 12.60
CA THR I 142 26.87 34.54 11.73
C THR I 142 27.23 34.73 10.25
N LYS I 143 28.51 34.79 9.92
CA LYS I 143 28.95 34.95 8.54
C LYS I 143 30.05 33.94 8.25
N SER I 144 30.11 33.49 7.00
CA SER I 144 31.08 32.52 6.56
C SER I 144 32.02 33.15 5.54
N GLU I 145 33.18 32.51 5.37
CA GLU I 145 34.19 32.97 4.43
C GLU I 145 34.38 31.93 3.34
N ILE I 146 34.69 32.41 2.14
CA ILE I 146 34.91 31.55 0.98
C ILE I 146 36.38 31.65 0.58
N PHE I 147 37.04 30.50 0.48
CA PHE I 147 38.46 30.43 0.13
C PHE I 147 38.62 29.79 -1.23
N TYR I 148 39.61 30.27 -1.98
CA TYR I 148 39.79 29.91 -3.39
C TYR I 148 41.14 29.23 -3.58
N PRO I 149 41.42 28.68 -4.77
CA PRO I 149 42.72 28.02 -4.97
C PRO I 149 43.89 28.93 -4.61
N GLY I 150 44.86 28.35 -3.91
CA GLY I 150 45.99 29.08 -3.39
C GLY I 150 45.91 29.36 -1.90
N ASP I 151 44.69 29.49 -1.37
CA ASP I 151 44.51 29.75 0.03
C ASP I 151 44.82 28.52 0.87
N THR I 152 45.14 28.75 2.14
CA THR I 152 45.45 27.70 3.09
C THR I 152 44.65 27.95 4.36
N ILE I 153 43.89 26.95 4.79
CA ILE I 153 43.01 27.07 5.94
C ILE I 153 43.55 26.19 7.06
N VAL I 154 43.64 26.76 8.25
CA VAL I 154 44.18 26.07 9.42
C VAL I 154 43.04 25.81 10.39
N HIS I 155 42.66 24.53 10.51
CA HIS I 155 41.67 24.09 11.49
C HIS I 155 42.43 23.73 12.76
N GLU I 156 42.39 24.62 13.76
CA GLU I 156 43.19 24.46 14.96
C GLU I 156 42.59 23.40 15.90
N VAL I 157 43.37 23.07 16.93
CA VAL I 157 42.95 22.05 17.89
C VAL I 157 41.77 22.57 18.69
N GLY I 158 40.75 21.72 18.85
CA GLY I 158 39.57 22.08 19.60
C GLY I 158 38.59 22.97 18.86
N GLU I 159 38.93 23.43 17.66
CA GLU I 159 38.05 24.27 16.89
C GLU I 159 37.03 23.41 16.15
N ALA I 160 35.81 23.94 16.01
CA ALA I 160 34.75 23.28 15.26
C ALA I 160 34.13 24.29 14.30
N THR I 161 34.17 23.96 13.01
CA THR I 161 33.62 24.84 11.97
C THR I 161 32.69 24.04 11.07
N SER I 162 31.96 24.75 10.23
CA SER I 162 31.11 24.15 9.21
C SER I 162 31.78 24.32 7.85
N VAL I 163 31.99 23.21 7.14
CA VAL I 163 32.68 23.21 5.86
C VAL I 163 31.68 22.96 4.75
N GLN I 164 32.00 23.47 3.56
CA GLN I 164 31.21 23.26 2.36
C GLN I 164 32.13 23.33 1.15
N TRP I 165 31.95 22.40 0.22
CA TRP I 165 32.80 22.32 -0.96
C TRP I 165 31.94 22.29 -2.22
N SER I 166 32.52 22.78 -3.31
CA SER I 166 31.85 22.80 -4.60
C SER I 166 32.11 21.50 -5.35
N SER I 167 31.62 21.43 -6.58
CA SER I 167 31.68 20.23 -7.41
C SER I 167 33.04 19.99 -8.03
N GLY I 168 34.08 20.68 -7.57
CA GLY I 168 35.41 20.47 -8.12
C GLY I 168 36.51 20.83 -7.15
N THR I 169 36.29 20.56 -5.87
CA THR I 169 37.21 20.96 -4.82
C THR I 169 38.26 19.88 -4.59
N TRP I 170 39.53 20.28 -4.57
CA TRP I 170 40.64 19.36 -4.33
C TRP I 170 41.73 20.11 -3.59
N MET I 171 42.33 19.46 -2.59
CA MET I 171 43.27 20.13 -1.71
C MET I 171 44.31 19.15 -1.18
N VAL I 172 45.42 19.71 -0.71
CA VAL I 172 46.47 18.95 -0.03
C VAL I 172 46.39 19.28 1.45
N GLU I 173 46.30 18.23 2.27
CA GLU I 173 46.01 18.37 3.69
C GLU I 173 47.10 17.72 4.53
N TYR I 174 47.49 18.40 5.61
CA TYR I 174 48.47 17.91 6.56
C TYR I 174 47.95 18.10 7.97
N GLY I 175 48.05 17.06 8.79
CA GLY I 175 47.51 17.08 10.14
C GLY I 175 48.56 16.77 11.19
N ARG I 176 48.50 17.49 12.30
CA ARG I 176 49.40 17.31 13.43
C ARG I 176 48.60 17.18 14.71
N GLY I 177 49.04 16.30 15.60
CA GLY I 177 48.42 16.13 16.90
C GLY I 177 48.23 14.66 17.21
N PHE I 178 47.26 14.38 18.07
CA PHE I 178 46.92 13.01 18.45
C PHE I 178 46.03 12.42 17.36
N ILE I 179 46.68 11.80 16.37
CA ILE I 179 45.96 11.32 15.20
C ILE I 179 44.93 10.24 15.54
N PRO I 180 45.21 9.23 16.37
CA PRO I 180 44.21 8.18 16.60
C PRO I 180 42.85 8.69 17.06
N SER I 181 42.80 9.84 17.73
CA SER I 181 41.52 10.38 18.18
C SER I 181 40.65 10.81 17.01
N THR I 182 41.25 11.26 15.93
CA THR I 182 40.49 11.79 14.81
C THR I 182 39.76 10.70 14.04
N CYS I 183 40.26 9.47 14.08
CA CYS I 183 39.65 8.39 13.30
C CYS I 183 38.23 8.06 13.77
N ALA I 184 37.90 8.39 15.02
CA ALA I 184 36.53 8.20 15.48
C ALA I 184 35.54 9.02 14.67
N PHE I 185 35.89 10.27 14.38
CA PHE I 185 35.01 11.12 13.57
C PHE I 185 35.01 10.71 12.11
N ALA I 186 36.15 10.26 11.59
CA ALA I 186 36.25 9.92 10.18
C ALA I 186 35.42 8.68 9.82
N LEU I 187 35.02 7.89 10.81
CA LEU I 187 34.30 6.64 10.57
C LEU I 187 32.90 6.65 11.17
N ALA I 188 32.44 7.79 11.67
CA ALA I 188 31.11 7.86 12.28
C ALA I 188 30.01 7.66 11.25
N ASP I 189 30.04 8.44 10.17
CA ASP I 189 29.01 8.32 9.14
C ASP I 189 29.10 6.98 8.42
N THR I 190 30.30 6.42 8.30
CA THR I 190 30.43 5.10 7.68
C THR I 190 29.79 4.02 8.52
N ILE I 191 29.57 4.26 9.80
CA ILE I 191 28.96 3.28 10.68
C ILE I 191 27.44 3.50 10.78
N PHE I 192 27.01 4.74 10.98
CA PHE I 192 25.62 5.04 11.26
C PHE I 192 24.87 5.63 10.07
N SER I 193 25.54 5.84 8.93
CA SER I 193 24.84 6.43 7.79
C SER I 193 25.05 5.64 6.51
N THR I 194 26.29 5.56 6.03
CA THR I 194 26.53 4.90 4.75
C THR I 194 26.55 3.38 4.90
N GLN I 195 27.07 2.88 6.03
CA GLN I 195 27.22 1.44 6.25
C GLN I 195 28.01 0.79 5.12
N ASP I 196 28.98 1.53 4.58
CA ASP I 196 29.86 1.04 3.53
C ASP I 196 31.12 0.46 4.20
N PHE I 197 30.98 -0.76 4.70
CA PHE I 197 32.06 -1.39 5.44
C PHE I 197 33.26 -1.70 4.56
N LEU I 198 33.07 -1.84 3.26
CA LEU I 198 34.22 -2.02 2.37
C LEU I 198 35.08 -0.77 2.36
N THR I 199 34.45 0.41 2.39
CA THR I 199 35.20 1.65 2.50
C THR I 199 35.92 1.73 3.84
N LEU I 200 35.28 1.25 4.91
CA LEU I 200 35.96 1.15 6.20
C LEU I 200 37.18 0.25 6.12
N PHE I 201 37.05 -0.89 5.42
CA PHE I 201 38.20 -1.77 5.25
C PHE I 201 39.32 -1.07 4.47
N TYR I 202 38.97 -0.35 3.40
CA TYR I 202 39.97 0.38 2.64
C TYR I 202 40.68 1.40 3.51
N THR I 203 39.94 2.13 4.34
CA THR I 203 40.55 3.13 5.21
C THR I 203 41.51 2.48 6.20
N VAL I 204 41.08 1.39 6.85
CA VAL I 204 41.97 0.68 7.76
C VAL I 204 43.15 0.09 7.01
N LYS I 205 42.95 -0.33 5.77
CA LYS I 205 44.02 -0.91 4.98
C LYS I 205 45.11 0.13 4.67
N VAL I 206 44.72 1.27 4.11
CA VAL I 206 45.71 2.28 3.73
C VAL I 206 46.35 2.89 4.97
N CYS I 207 45.61 3.00 6.07
CA CYS I 207 46.21 3.50 7.31
C CYS I 207 47.23 2.50 7.85
N SER I 208 46.92 1.21 7.77
CA SER I 208 47.86 0.19 8.22
C SER I 208 49.11 0.18 7.36
N LYS I 209 48.97 0.36 6.05
CA LYS I 209 50.13 0.39 5.17
C LYS I 209 51.04 1.56 5.50
N ALA I 210 50.46 2.73 5.74
CA ALA I 210 51.26 3.91 6.07
C ALA I 210 51.95 3.74 7.42
N LEU I 211 51.27 3.15 8.40
CA LEU I 211 51.89 2.91 9.70
C LEU I 211 53.03 1.91 9.57
N LEU I 212 52.85 0.85 8.79
CA LEU I 212 53.91 -0.14 8.62
C LEU I 212 55.08 0.43 7.84
N LEU I 213 54.83 1.30 6.87
CA LEU I 213 55.93 1.95 6.15
C LEU I 213 56.76 2.81 7.08
N GLU I 214 56.10 3.60 7.93
CA GLU I 214 56.84 4.43 8.88
C GLU I 214 57.58 3.57 9.90
N ALA I 215 56.97 2.46 10.32
CA ALA I 215 57.64 1.56 11.26
C ALA I 215 58.84 0.89 10.61
N SER I 216 58.72 0.50 9.34
CA SER I 216 59.84 -0.10 8.64
C SER I 216 60.97 0.92 8.44
N THR I 217 60.61 2.17 8.15
CA THR I 217 61.62 3.21 8.00
C THR I 217 62.31 3.50 9.33
N HIS I 218 61.57 3.46 10.44
CA HIS I 218 62.19 3.66 11.75
C HIS I 218 63.12 2.49 12.10
N LEU I 219 62.74 1.27 11.73
CA LEU I 219 63.58 0.11 12.02
C LEU I 219 64.89 0.17 11.23
N SER I 220 64.83 0.62 9.98
CA SER I 220 66.04 0.72 9.18
C SER I 220 66.98 1.81 9.71
N GLN I 221 66.47 2.71 10.55
CA GLN I 221 67.31 3.76 11.15
C GLN I 221 67.60 3.43 12.61
N LEU J 9 16.52 -15.72 72.99
CA LEU J 9 16.37 -14.36 72.47
C LEU J 9 17.62 -13.95 71.73
N GLY J 10 17.75 -12.65 71.51
CA GLY J 10 18.89 -12.11 70.80
C GLY J 10 18.80 -12.21 69.30
N LEU J 11 17.66 -12.65 68.76
CA LEU J 11 17.42 -12.74 67.33
C LEU J 11 16.49 -11.62 66.88
N ARG J 12 16.65 -11.22 65.62
CA ARG J 12 15.79 -10.22 65.01
C ARG J 12 14.33 -10.65 64.93
N ALA J 13 14.04 -11.95 65.09
CA ALA J 13 12.65 -12.39 65.14
C ALA J 13 11.87 -11.70 66.25
N VAL J 14 12.54 -11.40 67.37
CA VAL J 14 11.88 -10.65 68.43
C VAL J 14 11.53 -9.24 67.96
N LEU J 15 12.40 -8.66 67.12
CA LEU J 15 12.12 -7.33 66.58
C LEU J 15 11.03 -7.38 65.51
N VAL J 16 10.99 -8.45 64.72
CA VAL J 16 9.93 -8.60 63.74
C VAL J 16 8.59 -8.83 64.42
N VAL J 17 8.59 -9.55 65.54
CA VAL J 17 7.37 -9.75 66.33
C VAL J 17 6.90 -8.42 66.89
N ALA J 18 7.78 -7.70 67.59
CA ALA J 18 7.42 -6.38 68.10
C ALA J 18 7.08 -5.42 66.97
N GLY J 19 7.72 -5.57 65.81
CA GLY J 19 7.41 -4.72 64.68
C GLY J 19 6.01 -4.94 64.15
N LEU J 20 5.59 -6.21 64.05
CA LEU J 20 4.21 -6.50 63.67
C LEU J 20 3.23 -6.06 64.75
N ALA J 21 3.65 -6.09 66.01
CA ALA J 21 2.79 -5.64 67.10
C ALA J 21 2.55 -4.15 67.02
N VAL J 22 3.60 -3.37 66.81
CA VAL J 22 3.45 -1.92 66.68
C VAL J 22 2.72 -1.58 65.38
N LEU J 23 2.98 -2.34 64.32
CA LEU J 23 2.24 -2.13 63.07
C LEU J 23 0.76 -2.40 63.29
N LEU J 24 0.41 -3.41 64.09
CA LEU J 24 -0.99 -3.65 64.40
C LEU J 24 -1.54 -2.59 65.34
N GLN J 25 -0.74 -2.11 66.28
CA GLN J 25 -1.18 -1.02 67.15
C GLN J 25 -1.49 0.23 66.34
N LEU J 26 -0.68 0.50 65.31
CA LEU J 26 -0.93 1.66 64.46
C LEU J 26 -2.17 1.44 63.59
N ILE J 27 -2.27 0.28 62.96
CA ILE J 27 -3.39 -0.01 62.08
C ILE J 27 -4.69 -0.10 62.88
N ARG J 28 -4.66 -0.82 64.01
CA ARG J 28 -5.85 -0.90 64.85
C ARG J 28 -6.15 0.44 65.51
N GLY J 29 -5.14 1.28 65.71
CA GLY J 29 -5.40 2.62 66.23
C GLY J 29 -6.11 3.49 65.22
N TRP J 30 -5.72 3.40 63.95
CA TRP J 30 -6.45 4.11 62.90
C TRP J 30 -7.88 3.62 62.78
N LEU J 31 -8.08 2.30 62.83
CA LEU J 31 -9.43 1.75 62.73
C LEU J 31 -10.26 2.08 63.96
N SER J 32 -9.62 2.33 65.11
CA SER J 32 -10.34 2.65 66.34
C SER J 32 -10.65 4.12 66.50
N SER J 33 -10.03 5.00 65.70
CA SER J 33 -10.25 6.44 65.84
C SER J 33 -10.72 7.09 64.54
N LYS J 34 -11.15 6.30 63.55
CA LYS J 34 -11.52 6.82 62.23
C LYS J 34 -13.03 7.07 62.18
N SER J 35 -13.41 8.34 62.20
CA SER J 35 -14.77 8.76 61.87
C SER J 35 -15.32 8.01 60.66
N TYR J 36 -16.24 7.08 60.90
CA TYR J 36 -16.85 6.26 59.86
C TYR J 36 -18.13 6.90 59.35
N VAL J 37 -18.58 6.43 58.19
CA VAL J 37 -19.81 6.91 57.56
C VAL J 37 -21.01 6.15 58.11
N PHE J 38 -20.98 4.83 57.96
CA PHE J 38 -22.10 3.99 58.33
C PHE J 38 -21.85 3.36 59.71
N ASN J 39 -22.90 2.72 60.22
CA ASN J 39 -22.79 1.88 61.40
C ASN J 39 -23.67 0.65 61.19
N ARG J 40 -23.30 -0.45 61.87
CA ARG J 40 -24.00 -1.71 61.63
C ARG J 40 -25.45 -1.64 62.05
N GLU J 41 -25.76 -0.86 63.09
CA GLU J 41 -27.14 -0.75 63.55
C GLU J 41 -28.00 -0.02 62.53
N GLU J 42 -27.46 1.02 61.89
CA GLU J 42 -28.22 1.76 60.90
C GLU J 42 -28.61 0.87 59.73
N ILE J 43 -27.64 0.16 59.16
CA ILE J 43 -27.93 -0.73 58.04
C ILE J 43 -28.85 -1.87 58.48
N ALA J 44 -28.65 -2.39 59.69
CA ALA J 44 -29.48 -3.48 60.17
C ALA J 44 -30.93 -3.03 60.33
N ARG J 45 -31.15 -1.85 60.90
CA ARG J 45 -32.52 -1.36 61.08
C ARG J 45 -33.17 -1.07 59.74
N LEU J 46 -32.46 -0.42 58.82
CA LEU J 46 -33.03 -0.13 57.50
C LEU J 46 -33.42 -1.39 56.77
N ALA J 47 -32.66 -2.48 56.96
CA ALA J 47 -33.00 -3.73 56.30
C ALA J 47 -34.15 -4.43 57.02
N LYS J 48 -34.19 -4.35 58.35
CA LYS J 48 -35.26 -4.99 59.09
C LYS J 48 -36.60 -4.28 58.89
N GLU J 49 -36.58 -3.00 58.54
CA GLU J 49 -37.82 -2.29 58.25
C GLU J 49 -38.53 -2.90 57.05
N HIS J 50 -37.77 -3.38 56.07
CA HIS J 50 -38.32 -3.93 54.83
C HIS J 50 -38.36 -5.45 54.81
N SER J 51 -37.99 -6.10 55.91
CA SER J 51 -38.16 -7.54 56.02
C SER J 51 -39.65 -7.89 56.03
N GLY J 52 -39.98 -9.04 55.47
CA GLY J 52 -41.36 -9.43 55.29
C GLY J 52 -42.02 -8.89 54.04
N LEU J 53 -41.28 -8.19 53.20
CA LEU J 53 -41.76 -7.70 51.91
C LEU J 53 -40.97 -8.40 50.81
N ASP J 54 -41.39 -8.16 49.56
CA ASP J 54 -40.66 -8.71 48.43
C ASP J 54 -39.24 -8.18 48.42
N TYR J 55 -38.27 -9.09 48.30
CA TYR J 55 -36.87 -8.71 48.48
C TYR J 55 -36.40 -7.75 47.39
N GLU J 56 -37.00 -7.83 46.19
CA GLU J 56 -36.64 -6.88 45.15
C GLU J 56 -37.15 -5.48 45.49
N VAL J 57 -38.38 -5.39 45.98
CA VAL J 57 -38.90 -4.10 46.44
C VAL J 57 -38.09 -3.59 47.62
N ALA J 58 -37.67 -4.49 48.51
CA ALA J 58 -36.83 -4.10 49.64
C ALA J 58 -35.48 -3.56 49.16
N PHE J 59 -34.88 -4.21 48.17
CA PHE J 59 -33.62 -3.73 47.61
C PHE J 59 -33.77 -2.29 47.12
N SER J 60 -34.82 -2.02 46.34
CA SER J 60 -35.00 -0.70 45.76
C SER J 60 -35.21 0.35 46.85
N LYS J 61 -36.06 0.05 47.83
CA LYS J 61 -36.33 1.00 48.90
C LYS J 61 -35.09 1.25 49.76
N ILE J 62 -34.29 0.21 49.99
CA ILE J 62 -33.09 0.37 50.79
C ILE J 62 -32.05 1.21 50.05
N ILE J 63 -31.93 1.01 48.74
CA ILE J 63 -31.00 1.82 47.94
C ILE J 63 -31.42 3.28 47.94
N VAL J 64 -32.74 3.53 47.80
CA VAL J 64 -33.22 4.91 47.81
C VAL J 64 -32.96 5.57 49.16
N GLU J 65 -33.23 4.85 50.25
CA GLU J 65 -33.00 5.41 51.58
C GLU J 65 -31.52 5.67 51.84
N LEU J 66 -30.65 4.78 51.37
CA LEU J 66 -29.22 4.99 51.58
C LEU J 66 -28.71 6.18 50.78
N ARG J 67 -29.17 6.32 49.53
CA ARG J 67 -28.76 7.48 48.75
C ARG J 67 -29.36 8.78 49.26
N LYS J 68 -30.49 8.71 49.97
CA LYS J 68 -31.05 9.92 50.57
C LYS J 68 -30.26 10.35 51.80
N LYS J 69 -30.03 9.42 52.73
CA LYS J 69 -29.38 9.76 53.98
C LYS J 69 -27.86 9.89 53.85
N HIS J 70 -27.27 9.33 52.79
CA HIS J 70 -25.83 9.41 52.57
C HIS J 70 -25.56 9.67 51.10
N PRO J 71 -25.73 10.92 50.65
CA PRO J 71 -25.44 11.22 49.25
C PRO J 71 -23.95 11.21 48.98
N GLY J 72 -23.60 10.83 47.75
CA GLY J 72 -22.21 10.76 47.35
C GLY J 72 -21.44 9.58 47.91
N HIS J 73 -22.11 8.64 48.58
CA HIS J 73 -21.45 7.47 49.13
C HIS J 73 -21.98 6.16 48.58
N ILE J 74 -23.07 6.16 47.82
CA ILE J 74 -23.63 4.95 47.24
C ILE J 74 -23.57 5.09 45.72
N LEU J 75 -23.13 4.03 45.05
CA LEU J 75 -23.00 4.03 43.61
C LEU J 75 -24.34 4.29 42.93
N GLN J 76 -24.27 4.85 41.73
CA GLN J 76 -25.46 5.11 40.94
C GLN J 76 -25.93 3.82 40.27
N ASP J 77 -27.14 3.87 39.70
CA ASP J 77 -27.69 2.69 39.03
C ASP J 77 -26.85 2.25 37.84
N GLU J 78 -26.10 3.17 37.24
CA GLU J 78 -25.26 2.83 36.10
C GLU J 78 -24.14 1.87 36.48
N ASP J 79 -23.65 1.96 37.73
CA ASP J 79 -22.51 1.16 38.18
C ASP J 79 -22.92 -0.03 39.02
N LEU J 80 -24.20 -0.41 39.02
CA LEU J 80 -24.69 -1.54 39.78
C LEU J 80 -24.89 -2.74 38.87
N GLN J 81 -24.42 -3.90 39.32
CA GLN J 81 -24.62 -5.15 38.59
C GLN J 81 -24.43 -6.31 39.54
N TRP J 82 -25.19 -7.38 39.32
CA TRP J 82 -25.06 -8.59 40.13
C TRP J 82 -23.83 -9.38 39.70
N VAL J 83 -22.90 -9.58 40.62
CA VAL J 83 -21.66 -10.30 40.37
C VAL J 83 -21.64 -11.55 41.23
N PHE J 84 -21.28 -12.68 40.62
CA PHE J 84 -21.18 -13.93 41.36
C PHE J 84 -20.06 -13.85 42.39
N VAL J 85 -20.23 -14.59 43.48
CA VAL J 85 -19.24 -14.65 44.57
C VAL J 85 -19.07 -16.11 44.95
N ASN J 86 -17.89 -16.67 44.69
CA ASN J 86 -17.56 -18.03 45.08
C ASN J 86 -16.45 -17.99 46.13
N ALA J 87 -16.73 -18.54 47.31
CA ALA J 87 -15.74 -18.50 48.38
C ALA J 87 -16.06 -19.57 49.40
N GLY J 88 -15.01 -20.21 49.93
CA GLY J 88 -15.13 -21.16 51.02
C GLY J 88 -16.00 -22.37 50.74
N GLY J 89 -16.40 -22.56 49.49
CA GLY J 89 -17.26 -23.66 49.12
C GLY J 89 -18.71 -23.30 48.89
N TRP J 90 -19.08 -22.04 49.05
CA TRP J 90 -20.42 -21.57 48.75
C TRP J 90 -20.40 -20.61 47.57
N MET J 91 -21.58 -20.39 46.99
CA MET J 91 -21.72 -19.55 45.81
C MET J 91 -22.96 -18.68 45.93
N GLY J 92 -22.80 -17.38 45.75
CA GLY J 92 -23.91 -16.45 45.72
C GLY J 92 -23.68 -15.32 44.74
N SER J 93 -24.39 -14.21 44.93
CA SER J 93 -24.21 -13.04 44.08
C SER J 93 -24.36 -11.79 44.94
N MET J 94 -23.66 -10.73 44.55
CA MET J 94 -23.62 -9.49 45.30
C MET J 94 -23.94 -8.31 44.41
N CYS J 95 -24.45 -7.25 45.02
CA CYS J 95 -24.64 -5.96 44.37
C CYS J 95 -24.02 -4.91 45.29
N LEU J 96 -22.85 -4.42 44.91
CA LEU J 96 -22.07 -3.54 45.77
C LEU J 96 -22.63 -2.12 45.70
N LEU J 97 -23.14 -1.64 46.84
CA LEU J 97 -23.67 -0.27 46.92
C LEU J 97 -22.60 0.73 47.36
N HIS J 98 -21.81 0.38 48.36
CA HIS J 98 -20.77 1.25 48.87
C HIS J 98 -19.56 0.41 49.25
N ALA J 99 -18.36 0.97 49.04
CA ALA J 99 -17.14 0.29 49.41
C ALA J 99 -16.02 1.32 49.57
N SER J 100 -15.28 1.20 50.67
CA SER J 100 -14.13 2.06 50.93
C SER J 100 -13.00 1.16 51.42
N LEU J 101 -11.97 1.75 52.02
CA LEU J 101 -10.88 0.98 52.58
C LEU J 101 -11.21 0.42 53.96
N THR J 102 -12.27 0.90 54.60
CA THR J 102 -12.67 0.44 55.92
C THR J 102 -14.11 0.00 56.02
N GLU J 103 -14.97 0.35 55.07
CA GLU J 103 -16.38 0.00 55.09
C GLU J 103 -16.81 -0.52 53.73
N TYR J 104 -17.89 -1.29 53.71
CA TYR J 104 -18.54 -1.66 52.47
C TYR J 104 -19.98 -2.05 52.74
N VAL J 105 -20.86 -1.69 51.80
CA VAL J 105 -22.28 -2.03 51.87
C VAL J 105 -22.66 -2.71 50.56
N LEU J 106 -23.38 -3.83 50.66
CA LEU J 106 -23.81 -4.54 49.46
C LEU J 106 -25.09 -5.32 49.75
N LEU J 107 -25.70 -5.81 48.69
CA LEU J 107 -26.86 -6.69 48.76
C LEU J 107 -26.41 -8.08 48.36
N PHE J 108 -26.40 -9.01 49.31
CA PHE J 108 -25.92 -10.36 49.06
C PHE J 108 -27.09 -11.35 49.12
N GLY J 109 -26.91 -12.47 48.44
CA GLY J 109 -27.88 -13.54 48.51
C GLY J 109 -27.63 -14.55 47.41
N THR J 110 -28.38 -15.65 47.49
CA THR J 110 -28.26 -16.72 46.53
C THR J 110 -29.63 -17.26 46.15
N ALA J 111 -29.74 -17.71 44.90
CA ALA J 111 -30.93 -18.38 44.41
C ALA J 111 -30.72 -19.88 44.30
N VAL J 112 -29.63 -20.40 44.86
CA VAL J 112 -29.37 -21.84 44.91
C VAL J 112 -28.98 -22.21 46.33
N ASP J 113 -29.02 -23.51 46.60
CA ASP J 113 -28.66 -24.04 47.91
C ASP J 113 -27.15 -24.23 47.96
N THR J 114 -26.46 -23.40 48.73
CA THR J 114 -25.02 -23.49 48.88
C THR J 114 -24.65 -23.32 50.34
N GLY J 115 -23.37 -23.52 50.65
CA GLY J 115 -22.86 -23.40 52.00
C GLY J 115 -21.40 -23.76 52.16
N GLY J 116 -20.75 -23.24 53.21
CA GLY J 116 -19.34 -23.57 53.42
C GLY J 116 -18.72 -22.70 54.49
N HIS J 117 -17.45 -22.37 54.29
CA HIS J 117 -16.71 -21.58 55.26
C HIS J 117 -17.01 -20.10 55.10
N SER J 118 -17.38 -19.44 56.20
CA SER J 118 -17.69 -18.02 56.16
C SER J 118 -16.46 -17.15 55.94
N GLY J 119 -15.27 -17.67 56.24
CA GLY J 119 -14.04 -16.93 56.08
C GLY J 119 -13.61 -16.23 57.36
N ARG J 120 -12.33 -16.34 57.68
CA ARG J 120 -11.75 -15.69 58.86
C ARG J 120 -10.87 -14.54 58.40
N TYR J 121 -11.30 -13.30 58.69
CA TYR J 121 -10.61 -12.13 58.20
C TYR J 121 -10.68 -11.02 59.25
N TRP J 122 -9.99 -9.91 58.95
CA TRP J 122 -9.88 -8.77 59.86
C TRP J 122 -10.98 -7.74 59.57
N ALA J 123 -12.23 -8.16 59.77
CA ALA J 123 -13.36 -7.30 59.49
C ALA J 123 -14.60 -7.82 60.20
N GLU J 124 -15.34 -6.90 60.82
CA GLU J 124 -16.62 -7.23 61.43
C GLU J 124 -17.72 -7.04 60.41
N ILE J 125 -18.51 -8.08 60.19
CA ILE J 125 -19.53 -8.10 59.14
C ILE J 125 -20.90 -8.34 59.78
N SER J 126 -21.89 -7.59 59.31
CA SER J 126 -23.26 -7.72 59.78
C SER J 126 -24.17 -7.99 58.60
N ASP J 127 -24.97 -9.04 58.70
CA ASP J 127 -25.90 -9.44 57.64
C ASP J 127 -27.31 -9.47 58.21
N THR J 128 -28.21 -8.72 57.59
CA THR J 128 -29.62 -8.70 57.96
C THR J 128 -30.42 -9.42 56.87
N ILE J 129 -30.97 -10.58 57.21
CA ILE J 129 -31.66 -11.41 56.23
C ILE J 129 -32.99 -10.76 55.87
N LEU J 130 -33.20 -10.52 54.57
CA LEU J 130 -34.48 -10.01 54.09
C LEU J 130 -35.48 -11.13 53.79
N SER J 131 -34.98 -12.26 53.29
CA SER J 131 -35.84 -13.40 52.98
C SER J 131 -35.00 -14.66 52.97
N GLY J 132 -35.65 -15.80 53.18
CA GLY J 132 -34.95 -17.07 53.17
C GLY J 132 -34.54 -17.55 54.54
N THR J 133 -33.49 -18.37 54.61
CA THR J 133 -32.98 -18.89 55.87
C THR J 133 -31.45 -18.81 55.89
N PHE J 134 -30.90 -18.75 57.10
CA PHE J 134 -29.46 -18.66 57.32
C PHE J 134 -29.09 -19.63 58.42
N ARG J 135 -28.40 -20.71 58.07
CA ARG J 135 -27.89 -21.65 59.06
C ARG J 135 -26.45 -21.27 59.41
N GLN J 136 -26.20 -21.02 60.70
CA GLN J 136 -24.87 -20.67 61.18
C GLN J 136 -24.38 -21.74 62.15
N TRP J 137 -23.14 -22.17 61.96
CA TRP J 137 -22.50 -23.19 62.79
C TRP J 137 -21.22 -22.58 63.37
N LYS J 138 -21.28 -22.17 64.64
CA LYS J 138 -20.15 -21.51 65.26
C LYS J 138 -19.03 -22.51 65.54
N GLU J 139 -17.80 -21.99 65.64
CA GLU J 139 -16.64 -22.83 65.89
C GLU J 139 -16.66 -23.37 67.31
N GLY J 140 -16.26 -24.63 67.47
CA GLY J 140 -16.18 -25.23 68.78
C GLY J 140 -17.48 -25.78 69.32
N THR J 141 -18.55 -25.81 68.52
CA THR J 141 -19.84 -26.31 68.94
C THR J 141 -20.22 -27.53 68.09
N THR J 142 -21.27 -28.21 68.53
CA THR J 142 -21.79 -29.38 67.83
C THR J 142 -23.22 -29.17 67.33
N LYS J 143 -23.76 -27.96 67.47
CA LYS J 143 -25.10 -27.64 67.00
C LYS J 143 -25.08 -26.31 66.25
N SER J 144 -25.98 -26.18 65.29
CA SER J 144 -26.13 -24.99 64.48
C SER J 144 -27.47 -24.32 64.74
N GLU J 145 -27.54 -23.04 64.41
CA GLU J 145 -28.75 -22.25 64.58
C GLU J 145 -29.26 -21.77 63.21
N ILE J 146 -30.57 -21.65 63.10
CA ILE J 146 -31.23 -21.22 61.87
C ILE J 146 -31.85 -19.85 62.12
N PHE J 147 -31.52 -18.89 61.27
CA PHE J 147 -32.00 -17.52 61.40
C PHE J 147 -32.95 -17.20 60.27
N TYR J 148 -33.97 -16.39 60.58
CA TYR J 148 -35.08 -16.16 59.66
C TYR J 148 -35.14 -14.68 59.26
N PRO J 149 -35.98 -14.30 58.29
CA PRO J 149 -36.05 -12.89 57.90
C PRO J 149 -36.35 -11.98 59.07
N GLY J 150 -35.61 -10.87 59.12
CA GLY J 150 -35.66 -9.93 60.22
C GLY J 150 -34.47 -10.03 61.15
N ASP J 151 -33.86 -11.21 61.24
CA ASP J 151 -32.71 -11.41 62.11
C ASP J 151 -31.47 -10.75 61.53
N THR J 152 -30.52 -10.44 62.41
CA THR J 152 -29.26 -9.84 62.03
C THR J 152 -28.13 -10.61 62.70
N ILE J 153 -27.18 -11.07 61.90
CA ILE J 153 -26.07 -11.89 62.39
C ILE J 153 -24.78 -11.08 62.26
N VAL J 154 -24.00 -11.08 63.33
CA VAL J 154 -22.75 -10.32 63.39
C VAL J 154 -21.60 -11.30 63.38
N HIS J 155 -20.87 -11.34 62.26
CA HIS J 155 -19.68 -12.17 62.12
C HIS J 155 -18.49 -11.33 62.57
N GLU J 156 -17.99 -11.59 63.78
CA GLU J 156 -16.99 -10.76 64.39
C GLU J 156 -15.61 -11.00 63.76
N VAL J 157 -14.66 -10.13 64.13
CA VAL J 157 -13.31 -10.22 63.60
C VAL J 157 -12.62 -11.45 64.17
N GLY J 158 -11.94 -12.20 63.30
CA GLY J 158 -11.23 -13.39 63.70
C GLY J 158 -12.10 -14.62 63.92
N GLU J 159 -13.42 -14.49 63.82
CA GLU J 159 -14.31 -15.62 63.99
C GLU J 159 -14.43 -16.39 62.67
N ALA J 160 -14.59 -17.70 62.78
CA ALA J 160 -14.80 -18.57 61.63
C ALA J 160 -15.99 -19.47 61.92
N THR J 161 -17.01 -19.39 61.07
CA THR J 161 -18.22 -20.19 61.20
C THR J 161 -18.52 -20.87 59.87
N SER J 162 -19.45 -21.82 59.90
CA SER J 162 -19.95 -22.49 58.70
C SER J 162 -21.33 -21.94 58.38
N VAL J 163 -21.49 -21.42 57.17
CA VAL J 163 -22.74 -20.79 56.75
C VAL J 163 -23.45 -21.70 55.75
N GLN J 164 -24.77 -21.56 55.69
CA GLN J 164 -25.59 -22.30 54.75
C GLN J 164 -26.81 -21.46 54.43
N TRP J 165 -27.17 -21.41 53.15
CA TRP J 165 -28.28 -20.58 52.69
C TRP J 165 -29.23 -21.42 51.85
N SER J 166 -30.49 -20.99 51.82
CA SER J 166 -31.50 -21.68 51.04
C SER J 166 -31.52 -21.14 49.61
N SER J 167 -32.43 -21.67 48.81
CA SER J 167 -32.52 -21.34 47.38
C SER J 167 -33.22 -20.00 47.12
N GLY J 168 -33.43 -19.19 48.15
CA GLY J 168 -34.08 -17.91 47.97
C GLY J 168 -33.70 -16.93 49.05
N THR J 169 -32.46 -17.00 49.50
CA THR J 169 -31.97 -16.20 50.61
C THR J 169 -31.41 -14.89 50.08
N TRP J 170 -31.81 -13.78 50.70
CA TRP J 170 -31.34 -12.46 50.30
C TRP J 170 -31.21 -11.59 51.53
N MET J 171 -30.13 -10.81 51.59
CA MET J 171 -29.79 -10.07 52.79
C MET J 171 -29.06 -8.79 52.42
N VAL J 172 -29.06 -7.84 53.35
CA VAL J 172 -28.30 -6.60 53.24
C VAL J 172 -27.13 -6.71 54.22
N GLU J 173 -25.92 -6.50 53.71
CA GLU J 173 -24.70 -6.77 54.46
C GLU J 173 -23.84 -5.52 54.56
N TYR J 174 -23.28 -5.30 55.75
CA TYR J 174 -22.38 -4.18 56.01
C TYR J 174 -21.15 -4.69 56.75
N GLY J 175 -19.98 -4.29 56.29
CA GLY J 175 -18.72 -4.76 56.85
C GLY J 175 -17.84 -3.61 57.32
N ARG J 176 -17.17 -3.81 58.46
CA ARG J 176 -16.27 -2.82 59.03
C ARG J 176 -14.93 -3.47 59.34
N GLY J 177 -13.84 -2.72 59.11
CA GLY J 177 -12.52 -3.20 59.47
C GLY J 177 -11.49 -2.99 58.38
N PHE J 178 -10.44 -3.82 58.36
CA PHE J 178 -9.43 -3.75 57.31
C PHE J 178 -9.94 -4.53 56.10
N ILE J 179 -10.64 -3.82 55.21
CA ILE J 179 -11.30 -4.49 54.08
C ILE J 179 -10.32 -5.16 53.12
N PRO J 180 -9.19 -4.53 52.72
CA PRO J 180 -8.32 -5.18 51.72
C PRO J 180 -7.87 -6.60 52.08
N SER J 181 -7.77 -6.94 53.37
CA SER J 181 -7.36 -8.28 53.75
C SER J 181 -8.42 -9.32 53.40
N THR J 182 -9.70 -8.93 53.44
CA THR J 182 -10.79 -9.88 53.25
C THR J 182 -10.94 -10.32 51.80
N CYS J 183 -10.50 -9.50 50.85
CA CYS J 183 -10.67 -9.81 49.44
C CYS J 183 -9.89 -11.03 48.98
N ALA J 184 -8.83 -11.42 49.70
CA ALA J 184 -8.11 -12.65 49.36
C ALA J 184 -9.01 -13.87 49.45
N PHE J 185 -9.85 -13.93 50.49
CA PHE J 185 -10.75 -15.08 50.66
C PHE J 185 -11.89 -15.03 49.64
N ALA J 186 -12.37 -13.84 49.29
CA ALA J 186 -13.49 -13.72 48.37
C ALA J 186 -13.15 -14.18 46.96
N LEU J 187 -11.87 -14.32 46.63
CA LEU J 187 -11.44 -14.66 45.28
C LEU J 187 -10.69 -15.98 45.23
N ALA J 188 -10.67 -16.75 46.33
CA ALA J 188 -9.92 -18.01 46.34
C ALA J 188 -10.57 -19.03 45.40
N ASP J 189 -11.87 -19.25 45.56
CA ASP J 189 -12.56 -20.22 44.70
C ASP J 189 -12.61 -19.75 43.25
N THR J 190 -12.64 -18.43 43.04
CA THR J 190 -12.64 -17.91 41.68
C THR J 190 -11.31 -18.18 40.96
N ILE J 191 -10.24 -18.40 41.71
CA ILE J 191 -8.93 -18.66 41.13
C ILE J 191 -8.65 -20.15 41.00
N PHE J 192 -8.89 -20.91 42.07
CA PHE J 192 -8.49 -22.30 42.14
C PHE J 192 -9.62 -23.28 41.91
N SER J 193 -10.85 -22.80 41.71
CA SER J 193 -11.97 -23.71 41.53
C SER J 193 -12.77 -23.35 40.28
N THR J 194 -13.38 -22.16 40.28
CA THR J 194 -14.24 -21.78 39.16
C THR J 194 -13.42 -21.31 37.95
N GLN J 195 -12.31 -20.62 38.20
CA GLN J 195 -11.49 -20.05 37.15
C GLN J 195 -12.32 -19.19 36.19
N ASP J 196 -13.30 -18.49 36.78
CA ASP J 196 -14.14 -17.55 36.03
C ASP J 196 -13.52 -16.17 36.17
N PHE J 197 -12.51 -15.90 35.35
CA PHE J 197 -11.79 -14.63 35.43
C PHE J 197 -12.64 -13.44 35.04
N LEU J 198 -13.70 -13.64 34.26
CA LEU J 198 -14.59 -12.53 33.94
C LEU J 198 -15.32 -12.04 35.18
N THR J 199 -15.70 -12.96 36.08
CA THR J 199 -16.30 -12.56 37.35
C THR J 199 -15.27 -11.84 38.21
N LEU J 200 -14.01 -12.30 38.18
CA LEU J 200 -12.93 -11.60 38.87
C LEU J 200 -12.78 -10.19 38.34
N PHE J 201 -12.86 -10.01 37.01
CA PHE J 201 -12.81 -8.67 36.43
C PHE J 201 -13.97 -7.83 36.91
N TYR J 202 -15.17 -8.41 36.96
CA TYR J 202 -16.33 -7.65 37.45
C TYR J 202 -16.14 -7.23 38.90
N THR J 203 -15.59 -8.13 39.73
CA THR J 203 -15.36 -7.80 41.13
C THR J 203 -14.36 -6.67 41.28
N VAL J 204 -13.24 -6.75 40.56
CA VAL J 204 -12.26 -5.67 40.59
C VAL J 204 -12.86 -4.39 40.00
N LYS J 205 -13.74 -4.54 39.01
CA LYS J 205 -14.35 -3.38 38.36
C LYS J 205 -15.23 -2.59 39.33
N VAL J 206 -16.19 -3.29 39.97
CA VAL J 206 -17.09 -2.59 40.88
C VAL J 206 -16.34 -2.08 42.10
N CYS J 207 -15.31 -2.80 42.54
CA CYS J 207 -14.51 -2.33 43.67
C CYS J 207 -13.76 -1.05 43.33
N SER J 208 -13.18 -0.99 42.12
CA SER J 208 -12.46 0.22 41.71
C SER J 208 -13.40 1.41 41.56
N LYS J 209 -14.60 1.19 41.01
CA LYS J 209 -15.55 2.28 40.86
C LYS J 209 -16.00 2.82 42.20
N ALA J 210 -16.27 1.94 43.16
CA ALA J 210 -16.69 2.38 44.49
C ALA J 210 -15.58 3.13 45.21
N LEU J 211 -14.34 2.65 45.09
CA LEU J 211 -13.22 3.34 45.73
C LEU J 211 -13.00 4.71 45.11
N LEU J 212 -13.11 4.82 43.78
CA LEU J 212 -12.92 6.11 43.13
C LEU J 212 -14.06 7.07 43.45
N LEU J 213 -15.29 6.55 43.61
CA LEU J 213 -16.39 7.40 44.04
C LEU J 213 -16.14 7.98 45.42
N GLU J 214 -15.67 7.14 46.34
CA GLU J 214 -15.36 7.63 47.68
C GLU J 214 -14.19 8.61 47.66
N ALA J 215 -13.21 8.37 46.80
CA ALA J 215 -12.08 9.30 46.67
C ALA J 215 -12.54 10.64 46.08
N SER J 216 -13.45 10.59 45.10
CA SER J 216 -13.95 11.83 44.52
C SER J 216 -14.79 12.62 45.51
N THR J 217 -15.57 11.93 46.35
CA THR J 217 -16.35 12.62 47.36
C THR J 217 -15.45 13.28 48.40
N HIS J 218 -14.34 12.63 48.77
CA HIS J 218 -13.39 13.25 49.68
C HIS J 218 -12.70 14.45 49.05
N LEU J 219 -12.43 14.38 47.74
CA LEU J 219 -11.80 15.52 47.06
C LEU J 219 -12.73 16.72 47.02
N SER J 220 -14.02 16.49 46.78
CA SER J 220 -14.99 17.59 46.76
C SER J 220 -15.20 18.20 48.14
N GLN J 221 -14.80 17.51 49.21
CA GLN J 221 -14.95 18.02 50.56
C GLN J 221 -13.62 18.53 51.10
N TRP K 8 0.52 7.87 20.80
CA TRP K 8 -0.15 6.60 20.52
C TRP K 8 0.88 5.52 20.22
N LEU K 9 1.90 5.44 21.07
CA LEU K 9 2.96 4.44 20.94
C LEU K 9 2.49 3.12 21.56
N GLY K 10 1.62 2.44 20.80
CA GLY K 10 1.20 1.11 21.23
C GLY K 10 2.35 0.13 21.25
N LEU K 11 3.17 0.14 20.21
CA LEU K 11 4.40 -0.67 20.10
C LEU K 11 3.98 -2.14 20.17
N ARG K 12 4.59 -2.95 21.02
CA ARG K 12 4.21 -4.36 21.10
C ARG K 12 2.82 -4.55 21.68
N ALA K 13 2.32 -3.58 22.45
CA ALA K 13 1.01 -3.72 23.07
C ALA K 13 -0.10 -3.71 22.01
N VAL K 14 -0.11 -2.68 21.16
CA VAL K 14 -1.13 -2.57 20.13
C VAL K 14 -1.01 -3.69 19.11
N LEU K 15 0.16 -4.31 19.01
CA LEU K 15 0.34 -5.43 18.10
C LEU K 15 -0.09 -6.76 18.71
N VAL K 16 0.16 -6.95 20.01
CA VAL K 16 -0.31 -8.16 20.68
C VAL K 16 -1.83 -8.18 20.73
N VAL K 17 -2.45 -7.01 20.89
CA VAL K 17 -3.90 -6.91 20.87
C VAL K 17 -4.44 -7.35 19.51
N ALA K 18 -3.89 -6.80 18.43
CA ALA K 18 -4.32 -7.21 17.11
C ALA K 18 -3.89 -8.63 16.78
N GLY K 19 -2.80 -9.10 17.38
CA GLY K 19 -2.36 -10.46 17.12
C GLY K 19 -3.29 -11.50 17.72
N LEU K 20 -3.70 -11.28 18.97
CA LEU K 20 -4.69 -12.16 19.58
C LEU K 20 -6.04 -12.04 18.90
N ALA K 21 -6.37 -10.84 18.41
CA ALA K 21 -7.62 -10.66 17.67
C ALA K 21 -7.60 -11.44 16.36
N VAL K 22 -6.49 -11.39 15.63
CA VAL K 22 -6.37 -12.15 14.39
C VAL K 22 -6.34 -13.65 14.67
N LEU K 23 -5.61 -14.05 15.71
CA LEU K 23 -5.61 -15.46 16.10
C LEU K 23 -7.02 -15.93 16.45
N LEU K 24 -7.78 -15.09 17.16
CA LEU K 24 -9.16 -15.43 17.47
C LEU K 24 -10.02 -15.46 16.21
N GLN K 25 -9.77 -14.54 15.27
CA GLN K 25 -10.48 -14.61 14.00
C GLN K 25 -10.12 -15.88 13.25
N LEU K 26 -8.87 -16.33 13.35
CA LEU K 26 -8.46 -17.57 12.69
C LEU K 26 -9.12 -18.76 13.36
N ILE K 27 -9.07 -18.82 14.69
CA ILE K 27 -9.64 -19.96 15.42
C ILE K 27 -11.17 -19.98 15.28
N ARG K 28 -11.81 -18.82 15.48
CA ARG K 28 -13.25 -18.76 15.34
C ARG K 28 -13.68 -18.96 13.90
N GLY K 29 -12.82 -18.61 12.93
CA GLY K 29 -13.14 -18.89 11.54
C GLY K 29 -13.08 -20.37 11.23
N TRP K 30 -12.10 -21.08 11.81
CA TRP K 30 -12.05 -22.54 11.67
C TRP K 30 -13.26 -23.20 12.33
N LEU K 31 -13.63 -22.73 13.53
CA LEU K 31 -14.78 -23.28 14.22
C LEU K 31 -16.09 -22.99 13.50
N SER K 32 -16.14 -21.91 12.71
CA SER K 32 -17.35 -21.55 11.99
C SER K 32 -17.48 -22.23 10.64
N SER K 33 -16.41 -22.85 10.13
CA SER K 33 -16.42 -23.48 8.82
C SER K 33 -16.04 -24.96 8.89
N LYS K 34 -16.01 -25.55 10.07
CA LYS K 34 -15.57 -26.93 10.25
C LYS K 34 -16.77 -27.86 10.21
N SER K 35 -16.91 -28.62 9.12
CA SER K 35 -17.82 -29.75 9.07
C SER K 35 -17.79 -30.57 10.35
N TYR K 36 -18.83 -30.46 11.15
CA TYR K 36 -18.96 -31.18 12.41
C TYR K 36 -19.70 -32.50 12.21
N VAL K 37 -19.57 -33.38 13.22
CA VAL K 37 -20.21 -34.69 13.19
C VAL K 37 -21.63 -34.60 13.74
N PHE K 38 -21.75 -34.15 14.98
CA PHE K 38 -23.02 -34.08 15.70
C PHE K 38 -23.58 -32.66 15.66
N ASN K 39 -24.83 -32.54 16.11
CA ASN K 39 -25.45 -31.25 16.34
C ASN K 39 -26.30 -31.34 17.60
N ARG K 40 -26.51 -30.20 18.24
CA ARG K 40 -27.19 -30.21 19.54
C ARG K 40 -28.62 -30.67 19.43
N GLU K 41 -29.30 -30.39 18.32
CA GLU K 41 -30.68 -30.84 18.15
C GLU K 41 -30.75 -32.36 18.05
N GLU K 42 -29.78 -32.96 17.36
CA GLU K 42 -29.76 -34.42 17.20
C GLU K 42 -29.65 -35.12 18.56
N ILE K 43 -28.66 -34.72 19.36
CA ILE K 43 -28.47 -35.33 20.66
C ILE K 43 -29.66 -35.04 21.57
N ALA K 44 -30.23 -33.83 21.47
CA ALA K 44 -31.35 -33.46 22.32
C ALA K 44 -32.57 -34.34 22.04
N ARG K 45 -32.88 -34.57 20.76
CA ARG K 45 -34.02 -35.42 20.43
C ARG K 45 -33.80 -36.86 20.86
N LEU K 46 -32.60 -37.38 20.60
CA LEU K 46 -32.30 -38.77 20.97
C LEU K 46 -32.41 -38.97 22.47
N ALA K 47 -32.05 -37.96 23.27
CA ALA K 47 -32.17 -38.09 24.72
C ALA K 47 -33.61 -37.89 25.19
N LYS K 48 -34.36 -37.00 24.56
CA LYS K 48 -35.74 -36.76 24.98
C LYS K 48 -36.64 -37.94 24.65
N GLU K 49 -36.30 -38.73 23.64
CA GLU K 49 -37.12 -39.90 23.31
C GLU K 49 -37.16 -40.90 24.47
N HIS K 50 -36.07 -41.02 25.22
CA HIS K 50 -35.99 -41.98 26.31
C HIS K 50 -36.23 -41.36 27.68
N SER K 51 -36.61 -40.09 27.74
CA SER K 51 -37.02 -39.51 29.02
C SER K 51 -38.31 -40.18 29.50
N GLY K 52 -38.43 -40.33 30.82
CA GLY K 52 -39.52 -41.07 31.41
C GLY K 52 -39.29 -42.57 31.51
N LEU K 53 -38.10 -43.04 31.13
CA LEU K 53 -37.70 -44.43 31.27
C LEU K 53 -36.54 -44.52 32.26
N ASP K 54 -36.14 -45.75 32.58
CA ASP K 54 -34.98 -45.94 33.43
C ASP K 54 -33.74 -45.35 32.78
N TYR K 55 -33.00 -44.54 33.53
CA TYR K 55 -31.87 -43.82 32.95
C TYR K 55 -30.76 -44.76 32.53
N GLU K 56 -30.67 -45.94 33.16
CA GLU K 56 -29.70 -46.93 32.73
C GLU K 56 -30.09 -47.50 31.37
N VAL K 57 -31.38 -47.82 31.19
CA VAL K 57 -31.86 -48.28 29.88
C VAL K 57 -31.71 -47.18 28.84
N ALA K 58 -31.96 -45.93 29.24
CA ALA K 58 -31.80 -44.80 28.33
C ALA K 58 -30.35 -44.66 27.89
N PHE K 59 -29.41 -44.84 28.82
CA PHE K 59 -28.00 -44.81 28.47
C PHE K 59 -27.68 -45.83 27.38
N SER K 60 -28.11 -47.08 27.57
CA SER K 60 -27.77 -48.14 26.61
C SER K 60 -28.38 -47.87 25.24
N LYS K 61 -29.66 -47.50 25.20
CA LYS K 61 -30.32 -47.28 23.92
C LYS K 61 -29.73 -46.08 23.19
N ILE K 62 -29.33 -45.04 23.92
CA ILE K 62 -28.72 -43.87 23.28
C ILE K 62 -27.34 -44.22 22.72
N ILE K 63 -26.57 -45.02 23.46
CA ILE K 63 -25.26 -45.45 22.96
C ILE K 63 -25.41 -46.29 21.70
N VAL K 64 -26.41 -47.17 21.69
CA VAL K 64 -26.66 -48.00 20.50
C VAL K 64 -27.03 -47.13 19.31
N GLU K 65 -27.91 -46.14 19.52
CA GLU K 65 -28.32 -45.26 18.43
C GLU K 65 -27.15 -44.42 17.94
N LEU K 66 -26.28 -43.98 18.85
CA LEU K 66 -25.13 -43.17 18.44
C LEU K 66 -24.14 -44.00 17.62
N ARG K 67 -23.88 -45.24 18.04
CA ARG K 67 -23.01 -46.11 17.27
C ARG K 67 -23.64 -46.56 15.95
N LYS K 68 -24.96 -46.56 15.87
CA LYS K 68 -25.63 -46.90 14.61
C LYS K 68 -25.52 -45.77 13.59
N LYS K 69 -25.94 -44.56 13.98
CA LYS K 69 -25.98 -43.45 13.04
C LYS K 69 -24.61 -42.79 12.83
N HIS K 70 -23.66 -43.02 13.72
CA HIS K 70 -22.30 -42.46 13.59
C HIS K 70 -21.29 -43.52 13.97
N PRO K 71 -21.04 -44.48 13.08
CA PRO K 71 -20.04 -45.51 13.39
C PRO K 71 -18.63 -44.96 13.34
N GLY K 72 -17.77 -45.54 14.18
CA GLY K 72 -16.40 -45.09 14.24
C GLY K 72 -16.17 -43.78 14.96
N HIS K 73 -17.21 -43.24 15.59
CA HIS K 73 -17.11 -41.99 16.32
C HIS K 73 -17.42 -42.11 17.80
N ILE K 74 -17.95 -43.24 18.26
CA ILE K 74 -18.27 -43.46 19.66
C ILE K 74 -17.42 -44.62 20.17
N LEU K 75 -16.83 -44.44 21.35
CA LEU K 75 -15.98 -45.49 21.93
C LEU K 75 -16.77 -46.78 22.14
N GLN K 76 -16.05 -47.89 22.10
CA GLN K 76 -16.66 -49.19 22.35
C GLN K 76 -16.84 -49.40 23.85
N ASP K 77 -17.59 -50.44 24.20
CA ASP K 77 -17.84 -50.75 25.61
C ASP K 77 -16.55 -51.08 26.36
N GLU K 78 -15.52 -51.54 25.65
CA GLU K 78 -14.25 -51.84 26.30
C GLU K 78 -13.58 -50.60 26.86
N ASP K 79 -13.77 -49.45 26.23
CA ASP K 79 -13.11 -48.22 26.63
C ASP K 79 -14.02 -47.28 27.42
N LEU K 80 -15.15 -47.77 27.91
CA LEU K 80 -16.09 -46.96 28.67
C LEU K 80 -15.95 -47.23 30.16
N GLN K 81 -15.95 -46.17 30.95
CA GLN K 81 -15.90 -46.28 32.41
C GLN K 81 -16.42 -44.98 33.01
N TRP K 82 -17.10 -45.10 34.13
CA TRP K 82 -17.60 -43.92 34.84
C TRP K 82 -16.45 -43.24 35.55
N VAL K 83 -16.23 -41.97 35.25
CA VAL K 83 -15.15 -41.18 35.83
C VAL K 83 -15.78 -40.06 36.64
N PHE K 84 -15.29 -39.87 37.86
CA PHE K 84 -15.75 -38.75 38.68
C PHE K 84 -15.32 -37.43 38.06
N VAL K 85 -16.13 -36.39 38.27
CA VAL K 85 -15.88 -35.06 37.72
C VAL K 85 -16.10 -34.05 38.83
N ASN K 86 -15.04 -33.37 39.25
CA ASN K 86 -15.11 -32.31 40.24
C ASN K 86 -14.74 -31.00 39.56
N ALA K 87 -15.67 -30.05 39.59
CA ALA K 87 -15.45 -28.76 38.94
C ALA K 87 -16.39 -27.73 39.52
N GLY K 88 -15.90 -26.51 39.70
CA GLY K 88 -16.72 -25.39 40.12
C GLY K 88 -17.41 -25.54 41.46
N GLY K 89 -17.03 -26.55 42.23
CA GLY K 89 -17.62 -26.78 43.53
C GLY K 89 -18.65 -27.90 43.59
N TRP K 90 -18.95 -28.54 42.47
CA TRP K 90 -19.86 -29.68 42.44
C TRP K 90 -19.12 -30.95 42.05
N MET K 91 -19.77 -32.08 42.30
CA MET K 91 -19.18 -33.39 42.00
C MET K 91 -20.23 -34.30 41.39
N GLY K 92 -19.88 -34.89 40.25
CA GLY K 92 -20.73 -35.84 39.55
C GLY K 92 -19.92 -36.93 38.88
N SER K 93 -20.49 -37.58 37.87
CA SER K 93 -19.78 -38.63 37.14
C SER K 93 -20.16 -38.54 35.66
N MET K 94 -19.21 -38.93 34.81
CA MET K 94 -19.38 -38.86 33.37
C MET K 94 -19.04 -40.20 32.72
N CYS K 95 -19.64 -40.43 31.57
CA CYS K 95 -19.29 -41.55 30.70
C CYS K 95 -19.09 -40.97 29.30
N LEU K 96 -17.84 -40.83 28.88
CA LEU K 96 -17.53 -40.14 27.63
C LEU K 96 -17.77 -41.08 26.46
N LEU K 97 -18.73 -40.72 25.59
CA LEU K 97 -19.04 -41.51 24.41
C LEU K 97 -18.23 -41.07 23.20
N HIS K 98 -18.12 -39.77 22.97
CA HIS K 98 -17.37 -39.22 21.85
C HIS K 98 -16.68 -37.95 22.30
N ALA K 99 -15.48 -37.71 21.78
CA ALA K 99 -14.73 -36.50 22.10
C ALA K 99 -13.71 -36.25 21.02
N SER K 100 -13.63 -35.00 20.57
CA SER K 100 -12.65 -34.57 19.58
C SER K 100 -12.07 -33.25 20.07
N LEU K 101 -11.38 -32.53 19.17
CA LEU K 101 -10.83 -31.23 19.52
C LEU K 101 -11.87 -30.12 19.46
N THR K 102 -13.03 -30.38 18.85
CA THR K 102 -14.10 -29.39 18.73
C THR K 102 -15.45 -29.87 19.23
N GLU K 103 -15.66 -31.18 19.39
CA GLU K 103 -16.92 -31.74 19.87
C GLU K 103 -16.66 -32.76 20.95
N TYR K 104 -17.67 -32.98 21.80
CA TYR K 104 -17.63 -34.09 22.73
C TYR K 104 -19.05 -34.45 23.15
N VAL K 105 -19.29 -35.75 23.35
CA VAL K 105 -20.58 -36.27 23.79
C VAL K 105 -20.33 -37.16 25.00
N LEU K 106 -21.13 -36.99 26.05
CA LEU K 106 -20.98 -37.81 27.23
C LEU K 106 -22.32 -37.93 27.96
N LEU K 107 -22.37 -38.85 28.91
CA LEU K 107 -23.50 -39.04 29.81
C LEU K 107 -23.05 -38.56 31.18
N PHE K 108 -23.65 -37.47 31.66
CA PHE K 108 -23.27 -36.87 32.93
C PHE K 108 -24.41 -37.01 33.93
N GLY K 109 -24.05 -36.98 35.20
CA GLY K 109 -25.04 -36.98 36.26
C GLY K 109 -24.39 -37.29 37.59
N THR K 110 -25.20 -37.15 38.64
CA THR K 110 -24.73 -37.38 40.00
C THR K 110 -25.77 -38.15 40.80
N ALA K 111 -25.28 -38.95 41.73
CA ALA K 111 -26.11 -39.67 42.68
C ALA K 111 -26.10 -39.04 44.07
N VAL K 112 -25.57 -37.83 44.19
CA VAL K 112 -25.57 -37.08 45.44
C VAL K 112 -26.04 -35.66 45.14
N ASP K 113 -26.34 -34.92 46.19
CA ASP K 113 -26.79 -33.54 46.07
C ASP K 113 -25.57 -32.62 45.97
N THR K 114 -25.37 -32.04 44.78
CA THR K 114 -24.23 -31.15 44.55
C THR K 114 -24.69 -29.93 43.78
N GLY K 115 -23.76 -28.99 43.62
CA GLY K 115 -24.02 -27.76 42.89
C GLY K 115 -22.86 -26.79 42.99
N GLY K 116 -22.76 -25.88 42.03
CA GLY K 116 -21.70 -24.88 42.08
C GLY K 116 -21.62 -24.09 40.80
N HIS K 117 -20.40 -23.69 40.44
CA HIS K 117 -20.18 -22.85 39.28
C HIS K 117 -20.16 -23.69 38.02
N SER K 118 -20.94 -23.30 37.03
CA SER K 118 -21.01 -24.06 35.78
C SER K 118 -19.73 -23.94 34.96
N GLY K 119 -18.95 -22.90 35.18
CA GLY K 119 -17.72 -22.70 34.44
C GLY K 119 -17.91 -21.84 33.20
N ARG K 120 -16.98 -20.92 32.98
CA ARG K 120 -16.99 -20.04 31.81
C ARG K 120 -15.84 -20.46 30.90
N TYR K 121 -16.18 -21.01 29.73
CA TYR K 121 -15.20 -21.56 28.82
C TYR K 121 -15.64 -21.28 27.39
N TRP K 122 -14.77 -21.63 26.44
CA TRP K 122 -15.00 -21.37 25.02
C TRP K 122 -15.67 -22.59 24.37
N ALA K 123 -16.89 -22.86 24.83
CA ALA K 123 -17.64 -24.01 24.33
C ALA K 123 -19.11 -23.85 24.66
N GLU K 124 -19.97 -24.12 23.68
CA GLU K 124 -21.41 -24.15 23.88
C GLU K 124 -21.83 -25.57 24.26
N ILE K 125 -22.53 -25.70 25.38
CA ILE K 125 -22.88 -27.00 25.93
C ILE K 125 -24.39 -27.12 26.03
N SER K 126 -24.92 -28.28 25.63
CA SER K 126 -26.35 -28.57 25.69
C SER K 126 -26.54 -29.86 26.48
N ASP K 127 -27.41 -29.80 27.47
CA ASP K 127 -27.71 -30.94 28.33
C ASP K 127 -29.21 -31.23 28.30
N THR K 128 -29.54 -32.47 27.97
CA THR K 128 -30.93 -32.94 27.96
C THR K 128 -31.12 -33.84 29.17
N ILE K 129 -31.94 -33.41 30.12
CA ILE K 129 -32.10 -34.12 31.38
C ILE K 129 -32.90 -35.40 31.13
N LEU K 130 -32.34 -36.55 31.52
CA LEU K 130 -33.04 -37.82 31.45
C LEU K 130 -33.85 -38.10 32.70
N SER K 131 -33.31 -37.75 33.87
CA SER K 131 -33.99 -37.95 35.13
C SER K 131 -33.42 -36.98 36.15
N GLY K 132 -34.21 -36.70 37.18
CA GLY K 132 -33.79 -35.80 38.23
C GLY K 132 -34.28 -34.38 38.02
N THR K 133 -33.54 -33.44 38.60
CA THR K 133 -33.85 -32.03 38.47
C THR K 133 -32.57 -31.26 38.20
N PHE K 134 -32.72 -30.10 37.56
CA PHE K 134 -31.59 -29.24 37.19
C PHE K 134 -32.00 -27.81 37.55
N ARG K 135 -31.39 -27.26 38.58
CA ARG K 135 -31.60 -25.86 38.94
C ARG K 135 -30.51 -25.01 38.31
N GLN K 136 -30.91 -24.04 37.49
CA GLN K 136 -29.98 -23.13 36.83
C GLN K 136 -30.24 -21.71 37.32
N TRP K 137 -29.17 -21.00 37.66
CA TRP K 137 -29.24 -19.63 38.15
C TRP K 137 -28.40 -18.78 37.20
N LYS K 138 -29.06 -18.05 36.31
CA LYS K 138 -28.33 -17.26 35.32
C LYS K 138 -27.66 -16.06 35.98
N GLU K 139 -26.62 -15.57 35.32
CA GLU K 139 -25.87 -14.43 35.84
C GLU K 139 -26.69 -13.16 35.71
N GLY K 140 -26.61 -12.30 36.72
CA GLY K 140 -27.30 -11.02 36.67
C GLY K 140 -28.75 -11.07 37.08
N THR K 141 -29.24 -12.22 37.57
CA THR K 141 -30.62 -12.34 38.02
C THR K 141 -30.65 -12.67 39.49
N THR K 142 -31.86 -12.59 40.07
CA THR K 142 -32.09 -12.91 41.47
C THR K 142 -33.01 -14.11 41.64
N LYS K 143 -33.38 -14.78 40.54
CA LYS K 143 -34.24 -15.94 40.59
C LYS K 143 -33.65 -17.06 39.74
N SER K 144 -33.91 -18.29 40.14
CA SER K 144 -33.43 -19.47 39.45
C SER K 144 -34.62 -20.26 38.89
N GLU K 145 -34.32 -21.10 37.90
CA GLU K 145 -35.33 -21.95 37.27
C GLU K 145 -34.98 -23.42 37.47
N ILE K 146 -36.02 -24.25 37.54
CA ILE K 146 -35.88 -25.69 37.74
C ILE K 146 -36.36 -26.40 36.48
N PHE K 147 -35.51 -27.24 35.92
CA PHE K 147 -35.81 -27.99 34.70
C PHE K 147 -35.92 -29.47 35.01
N TYR K 148 -36.82 -30.14 34.30
CA TYR K 148 -37.21 -31.51 34.61
C TYR K 148 -36.87 -32.43 33.45
N PRO K 149 -36.99 -33.75 33.60
CA PRO K 149 -36.68 -34.67 32.48
C PRO K 149 -37.45 -34.32 31.21
N GLY K 150 -36.74 -34.34 30.08
CA GLY K 150 -37.27 -33.96 28.80
C GLY K 150 -36.79 -32.59 28.34
N ASP K 151 -36.50 -31.69 29.27
CA ASP K 151 -36.03 -30.36 28.94
C ASP K 151 -34.57 -30.41 28.47
N THR K 152 -34.18 -29.37 27.74
CA THR K 152 -32.82 -29.24 27.22
C THR K 152 -32.31 -27.84 27.53
N ILE K 153 -31.16 -27.76 28.19
CA ILE K 153 -30.58 -26.50 28.65
C ILE K 153 -29.31 -26.23 27.85
N VAL K 154 -29.17 -25.01 27.35
CA VAL K 154 -28.05 -24.61 26.52
C VAL K 154 -27.19 -23.62 27.29
N HIS K 155 -26.00 -24.05 27.71
CA HIS K 155 -25.02 -23.17 28.33
C HIS K 155 -24.12 -22.62 27.22
N GLU K 156 -24.35 -21.37 26.83
CA GLU K 156 -23.68 -20.82 25.67
C GLU K 156 -22.23 -20.47 25.99
N VAL K 157 -21.49 -20.12 24.95
CA VAL K 157 -20.08 -19.77 25.08
C VAL K 157 -19.96 -18.47 25.86
N GLY K 158 -19.04 -18.43 26.82
CA GLY K 158 -18.82 -17.25 27.63
C GLY K 158 -19.86 -17.02 28.70
N GLU K 159 -20.91 -17.83 28.75
CA GLU K 159 -21.94 -17.68 29.77
C GLU K 159 -21.49 -18.38 31.05
N ALA K 160 -21.90 -17.80 32.18
CA ALA K 160 -21.61 -18.36 33.50
C ALA K 160 -22.89 -18.43 34.30
N THR K 161 -23.25 -19.62 34.73
CA THR K 161 -24.45 -19.85 35.53
C THR K 161 -24.10 -20.67 36.76
N SER K 162 -25.05 -20.76 37.69
CA SER K 162 -24.94 -21.60 38.86
C SER K 162 -25.82 -22.83 38.67
N VAL K 163 -25.23 -24.01 38.80
CA VAL K 163 -25.95 -25.27 38.59
C VAL K 163 -26.17 -25.96 39.93
N GLN K 164 -27.24 -26.74 39.99
CA GLN K 164 -27.57 -27.55 41.16
C GLN K 164 -28.33 -28.78 40.69
N TRP K 165 -27.97 -29.94 41.24
CA TRP K 165 -28.58 -31.20 40.83
C TRP K 165 -29.06 -31.96 42.06
N SER K 166 -30.06 -32.81 41.85
CA SER K 166 -30.62 -33.62 42.92
C SER K 166 -29.83 -34.92 43.06
N SER K 167 -30.28 -35.79 43.96
CA SER K 167 -29.56 -37.01 44.29
C SER K 167 -29.76 -38.12 43.26
N GLY K 168 -30.32 -37.83 42.10
CA GLY K 168 -30.53 -38.85 41.08
C GLY K 168 -30.62 -38.27 39.69
N THR K 169 -29.87 -37.20 39.44
CA THR K 169 -29.98 -36.46 38.19
C THR K 169 -29.01 -37.06 37.17
N TRP K 170 -29.52 -37.30 35.96
CA TRP K 170 -28.71 -37.88 34.89
C TRP K 170 -29.17 -37.28 33.56
N MET K 171 -28.20 -36.99 32.69
CA MET K 171 -28.47 -36.24 31.47
C MET K 171 -27.49 -36.66 30.37
N VAL K 172 -27.88 -36.37 29.13
CA VAL K 172 -27.03 -36.56 27.96
C VAL K 172 -26.56 -35.19 27.49
N GLU K 173 -25.24 -35.04 27.35
CA GLU K 173 -24.62 -33.74 27.14
C GLU K 173 -23.78 -33.73 25.87
N TYR K 174 -23.88 -32.62 25.12
CA TYR K 174 -23.11 -32.44 23.89
C TYR K 174 -22.47 -31.05 23.91
N GLY K 175 -21.19 -30.99 23.58
CA GLY K 175 -20.42 -29.75 23.63
C GLY K 175 -19.75 -29.43 22.30
N ARG K 176 -19.77 -28.15 21.94
CA ARG K 176 -19.16 -27.64 20.72
C ARG K 176 -18.28 -26.45 21.05
N GLY K 177 -17.15 -26.35 20.36
CA GLY K 177 -16.29 -25.19 20.51
C GLY K 177 -14.84 -25.61 20.66
N PHE K 178 -14.07 -24.74 21.29
CA PHE K 178 -12.65 -25.00 21.55
C PHE K 178 -12.55 -25.87 22.80
N ILE K 179 -12.54 -27.18 22.59
CA ILE K 179 -12.58 -28.12 23.72
C ILE K 179 -11.34 -28.00 24.62
N PRO K 180 -10.11 -27.92 24.11
CA PRO K 180 -8.95 -27.87 25.02
C PRO K 180 -9.01 -26.78 26.08
N SER K 181 -9.72 -25.67 25.83
CA SER K 181 -9.80 -24.62 26.84
C SER K 181 -10.59 -25.06 28.06
N THR K 182 -11.57 -25.95 27.87
CA THR K 182 -12.44 -26.35 28.97
C THR K 182 -11.74 -27.26 29.96
N CYS K 183 -10.69 -27.97 29.53
CA CYS K 183 -10.00 -28.90 30.43
C CYS K 183 -9.34 -28.21 31.60
N ALA K 184 -9.02 -26.92 31.47
CA ALA K 184 -8.49 -26.16 32.60
C ALA K 184 -9.50 -26.08 33.74
N PHE K 185 -10.76 -25.81 33.42
CA PHE K 185 -11.80 -25.72 34.44
C PHE K 185 -12.19 -27.09 34.99
N ALA K 186 -12.20 -28.10 34.12
CA ALA K 186 -12.66 -29.43 34.52
C ALA K 186 -11.71 -30.10 35.51
N LEU K 187 -10.47 -29.61 35.63
CA LEU K 187 -9.49 -30.26 36.49
C LEU K 187 -9.01 -29.36 37.61
N ALA K 188 -9.65 -28.20 37.81
CA ALA K 188 -9.22 -27.28 38.86
C ALA K 188 -9.46 -27.88 40.24
N ASP K 189 -10.69 -28.33 40.50
CA ASP K 189 -11.00 -28.90 41.81
C ASP K 189 -10.25 -30.20 42.06
N THR K 190 -9.97 -30.97 41.00
CA THR K 190 -9.21 -32.21 41.17
C THR K 190 -7.77 -31.93 41.59
N ILE K 191 -7.26 -30.73 41.33
CA ILE K 191 -5.89 -30.39 41.67
C ILE K 191 -5.81 -29.71 43.04
N PHE K 192 -6.69 -28.74 43.28
CA PHE K 192 -6.59 -27.89 44.46
C PHE K 192 -7.56 -28.28 45.57
N SER K 193 -8.39 -29.31 45.37
CA SER K 193 -9.34 -29.69 46.38
C SER K 193 -9.28 -31.18 46.67
N THR K 194 -9.62 -32.01 45.67
CA THR K 194 -9.71 -33.46 45.90
C THR K 194 -8.34 -34.11 45.89
N GLN K 195 -7.42 -33.63 45.05
CA GLN K 195 -6.10 -34.26 44.90
C GLN K 195 -6.24 -35.74 44.57
N ASP K 196 -7.26 -36.07 43.78
CA ASP K 196 -7.51 -37.43 43.32
C ASP K 196 -6.84 -37.61 41.97
N PHE K 197 -5.53 -37.89 42.02
CA PHE K 197 -4.74 -37.99 40.80
C PHE K 197 -5.15 -39.19 39.94
N LEU K 198 -5.74 -40.23 40.54
CA LEU K 198 -6.22 -41.36 39.75
C LEU K 198 -7.41 -40.95 38.89
N THR K 199 -8.29 -40.09 39.40
CA THR K 199 -9.39 -39.59 38.59
C THR K 199 -8.86 -38.71 37.46
N LEU K 200 -7.84 -37.90 37.73
CA LEU K 200 -7.19 -37.14 36.68
C LEU K 200 -6.60 -38.06 35.62
N PHE K 201 -5.94 -39.14 36.04
CA PHE K 201 -5.40 -40.11 35.09
C PHE K 201 -6.51 -40.74 34.27
N TYR K 202 -7.62 -41.11 34.92
CA TYR K 202 -8.75 -41.67 34.19
C TYR K 202 -9.31 -40.69 33.17
N THR K 203 -9.42 -39.42 33.54
CA THR K 203 -9.93 -38.41 32.61
C THR K 203 -9.02 -38.26 31.40
N VAL K 204 -7.71 -38.16 31.63
CA VAL K 204 -6.77 -38.08 30.53
C VAL K 204 -6.81 -39.35 29.70
N LYS K 205 -7.04 -40.50 30.33
CA LYS K 205 -7.06 -41.77 29.60
C LYS K 205 -8.21 -41.83 28.63
N VAL K 206 -9.44 -41.60 29.11
CA VAL K 206 -10.61 -41.70 28.23
C VAL K 206 -10.59 -40.59 27.20
N CYS K 207 -10.05 -39.42 27.56
CA CYS K 207 -9.92 -38.34 26.60
C CYS K 207 -8.93 -38.71 25.50
N SER K 208 -7.81 -39.34 25.88
CA SER K 208 -6.83 -39.79 24.89
C SER K 208 -7.40 -40.87 23.99
N LYS K 209 -8.17 -41.80 24.56
CA LYS K 209 -8.78 -42.86 23.77
C LYS K 209 -9.77 -42.30 22.76
N ALA K 210 -10.57 -41.32 23.17
CA ALA K 210 -11.52 -40.70 22.25
C ALA K 210 -10.81 -39.94 21.14
N LEU K 211 -9.72 -39.24 21.46
CA LEU K 211 -8.95 -38.54 20.44
C LEU K 211 -8.31 -39.50 19.46
N LEU K 212 -7.74 -40.61 19.96
CA LEU K 212 -7.11 -41.57 19.07
C LEU K 212 -8.12 -42.31 18.21
N LEU K 213 -9.31 -42.56 18.75
CA LEU K 213 -10.37 -43.17 17.94
C LEU K 213 -10.77 -42.25 16.79
N GLU K 214 -10.95 -40.95 17.08
CA GLU K 214 -11.31 -40.01 16.04
C GLU K 214 -10.19 -39.84 15.02
N ALA K 215 -8.94 -39.87 15.49
CA ALA K 215 -7.80 -39.77 14.57
C ALA K 215 -7.71 -41.00 13.68
N SER K 216 -7.97 -42.19 14.25
CA SER K 216 -7.94 -43.42 13.45
C SER K 216 -9.05 -43.43 12.41
N THR K 217 -10.23 -42.90 12.76
CA THR K 217 -11.32 -42.83 11.79
C THR K 217 -10.98 -41.88 10.65
N HIS K 218 -10.29 -40.78 10.95
CA HIS K 218 -9.86 -39.87 9.90
C HIS K 218 -8.80 -40.53 9.01
N LEU K 219 -7.92 -41.33 9.60
CA LEU K 219 -6.88 -42.00 8.84
C LEU K 219 -7.47 -43.03 7.89
N SER K 220 -8.50 -43.75 8.34
CA SER K 220 -9.15 -44.74 7.48
C SER K 220 -9.92 -44.09 6.34
N GLN K 221 -10.19 -42.80 6.42
CA GLN K 221 -10.91 -42.08 5.38
C GLN K 221 -9.95 -41.25 4.53
N ARG L 12 18.84 -45.26 34.38
CA ARG L 12 18.51 -44.94 35.76
C ARG L 12 16.99 -44.92 35.96
N ALA L 13 16.26 -44.90 34.84
CA ALA L 13 14.80 -44.86 34.90
C ALA L 13 14.23 -46.13 35.51
N VAL L 14 14.72 -47.29 35.07
CA VAL L 14 14.32 -48.55 35.69
C VAL L 14 14.84 -48.64 37.12
N LEU L 15 15.87 -47.87 37.48
CA LEU L 15 16.39 -47.95 38.83
C LEU L 15 15.49 -47.18 39.81
N VAL L 16 14.91 -46.07 39.36
CA VAL L 16 13.98 -45.35 40.21
C VAL L 16 12.65 -46.10 40.31
N VAL L 17 12.27 -46.83 39.25
CA VAL L 17 11.07 -47.65 39.30
C VAL L 17 11.22 -48.74 40.35
N ALA L 18 12.31 -49.50 40.28
CA ALA L 18 12.57 -50.50 41.31
C ALA L 18 12.85 -49.87 42.67
N GLY L 19 13.42 -48.66 42.68
CA GLY L 19 13.73 -48.02 43.95
C GLY L 19 12.48 -47.66 44.73
N LEU L 20 11.53 -46.99 44.07
CA LEU L 20 10.26 -46.68 44.72
C LEU L 20 9.43 -47.93 44.94
N ALA L 21 9.59 -48.95 44.09
CA ALA L 21 8.93 -50.22 44.35
C ALA L 21 9.48 -50.91 45.58
N VAL L 22 10.82 -50.87 45.75
CA VAL L 22 11.42 -51.42 46.96
C VAL L 22 11.08 -50.57 48.17
N LEU L 23 11.05 -49.25 48.00
CA LEU L 23 10.64 -48.37 49.09
C LEU L 23 9.21 -48.67 49.52
N LEU L 24 8.31 -48.92 48.56
CA LEU L 24 6.96 -49.33 48.92
C LEU L 24 6.93 -50.73 49.51
N GLN L 25 7.84 -51.61 49.08
CA GLN L 25 7.97 -52.90 49.75
C GLN L 25 8.37 -52.73 51.21
N LEU L 26 9.25 -51.76 51.49
CA LEU L 26 9.72 -51.55 52.86
C LEU L 26 8.63 -50.91 53.71
N ILE L 27 7.99 -49.85 53.20
CA ILE L 27 6.98 -49.15 53.97
C ILE L 27 5.75 -50.03 54.18
N ARG L 28 5.27 -50.68 53.12
CA ARG L 28 4.13 -51.57 53.27
C ARG L 28 4.48 -52.80 54.10
N GLY L 29 5.76 -53.20 54.09
CA GLY L 29 6.18 -54.29 54.97
C GLY L 29 6.16 -53.88 56.44
N TRP L 30 6.56 -52.65 56.72
CA TRP L 30 6.44 -52.11 58.07
C TRP L 30 4.98 -52.02 58.50
N LEU L 31 4.12 -51.55 57.59
CA LEU L 31 2.69 -51.44 57.92
C LEU L 31 2.06 -52.81 58.10
N SER L 32 2.63 -53.84 57.49
CA SER L 32 2.10 -55.20 57.59
C SER L 32 2.62 -55.97 58.79
N SER L 33 3.68 -55.48 59.45
CA SER L 33 4.28 -56.17 60.59
C SER L 33 4.35 -55.32 61.84
N LYS L 34 3.65 -54.18 61.87
CA LYS L 34 3.72 -53.24 62.99
C LYS L 34 2.61 -53.51 64.00
N SER L 35 2.98 -54.09 65.14
CA SER L 35 2.11 -54.15 66.31
C SER L 35 1.37 -52.83 66.53
N TYR L 36 0.07 -52.82 66.23
CA TYR L 36 -0.78 -51.66 66.36
C TYR L 36 -1.46 -51.63 67.73
N VAL L 37 -1.98 -50.45 68.09
CA VAL L 37 -2.68 -50.25 69.34
C VAL L 37 -4.15 -50.63 69.17
N PHE L 38 -4.82 -49.95 68.24
CA PHE L 38 -6.24 -50.11 68.00
C PHE L 38 -6.49 -51.04 66.81
N ASN L 39 -7.76 -51.41 66.63
CA ASN L 39 -8.22 -52.09 65.43
C ASN L 39 -9.60 -51.57 65.10
N ARG L 40 -9.98 -51.67 63.82
CA ARG L 40 -11.22 -51.06 63.36
C ARG L 40 -12.44 -51.72 64.01
N GLU L 41 -12.37 -53.01 64.31
CA GLU L 41 -13.50 -53.67 64.97
C GLU L 41 -13.70 -53.14 66.39
N GLU L 42 -12.61 -52.84 67.09
CA GLU L 42 -12.70 -52.34 68.45
C GLU L 42 -13.46 -51.02 68.50
N ILE L 43 -13.05 -50.05 67.69
CA ILE L 43 -13.71 -48.75 67.68
C ILE L 43 -15.15 -48.88 67.19
N ALA L 44 -15.38 -49.74 66.18
CA ALA L 44 -16.72 -49.90 65.63
C ALA L 44 -17.68 -50.47 66.67
N ARG L 45 -17.24 -51.49 67.42
CA ARG L 45 -18.12 -52.04 68.44
C ARG L 45 -18.38 -51.05 69.55
N LEU L 46 -17.33 -50.36 70.03
CA LEU L 46 -17.50 -49.37 71.08
C LEU L 46 -18.43 -48.25 70.66
N ALA L 47 -18.40 -47.86 69.39
CA ALA L 47 -19.28 -46.80 68.92
C ALA L 47 -20.71 -47.30 68.73
N LYS L 48 -20.89 -48.53 68.25
CA LYS L 48 -22.24 -49.04 68.05
C LYS L 48 -22.95 -49.34 69.37
N GLU L 49 -22.19 -49.62 70.43
CA GLU L 49 -22.80 -49.84 71.74
C GLU L 49 -23.54 -48.60 72.21
N HIS L 50 -23.02 -47.42 71.91
CA HIS L 50 -23.63 -46.17 72.35
C HIS L 50 -24.43 -45.49 71.26
N SER L 51 -24.57 -46.12 70.09
CA SER L 51 -25.44 -45.62 69.05
C SER L 51 -26.90 -45.70 69.49
N GLY L 52 -27.70 -44.76 69.01
CA GLY L 52 -29.07 -44.62 69.44
C GLY L 52 -29.26 -43.76 70.68
N LEU L 53 -28.18 -43.17 71.19
CA LEU L 53 -28.21 -42.22 72.29
C LEU L 53 -27.78 -40.86 71.77
N ASP L 54 -27.84 -39.86 72.65
CA ASP L 54 -27.36 -38.54 72.27
C ASP L 54 -25.89 -38.59 71.92
N TYR L 55 -25.54 -37.99 70.77
CA TYR L 55 -24.18 -38.14 70.26
C TYR L 55 -23.16 -37.51 71.20
N GLU L 56 -23.56 -36.50 71.98
CA GLU L 56 -22.64 -35.93 72.97
C GLU L 56 -22.38 -36.92 74.10
N VAL L 57 -23.42 -37.57 74.60
CA VAL L 57 -23.24 -38.60 75.64
C VAL L 57 -22.45 -39.77 75.07
N ALA L 58 -22.71 -40.12 73.81
CA ALA L 58 -21.94 -41.19 73.18
C ALA L 58 -20.47 -40.81 73.07
N PHE L 59 -20.19 -39.57 72.68
CA PHE L 59 -18.80 -39.11 72.61
C PHE L 59 -18.09 -39.26 73.95
N SER L 60 -18.72 -38.77 75.02
CA SER L 60 -18.07 -38.80 76.33
C SER L 60 -17.84 -40.22 76.82
N LYS L 61 -18.84 -41.09 76.68
CA LYS L 61 -18.68 -42.48 77.13
C LYS L 61 -17.60 -43.19 76.32
N ILE L 62 -17.51 -42.91 75.02
CA ILE L 62 -16.48 -43.54 74.19
C ILE L 62 -15.09 -43.05 74.60
N ILE L 63 -14.98 -41.76 74.89
CA ILE L 63 -13.69 -41.22 75.35
C ILE L 63 -13.30 -41.86 76.68
N VAL L 64 -14.26 -42.03 77.58
CA VAL L 64 -13.97 -42.67 78.87
C VAL L 64 -13.54 -44.11 78.67
N GLU L 65 -14.25 -44.84 77.80
CA GLU L 65 -13.91 -46.24 77.55
C GLU L 65 -12.54 -46.37 76.88
N LEU L 66 -12.23 -45.46 75.96
CA LEU L 66 -10.94 -45.52 75.28
C LEU L 66 -9.80 -45.23 76.25
N ARG L 67 -9.96 -44.23 77.13
CA ARG L 67 -8.93 -43.96 78.12
C ARG L 67 -8.81 -45.06 79.17
N LYS L 68 -9.88 -45.82 79.40
CA LYS L 68 -9.80 -46.92 80.35
C LYS L 68 -9.02 -48.10 79.75
N LYS L 69 -9.41 -48.55 78.56
CA LYS L 69 -8.78 -49.72 77.97
C LYS L 69 -7.44 -49.39 77.33
N HIS L 70 -7.15 -48.13 77.07
CA HIS L 70 -5.88 -47.71 76.48
C HIS L 70 -5.38 -46.47 77.18
N PRO L 71 -4.81 -46.62 78.37
CA PRO L 71 -4.28 -45.44 79.07
C PRO L 71 -2.99 -44.96 78.42
N GLY L 72 -2.78 -43.64 78.48
CA GLY L 72 -1.61 -43.03 77.90
C GLY L 72 -1.61 -42.92 76.39
N HIS L 73 -2.72 -43.24 75.73
CA HIS L 73 -2.83 -43.16 74.28
C HIS L 73 -3.89 -42.19 73.80
N ILE L 74 -4.74 -41.65 74.68
CA ILE L 74 -5.79 -40.71 74.30
C ILE L 74 -5.52 -39.39 75.01
N LEU L 75 -5.63 -38.29 74.27
CA LEU L 75 -5.38 -36.96 74.82
C LEU L 75 -6.32 -36.67 75.99
N GLN L 76 -5.85 -35.82 76.89
CA GLN L 76 -6.66 -35.42 78.03
C GLN L 76 -7.67 -34.35 77.61
N ASP L 77 -8.62 -34.07 78.50
CA ASP L 77 -9.65 -33.08 78.21
C ASP L 77 -9.07 -31.69 78.02
N GLU L 78 -7.90 -31.40 78.60
CA GLU L 78 -7.27 -30.10 78.42
C GLU L 78 -6.85 -29.89 76.96
N ASP L 79 -6.49 -30.96 76.26
CA ASP L 79 -5.97 -30.89 74.90
C ASP L 79 -7.01 -31.25 73.84
N LEU L 80 -8.30 -31.26 74.20
CA LEU L 80 -9.37 -31.57 73.27
C LEU L 80 -10.06 -30.29 72.81
N GLN L 81 -10.31 -30.19 71.51
CA GLN L 81 -11.03 -29.04 70.97
C GLN L 81 -11.61 -29.41 69.61
N TRP L 82 -12.79 -28.85 69.32
CA TRP L 82 -13.42 -29.04 68.02
C TRP L 82 -12.72 -28.14 67.00
N VAL L 83 -12.15 -28.75 65.97
CA VAL L 83 -11.45 -28.03 64.91
C VAL L 83 -12.19 -28.27 63.61
N PHE L 84 -12.43 -27.21 62.85
CA PHE L 84 -13.08 -27.33 61.55
C PHE L 84 -12.19 -28.10 60.57
N VAL L 85 -12.84 -28.82 59.66
CA VAL L 85 -12.15 -29.61 58.64
C VAL L 85 -12.82 -29.32 57.31
N ASN L 86 -12.10 -28.67 56.40
CA ASN L 86 -12.57 -28.39 55.05
C ASN L 86 -11.73 -29.17 54.06
N ALA L 87 -12.37 -30.03 53.27
CA ALA L 87 -11.66 -30.84 52.31
C ALA L 87 -12.63 -31.37 51.27
N GLY L 88 -12.18 -31.42 50.02
CA GLY L 88 -12.94 -32.03 48.94
C GLY L 88 -14.29 -31.43 48.63
N GLY L 89 -14.60 -30.28 49.22
CA GLY L 89 -15.89 -29.64 49.00
C GLY L 89 -16.89 -29.78 50.12
N TRP L 90 -16.56 -30.50 51.19
CA TRP L 90 -17.41 -30.61 52.36
C TRP L 90 -16.74 -29.93 53.55
N MET L 91 -17.54 -29.64 54.57
CA MET L 91 -17.03 -28.96 55.76
C MET L 91 -17.65 -29.58 57.00
N GLY L 92 -16.79 -29.96 57.94
CA GLY L 92 -17.24 -30.49 59.22
C GLY L 92 -16.31 -30.07 60.34
N SER L 93 -16.32 -30.82 61.44
CA SER L 93 -15.44 -30.56 62.57
C SER L 93 -14.98 -31.87 63.16
N MET L 94 -13.79 -31.86 63.75
CA MET L 94 -13.19 -33.05 64.33
C MET L 94 -12.74 -32.76 65.76
N CYS L 95 -12.69 -33.83 66.55
CA CYS L 95 -12.10 -33.81 67.89
C CYS L 95 -11.12 -34.97 67.97
N LEU L 96 -9.83 -34.66 67.90
CA LEU L 96 -8.81 -35.69 67.79
C LEU L 96 -8.53 -36.33 69.13
N LEU L 97 -8.82 -37.63 69.24
CA LEU L 97 -8.57 -38.39 70.46
C LEU L 97 -7.19 -39.04 70.47
N HIS L 98 -6.78 -39.63 69.35
CA HIS L 98 -5.48 -40.27 69.24
C HIS L 98 -4.95 -40.07 67.83
N ALA L 99 -3.62 -39.96 67.72
CA ALA L 99 -2.98 -39.84 66.42
C ALA L 99 -1.53 -40.26 66.52
N SER L 100 -1.10 -41.11 65.59
CA SER L 100 0.30 -41.54 65.50
C SER L 100 0.71 -41.50 64.04
N LEU L 101 1.82 -42.15 63.70
CA LEU L 101 2.26 -42.21 62.31
C LEU L 101 1.51 -43.27 61.50
N THR L 102 0.81 -44.18 62.16
CA THR L 102 0.09 -45.24 61.48
C THR L 102 -1.38 -45.34 61.88
N GLU L 103 -1.79 -44.74 63.00
CA GLU L 103 -3.17 -44.79 63.46
C GLU L 103 -3.64 -43.40 63.85
N TYR L 104 -4.96 -43.21 63.81
CA TYR L 104 -5.54 -42.01 64.39
C TYR L 104 -7.00 -42.29 64.72
N VAL L 105 -7.47 -41.74 65.84
CA VAL L 105 -8.85 -41.85 66.28
C VAL L 105 -9.37 -40.44 66.55
N LEU L 106 -10.57 -40.15 66.06
CA LEU L 106 -11.18 -38.85 66.30
C LEU L 106 -12.69 -38.98 66.26
N LEU L 107 -13.35 -37.91 66.70
CA LEU L 107 -14.80 -37.78 66.62
C LEU L 107 -15.11 -36.75 65.55
N PHE L 108 -15.71 -37.19 64.45
CA PHE L 108 -16.00 -36.35 63.30
C PHE L 108 -17.50 -36.15 63.14
N GLY L 109 -17.86 -35.06 62.49
CA GLY L 109 -19.25 -34.81 62.17
C GLY L 109 -19.44 -33.38 61.74
N THR L 110 -20.66 -33.09 61.29
CA THR L 110 -21.01 -31.75 60.85
C THR L 110 -22.41 -31.39 61.34
N ALA L 111 -22.60 -30.10 61.61
CA ALA L 111 -23.90 -29.54 61.96
C ALA L 111 -24.55 -28.79 60.81
N VAL L 112 -24.02 -28.93 59.59
CA VAL L 112 -24.59 -28.35 58.37
C VAL L 112 -24.63 -29.45 57.30
N ASP L 113 -25.36 -29.17 56.22
CA ASP L 113 -25.48 -30.11 55.11
C ASP L 113 -24.29 -29.90 54.16
N THR L 114 -23.39 -30.88 54.12
CA THR L 114 -22.21 -30.77 53.29
C THR L 114 -21.97 -32.08 52.58
N GLY L 115 -20.99 -32.08 51.69
CA GLY L 115 -20.66 -33.27 50.98
C GLY L 115 -19.63 -32.95 49.93
N GLY L 116 -18.93 -33.99 49.52
CA GLY L 116 -17.92 -33.84 48.49
C GLY L 116 -17.11 -35.11 48.31
N HIS L 117 -15.84 -34.91 47.94
CA HIS L 117 -14.92 -36.00 47.65
C HIS L 117 -14.34 -36.56 48.94
N SER L 118 -14.41 -37.88 49.12
CA SER L 118 -13.89 -38.49 50.33
C SER L 118 -12.38 -38.48 50.39
N GLY L 119 -11.71 -38.37 49.25
CA GLY L 119 -10.26 -38.36 49.22
C GLY L 119 -9.64 -39.73 48.99
N ARG L 120 -8.63 -39.78 48.14
CA ARG L 120 -7.91 -41.02 47.84
C ARG L 120 -6.53 -40.92 48.48
N TYR L 121 -6.28 -41.73 49.49
CA TYR L 121 -5.04 -41.68 50.25
C TYR L 121 -4.63 -43.10 50.65
N TRP L 122 -3.45 -43.20 51.26
CA TRP L 122 -2.90 -44.50 51.66
C TRP L 122 -3.28 -44.80 53.10
N ALA L 123 -4.58 -44.96 53.32
CA ALA L 123 -5.09 -45.19 54.67
C ALA L 123 -6.47 -45.82 54.60
N GLU L 124 -6.68 -46.86 55.39
CA GLU L 124 -7.99 -47.47 55.53
C GLU L 124 -8.72 -46.81 56.70
N ILE L 125 -9.93 -46.31 56.42
CA ILE L 125 -10.70 -45.52 57.38
C ILE L 125 -12.03 -46.19 57.65
N SER L 126 -12.41 -46.23 58.92
CA SER L 126 -13.68 -46.81 59.35
C SER L 126 -14.46 -45.77 60.14
N ASP L 127 -15.71 -45.54 59.75
CA ASP L 127 -16.58 -44.57 60.41
C ASP L 127 -17.83 -45.28 60.90
N THR L 128 -18.13 -45.16 62.20
CA THR L 128 -19.34 -45.71 62.79
C THR L 128 -20.26 -44.54 63.13
N ILE L 129 -21.40 -44.46 62.42
CA ILE L 129 -22.29 -43.31 62.57
C ILE L 129 -23.03 -43.41 63.90
N LEU L 130 -22.91 -42.35 64.71
CA LEU L 130 -23.66 -42.25 65.95
C LEU L 130 -25.02 -41.59 65.76
N SER L 131 -25.09 -40.59 64.88
CA SER L 131 -26.35 -39.91 64.58
C SER L 131 -26.25 -39.28 63.20
N GLY L 132 -27.42 -39.05 62.61
CA GLY L 132 -27.50 -38.44 61.30
C GLY L 132 -27.60 -39.46 60.18
N THR L 133 -27.17 -39.04 59.00
CA THR L 133 -27.17 -39.90 57.83
C THR L 133 -25.85 -39.74 57.09
N PHE L 134 -25.47 -40.78 56.36
CA PHE L 134 -24.22 -40.79 55.59
C PHE L 134 -24.55 -41.34 54.22
N ARG L 135 -24.50 -40.48 53.20
CA ARG L 135 -24.67 -40.93 51.82
C ARG L 135 -23.30 -41.17 51.21
N GLN L 136 -23.07 -42.39 50.72
CA GLN L 136 -21.82 -42.76 50.08
C GLN L 136 -22.09 -43.11 48.64
N TRP L 137 -21.27 -42.59 47.73
CA TRP L 137 -21.41 -42.84 46.30
C TRP L 137 -20.09 -43.46 45.84
N LYS L 138 -20.07 -44.77 45.70
CA LYS L 138 -18.85 -45.49 45.37
C LYS L 138 -18.45 -45.26 43.92
N GLU L 139 -17.17 -45.48 43.63
CA GLU L 139 -16.63 -45.24 42.30
C GLU L 139 -17.13 -46.29 41.32
N GLY L 140 -17.43 -45.83 40.10
CA GLY L 140 -17.83 -46.71 39.02
C GLY L 140 -19.28 -47.12 38.98
N THR L 141 -20.13 -46.57 39.85
CA THR L 141 -21.54 -46.91 39.89
C THR L 141 -22.38 -45.67 39.59
N THR L 142 -23.68 -45.90 39.40
CA THR L 142 -24.63 -44.82 39.16
C THR L 142 -25.66 -44.69 40.28
N LYS L 143 -25.49 -45.45 41.37
CA LYS L 143 -26.39 -45.38 42.52
C LYS L 143 -25.56 -45.27 43.79
N SER L 144 -26.13 -44.58 44.77
CA SER L 144 -25.49 -44.34 46.06
C SER L 144 -26.28 -45.03 47.17
N GLU L 145 -25.60 -45.23 48.30
CA GLU L 145 -26.20 -45.89 49.45
C GLU L 145 -26.27 -44.92 50.62
N ILE L 146 -27.30 -45.07 51.45
CA ILE L 146 -27.53 -44.23 52.62
C ILE L 146 -27.36 -45.07 53.87
N PHE L 147 -26.50 -44.62 54.77
CA PHE L 147 -26.22 -45.34 56.02
C PHE L 147 -26.72 -44.53 57.21
N TYR L 148 -27.20 -45.25 58.22
CA TYR L 148 -27.91 -44.65 59.35
C TYR L 148 -27.15 -44.96 60.65
N PRO L 149 -27.53 -44.36 61.79
CA PRO L 149 -26.81 -44.64 63.03
C PRO L 149 -26.74 -46.12 63.34
N GLY L 150 -25.55 -46.57 63.76
CA GLY L 150 -25.26 -47.95 64.00
C GLY L 150 -24.43 -48.59 62.90
N ASP L 151 -24.55 -48.09 61.66
CA ASP L 151 -23.80 -48.63 60.56
C ASP L 151 -22.34 -48.22 60.64
N THR L 152 -21.49 -49.00 59.98
CA THR L 152 -20.05 -48.74 59.94
C THR L 152 -19.59 -48.83 58.50
N ILE L 153 -18.93 -47.78 58.03
CA ILE L 153 -18.50 -47.66 56.64
C ILE L 153 -16.99 -47.73 56.59
N VAL L 154 -16.47 -48.56 55.68
CA VAL L 154 -15.04 -48.80 55.54
C VAL L 154 -14.57 -48.20 54.22
N HIS L 155 -13.80 -47.13 54.30
CA HIS L 155 -13.16 -46.52 53.14
C HIS L 155 -11.80 -47.18 52.97
N GLU L 156 -11.69 -48.10 52.01
CA GLU L 156 -10.48 -48.90 51.88
C GLU L 156 -9.36 -48.09 51.23
N VAL L 157 -8.16 -48.67 51.24
CA VAL L 157 -6.99 -47.99 50.70
C VAL L 157 -7.14 -47.86 49.19
N GLY L 158 -6.84 -46.68 48.66
CA GLY L 158 -6.93 -46.42 47.24
C GLY L 158 -8.34 -46.19 46.73
N GLU L 159 -9.35 -46.34 47.57
CA GLU L 159 -10.72 -46.15 47.15
C GLU L 159 -11.07 -44.67 47.17
N ALA L 160 -11.92 -44.25 46.23
CA ALA L 160 -12.40 -42.87 46.15
C ALA L 160 -13.91 -42.88 46.01
N THR L 161 -14.60 -42.25 46.95
CA THR L 161 -16.05 -42.17 46.95
C THR L 161 -16.50 -40.73 47.14
N SER L 162 -17.79 -40.50 46.92
CA SER L 162 -18.41 -39.22 47.19
C SER L 162 -19.24 -39.33 48.46
N VAL L 163 -18.99 -38.43 49.41
CA VAL L 163 -19.64 -38.44 50.70
C VAL L 163 -20.62 -37.29 50.78
N GLN L 164 -21.66 -37.47 51.60
CA GLN L 164 -22.66 -36.44 51.86
C GLN L 164 -23.22 -36.67 53.26
N TRP L 165 -23.36 -35.58 54.01
CA TRP L 165 -23.84 -35.65 55.39
C TRP L 165 -25.01 -34.69 55.58
N SER L 166 -25.87 -35.04 56.54
CA SER L 166 -27.03 -34.24 56.88
C SER L 166 -26.66 -33.19 57.94
N SER L 167 -27.69 -32.47 58.40
CA SER L 167 -27.52 -31.36 59.33
C SER L 167 -27.31 -31.81 60.77
N GLY L 168 -27.04 -33.09 61.00
CA GLY L 168 -26.82 -33.55 62.36
C GLY L 168 -26.00 -34.82 62.42
N THR L 169 -25.04 -34.96 61.51
CA THR L 169 -24.28 -36.19 61.39
C THR L 169 -23.06 -36.16 62.30
N TRP L 170 -22.88 -37.24 63.06
CA TRP L 170 -21.75 -37.36 63.97
C TRP L 170 -21.32 -38.82 64.04
N MET L 171 -20.02 -39.06 64.05
CA MET L 171 -19.50 -40.41 63.95
C MET L 171 -18.15 -40.50 64.66
N VAL L 172 -17.76 -41.73 64.98
CA VAL L 172 -16.45 -42.04 65.53
C VAL L 172 -15.63 -42.71 64.43
N GLU L 173 -14.45 -42.17 64.18
CA GLU L 173 -13.64 -42.56 63.03
C GLU L 173 -12.27 -43.05 63.48
N TYR L 174 -11.81 -44.12 62.84
CA TYR L 174 -10.50 -44.69 63.08
C TYR L 174 -9.81 -44.97 61.76
N GLY L 175 -8.55 -44.55 61.64
CA GLY L 175 -7.80 -44.68 60.40
C GLY L 175 -6.51 -45.44 60.58
N ARG L 176 -6.21 -46.30 59.60
CA ARG L 176 -5.00 -47.12 59.58
C ARG L 176 -4.29 -46.95 58.24
N GLY L 177 -2.96 -46.89 58.30
CA GLY L 177 -2.13 -46.82 57.11
C GLY L 177 -1.05 -45.77 57.26
N PHE L 178 -0.60 -45.26 56.12
CA PHE L 178 0.42 -44.20 56.10
C PHE L 178 -0.30 -42.89 56.33
N ILE L 179 -0.40 -42.50 57.60
CA ILE L 179 -1.18 -41.31 57.97
C ILE L 179 -0.61 -40.03 57.37
N PRO L 180 0.71 -39.78 57.38
CA PRO L 180 1.22 -38.50 56.87
C PRO L 180 0.77 -38.17 55.45
N SER L 181 0.49 -39.17 54.62
CA SER L 181 0.05 -38.88 53.24
C SER L 181 -1.33 -38.24 53.24
N THR L 182 -2.17 -38.55 54.22
CA THR L 182 -3.54 -38.06 54.24
C THR L 182 -3.63 -36.58 54.56
N CYS L 183 -2.65 -36.01 55.27
CA CYS L 183 -2.73 -34.60 55.66
C CYS L 183 -2.71 -33.67 54.45
N ALA L 184 -2.17 -34.11 53.31
CA ALA L 184 -2.21 -33.28 52.11
C ALA L 184 -3.66 -33.03 51.67
N PHE L 185 -4.51 -34.06 51.71
CA PHE L 185 -5.90 -33.88 51.34
C PHE L 185 -6.67 -33.11 52.40
N ALA L 186 -6.34 -33.34 53.67
CA ALA L 186 -7.07 -32.71 54.77
C ALA L 186 -6.86 -31.20 54.83
N LEU L 187 -5.82 -30.69 54.16
CA LEU L 187 -5.48 -29.27 54.24
C LEU L 187 -5.57 -28.58 52.89
N ALA L 188 -6.08 -29.25 51.85
CA ALA L 188 -6.14 -28.66 50.54
C ALA L 188 -7.13 -27.50 50.49
N ASP L 189 -8.38 -27.73 50.91
CA ASP L 189 -9.37 -26.66 50.88
C ASP L 189 -9.03 -25.55 51.86
N THR L 190 -8.35 -25.87 52.96
CA THR L 190 -7.93 -24.82 53.88
C THR L 190 -6.87 -23.91 53.25
N ILE L 191 -6.20 -24.37 52.21
CA ILE L 191 -5.17 -23.57 51.54
C ILE L 191 -5.75 -22.81 50.35
N PHE L 192 -6.51 -23.49 49.50
CA PHE L 192 -6.96 -22.92 48.24
C PHE L 192 -8.42 -22.46 48.25
N SER L 193 -9.14 -22.65 49.35
CA SER L 193 -10.56 -22.27 49.37
C SER L 193 -10.90 -21.40 50.58
N THR L 194 -10.78 -21.97 51.78
CA THR L 194 -11.17 -21.22 52.97
C THR L 194 -10.10 -20.21 53.39
N GLN L 195 -8.82 -20.58 53.21
CA GLN L 195 -7.70 -19.75 53.65
C GLN L 195 -7.82 -19.41 55.13
N ASP L 196 -8.35 -20.36 55.91
CA ASP L 196 -8.48 -20.20 57.36
C ASP L 196 -7.24 -20.81 58.01
N PHE L 197 -6.16 -20.04 58.00
CA PHE L 197 -4.89 -20.52 58.51
C PHE L 197 -4.90 -20.74 60.01
N LEU L 198 -5.80 -20.06 60.74
CA LEU L 198 -5.92 -20.33 62.16
C LEU L 198 -6.43 -21.74 62.41
N THR L 199 -7.36 -22.21 61.57
CA THR L 199 -7.81 -23.59 61.67
C THR L 199 -6.68 -24.54 61.31
N LEU L 200 -5.86 -24.17 60.33
CA LEU L 200 -4.66 -24.96 60.03
C LEU L 200 -3.73 -25.03 61.24
N PHE L 201 -3.55 -23.91 61.95
CA PHE L 201 -2.73 -23.92 63.15
C PHE L 201 -3.31 -24.84 64.21
N TYR L 202 -4.64 -24.82 64.39
CA TYR L 202 -5.28 -25.72 65.33
C TYR L 202 -5.03 -27.18 64.96
N THR L 203 -5.14 -27.50 63.67
CA THR L 203 -4.92 -28.87 63.22
C THR L 203 -3.49 -29.32 63.49
N VAL L 204 -2.51 -28.49 63.13
CA VAL L 204 -1.12 -28.81 63.41
C VAL L 204 -0.88 -28.89 64.91
N LYS L 205 -1.57 -28.05 65.69
CA LYS L 205 -1.36 -28.05 67.13
C LYS L 205 -1.84 -29.35 67.76
N VAL L 206 -3.09 -29.73 67.50
CA VAL L 206 -3.62 -30.94 68.11
C VAL L 206 -2.92 -32.18 67.60
N CYS L 207 -2.49 -32.17 66.32
CA CYS L 207 -1.74 -33.30 65.79
C CYS L 207 -0.37 -33.40 66.46
N SER L 208 0.28 -32.27 66.70
CA SER L 208 1.56 -32.28 67.39
C SER L 208 1.40 -32.77 68.83
N LYS L 209 0.31 -32.38 69.49
CA LYS L 209 0.07 -32.84 70.85
C LYS L 209 -0.12 -34.35 70.91
N ALA L 210 -0.87 -34.90 69.96
CA ALA L 210 -1.08 -36.35 69.93
C ALA L 210 0.22 -37.10 69.63
N LEU L 211 1.03 -36.58 68.71
CA LEU L 211 2.31 -37.22 68.41
C LEU L 211 3.24 -37.18 69.61
N LEU L 212 3.29 -36.06 70.32
CA LEU L 212 4.15 -35.96 71.48
C LEU L 212 3.67 -36.84 72.64
N LEU L 213 2.35 -36.99 72.79
CA LEU L 213 1.81 -37.90 73.78
C LEU L 213 2.20 -39.34 73.48
N GLU L 214 2.09 -39.75 72.22
CA GLU L 214 2.46 -41.11 71.85
C GLU L 214 3.97 -41.31 72.01
N ALA L 215 4.76 -40.29 71.69
CA ALA L 215 6.21 -40.39 71.87
C ALA L 215 6.58 -40.48 73.34
N SER L 216 5.90 -39.71 74.19
CA SER L 216 6.16 -39.78 75.63
C SER L 216 5.75 -41.14 76.18
N THR L 217 4.65 -41.70 75.69
CA THR L 217 4.23 -43.02 76.13
C THR L 217 5.22 -44.08 75.69
N HIS L 218 5.79 -43.94 74.49
CA HIS L 218 6.81 -44.88 74.04
C HIS L 218 8.09 -44.75 74.87
N LEU L 219 8.44 -43.53 75.27
CA LEU L 219 9.64 -43.33 76.07
C LEU L 219 9.49 -43.94 77.46
N SER L 220 8.31 -43.82 78.06
CA SER L 220 8.08 -44.38 79.39
C SER L 220 8.11 -45.91 79.37
N GLN L 221 7.98 -46.53 78.21
CA GLN L 221 8.04 -47.98 78.08
C GLN L 221 9.38 -48.41 77.50
N LEU M 26 54.30 -16.31 -23.22
CA LEU M 26 55.70 -15.92 -23.18
C LEU M 26 55.82 -14.44 -23.57
N ILE M 27 55.15 -14.06 -24.66
CA ILE M 27 55.23 -12.67 -25.14
C ILE M 27 54.56 -11.72 -24.15
N ARG M 28 53.37 -12.10 -23.67
CA ARG M 28 52.68 -11.26 -22.70
C ARG M 28 53.42 -11.20 -21.37
N GLY M 29 54.21 -12.23 -21.05
CA GLY M 29 55.02 -12.17 -19.84
C GLY M 29 56.14 -11.16 -19.94
N TRP M 30 56.75 -11.04 -21.12
CA TRP M 30 57.75 -10.01 -21.34
C TRP M 30 57.12 -8.62 -21.24
N LEU M 31 55.93 -8.43 -21.82
CA LEU M 31 55.28 -7.13 -21.77
C LEU M 31 54.83 -6.78 -20.35
N SER M 32 54.62 -7.78 -19.49
CA SER M 32 54.18 -7.54 -18.13
C SER M 32 55.35 -7.34 -17.16
N SER M 33 56.58 -7.66 -17.56
CA SER M 33 57.74 -7.55 -16.69
C SER M 33 58.85 -6.67 -17.28
N LYS M 34 58.56 -5.90 -18.31
CA LYS M 34 59.58 -5.10 -19.01
C LYS M 34 59.63 -3.69 -18.43
N SER M 35 60.70 -3.40 -17.69
CA SER M 35 61.05 -2.02 -17.31
C SER M 35 60.87 -1.06 -18.49
N TYR M 36 59.82 -0.25 -18.45
CA TYR M 36 59.50 0.72 -19.48
C TYR M 36 60.10 2.10 -19.16
N VAL M 37 60.16 2.94 -20.19
CA VAL M 37 60.69 4.29 -20.06
C VAL M 37 59.59 5.23 -19.60
N PHE M 38 58.52 5.31 -20.37
CA PHE M 38 57.40 6.21 -20.14
C PHE M 38 56.24 5.48 -19.45
N ASN M 39 55.25 6.25 -19.01
CA ASN M 39 53.98 5.72 -18.53
C ASN M 39 52.88 6.65 -19.01
N ARG M 40 51.67 6.10 -19.13
CA ARG M 40 50.58 6.85 -19.74
C ARG M 40 50.20 8.08 -18.92
N GLU M 41 50.32 8.01 -17.60
CA GLU M 41 49.98 9.16 -16.77
C GLU M 41 50.97 10.30 -16.97
N GLU M 42 52.25 9.98 -17.16
CA GLU M 42 53.27 11.00 -17.35
C GLU M 42 53.00 11.82 -18.61
N ILE M 43 52.79 11.15 -19.74
CA ILE M 43 52.53 11.85 -20.99
C ILE M 43 51.20 12.59 -20.92
N ALA M 44 50.19 12.00 -20.28
CA ALA M 44 48.89 12.65 -20.20
C ALA M 44 48.95 13.94 -19.40
N ARG M 45 49.65 13.92 -18.25
CA ARG M 45 49.76 15.13 -17.44
C ARG M 45 50.59 16.19 -18.16
N LEU M 46 51.72 15.79 -18.75
CA LEU M 46 52.57 16.74 -19.45
C LEU M 46 51.81 17.43 -20.58
N ALA M 47 50.91 16.70 -21.25
CA ALA M 47 50.13 17.32 -22.31
C ALA M 47 48.99 18.17 -21.76
N LYS M 48 48.39 17.74 -20.65
CA LYS M 48 47.27 18.50 -20.10
C LYS M 48 47.72 19.82 -19.48
N GLU M 49 48.98 19.93 -19.06
CA GLU M 49 49.46 21.20 -18.53
C GLU M 49 49.38 22.29 -19.59
N HIS M 50 49.64 21.94 -20.84
CA HIS M 50 49.72 22.91 -21.93
C HIS M 50 48.45 22.96 -22.77
N SER M 51 47.42 22.20 -22.41
CA SER M 51 46.13 22.33 -23.08
C SER M 51 45.52 23.70 -22.79
N GLY M 52 44.78 24.22 -23.77
CA GLY M 52 44.26 25.56 -23.69
C GLY M 52 45.20 26.64 -24.19
N LEU M 53 46.35 26.26 -24.73
CA LEU M 53 47.29 27.16 -25.37
C LEU M 53 47.36 26.82 -26.85
N ASP M 54 48.10 27.64 -27.60
CA ASP M 54 48.30 27.33 -29.01
C ASP M 54 49.02 25.99 -29.12
N TYR M 55 48.48 25.10 -29.96
CA TYR M 55 49.00 23.74 -29.99
C TYR M 55 50.44 23.68 -30.49
N GLU M 56 50.85 24.67 -31.30
CA GLU M 56 52.24 24.71 -31.73
C GLU M 56 53.17 25.03 -30.57
N VAL M 57 52.80 26.01 -29.75
CA VAL M 57 53.59 26.31 -28.56
C VAL M 57 53.56 25.13 -27.60
N ALA M 58 52.41 24.46 -27.50
CA ALA M 58 52.30 23.26 -26.66
C ALA M 58 53.21 22.16 -27.18
N PHE M 59 53.28 21.97 -28.50
CA PHE M 59 54.19 21.00 -29.09
C PHE M 59 55.63 21.26 -28.66
N SER M 60 56.08 22.52 -28.78
CA SER M 60 57.47 22.85 -28.47
C SER M 60 57.78 22.62 -27.00
N LYS M 61 56.89 23.07 -26.10
CA LYS M 61 57.14 22.93 -24.67
C LYS M 61 57.13 21.47 -24.25
N ILE M 62 56.26 20.65 -24.84
CA ILE M 62 56.21 19.23 -24.48
C ILE M 62 57.45 18.51 -24.98
N ILE M 63 57.90 18.85 -26.19
CA ILE M 63 59.12 18.24 -26.73
C ILE M 63 60.33 18.61 -25.87
N VAL M 64 60.39 19.87 -25.43
CA VAL M 64 61.50 20.30 -24.57
C VAL M 64 61.46 19.53 -23.25
N GLU M 65 60.27 19.39 -22.67
CA GLU M 65 60.14 18.67 -21.40
C GLU M 65 60.51 17.20 -21.55
N LEU M 66 60.12 16.57 -22.66
CA LEU M 66 60.44 15.17 -22.85
C LEU M 66 61.93 14.96 -23.03
N ARG M 67 62.59 15.85 -23.78
CA ARG M 67 64.04 15.76 -23.93
C ARG M 67 64.77 16.09 -22.64
N LYS M 68 64.16 16.87 -21.76
CA LYS M 68 64.79 17.17 -20.47
C LYS M 68 64.72 15.98 -19.52
N LYS M 69 63.51 15.45 -19.30
CA LYS M 69 63.35 14.36 -18.35
C LYS M 69 63.76 13.01 -18.90
N HIS M 70 63.87 12.88 -20.22
CA HIS M 70 64.27 11.62 -20.86
C HIS M 70 65.27 11.90 -21.96
N PRO M 71 66.52 12.15 -21.62
CA PRO M 71 67.54 12.36 -22.64
C PRO M 71 67.89 11.07 -23.36
N GLY M 72 68.22 11.20 -24.65
CA GLY M 72 68.56 10.06 -25.45
C GLY M 72 67.42 9.16 -25.85
N HIS M 73 66.18 9.56 -25.60
CA HIS M 73 65.01 8.77 -25.95
C HIS M 73 64.05 9.47 -26.90
N ILE M 74 64.25 10.76 -27.18
CA ILE M 74 63.39 11.52 -28.07
C ILE M 74 64.23 11.98 -29.27
N LEU M 75 63.68 11.83 -30.47
CA LEU M 75 64.39 12.23 -31.68
C LEU M 75 64.70 13.73 -31.65
N GLN M 76 65.79 14.09 -32.32
CA GLN M 76 66.19 15.49 -32.42
C GLN M 76 65.36 16.22 -33.46
N ASP M 77 65.48 17.55 -33.46
CA ASP M 77 64.73 18.36 -34.42
C ASP M 77 65.15 18.06 -35.85
N GLU M 78 66.37 17.58 -36.05
CA GLU M 78 66.82 17.23 -37.39
C GLU M 78 66.02 16.05 -37.94
N ASP M 79 65.57 15.14 -37.08
CA ASP M 79 64.88 13.93 -37.48
C ASP M 79 63.37 14.02 -37.32
N LEU M 80 62.82 15.20 -37.13
CA LEU M 80 61.38 15.38 -36.96
C LEU M 80 60.75 15.91 -38.23
N GLN M 81 59.62 15.32 -38.63
CA GLN M 81 58.86 15.79 -39.77
C GLN M 81 57.43 15.26 -39.66
N TRP M 82 56.48 16.08 -40.12
CA TRP M 82 55.08 15.67 -40.13
C TRP M 82 54.83 14.71 -41.28
N VAL M 83 54.37 13.50 -40.96
CA VAL M 83 54.11 12.45 -41.93
C VAL M 83 52.62 12.15 -41.91
N PHE M 84 52.02 12.02 -43.09
CA PHE M 84 50.62 11.68 -43.19
C PHE M 84 50.36 10.26 -42.69
N VAL M 85 49.17 10.04 -42.16
CA VAL M 85 48.74 8.75 -41.64
C VAL M 85 47.33 8.49 -42.17
N ASN M 86 47.19 7.47 -43.01
CA ASN M 86 45.90 7.05 -43.54
C ASN M 86 45.60 5.66 -42.99
N ALA M 87 44.49 5.53 -42.27
CA ALA M 87 44.14 4.25 -41.67
C ALA M 87 42.66 4.22 -41.33
N GLY M 88 42.04 3.07 -41.53
CA GLY M 88 40.67 2.83 -41.11
C GLY M 88 39.61 3.73 -41.72
N GLY M 89 39.99 4.52 -42.73
CA GLY M 89 39.06 5.44 -43.35
C GLY M 89 39.21 6.88 -42.94
N TRP M 90 40.13 7.18 -42.03
CA TRP M 90 40.43 8.55 -41.62
C TRP M 90 41.85 8.91 -42.05
N MET M 91 42.14 10.21 -42.03
CA MET M 91 43.44 10.71 -42.46
C MET M 91 43.92 11.79 -41.50
N GLY M 92 45.15 11.64 -41.02
CA GLY M 92 45.77 12.65 -40.17
C GLY M 92 47.25 12.78 -40.43
N SER M 93 47.98 13.33 -39.45
CA SER M 93 49.42 13.47 -39.55
C SER M 93 50.04 13.25 -38.18
N MET M 94 51.27 12.75 -38.16
CA MET M 94 51.97 12.43 -36.93
C MET M 94 53.35 13.05 -36.94
N CYS M 95 53.88 13.29 -35.75
CA CYS M 95 55.27 13.70 -35.54
C CYS M 95 55.85 12.75 -34.49
N LEU M 96 56.67 11.81 -34.94
CA LEU M 96 57.17 10.75 -34.06
C LEU M 96 58.32 11.29 -33.20
N LEU M 97 58.10 11.34 -31.89
CA LEU M 97 59.13 11.78 -30.96
C LEU M 97 59.96 10.61 -30.43
N HIS M 98 59.31 9.52 -30.06
CA HIS M 98 59.99 8.35 -29.54
C HIS M 98 59.26 7.10 -30.04
N ALA M 99 60.03 6.05 -30.29
CA ALA M 99 59.43 4.79 -30.71
C ALA M 99 60.40 3.66 -30.42
N SER M 100 59.89 2.59 -29.81
CA SER M 100 60.65 1.38 -29.53
C SER M 100 59.83 0.14 -29.88
N LEU M 101 60.24 -1.03 -29.42
CA LEU M 101 59.47 -2.24 -29.72
C LEU M 101 58.25 -2.39 -28.82
N THR M 102 58.17 -1.64 -27.73
CA THR M 102 57.05 -1.71 -26.80
C THR M 102 56.40 -0.37 -26.49
N GLU M 103 57.06 0.75 -26.80
CA GLU M 103 56.52 2.08 -26.53
C GLU M 103 56.66 2.95 -27.77
N TYR M 104 55.82 3.98 -27.83
CA TYR M 104 56.01 5.02 -28.83
C TYR M 104 55.31 6.28 -28.36
N VAL M 105 55.91 7.43 -28.65
CA VAL M 105 55.35 8.74 -28.33
C VAL M 105 55.35 9.57 -29.60
N LEU M 106 54.23 10.23 -29.88
CA LEU M 106 54.13 11.08 -31.05
C LEU M 106 53.09 12.17 -30.82
N LEU M 107 53.07 13.14 -31.72
CA LEU M 107 52.07 14.20 -31.75
C LEU M 107 51.18 13.93 -32.95
N PHE M 108 49.92 13.62 -32.70
CA PHE M 108 48.96 13.28 -33.75
C PHE M 108 47.90 14.37 -33.88
N GLY M 109 47.30 14.45 -35.06
CA GLY M 109 46.20 15.37 -35.28
C GLY M 109 45.94 15.52 -36.75
N THR M 110 44.86 16.23 -37.06
CA THR M 110 44.45 16.46 -38.43
C THR M 110 44.00 17.90 -38.62
N ALA M 111 44.23 18.44 -39.82
CA ALA M 111 43.73 19.76 -40.19
C ALA M 111 42.50 19.67 -41.08
N VAL M 112 41.90 18.49 -41.21
CA VAL M 112 40.65 18.27 -41.93
C VAL M 112 39.74 17.42 -41.05
N ASP M 113 38.46 17.38 -41.43
CA ASP M 113 37.44 16.60 -40.71
C ASP M 113 37.47 15.16 -41.24
N THR M 114 37.93 14.22 -40.41
CA THR M 114 38.00 12.82 -40.81
C THR M 114 37.52 11.96 -39.66
N GLY M 115 37.40 10.68 -39.94
CA GLY M 115 36.96 9.76 -38.92
C GLY M 115 36.76 8.39 -39.53
N GLY M 116 36.81 7.40 -38.67
CA GLY M 116 36.64 6.03 -39.12
C GLY M 116 36.93 5.04 -38.01
N HIS M 117 37.48 3.90 -38.40
CA HIS M 117 37.77 2.81 -37.48
C HIS M 117 39.10 3.07 -36.77
N SER M 118 39.09 3.02 -35.45
CA SER M 118 40.31 3.28 -34.69
C SER M 118 41.32 2.16 -34.80
N GLY M 119 40.89 0.95 -35.13
CA GLY M 119 41.80 -0.17 -35.24
C GLY M 119 41.90 -0.97 -33.96
N ARG M 120 41.88 -2.30 -34.09
CA ARG M 120 41.99 -3.22 -32.96
C ARG M 120 43.36 -3.88 -33.03
N TYR M 121 44.21 -3.59 -32.05
CA TYR M 121 45.58 -4.09 -32.05
C TYR M 121 46.02 -4.43 -30.63
N TRP M 122 47.22 -4.99 -30.51
CA TRP M 122 47.74 -5.45 -29.23
C TRP M 122 48.56 -4.34 -28.58
N ALA M 123 47.88 -3.25 -28.27
CA ALA M 123 48.56 -2.09 -27.71
C ALA M 123 47.56 -1.17 -27.03
N GLU M 124 47.90 -0.72 -25.83
CA GLU M 124 47.11 0.28 -25.11
C GLU M 124 47.62 1.67 -25.46
N ILE M 125 46.71 2.52 -25.93
CA ILE M 125 47.04 3.84 -26.44
C ILE M 125 46.29 4.88 -25.64
N SER M 126 46.99 5.97 -25.30
CA SER M 126 46.41 7.09 -24.57
C SER M 126 46.63 8.37 -25.37
N ASP M 127 45.56 9.12 -25.60
CA ASP M 127 45.61 10.37 -26.34
C ASP M 127 45.08 11.49 -25.47
N THR M 128 45.87 12.54 -25.28
CA THR M 128 45.48 13.72 -24.53
C THR M 128 45.27 14.86 -25.52
N ILE M 129 44.03 15.31 -25.65
CA ILE M 129 43.69 16.32 -26.65
C ILE M 129 44.25 17.67 -26.23
N LEU M 130 45.05 18.29 -27.09
CA LEU M 130 45.55 19.63 -26.85
C LEU M 130 44.59 20.69 -27.39
N SER M 131 43.94 20.42 -28.52
CA SER M 131 42.98 21.32 -29.12
C SER M 131 42.06 20.53 -30.03
N GLY M 132 40.89 21.08 -30.28
CA GLY M 132 39.91 20.45 -31.15
C GLY M 132 38.89 19.64 -30.37
N THR M 133 38.31 18.66 -31.07
CA THR M 133 37.34 17.77 -30.46
C THR M 133 37.65 16.34 -30.89
N PHE M 134 37.19 15.40 -30.07
CA PHE M 134 37.40 13.98 -30.30
C PHE M 134 36.07 13.28 -30.01
N ARG M 135 35.41 12.78 -31.06
CA ARG M 135 34.22 11.97 -30.88
C ARG M 135 34.60 10.50 -30.89
N GLN M 136 34.25 9.78 -29.82
CA GLN M 136 34.54 8.36 -29.72
C GLN M 136 33.22 7.61 -29.62
N TRP M 137 33.10 6.53 -30.39
CA TRP M 137 31.90 5.69 -30.43
C TRP M 137 32.34 4.27 -30.06
N LYS M 138 32.12 3.88 -28.81
CA LYS M 138 32.58 2.59 -28.32
C LYS M 138 31.77 1.44 -28.92
N GLU M 139 32.38 0.26 -28.91
CA GLU M 139 31.73 -0.91 -29.50
C GLU M 139 30.58 -1.38 -28.64
N GLY M 140 29.50 -1.80 -29.30
CA GLY M 140 28.35 -2.34 -28.60
C GLY M 140 27.38 -1.31 -28.07
N THR M 141 27.58 -0.03 -28.38
CA THR M 141 26.70 1.03 -27.91
C THR M 141 26.04 1.73 -29.09
N THR M 142 25.05 2.56 -28.79
CA THR M 142 24.34 3.33 -29.80
C THR M 142 24.53 4.83 -29.64
N LYS M 143 25.36 5.27 -28.69
CA LYS M 143 25.62 6.68 -28.46
C LYS M 143 27.12 6.89 -28.35
N SER M 144 27.57 8.06 -28.80
CA SER M 144 28.98 8.41 -28.78
C SER M 144 29.20 9.59 -27.85
N GLU M 145 30.45 9.74 -27.42
CA GLU M 145 30.85 10.82 -26.53
C GLU M 145 31.84 11.72 -27.24
N ILE M 146 31.80 13.01 -26.89
CA ILE M 146 32.66 14.03 -27.47
C ILE M 146 33.62 14.51 -26.38
N PHE M 147 34.92 14.48 -26.68
CA PHE M 147 35.95 14.88 -25.75
C PHE M 147 36.61 16.17 -26.21
N TYR M 148 36.97 17.01 -25.24
CA TYR M 148 37.42 18.37 -25.49
C TYR M 148 38.86 18.53 -25.00
N PRO M 149 39.51 19.65 -25.29
CA PRO M 149 40.91 19.82 -24.84
C PRO M 149 41.07 19.60 -23.34
N GLY M 150 42.10 18.86 -22.97
CA GLY M 150 42.36 18.48 -21.60
C GLY M 150 42.01 17.04 -21.29
N ASP M 151 41.04 16.47 -21.99
CA ASP M 151 40.65 15.09 -21.73
C ASP M 151 41.71 14.12 -22.25
N THR M 152 41.71 12.92 -21.68
CA THR M 152 42.64 11.86 -22.06
C THR M 152 41.84 10.59 -22.28
N ILE M 153 41.99 10.00 -23.46
CA ILE M 153 41.22 8.83 -23.87
C ILE M 153 42.16 7.64 -23.96
N VAL M 154 41.75 6.52 -23.37
CA VAL M 154 42.56 5.32 -23.30
C VAL M 154 41.89 4.25 -24.16
N HIS M 155 42.52 3.93 -25.29
CA HIS M 155 42.07 2.83 -26.15
C HIS M 155 42.78 1.57 -25.67
N GLU M 156 42.06 0.73 -24.93
CA GLU M 156 42.68 -0.42 -24.29
C GLU M 156 42.99 -1.52 -25.30
N VAL M 157 43.72 -2.53 -24.84
CA VAL M 157 44.13 -3.62 -25.71
C VAL M 157 42.90 -4.42 -26.13
N GLY M 158 42.81 -4.74 -27.42
CA GLY M 158 41.70 -5.48 -27.95
C GLY M 158 40.44 -4.69 -28.18
N GLU M 159 40.41 -3.42 -27.78
CA GLU M 159 39.23 -2.58 -27.98
C GLU M 159 39.23 -2.01 -29.39
N ALA M 160 38.03 -1.86 -29.94
CA ALA M 160 37.83 -1.26 -31.26
C ALA M 160 36.75 -0.20 -31.16
N THR M 161 37.08 1.03 -31.52
CA THR M 161 36.15 2.14 -31.45
C THR M 161 36.12 2.89 -32.77
N SER M 162 35.14 3.77 -32.90
CA SER M 162 35.02 4.68 -34.03
C SER M 162 35.45 6.07 -33.60
N VAL M 163 36.40 6.65 -34.32
CA VAL M 163 36.95 7.95 -33.99
C VAL M 163 36.47 8.98 -35.01
N GLN M 164 36.39 10.23 -34.58
CA GLN M 164 36.03 11.34 -35.45
C GLN M 164 36.67 12.61 -34.88
N TRP M 165 37.25 13.42 -35.77
CA TRP M 165 37.95 14.62 -35.36
C TRP M 165 37.44 15.84 -36.14
N SER M 166 37.57 17.00 -35.52
CA SER M 166 37.18 18.26 -36.13
C SER M 166 38.34 18.86 -36.93
N SER M 167 38.12 20.08 -37.44
CA SER M 167 39.07 20.74 -38.32
C SER M 167 40.25 21.37 -37.59
N GLY M 168 40.46 21.05 -36.32
CA GLY M 168 41.58 21.61 -35.60
C GLY M 168 42.02 20.76 -34.41
N THR M 169 41.91 19.45 -34.54
CA THR M 169 42.20 18.54 -33.45
C THR M 169 43.67 18.15 -33.46
N TRP M 170 44.31 18.28 -32.31
CA TRP M 170 45.72 17.95 -32.15
C TRP M 170 45.93 17.40 -30.75
N MET M 171 46.75 16.34 -30.64
CA MET M 171 46.87 15.60 -29.40
C MET M 171 48.26 15.01 -29.28
N VAL M 172 48.61 14.66 -28.04
CA VAL M 172 49.84 13.93 -27.73
C VAL M 172 49.46 12.50 -27.39
N GLU M 173 50.09 11.55 -28.07
CA GLU M 173 49.68 10.16 -27.99
C GLU M 173 50.85 9.28 -27.55
N TYR M 174 50.55 8.33 -26.67
CA TYR M 174 51.52 7.37 -26.16
C TYR M 174 50.94 5.97 -26.21
N GLY M 175 51.70 5.02 -26.75
CA GLY M 175 51.24 3.66 -26.94
C GLY M 175 52.14 2.64 -26.27
N ARG M 176 51.53 1.64 -25.65
CA ARG M 176 52.23 0.56 -24.97
C ARG M 176 51.69 -0.78 -25.47
N GLY M 177 52.58 -1.73 -25.63
CA GLY M 177 52.18 -3.07 -26.02
C GLY M 177 53.09 -3.59 -27.10
N PHE M 178 52.56 -4.53 -27.90
CA PHE M 178 53.31 -5.12 -29.01
C PHE M 178 53.21 -4.16 -30.20
N ILE M 179 54.18 -3.25 -30.28
CA ILE M 179 54.10 -2.18 -31.29
C ILE M 179 54.15 -2.71 -32.72
N PRO M 180 55.03 -3.64 -33.09
CA PRO M 180 55.09 -4.06 -34.50
C PRO M 180 53.75 -4.53 -35.06
N SER M 181 52.85 -5.04 -34.21
CA SER M 181 51.57 -5.52 -34.69
C SER M 181 50.69 -4.40 -35.21
N THR M 182 50.82 -3.21 -34.63
CA THR M 182 49.92 -2.11 -34.98
C THR M 182 50.24 -1.52 -36.36
N CYS M 183 51.49 -1.63 -36.81
CA CYS M 183 51.87 -1.02 -38.09
C CYS M 183 51.14 -1.64 -39.27
N ALA M 184 50.62 -2.86 -39.13
CA ALA M 184 49.81 -3.43 -40.20
C ALA M 184 48.57 -2.60 -40.47
N PHE M 185 47.89 -2.15 -39.42
CA PHE M 185 46.70 -1.32 -39.59
C PHE M 185 47.07 0.08 -40.05
N ALA M 186 48.21 0.60 -39.59
CA ALA M 186 48.62 1.95 -39.95
C ALA M 186 49.01 2.07 -41.41
N LEU M 187 49.26 0.95 -42.10
CA LEU M 187 49.69 0.99 -43.49
C LEU M 187 48.71 0.30 -44.43
N ALA M 188 47.52 -0.07 -43.93
CA ALA M 188 46.55 -0.73 -44.77
C ALA M 188 45.99 0.23 -45.82
N ASP M 189 45.53 1.40 -45.37
CA ASP M 189 44.96 2.37 -46.31
C ASP M 189 46.02 2.93 -47.26
N THR M 190 47.28 3.02 -46.82
CA THR M 190 48.34 3.49 -47.70
C THR M 190 48.63 2.49 -48.82
N ILE M 191 48.23 1.23 -48.65
CA ILE M 191 48.47 0.21 -49.66
C ILE M 191 47.27 0.08 -50.59
N PHE M 192 46.05 0.03 -50.04
CA PHE M 192 44.86 -0.27 -50.81
C PHE M 192 44.02 0.94 -51.15
N SER M 193 44.41 2.14 -50.70
CA SER M 193 43.60 3.33 -50.96
C SER M 193 44.41 4.50 -51.52
N THR M 194 45.35 5.02 -50.72
CA THR M 194 46.08 6.22 -51.13
C THR M 194 47.19 5.90 -52.12
N GLN M 195 47.85 4.74 -51.96
CA GLN M 195 49.00 4.36 -52.77
C GLN M 195 50.08 5.45 -52.74
N ASP M 196 50.22 6.09 -51.58
CA ASP M 196 51.25 7.11 -51.36
C ASP M 196 52.48 6.44 -50.78
N PHE M 197 53.27 5.83 -51.66
CA PHE M 197 54.45 5.09 -51.23
C PHE M 197 55.52 5.99 -50.66
N LEU M 198 55.53 7.28 -51.02
CA LEU M 198 56.50 8.20 -50.43
C LEU M 198 56.22 8.42 -48.95
N THR M 199 54.94 8.50 -48.58
CA THR M 199 54.58 8.59 -47.17
C THR M 199 54.92 7.29 -46.44
N LEU M 200 54.71 6.15 -47.10
CA LEU M 200 55.15 4.88 -46.53
C LEU M 200 56.64 4.88 -46.27
N PHE M 201 57.43 5.41 -47.22
CA PHE M 201 58.87 5.54 -47.01
C PHE M 201 59.16 6.47 -45.83
N TYR M 202 58.44 7.59 -45.74
CA TYR M 202 58.63 8.49 -44.61
C TYR M 202 58.33 7.81 -43.29
N THR M 203 57.24 7.04 -43.24
CA THR M 203 56.88 6.33 -42.01
C THR M 203 57.96 5.34 -41.62
N VAL M 204 58.42 4.53 -42.59
CA VAL M 204 59.49 3.58 -42.32
C VAL M 204 60.77 4.30 -41.92
N LYS M 205 61.00 5.48 -42.51
CA LYS M 205 62.23 6.22 -42.20
C LYS M 205 62.24 6.70 -40.75
N VAL M 206 61.17 7.39 -40.33
CA VAL M 206 61.15 7.94 -38.98
C VAL M 206 61.06 6.83 -37.93
N CYS M 207 60.39 5.72 -38.25
CA CYS M 207 60.34 4.60 -37.31
C CYS M 207 61.72 3.98 -37.13
N SER M 208 62.48 3.83 -38.23
CA SER M 208 63.82 3.29 -38.13
C SER M 208 64.75 4.23 -37.35
N LYS M 209 64.61 5.54 -37.57
CA LYS M 209 65.46 6.49 -36.85
C LYS M 209 65.20 6.42 -35.35
N ALA M 210 63.94 6.33 -34.95
CA ALA M 210 63.62 6.22 -33.53
C ALA M 210 64.12 4.90 -32.95
N LEU M 211 63.98 3.81 -33.71
CA LEU M 211 64.47 2.52 -33.24
C LEU M 211 65.99 2.52 -33.11
N LEU M 212 66.69 3.11 -34.08
CA LEU M 212 68.15 3.15 -34.00
C LEU M 212 68.62 4.08 -32.88
N LEU M 213 67.89 5.17 -32.61
CA LEU M 213 68.23 6.02 -31.48
C LEU M 213 68.09 5.26 -30.17
N GLU M 214 67.00 4.50 -30.02
CA GLU M 214 66.82 3.71 -28.81
C GLU M 214 67.88 2.63 -28.70
N ALA M 215 68.26 2.03 -29.83
CA ALA M 215 69.33 1.02 -29.82
C ALA M 215 70.66 1.63 -29.44
N SER M 216 70.95 2.83 -29.93
CA SER M 216 72.20 3.51 -29.57
C SER M 216 72.22 3.86 -28.10
N THR M 217 71.08 4.27 -27.55
CA THR M 217 71.01 4.59 -26.12
C THR M 217 71.23 3.33 -25.28
N HIS M 218 70.70 2.19 -25.73
CA HIS M 218 70.96 0.94 -25.02
C HIS M 218 72.43 0.53 -25.12
N LEU M 219 73.07 0.78 -26.26
CA LEU M 219 74.48 0.42 -26.42
C LEU M 219 75.37 1.26 -25.52
N SER M 220 75.06 2.55 -25.38
CA SER M 220 75.87 3.41 -24.52
C SER M 220 75.72 3.06 -23.05
N GLN M 221 74.70 2.30 -22.69
CA GLN M 221 74.50 1.89 -21.30
C GLN M 221 74.92 0.43 -21.09
N ARG N 12 76.29 -3.15 -59.91
CA ARG N 12 75.28 -2.94 -60.93
C ARG N 12 74.14 -2.07 -60.40
N ALA N 13 74.14 -1.85 -59.09
CA ALA N 13 73.07 -1.06 -58.48
C ALA N 13 73.08 0.38 -58.98
N VAL N 14 74.27 0.97 -59.11
CA VAL N 14 74.35 2.31 -59.68
C VAL N 14 73.91 2.31 -61.14
N LEU N 15 74.10 1.19 -61.83
CA LEU N 15 73.65 1.10 -63.21
C LEU N 15 72.13 1.08 -63.30
N VAL N 16 71.48 0.37 -62.37
CA VAL N 16 70.02 0.38 -62.34
C VAL N 16 69.51 1.76 -61.93
N VAL N 17 70.23 2.43 -61.02
CA VAL N 17 69.89 3.81 -60.69
C VAL N 17 70.07 4.70 -61.92
N ALA N 18 71.17 4.52 -62.64
CA ALA N 18 71.39 5.30 -63.85
C ALA N 18 70.39 4.95 -64.94
N GLY N 19 69.97 3.69 -65.01
CA GLY N 19 69.00 3.29 -66.01
C GLY N 19 67.66 3.97 -65.82
N LEU N 20 67.15 3.99 -64.58
CA LEU N 20 65.91 4.71 -64.31
C LEU N 20 66.09 6.21 -64.43
N ALA N 21 67.30 6.72 -64.15
CA ALA N 21 67.54 8.15 -64.30
C ALA N 21 67.48 8.56 -65.76
N VAL N 22 68.07 7.76 -66.65
CA VAL N 22 68.00 8.06 -68.08
C VAL N 22 66.59 7.84 -68.61
N LEU N 23 65.90 6.82 -68.11
CA LEU N 23 64.50 6.63 -68.48
C LEU N 23 63.65 7.82 -68.05
N LEU N 24 63.93 8.37 -66.86
CA LEU N 24 63.21 9.57 -66.43
C LEU N 24 63.61 10.78 -67.26
N GLN N 25 64.89 10.87 -67.64
CA GLN N 25 65.32 11.95 -68.51
C GLN N 25 64.62 11.88 -69.86
N LEU N 26 64.48 10.67 -70.41
CA LEU N 26 63.79 10.50 -71.69
C LEU N 26 62.31 10.84 -71.55
N ILE N 27 61.65 10.31 -70.52
CA ILE N 27 60.22 10.53 -70.36
C ILE N 27 59.95 12.01 -70.02
N ARG N 28 60.72 12.58 -69.09
CA ARG N 28 60.54 13.99 -68.79
C ARG N 28 60.98 14.88 -69.95
N GLY N 29 61.90 14.40 -70.78
CA GLY N 29 62.28 15.16 -71.96
C GLY N 29 61.18 15.21 -73.00
N TRP N 30 60.45 14.10 -73.17
CA TRP N 30 59.28 14.12 -74.04
C TRP N 30 58.21 15.04 -73.48
N LEU N 31 57.96 14.97 -72.16
CA LEU N 31 56.95 15.83 -71.55
C LEU N 31 57.36 17.30 -71.56
N SER N 32 58.66 17.58 -71.63
CA SER N 32 59.14 18.95 -71.64
C SER N 32 59.20 19.58 -73.03
N SER N 33 59.07 18.77 -74.09
CA SER N 33 59.14 19.27 -75.46
C SER N 33 57.90 18.92 -76.28
N LYS N 34 56.83 18.47 -75.63
CA LYS N 34 55.63 18.00 -76.33
C LYS N 34 54.62 19.13 -76.46
N SER N 35 54.46 19.66 -77.68
CA SER N 35 53.34 20.52 -78.02
C SER N 35 52.03 19.99 -77.45
N TYR N 36 51.52 20.63 -76.41
CA TYR N 36 50.27 20.26 -75.76
C TYR N 36 49.09 20.99 -76.38
N VAL N 37 47.89 20.47 -76.09
CA VAL N 37 46.66 21.07 -76.61
C VAL N 37 46.20 22.21 -75.71
N PHE N 38 45.96 21.89 -74.43
CA PHE N 38 45.43 22.84 -73.47
C PHE N 38 46.56 23.40 -72.60
N ASN N 39 46.21 24.40 -71.81
CA ASN N 39 47.08 24.91 -70.75
C ASN N 39 46.21 25.26 -69.54
N ARG N 40 46.82 25.23 -68.37
CA ARG N 40 46.06 25.38 -67.14
C ARG N 40 45.43 26.77 -67.03
N GLU N 41 46.09 27.79 -67.57
CA GLU N 41 45.52 29.14 -67.52
C GLU N 41 44.28 29.25 -68.38
N GLU N 42 44.26 28.58 -69.53
CA GLU N 42 43.10 28.62 -70.40
C GLU N 42 41.88 28.03 -69.71
N ILE N 43 42.03 26.82 -69.15
CA ILE N 43 40.93 26.18 -68.45
C ILE N 43 40.53 26.97 -67.20
N ALA N 44 41.53 27.54 -66.51
CA ALA N 44 41.24 28.30 -65.30
C ALA N 44 40.39 29.54 -65.60
N ARG N 45 40.74 30.27 -66.66
CA ARG N 45 39.97 31.46 -67.01
C ARG N 45 38.56 31.08 -67.48
N LEU N 46 38.45 30.07 -68.35
CA LEU N 46 37.14 29.68 -68.86
C LEU N 46 36.21 29.23 -67.74
N ALA N 47 36.76 28.58 -66.70
CA ALA N 47 35.93 28.18 -65.58
C ALA N 47 35.62 29.35 -64.65
N LYS N 48 36.59 30.25 -64.45
CA LYS N 48 36.36 31.39 -63.58
C LYS N 48 35.39 32.39 -64.20
N GLU N 49 35.30 32.42 -65.54
CA GLU N 49 34.33 33.30 -66.18
C GLU N 49 32.91 32.94 -65.79
N HIS N 50 32.64 31.64 -65.63
CA HIS N 50 31.31 31.16 -65.28
C HIS N 50 31.17 30.87 -63.80
N SER N 51 32.20 31.17 -63.02
CA SER N 51 32.09 31.06 -61.57
C SER N 51 31.09 32.09 -61.05
N GLY N 52 30.38 31.71 -60.00
CA GLY N 52 29.29 32.52 -59.49
C GLY N 52 27.95 32.30 -60.16
N LEU N 53 27.86 31.38 -61.10
CA LEU N 53 26.62 31.01 -61.76
C LEU N 53 26.27 29.58 -61.41
N ASP N 54 25.08 29.14 -61.86
CA ASP N 54 24.69 27.76 -61.67
C ASP N 54 25.68 26.83 -62.36
N TYR N 55 26.15 25.83 -61.61
CA TYR N 55 27.23 24.99 -62.14
C TYR N 55 26.78 24.18 -63.34
N GLU N 56 25.48 23.89 -63.44
CA GLU N 56 24.98 23.17 -64.61
C GLU N 56 25.05 24.04 -65.85
N VAL N 57 24.61 25.30 -65.75
CA VAL N 57 24.73 26.22 -66.87
C VAL N 57 26.21 26.48 -67.18
N ALA N 58 27.04 26.57 -66.13
CA ALA N 58 28.47 26.73 -66.33
C ALA N 58 29.07 25.54 -67.05
N PHE N 59 28.65 24.32 -66.69
CA PHE N 59 29.09 23.13 -67.40
C PHE N 59 28.79 23.21 -68.88
N SER N 60 27.54 23.55 -69.23
CA SER N 60 27.14 23.55 -70.63
C SER N 60 27.92 24.61 -71.42
N LYS N 61 28.05 25.82 -70.87
CA LYS N 61 28.76 26.87 -71.57
C LYS N 61 30.24 26.55 -71.72
N ILE N 62 30.85 25.94 -70.70
CA ILE N 62 32.26 25.59 -70.79
C ILE N 62 32.49 24.47 -71.79
N ILE N 63 31.61 23.48 -71.82
CA ILE N 63 31.74 22.38 -72.78
C ILE N 63 31.62 22.90 -74.21
N VAL N 64 30.67 23.80 -74.47
CA VAL N 64 30.53 24.35 -75.81
C VAL N 64 31.77 25.16 -76.19
N GLU N 65 32.27 25.97 -75.26
CA GLU N 65 33.45 26.79 -75.55
C GLU N 65 34.68 25.91 -75.82
N LEU N 66 34.82 24.81 -75.10
CA LEU N 66 35.93 23.90 -75.35
C LEU N 66 35.80 23.25 -76.72
N ARG N 67 34.59 22.83 -77.09
CA ARG N 67 34.36 22.30 -78.43
C ARG N 67 34.48 23.38 -79.49
N LYS N 68 34.27 24.64 -79.13
CA LYS N 68 34.47 25.73 -80.08
C LYS N 68 35.95 25.98 -80.33
N LYS N 69 36.72 26.17 -79.27
CA LYS N 69 38.13 26.52 -79.42
C LYS N 69 39.02 25.32 -79.70
N HIS N 70 38.55 24.11 -79.44
CA HIS N 70 39.31 22.89 -79.68
C HIS N 70 38.42 21.82 -80.28
N PRO N 71 38.11 21.93 -81.58
CA PRO N 71 37.27 20.90 -82.21
C PRO N 71 38.04 19.60 -82.39
N GLY N 72 37.30 18.50 -82.29
CA GLY N 72 37.88 17.18 -82.44
C GLY N 72 38.67 16.68 -81.25
N HIS N 73 38.66 17.41 -80.13
CA HIS N 73 39.39 17.02 -78.93
C HIS N 73 38.50 16.82 -77.71
N ILE N 74 37.22 17.17 -77.78
CA ILE N 74 36.29 17.02 -76.68
C ILE N 74 35.21 16.04 -77.11
N LEU N 75 34.90 15.08 -76.24
CA LEU N 75 33.89 14.08 -76.55
C LEU N 75 32.52 14.74 -76.78
N GLN N 76 31.71 14.09 -77.61
CA GLN N 76 30.37 14.56 -77.90
C GLN N 76 29.43 14.20 -76.76
N ASP N 77 28.21 14.76 -76.83
CA ASP N 77 27.21 14.51 -75.79
C ASP N 77 26.83 13.03 -75.70
N GLU N 78 26.99 12.29 -76.80
CA GLU N 78 26.67 10.87 -76.77
C GLU N 78 27.59 10.08 -75.85
N ASP N 79 28.84 10.51 -75.71
CA ASP N 79 29.84 9.78 -74.93
C ASP N 79 30.06 10.38 -73.54
N LEU N 80 29.14 11.22 -73.08
CA LEU N 80 29.25 11.84 -71.75
C LEU N 80 28.32 11.15 -70.78
N GLN N 81 28.83 10.86 -69.58
CA GLN N 81 28.03 10.31 -68.49
C GLN N 81 28.79 10.56 -67.18
N TRP N 82 28.03 10.80 -66.12
CA TRP N 82 28.63 11.00 -64.81
C TRP N 82 29.06 9.64 -64.24
N VAL N 83 30.34 9.50 -63.94
CA VAL N 83 30.91 8.27 -63.41
C VAL N 83 31.41 8.55 -61.99
N PHE N 84 31.07 7.66 -61.06
CA PHE N 84 31.54 7.80 -59.70
C PHE N 84 33.05 7.61 -59.65
N VAL N 85 33.70 8.29 -58.71
CA VAL N 85 35.15 8.22 -58.54
C VAL N 85 35.42 8.04 -57.06
N ASN N 86 35.95 6.88 -56.68
CA ASN N 86 36.34 6.60 -55.32
C ASN N 86 37.85 6.41 -55.29
N ALA N 87 38.53 7.23 -54.49
CA ALA N 87 39.99 7.16 -54.43
C ALA N 87 40.43 7.81 -53.13
N GLY N 88 41.44 7.22 -52.50
CA GLY N 88 42.06 7.79 -51.33
C GLY N 88 41.14 8.03 -50.14
N GLY N 89 39.91 7.50 -50.21
CA GLY N 89 38.96 7.68 -49.15
C GLY N 89 37.89 8.71 -49.39
N TRP N 90 37.90 9.41 -50.52
CA TRP N 90 36.84 10.34 -50.85
C TRP N 90 36.07 9.83 -52.06
N MET N 91 34.87 10.41 -52.25
CA MET N 91 33.99 9.96 -53.31
C MET N 91 33.35 11.16 -53.99
N GLY N 92 33.44 11.18 -55.32
CA GLY N 92 32.80 12.21 -56.12
C GLY N 92 32.34 11.64 -57.45
N SER N 93 32.15 12.51 -58.43
CA SER N 93 31.76 12.07 -59.77
C SER N 93 32.45 12.96 -60.79
N MET N 94 32.73 12.38 -61.96
CA MET N 94 33.42 13.09 -63.01
C MET N 94 32.65 12.95 -64.33
N CYS N 95 32.87 13.92 -65.21
CA CYS N 95 32.40 13.87 -66.59
C CYS N 95 33.60 14.18 -67.47
N LEU N 96 34.14 13.14 -68.11
CA LEU N 96 35.40 13.29 -68.84
C LEU N 96 35.13 13.96 -70.18
N LEU N 97 35.70 15.15 -70.37
CA LEU N 97 35.55 15.88 -71.62
C LEU N 97 36.66 15.56 -72.62
N HIS N 98 37.91 15.51 -72.16
CA HIS N 98 39.05 15.20 -73.01
C HIS N 98 40.06 14.40 -72.19
N ALA N 99 40.74 13.48 -72.87
CA ALA N 99 41.78 12.69 -72.23
C ALA N 99 42.72 12.15 -73.29
N SER N 100 44.02 12.30 -73.05
CA SER N 100 45.03 11.77 -73.95
C SER N 100 46.08 11.09 -73.09
N LEU N 101 47.25 10.82 -73.67
CA LEU N 101 48.34 10.21 -72.91
C LEU N 101 49.08 11.21 -72.03
N THR N 102 48.89 12.50 -72.24
CA THR N 102 49.55 13.52 -71.44
C THR N 102 48.62 14.57 -70.83
N GLU N 103 47.38 14.70 -71.32
CA GLU N 103 46.44 15.69 -70.82
C GLU N 103 45.08 15.05 -70.55
N TYR N 104 44.30 15.70 -69.70
CA TYR N 104 42.90 15.34 -69.53
C TYR N 104 42.14 16.52 -68.96
N VAL N 105 40.89 16.69 -69.42
CA VAL N 105 39.99 17.73 -68.94
C VAL N 105 38.69 17.07 -68.52
N LEU N 106 38.17 17.44 -67.35
CA LEU N 106 36.92 16.88 -66.87
C LEU N 106 36.22 17.87 -65.96
N LEU N 107 34.96 17.56 -65.67
CA LEU N 107 34.16 18.30 -64.69
C LEU N 107 33.98 17.37 -63.49
N PHE N 108 34.59 17.75 -62.37
CA PHE N 108 34.58 16.93 -61.17
C PHE N 108 33.79 17.64 -60.07
N GLY N 109 33.29 16.85 -59.13
CA GLY N 109 32.60 17.40 -57.99
C GLY N 109 31.82 16.34 -57.27
N THR N 110 31.28 16.73 -56.12
CA THR N 110 30.50 15.84 -55.28
C THR N 110 29.28 16.57 -54.73
N ALA N 111 28.20 15.81 -54.55
CA ALA N 111 26.99 16.31 -53.90
C ALA N 111 26.87 15.80 -52.46
N VAL N 112 27.93 15.22 -51.91
CA VAL N 112 27.98 14.79 -50.52
C VAL N 112 29.29 15.30 -49.91
N ASP N 113 29.35 15.24 -48.58
CA ASP N 113 30.53 15.67 -47.84
C ASP N 113 31.52 14.51 -47.77
N THR N 114 32.64 14.64 -48.47
CA THR N 114 33.66 13.61 -48.47
C THR N 114 35.03 14.28 -48.36
N GLY N 115 36.06 13.46 -48.22
CA GLY N 115 37.41 13.99 -48.09
C GLY N 115 38.40 12.87 -47.84
N GLY N 116 39.66 13.16 -48.17
CA GLY N 116 40.71 12.18 -47.97
C GLY N 116 42.02 12.59 -48.64
N HIS N 117 42.74 11.59 -49.12
CA HIS N 117 44.06 11.78 -49.73
C HIS N 117 43.90 12.24 -51.18
N SER N 118 44.59 13.34 -51.53
CA SER N 118 44.52 13.86 -52.89
C SER N 118 45.24 13.00 -53.90
N GLY N 119 46.21 12.19 -53.46
CA GLY N 119 46.97 11.33 -54.33
C GLY N 119 48.26 11.95 -54.80
N ARG N 120 49.35 11.18 -54.76
CA ARG N 120 50.66 11.63 -55.20
C ARG N 120 51.00 10.90 -56.49
N TYR N 121 51.06 11.64 -57.59
CA TYR N 121 51.28 11.04 -58.91
C TYR N 121 52.13 11.97 -59.75
N TRP N 122 52.47 11.51 -60.96
CA TRP N 122 53.35 12.23 -61.87
C TRP N 122 52.51 13.12 -62.80
N ALA N 123 51.82 14.08 -62.20
CA ALA N 123 50.93 14.93 -62.98
C ALA N 123 50.59 16.20 -62.21
N GLU N 124 50.64 17.32 -62.93
CA GLU N 124 50.20 18.61 -62.40
C GLU N 124 48.72 18.80 -62.69
N ILE N 125 47.94 19.05 -61.65
CA ILE N 125 46.48 19.14 -61.75
C ILE N 125 46.04 20.51 -61.28
N SER N 126 45.12 21.12 -62.02
CA SER N 126 44.55 22.42 -61.69
C SER N 126 43.04 22.31 -61.61
N ASP N 127 42.48 22.76 -60.49
CA ASP N 127 41.03 22.71 -60.26
C ASP N 127 40.53 24.12 -60.00
N THR N 128 39.54 24.54 -60.79
CA THR N 128 38.88 25.84 -60.62
C THR N 128 37.48 25.58 -60.09
N ILE N 129 37.22 26.00 -58.85
CA ILE N 129 35.96 25.71 -58.19
C ILE N 129 34.84 26.52 -58.83
N LEU N 130 33.79 25.85 -59.30
CA LEU N 130 32.63 26.54 -59.82
C LEU N 130 31.61 26.85 -58.73
N SER N 131 31.45 25.94 -57.78
CA SER N 131 30.53 26.14 -56.66
C SER N 131 31.00 25.26 -55.50
N GLY N 132 30.62 25.65 -54.30
CA GLY N 132 30.96 24.89 -53.11
C GLY N 132 32.21 25.42 -52.42
N THR N 133 32.85 24.53 -51.67
CA THR N 133 34.08 24.86 -50.95
C THR N 133 35.09 23.73 -51.13
N PHE N 134 36.37 24.08 -50.99
CA PHE N 134 37.48 23.16 -51.16
C PHE N 134 38.44 23.40 -50.00
N ARG N 135 38.51 22.45 -49.08
CA ARG N 135 39.48 22.52 -47.99
C ARG N 135 40.73 21.75 -48.40
N GLN N 136 41.87 22.43 -48.38
CA GLN N 136 43.16 21.84 -48.74
C GLN N 136 44.08 21.85 -47.53
N TRP N 137 44.73 20.72 -47.28
CA TRP N 137 45.65 20.54 -46.16
C TRP N 137 47.00 20.14 -46.75
N LYS N 138 47.92 21.10 -46.83
CA LYS N 138 49.20 20.83 -47.47
C LYS N 138 50.06 19.93 -46.58
N GLU N 139 50.99 19.22 -47.21
CA GLU N 139 51.85 18.30 -46.48
C GLU N 139 52.86 19.08 -45.64
N GLY N 140 53.13 18.59 -44.44
CA GLY N 140 54.11 19.24 -43.59
C GLY N 140 53.60 20.44 -42.82
N THR N 141 52.30 20.71 -42.87
CA THR N 141 51.70 21.85 -42.18
C THR N 141 50.74 21.38 -41.11
N THR N 142 50.31 22.32 -40.27
CA THR N 142 49.34 22.05 -39.22
C THR N 142 48.04 22.81 -39.40
N LYS N 143 47.88 23.55 -40.48
CA LYS N 143 46.67 24.30 -40.75
C LYS N 143 46.24 24.08 -42.19
N SER N 144 44.92 24.14 -42.42
CA SER N 144 44.35 23.98 -43.74
C SER N 144 43.70 25.29 -44.19
N GLU N 145 43.55 25.43 -45.51
CA GLU N 145 42.93 26.60 -46.11
C GLU N 145 41.69 26.21 -46.88
N ILE N 146 40.72 27.13 -46.92
CA ILE N 146 39.45 26.93 -47.59
C ILE N 146 39.40 27.83 -48.83
N PHE N 147 39.12 27.22 -49.97
CA PHE N 147 39.07 27.93 -51.24
C PHE N 147 37.63 27.97 -51.74
N TYR N 148 37.27 29.06 -52.40
CA TYR N 148 35.87 29.32 -52.72
C TYR N 148 35.69 29.39 -54.23
N PRO N 149 34.46 29.45 -54.74
CA PRO N 149 34.27 29.54 -56.19
C PRO N 149 35.03 30.72 -56.77
N GLY N 150 35.70 30.48 -57.88
CA GLY N 150 36.58 31.45 -58.51
C GLY N 150 38.05 31.17 -58.28
N ASP N 151 38.40 30.56 -57.16
CA ASP N 151 39.80 30.23 -56.89
C ASP N 151 40.21 29.02 -57.72
N THR N 152 41.53 28.92 -57.94
CA THR N 152 42.12 27.82 -58.70
C THR N 152 43.28 27.24 -57.91
N ILE N 153 43.25 25.93 -57.69
CA ILE N 153 44.22 25.24 -56.85
C ILE N 153 45.10 24.38 -57.76
N VAL N 154 46.41 24.46 -57.55
CA VAL N 154 47.37 23.74 -58.37
C VAL N 154 47.99 22.65 -57.50
N HIS N 155 47.62 21.41 -57.77
CA HIS N 155 48.24 20.26 -57.12
C HIS N 155 49.41 19.83 -57.99
N GLU N 156 50.62 20.18 -57.59
CA GLU N 156 51.80 19.98 -58.41
C GLU N 156 52.22 18.51 -58.41
N VAL N 157 53.21 18.22 -59.27
CA VAL N 157 53.71 16.87 -59.41
C VAL N 157 54.46 16.46 -58.14
N GLY N 158 54.17 15.25 -57.64
CA GLY N 158 54.80 14.77 -56.44
C GLY N 158 54.23 15.32 -55.15
N GLU N 159 53.30 16.27 -55.22
CA GLU N 159 52.70 16.82 -54.03
C GLU N 159 51.58 15.92 -53.52
N ALA N 160 51.45 15.87 -52.19
CA ALA N 160 50.39 15.11 -51.53
C ALA N 160 49.72 16.01 -50.51
N THR N 161 48.42 16.23 -50.67
CA THR N 161 47.63 17.05 -49.76
C THR N 161 46.39 16.27 -49.36
N SER N 162 45.69 16.78 -48.36
CA SER N 162 44.41 16.22 -47.94
C SER N 162 43.29 17.14 -48.43
N VAL N 163 42.33 16.56 -49.14
CA VAL N 163 41.23 17.32 -49.73
C VAL N 163 39.95 17.03 -48.97
N GLN N 164 39.06 18.01 -48.97
CA GLN N 164 37.75 17.87 -48.36
C GLN N 164 36.78 18.81 -49.09
N TRP N 165 35.59 18.31 -49.38
CA TRP N 165 34.61 19.06 -50.15
C TRP N 165 33.26 19.10 -49.42
N SER N 166 32.49 20.14 -49.72
CA SER N 166 31.17 20.33 -49.13
C SER N 166 30.10 19.60 -49.94
N SER N 167 28.85 19.79 -49.52
CA SER N 167 27.69 19.11 -50.10
C SER N 167 27.25 19.71 -51.43
N GLY N 168 28.05 20.56 -52.05
CA GLY N 168 27.67 21.14 -53.33
C GLY N 168 28.87 21.59 -54.12
N THR N 169 29.96 20.84 -54.04
CA THR N 169 31.22 21.23 -54.67
C THR N 169 31.28 20.72 -56.09
N TRP N 170 31.60 21.61 -57.03
CA TRP N 170 31.74 21.27 -58.44
C TRP N 170 32.83 22.16 -59.04
N MET N 171 33.66 21.57 -59.90
CA MET N 171 34.85 22.26 -60.39
C MET N 171 35.19 21.77 -61.78
N VAL N 172 35.98 22.56 -62.50
CA VAL N 172 36.54 22.19 -63.79
C VAL N 172 38.01 21.89 -63.58
N GLU N 173 38.44 20.71 -64.00
CA GLU N 173 39.76 20.20 -63.67
C GLU N 173 40.54 19.88 -64.94
N TYR N 174 41.83 20.23 -64.95
CA TYR N 174 42.72 19.97 -66.06
C TYR N 174 44.02 19.38 -65.54
N GLY N 175 44.47 18.30 -66.18
CA GLY N 175 45.65 17.56 -65.73
C GLY N 175 46.69 17.43 -66.83
N ARG N 176 47.95 17.57 -66.44
CA ARG N 176 49.10 17.45 -67.34
C ARG N 176 50.12 16.51 -66.71
N GLY N 177 50.76 15.70 -67.54
CA GLY N 177 51.83 14.86 -67.05
C GLY N 177 51.70 13.45 -67.57
N PHE N 178 52.29 12.50 -66.83
CA PHE N 178 52.24 11.09 -67.16
C PHE N 178 50.90 10.55 -66.68
N ILE N 179 49.91 10.62 -67.58
CA ILE N 179 48.53 10.28 -67.18
C ILE N 179 48.38 8.83 -66.76
N PRO N 180 48.93 7.82 -67.47
CA PRO N 180 48.69 6.43 -67.06
C PRO N 180 49.04 6.11 -65.61
N SER N 181 50.00 6.82 -65.00
CA SER N 181 50.36 6.52 -63.62
C SER N 181 49.23 6.87 -62.65
N THR N 182 48.44 7.90 -62.97
CA THR N 182 47.41 8.36 -62.04
C THR N 182 46.23 7.40 -61.93
N CYS N 183 45.99 6.59 -62.96
CA CYS N 183 44.83 5.70 -62.94
C CYS N 183 44.93 4.64 -61.85
N ALA N 184 46.13 4.30 -61.40
CA ALA N 184 46.28 3.36 -60.30
C ALA N 184 45.62 3.90 -59.03
N PHE N 185 45.83 5.18 -58.74
CA PHE N 185 45.21 5.79 -57.56
C PHE N 185 43.71 6.02 -57.76
N ALA N 186 43.30 6.36 -58.99
CA ALA N 186 41.90 6.68 -59.24
C ALA N 186 40.99 5.46 -59.10
N LEU N 187 41.54 4.25 -59.11
CA LEU N 187 40.75 3.03 -59.06
C LEU N 187 41.07 2.18 -57.83
N ALA N 188 41.85 2.71 -56.89
CA ALA N 188 42.24 1.93 -55.71
C ALA N 188 41.02 1.60 -54.84
N ASP N 189 40.25 2.62 -54.47
CA ASP N 189 39.07 2.37 -53.63
C ASP N 189 38.00 1.58 -54.37
N THR N 190 37.91 1.72 -55.70
CA THR N 190 36.94 0.96 -56.45
C THR N 190 37.26 -0.54 -56.44
N ILE N 191 38.50 -0.90 -56.17
CA ILE N 191 38.90 -2.31 -56.14
C ILE N 191 38.83 -2.87 -54.73
N PHE N 192 39.38 -2.14 -53.75
CA PHE N 192 39.55 -2.65 -52.40
C PHE N 192 38.53 -2.12 -51.42
N SER N 193 37.61 -1.26 -51.84
CA SER N 193 36.64 -0.71 -50.91
C SER N 193 35.22 -0.84 -51.44
N THR N 194 34.93 -0.17 -52.56
CA THR N 194 33.56 -0.19 -53.07
C THR N 194 33.24 -1.49 -53.79
N GLN N 195 34.23 -2.06 -54.49
CA GLN N 195 34.04 -3.26 -55.30
C GLN N 195 32.90 -3.07 -56.30
N ASP N 196 32.76 -1.85 -56.80
CA ASP N 196 31.76 -1.52 -57.82
C ASP N 196 32.42 -1.65 -59.19
N PHE N 197 32.48 -2.89 -59.68
CA PHE N 197 33.17 -3.17 -60.94
C PHE N 197 32.46 -2.54 -62.13
N LEU N 198 31.16 -2.26 -62.02
CA LEU N 198 30.47 -1.56 -63.11
C LEU N 198 31.00 -0.14 -63.26
N THR N 199 31.29 0.52 -62.14
CA THR N 199 31.90 1.84 -62.20
C THR N 199 33.32 1.78 -62.76
N LEU N 200 34.05 0.73 -62.40
CA LEU N 200 35.35 0.49 -63.01
C LEU N 200 35.22 0.34 -64.52
N PHE N 201 34.19 -0.38 -64.96
CA PHE N 201 33.95 -0.52 -66.39
C PHE N 201 33.64 0.83 -67.04
N TYR N 202 32.85 1.67 -66.36
CA TYR N 202 32.55 2.99 -66.89
C TYR N 202 33.81 3.83 -67.06
N THR N 203 34.72 3.78 -66.09
CA THR N 203 35.95 4.56 -66.15
C THR N 203 36.82 4.11 -67.33
N VAL N 204 37.02 2.80 -67.47
CA VAL N 204 37.77 2.27 -68.60
C VAL N 204 37.06 2.59 -69.91
N LYS N 205 35.73 2.59 -69.89
CA LYS N 205 34.96 2.86 -71.10
C LYS N 205 35.18 4.29 -71.60
N VAL N 206 34.96 5.28 -70.73
CA VAL N 206 35.10 6.67 -71.15
C VAL N 206 36.56 7.01 -71.43
N CYS N 207 37.50 6.40 -70.71
CA CYS N 207 38.91 6.65 -70.98
C CYS N 207 39.31 6.13 -72.35
N SER N 208 38.82 4.95 -72.72
CA SER N 208 39.11 4.42 -74.05
C SER N 208 38.48 5.27 -75.14
N LYS N 209 37.25 5.77 -74.90
CA LYS N 209 36.59 6.61 -75.90
C LYS N 209 37.37 7.90 -76.14
N ALA N 210 37.85 8.53 -75.06
CA ALA N 210 38.62 9.77 -75.23
C ALA N 210 39.94 9.50 -75.92
N LEU N 211 40.61 8.40 -75.59
CA LEU N 211 41.87 8.06 -76.24
C LEU N 211 41.66 7.76 -77.72
N LEU N 212 40.59 7.04 -78.06
CA LEU N 212 40.33 6.72 -79.46
C LEU N 212 39.93 7.96 -80.25
N LEU N 213 39.21 8.88 -79.62
CA LEU N 213 38.89 10.14 -80.30
C LEU N 213 40.14 10.95 -80.58
N GLU N 214 41.05 11.04 -79.61
CA GLU N 214 42.29 11.76 -79.82
C GLU N 214 43.17 11.08 -80.86
N ALA N 215 43.17 9.74 -80.88
CA ALA N 215 43.94 9.02 -81.88
C ALA N 215 43.34 9.22 -83.27
N SER N 216 42.00 9.25 -83.37
CA SER N 216 41.36 9.50 -84.66
C SER N 216 41.63 10.91 -85.16
N THR N 217 41.67 11.89 -84.25
CA THR N 217 41.99 13.26 -84.64
C THR N 217 43.43 13.37 -85.14
N HIS N 218 44.36 12.64 -84.52
CA HIS N 218 45.74 12.63 -85.00
C HIS N 218 45.84 11.98 -86.36
N LEU N 219 45.05 10.92 -86.59
CA LEU N 219 45.08 10.25 -87.89
C LEU N 219 44.54 11.16 -88.99
N SER N 220 43.49 11.93 -88.68
CA SER N 220 42.94 12.84 -89.67
C SER N 220 43.89 13.99 -89.98
N GLN N 221 44.87 14.24 -89.11
CA GLN N 221 45.85 15.30 -89.33
C GLN N 221 47.19 14.71 -89.78
N GLY O 10 32.41 -18.69 -84.56
CA GLY O 10 32.07 -19.81 -83.69
C GLY O 10 33.19 -20.16 -82.73
N LEU O 11 32.89 -20.09 -81.43
CA LEU O 11 33.87 -20.39 -80.39
C LEU O 11 33.12 -20.93 -79.17
N ARG O 12 33.88 -21.52 -78.23
CA ARG O 12 33.28 -22.07 -77.03
C ARG O 12 32.78 -21.00 -76.06
N ALA O 13 33.25 -19.75 -76.20
CA ALA O 13 32.80 -18.68 -75.32
C ALA O 13 31.34 -18.33 -75.55
N VAL O 14 30.81 -18.63 -76.75
CA VAL O 14 29.40 -18.37 -77.04
C VAL O 14 28.52 -19.22 -76.15
N LEU O 15 29.09 -20.28 -75.57
CA LEU O 15 28.37 -21.12 -74.63
C LEU O 15 28.49 -20.62 -73.20
N VAL O 16 29.64 -20.04 -72.82
CA VAL O 16 29.80 -19.51 -71.48
C VAL O 16 28.85 -18.34 -71.25
N VAL O 17 28.70 -17.48 -72.25
CA VAL O 17 27.75 -16.38 -72.15
C VAL O 17 26.33 -16.90 -72.02
N ALA O 18 25.97 -17.89 -72.85
CA ALA O 18 24.64 -18.48 -72.75
C ALA O 18 24.46 -19.29 -71.47
N GLY O 19 25.54 -19.90 -70.97
CA GLY O 19 25.43 -20.64 -69.73
C GLY O 19 25.20 -19.76 -68.52
N LEU O 20 25.88 -18.61 -68.48
CA LEU O 20 25.60 -17.65 -67.41
C LEU O 20 24.21 -17.05 -67.57
N ALA O 21 23.74 -16.91 -68.81
CA ALA O 21 22.40 -16.39 -69.05
C ALA O 21 21.34 -17.34 -68.52
N VAL O 22 21.48 -18.64 -68.83
CA VAL O 22 20.55 -19.62 -68.30
C VAL O 22 20.68 -19.73 -66.79
N LEU O 23 21.92 -19.68 -66.28
CA LEU O 23 22.12 -19.67 -64.83
C LEU O 23 21.42 -18.49 -64.19
N LEU O 24 21.49 -17.32 -64.82
CA LEU O 24 20.78 -16.15 -64.29
C LEU O 24 19.28 -16.32 -64.39
N GLN O 25 18.79 -16.87 -65.51
CA GLN O 25 17.35 -17.12 -65.62
C GLN O 25 16.89 -18.14 -64.60
N LEU O 26 17.78 -19.04 -64.17
CA LEU O 26 17.42 -20.02 -63.15
C LEU O 26 17.39 -19.38 -61.77
N ILE O 27 18.43 -18.62 -61.42
CA ILE O 27 18.49 -17.98 -60.11
C ILE O 27 17.42 -16.91 -59.98
N ARG O 28 17.26 -16.07 -61.01
CA ARG O 28 16.24 -15.04 -60.95
C ARG O 28 14.84 -15.64 -60.98
N GLY O 29 14.68 -16.83 -61.58
CA GLY O 29 13.39 -17.49 -61.54
C GLY O 29 13.06 -18.00 -60.14
N TRP O 30 14.07 -18.52 -59.43
CA TRP O 30 13.87 -18.90 -58.03
C TRP O 30 13.53 -17.69 -57.17
N LEU O 31 14.23 -16.58 -57.39
CA LEU O 31 13.97 -15.37 -56.61
C LEU O 31 12.60 -14.79 -56.92
N SER O 32 12.07 -15.07 -58.11
CA SER O 32 10.76 -14.57 -58.53
C SER O 32 9.60 -15.46 -58.11
N SER O 33 9.87 -16.70 -57.68
CA SER O 33 8.82 -17.64 -57.32
C SER O 33 8.95 -18.16 -55.90
N LYS O 34 9.79 -17.56 -55.08
CA LYS O 34 10.07 -18.04 -53.73
C LYS O 34 9.17 -17.33 -52.73
N SER O 35 8.17 -18.05 -52.21
CA SER O 35 7.41 -17.61 -51.04
C SER O 35 8.33 -17.02 -49.97
N TYR O 36 8.31 -15.71 -49.83
CA TYR O 36 9.10 -14.98 -48.85
C TYR O 36 8.32 -14.79 -47.55
N VAL O 37 9.06 -14.44 -46.50
CA VAL O 37 8.47 -14.21 -45.19
C VAL O 37 8.00 -12.77 -45.07
N PHE O 38 8.92 -11.82 -45.25
CA PHE O 38 8.66 -10.40 -45.09
C PHE O 38 8.42 -9.74 -46.45
N ASN O 39 7.99 -8.48 -46.39
CA ASN O 39 7.93 -7.61 -47.55
C ASN O 39 8.34 -6.21 -47.11
N ARG O 40 8.82 -5.43 -48.08
CA ARG O 40 9.38 -4.13 -47.73
C ARG O 40 8.34 -3.18 -47.16
N GLU O 41 7.09 -3.27 -47.61
CA GLU O 41 6.05 -2.40 -47.08
C GLU O 41 5.75 -2.72 -45.62
N GLU O 42 5.77 -4.01 -45.26
CA GLU O 42 5.50 -4.42 -43.90
C GLU O 42 6.52 -3.84 -42.93
N ILE O 43 7.81 -4.03 -43.23
CA ILE O 43 8.86 -3.50 -42.37
C ILE O 43 8.84 -1.97 -42.38
N ALA O 44 8.56 -1.37 -43.53
CA ALA O 44 8.54 0.08 -43.62
C ALA O 44 7.45 0.68 -42.74
N ARG O 45 6.25 0.10 -42.77
CA ARG O 45 5.18 0.62 -41.94
C ARG O 45 5.49 0.43 -40.46
N LEU O 46 5.97 -0.76 -40.08
CA LEU O 46 6.28 -1.03 -38.68
C LEU O 46 7.35 -0.07 -38.16
N ALA O 47 8.30 0.32 -39.01
CA ALA O 47 9.31 1.27 -38.58
C ALA O 47 8.77 2.70 -38.55
N LYS O 48 7.90 3.05 -39.51
CA LYS O 48 7.37 4.40 -39.56
C LYS O 48 6.39 4.67 -38.42
N GLU O 49 5.74 3.63 -37.90
CA GLU O 49 4.85 3.82 -36.76
C GLU O 49 5.60 4.34 -35.54
N HIS O 50 6.83 3.89 -35.36
CA HIS O 50 7.64 4.27 -34.21
C HIS O 50 8.63 5.37 -34.54
N SER O 51 8.60 5.91 -35.75
CA SER O 51 9.44 7.05 -36.11
C SER O 51 9.02 8.28 -35.33
N GLY O 52 10.01 9.13 -35.03
CA GLY O 52 9.78 10.26 -34.16
C GLY O 52 9.88 9.94 -32.69
N LEU O 53 10.24 8.71 -32.34
CA LEU O 53 10.46 8.29 -30.96
C LEU O 53 11.93 7.97 -30.76
N ASP O 54 12.31 7.70 -29.52
CA ASP O 54 13.69 7.28 -29.25
C ASP O 54 13.97 5.98 -30.00
N TYR O 55 15.10 5.96 -30.72
CA TYR O 55 15.38 4.83 -31.59
C TYR O 55 15.58 3.54 -30.80
N GLU O 56 16.01 3.65 -29.54
CA GLU O 56 16.16 2.46 -28.71
C GLU O 56 14.81 1.84 -28.37
N VAL O 57 13.85 2.66 -27.96
CA VAL O 57 12.51 2.16 -27.69
C VAL O 57 11.85 1.65 -28.97
N ALA O 58 12.06 2.36 -30.09
CA ALA O 58 11.50 1.91 -31.36
C ALA O 58 12.09 0.57 -31.77
N PHE O 59 13.39 0.37 -31.58
CA PHE O 59 14.01 -0.92 -31.87
C PHE O 59 13.32 -2.04 -31.11
N SER O 60 13.13 -1.87 -29.79
CA SER O 60 12.55 -2.92 -28.98
C SER O 60 11.12 -3.22 -29.38
N LYS O 61 10.31 -2.19 -29.59
CA LYS O 61 8.92 -2.41 -29.98
C LYS O 61 8.84 -3.09 -31.34
N ILE O 62 9.73 -2.73 -32.26
CA ILE O 62 9.75 -3.37 -33.57
C ILE O 62 10.17 -4.83 -33.44
N ILE O 63 11.14 -5.11 -32.56
CA ILE O 63 11.55 -6.49 -32.32
C ILE O 63 10.39 -7.28 -31.74
N VAL O 64 9.63 -6.67 -30.82
CA VAL O 64 8.48 -7.35 -30.23
C VAL O 64 7.44 -7.66 -31.30
N GLU O 65 7.15 -6.68 -32.17
CA GLU O 65 6.17 -6.90 -33.23
C GLU O 65 6.62 -7.98 -34.21
N LEU O 66 7.92 -8.01 -34.52
CA LEU O 66 8.42 -9.01 -35.46
C LEU O 66 8.34 -10.41 -34.87
N ARG O 67 8.71 -10.57 -33.60
CA ARG O 67 8.61 -11.88 -32.97
C ARG O 67 7.15 -12.29 -32.74
N LYS O 68 6.25 -11.31 -32.62
CA LYS O 68 4.83 -11.64 -32.47
C LYS O 68 4.23 -12.10 -33.79
N LYS O 69 4.39 -11.30 -34.85
CA LYS O 69 3.77 -11.63 -36.12
C LYS O 69 4.53 -12.68 -36.91
N HIS O 70 5.80 -12.92 -36.59
CA HIS O 70 6.62 -13.92 -37.29
C HIS O 70 7.46 -14.66 -36.26
N PRO O 71 6.85 -15.59 -35.52
CA PRO O 71 7.62 -16.35 -34.54
C PRO O 71 8.57 -17.34 -35.20
N GLY O 72 9.70 -17.57 -34.54
CA GLY O 72 10.70 -18.49 -35.05
C GLY O 72 11.53 -17.99 -36.21
N HIS O 73 11.39 -16.71 -36.57
CA HIS O 73 12.14 -16.14 -37.67
C HIS O 73 13.06 -15.00 -37.25
N ILE O 74 12.96 -14.52 -36.02
CA ILE O 74 13.80 -13.44 -35.49
C ILE O 74 14.62 -14.01 -34.35
N LEU O 75 15.92 -13.70 -34.34
CA LEU O 75 16.81 -14.19 -33.29
C LEU O 75 16.36 -13.74 -31.91
N GLN O 76 16.69 -14.54 -30.91
CA GLN O 76 16.36 -14.22 -29.53
C GLN O 76 17.32 -13.18 -28.98
N ASP O 77 16.98 -12.65 -27.80
CA ASP O 77 17.81 -11.62 -27.16
C ASP O 77 19.19 -12.17 -26.82
N GLU O 78 19.31 -13.48 -26.62
CA GLU O 78 20.61 -14.07 -26.28
C GLU O 78 21.60 -13.93 -27.44
N ASP O 79 21.11 -13.94 -28.68
CA ASP O 79 21.96 -13.91 -29.86
C ASP O 79 22.03 -12.54 -30.50
N LEU O 80 21.62 -11.49 -29.79
CA LEU O 80 21.64 -10.14 -30.33
C LEU O 80 22.84 -9.37 -29.79
N GLN O 81 23.53 -8.67 -30.68
CA GLN O 81 24.66 -7.82 -30.30
C GLN O 81 24.92 -6.82 -31.42
N TRP O 82 25.33 -5.62 -31.03
CA TRP O 82 25.68 -4.58 -31.99
C TRP O 82 27.06 -4.86 -32.58
N VAL O 83 27.11 -5.02 -33.90
CA VAL O 83 28.35 -5.31 -34.62
C VAL O 83 28.66 -4.16 -35.57
N PHE O 84 29.91 -3.72 -35.56
CA PHE O 84 30.34 -2.67 -36.48
C PHE O 84 30.32 -3.16 -37.93
N VAL O 85 30.07 -2.22 -38.85
CA VAL O 85 30.02 -2.52 -40.27
C VAL O 85 30.78 -1.42 -41.02
N ASN O 86 31.88 -1.79 -41.65
CA ASN O 86 32.68 -0.88 -42.46
C ASN O 86 32.57 -1.31 -43.92
N ALA O 87 32.06 -0.43 -44.78
CA ALA O 87 31.88 -0.76 -46.17
C ALA O 87 31.79 0.52 -47.00
N GLY O 88 32.38 0.49 -48.19
CA GLY O 88 32.27 1.57 -49.14
C GLY O 88 32.79 2.92 -48.69
N GLY O 89 33.50 2.97 -47.56
CA GLY O 89 34.02 4.20 -47.03
C GLY O 89 33.27 4.79 -45.86
N TRP O 90 32.18 4.17 -45.42
CA TRP O 90 31.45 4.60 -44.24
C TRP O 90 31.54 3.54 -43.15
N MET O 91 31.20 3.94 -41.93
CA MET O 91 31.26 3.07 -40.77
C MET O 91 30.02 3.25 -39.91
N GLY O 92 29.35 2.16 -39.60
CA GLY O 92 28.19 2.18 -38.73
C GLY O 92 28.10 0.92 -37.88
N SER O 93 26.91 0.60 -37.39
CA SER O 93 26.69 -0.60 -36.60
C SER O 93 25.34 -1.18 -36.95
N MET O 94 25.23 -2.51 -36.85
CA MET O 94 24.01 -3.22 -37.20
C MET O 94 23.61 -4.15 -36.06
N CYS O 95 22.31 -4.45 -36.00
CA CYS O 95 21.80 -5.49 -35.11
C CYS O 95 20.91 -6.39 -35.95
N LEU O 96 21.41 -7.59 -36.26
CA LEU O 96 20.73 -8.49 -37.19
C LEU O 96 19.60 -9.23 -36.47
N LEU O 97 18.37 -8.97 -36.89
CA LEU O 97 17.21 -9.67 -36.32
C LEU O 97 16.87 -10.94 -37.07
N HIS O 98 16.88 -10.90 -38.40
CA HIS O 98 16.55 -12.05 -39.23
C HIS O 98 17.45 -12.04 -40.45
N ALA O 99 17.84 -13.23 -40.90
CA ALA O 99 18.67 -13.35 -42.09
C ALA O 99 18.54 -14.75 -42.66
N SER O 100 18.35 -14.82 -43.98
CA SER O 100 18.29 -16.08 -44.69
C SER O 100 19.14 -15.94 -45.96
N LEU O 101 18.96 -16.85 -46.91
CA LEU O 101 19.67 -16.75 -48.18
C LEU O 101 19.02 -15.78 -49.16
N THR O 102 17.79 -15.34 -48.88
CA THR O 102 17.10 -14.41 -49.77
C THR O 102 16.57 -13.16 -49.07
N GLU O 103 16.47 -13.15 -47.74
CA GLU O 103 15.98 -12.00 -46.99
C GLU O 103 16.90 -11.73 -45.81
N TYR O 104 16.86 -10.48 -45.32
CA TYR O 104 17.49 -10.16 -44.06
C TYR O 104 16.86 -8.89 -43.49
N VAL O 105 16.71 -8.86 -42.17
CA VAL O 105 16.18 -7.70 -41.45
C VAL O 105 17.16 -7.35 -40.34
N LEU O 106 17.46 -6.05 -40.21
CA LEU O 106 18.38 -5.62 -39.17
C LEU O 106 18.06 -4.17 -38.78
N LEU O 107 18.68 -3.74 -37.69
CA LEU O 107 18.61 -2.35 -37.22
C LEU O 107 19.97 -1.73 -37.47
N PHE O 108 20.02 -0.77 -38.38
CA PHE O 108 21.27 -0.12 -38.76
C PHE O 108 21.29 1.35 -38.32
N GLY O 109 22.50 1.85 -38.16
CA GLY O 109 22.69 3.26 -37.86
C GLY O 109 24.11 3.50 -37.41
N THR O 110 24.42 4.79 -37.25
CA THR O 110 25.75 5.21 -36.84
C THR O 110 25.63 6.34 -35.82
N ALA O 111 26.58 6.36 -34.88
CA ALA O 111 26.70 7.43 -33.90
C ALA O 111 27.84 8.39 -34.23
N VAL O 112 28.40 8.29 -35.43
CA VAL O 112 29.43 9.22 -35.90
C VAL O 112 29.03 9.67 -37.31
N ASP O 113 29.69 10.71 -37.78
CA ASP O 113 29.44 11.23 -39.12
C ASP O 113 30.27 10.43 -40.11
N THR O 114 29.60 9.62 -40.94
CA THR O 114 30.27 8.80 -41.93
C THR O 114 29.49 8.85 -43.23
N GLY O 115 30.07 8.27 -44.28
CA GLY O 115 29.47 8.25 -45.59
C GLY O 115 30.37 7.66 -46.65
N GLY O 116 29.78 7.18 -47.74
CA GLY O 116 30.59 6.64 -48.82
C GLY O 116 29.74 5.95 -49.87
N HIS O 117 30.30 4.89 -50.45
CA HIS O 117 29.65 4.14 -51.51
C HIS O 117 28.65 3.15 -50.90
N SER O 118 27.41 3.19 -51.38
CA SER O 118 26.38 2.31 -50.87
C SER O 118 26.58 0.86 -51.28
N GLY O 119 27.33 0.62 -52.34
CA GLY O 119 27.57 -0.73 -52.82
C GLY O 119 26.58 -1.14 -53.90
N ARG O 120 27.08 -1.76 -54.96
CA ARG O 120 26.25 -2.24 -56.06
C ARG O 120 26.25 -3.76 -55.97
N TYR O 121 25.10 -4.34 -55.64
CA TYR O 121 24.99 -5.77 -55.39
C TYR O 121 23.64 -6.28 -55.91
N TRP O 122 23.46 -7.59 -55.81
CA TRP O 122 22.24 -8.24 -56.32
C TRP O 122 21.21 -8.37 -55.19
N ALA O 123 20.75 -7.20 -54.73
CA ALA O 123 19.81 -7.18 -53.62
C ALA O 123 19.09 -5.84 -53.56
N GLU O 124 17.77 -5.88 -53.38
CA GLU O 124 16.97 -4.69 -53.17
C GLU O 124 16.86 -4.43 -51.67
N ILE O 125 17.22 -3.21 -51.26
CA ILE O 125 17.30 -2.86 -49.85
C ILE O 125 16.37 -1.67 -49.57
N SER O 126 15.64 -1.76 -48.45
CA SER O 126 14.74 -0.70 -48.02
C SER O 126 15.10 -0.28 -46.60
N ASP O 127 15.30 1.02 -46.41
CA ASP O 127 15.66 1.58 -45.11
C ASP O 127 14.64 2.65 -44.70
N THR O 128 14.06 2.48 -43.53
CA THR O 128 13.13 3.45 -42.94
C THR O 128 13.84 4.13 -41.77
N ILE O 129 14.12 5.43 -41.92
CA ILE O 129 14.89 6.17 -40.93
C ILE O 129 14.03 6.41 -39.68
N LEU O 130 14.55 6.00 -38.53
CA LEU O 130 13.90 6.27 -37.25
C LEU O 130 14.33 7.60 -36.64
N SER O 131 15.59 7.96 -36.79
CA SER O 131 16.11 9.23 -36.29
C SER O 131 17.34 9.61 -37.11
N GLY O 132 17.64 10.90 -37.11
CA GLY O 132 18.79 11.40 -37.84
C GLY O 132 18.44 11.92 -39.22
N THR O 133 19.45 11.90 -40.09
CA THR O 133 19.29 12.33 -41.47
C THR O 133 20.00 11.33 -42.38
N PHE O 134 19.54 11.30 -43.64
CA PHE O 134 20.07 10.40 -44.66
C PHE O 134 20.25 11.21 -45.93
N ARG O 135 21.50 11.46 -46.32
CA ARG O 135 21.80 12.10 -47.59
C ARG O 135 22.10 11.03 -48.63
N GLN O 136 21.34 11.03 -49.72
CA GLN O 136 21.53 10.08 -50.82
C GLN O 136 21.86 10.85 -52.08
N TRP O 137 22.88 10.37 -52.80
CA TRP O 137 23.34 10.98 -54.04
C TRP O 137 23.25 9.92 -55.12
N LYS O 138 22.21 10.00 -55.95
CA LYS O 138 21.98 8.97 -56.97
C LYS O 138 23.00 9.09 -58.09
N GLU O 139 23.20 7.98 -58.80
CA GLU O 139 24.18 7.94 -59.88
C GLU O 139 23.70 8.78 -61.06
N GLY O 140 24.63 9.50 -61.67
CA GLY O 140 24.33 10.28 -62.85
C GLY O 140 23.71 11.63 -62.62
N THR O 141 23.59 12.07 -61.37
CA THR O 141 23.00 13.36 -61.06
C THR O 141 24.04 14.26 -60.42
N THR O 142 23.68 15.54 -60.27
CA THR O 142 24.57 16.53 -59.66
C THR O 142 24.01 17.09 -58.36
N LYS O 143 22.87 16.58 -57.88
CA LYS O 143 22.27 17.03 -56.65
C LYS O 143 21.89 15.85 -55.78
N SER O 144 21.95 16.05 -54.47
CA SER O 144 21.59 15.03 -53.50
C SER O 144 20.36 15.46 -52.72
N GLU O 145 19.69 14.47 -52.13
CA GLU O 145 18.49 14.70 -51.34
C GLU O 145 18.72 14.26 -49.91
N ILE O 146 18.04 14.93 -48.99
CA ILE O 146 18.14 14.65 -47.56
C ILE O 146 16.80 14.09 -47.10
N PHE O 147 16.84 12.92 -46.46
CA PHE O 147 15.65 12.26 -45.96
C PHE O 147 15.67 12.24 -44.44
N TYR O 148 14.48 12.37 -43.84
CA TYR O 148 14.34 12.59 -42.41
C TYR O 148 13.57 11.42 -41.80
N PRO O 149 13.46 11.33 -40.47
CA PRO O 149 12.72 10.21 -39.87
C PRO O 149 11.30 10.11 -40.41
N GLY O 150 10.89 8.88 -40.71
CA GLY O 150 9.61 8.60 -41.32
C GLY O 150 9.70 8.27 -42.80
N ASP O 151 10.69 8.82 -43.50
CA ASP O 151 10.85 8.53 -44.91
C ASP O 151 11.41 7.12 -45.09
N THR O 152 11.20 6.57 -46.29
CA THR O 152 11.68 5.24 -46.63
C THR O 152 12.41 5.29 -47.96
N ILE O 153 13.65 4.81 -47.97
CA ILE O 153 14.51 4.87 -49.15
C ILE O 153 14.71 3.46 -49.66
N VAL O 154 14.54 3.28 -50.96
CA VAL O 154 14.64 1.97 -51.61
C VAL O 154 15.86 1.98 -52.52
N HIS O 155 16.89 1.23 -52.13
CA HIS O 155 18.08 1.02 -52.97
C HIS O 155 17.86 -0.23 -53.80
N GLU O 156 17.55 -0.04 -55.08
CA GLU O 156 17.16 -1.16 -55.93
C GLU O 156 18.37 -2.01 -56.31
N VAL O 157 18.10 -3.15 -56.94
CA VAL O 157 19.15 -4.06 -57.36
C VAL O 157 19.94 -3.41 -58.49
N GLY O 158 21.27 -3.50 -58.39
CA GLY O 158 22.14 -2.91 -59.39
C GLY O 158 22.32 -1.41 -59.27
N GLU O 159 21.62 -0.75 -58.36
CA GLU O 159 21.76 0.68 -58.18
C GLU O 159 22.97 0.98 -57.31
N ALA O 160 23.63 2.10 -57.61
CA ALA O 160 24.78 2.57 -56.83
C ALA O 160 24.57 4.04 -56.52
N THR O 161 24.56 4.37 -55.23
CA THR O 161 24.40 5.73 -54.77
C THR O 161 25.49 6.06 -53.76
N SER O 162 25.61 7.34 -53.43
CA SER O 162 26.50 7.80 -52.39
C SER O 162 25.66 8.12 -51.16
N VAL O 163 26.00 7.50 -50.04
CA VAL O 163 25.24 7.67 -48.81
C VAL O 163 26.03 8.51 -47.83
N GLN O 164 25.31 9.22 -46.97
CA GLN O 164 25.91 10.03 -45.92
C GLN O 164 24.93 10.10 -44.76
N TRP O 165 25.44 9.95 -43.54
CA TRP O 165 24.62 9.93 -42.35
C TRP O 165 25.17 10.92 -41.33
N SER O 166 24.28 11.38 -40.46
CA SER O 166 24.65 12.29 -39.39
C SER O 166 25.13 11.52 -38.17
N SER O 167 25.43 12.24 -37.09
CA SER O 167 26.00 11.64 -35.89
C SER O 167 24.97 10.95 -35.01
N GLY O 168 23.75 10.72 -35.47
CA GLY O 168 22.76 10.05 -34.66
C GLY O 168 21.68 9.37 -35.47
N THR O 169 22.06 8.81 -36.62
CA THR O 169 21.12 8.23 -37.56
C THR O 169 20.88 6.77 -37.22
N TRP O 170 19.60 6.37 -37.19
CA TRP O 170 19.21 5.00 -36.90
C TRP O 170 17.97 4.65 -37.72
N MET O 171 17.96 3.44 -38.27
CA MET O 171 16.94 3.04 -39.22
C MET O 171 16.73 1.54 -39.14
N VAL O 172 15.58 1.10 -39.64
CA VAL O 172 15.25 -0.32 -39.77
C VAL O 172 15.34 -0.69 -41.24
N GLU O 173 16.11 -1.73 -41.53
CA GLU O 173 16.48 -2.07 -42.90
C GLU O 173 16.04 -3.48 -43.24
N TYR O 174 15.52 -3.64 -44.46
CA TYR O 174 15.08 -4.93 -44.98
C TYR O 174 15.65 -5.12 -46.38
N GLY O 175 16.23 -6.29 -46.63
CA GLY O 175 16.87 -6.56 -47.90
C GLY O 175 16.34 -7.82 -48.55
N ARG O 176 16.16 -7.76 -49.87
CA ARG O 176 15.68 -8.87 -50.68
C ARG O 176 16.61 -9.08 -51.87
N GLY O 177 16.82 -10.34 -52.22
CA GLY O 177 17.60 -10.69 -53.39
C GLY O 177 18.58 -11.81 -53.08
N PHE O 178 19.64 -11.87 -53.86
CA PHE O 178 20.70 -12.86 -53.67
C PHE O 178 21.62 -12.36 -52.56
N ILE O 179 21.30 -12.77 -51.33
CA ILE O 179 22.04 -12.25 -50.16
C ILE O 179 23.51 -12.62 -50.18
N PRO O 180 23.92 -13.85 -50.51
CA PRO O 180 25.36 -14.17 -50.43
C PRO O 180 26.27 -13.24 -51.23
N SER O 181 25.77 -12.63 -52.31
CA SER O 181 26.61 -11.75 -53.11
C SER O 181 26.99 -10.48 -52.36
N THR O 182 26.12 -10.00 -51.47
CA THR O 182 26.36 -8.71 -50.84
C THR O 182 27.48 -8.76 -49.81
N CYS O 183 27.72 -9.92 -49.20
CA CYS O 183 28.75 -10.00 -48.16
C CYS O 183 30.14 -9.73 -48.70
N ALA O 184 30.37 -9.91 -50.00
CA ALA O 184 31.66 -9.54 -50.57
C ALA O 184 31.91 -8.04 -50.40
N PHE O 185 30.87 -7.22 -50.63
CA PHE O 185 30.99 -5.79 -50.42
C PHE O 185 30.97 -5.44 -48.93
N ALA O 186 30.21 -6.19 -48.14
CA ALA O 186 30.07 -5.88 -46.71
C ALA O 186 31.36 -6.13 -45.93
N LEU O 187 32.30 -6.89 -46.48
CA LEU O 187 33.52 -7.23 -45.76
C LEU O 187 34.78 -6.73 -46.43
N ALA O 188 34.66 -5.89 -47.47
CA ALA O 188 35.85 -5.42 -48.18
C ALA O 188 36.68 -4.49 -47.29
N ASP O 189 36.05 -3.47 -46.71
CA ASP O 189 36.79 -2.54 -45.87
C ASP O 189 37.30 -3.24 -44.62
N THR O 190 36.59 -4.26 -44.14
CA THR O 190 37.07 -5.00 -42.97
C THR O 190 38.33 -5.80 -43.28
N ILE O 191 38.60 -6.09 -44.54
CA ILE O 191 39.79 -6.84 -44.93
C ILE O 191 40.93 -5.92 -45.33
N PHE O 192 40.65 -4.91 -46.14
CA PHE O 192 41.70 -4.09 -46.73
C PHE O 192 41.90 -2.75 -46.03
N SER O 193 41.10 -2.44 -45.01
CA SER O 193 41.22 -1.15 -44.34
C SER O 193 41.31 -1.29 -42.83
N THR O 194 40.25 -1.81 -42.19
CA THR O 194 40.22 -1.87 -40.74
C THR O 194 41.04 -3.03 -40.19
N GLN O 195 41.03 -4.17 -40.88
CA GLN O 195 41.69 -5.38 -40.40
C GLN O 195 41.24 -5.72 -38.98
N ASP O 196 39.95 -5.48 -38.71
CA ASP O 196 39.34 -5.83 -37.44
C ASP O 196 38.71 -7.21 -37.61
N PHE O 197 39.54 -8.24 -37.48
CA PHE O 197 39.09 -9.61 -37.70
C PHE O 197 38.06 -10.06 -36.66
N LEU O 198 38.06 -9.45 -35.48
CA LEU O 198 37.04 -9.79 -34.49
C LEU O 198 35.65 -9.35 -34.94
N THR O 199 35.56 -8.17 -35.56
CA THR O 199 34.28 -7.74 -36.12
C THR O 199 33.87 -8.63 -37.29
N LEU O 200 34.83 -9.04 -38.11
CA LEU O 200 34.55 -10.03 -39.15
C LEU O 200 34.04 -11.33 -38.53
N PHE O 201 34.65 -11.76 -37.43
CA PHE O 201 34.19 -12.94 -36.73
C PHE O 201 32.77 -12.75 -36.19
N TYR O 202 32.48 -11.57 -35.64
CA TYR O 202 31.14 -11.29 -35.15
C TYR O 202 30.11 -11.32 -36.27
N THR O 203 30.46 -10.75 -37.43
CA THR O 203 29.52 -10.72 -38.55
C THR O 203 29.18 -12.14 -39.02
N VAL O 204 30.19 -12.98 -39.19
CA VAL O 204 29.95 -14.36 -39.59
C VAL O 204 29.17 -15.11 -38.51
N LYS O 205 29.44 -14.77 -37.23
CA LYS O 205 28.78 -15.47 -36.14
C LYS O 205 27.28 -15.18 -36.12
N VAL O 206 26.90 -13.90 -36.12
CA VAL O 206 25.47 -13.58 -36.08
C VAL O 206 24.80 -14.00 -37.38
N CYS O 207 25.53 -13.99 -38.50
CA CYS O 207 24.98 -14.46 -39.75
C CYS O 207 24.71 -15.95 -39.71
N SER O 208 25.64 -16.72 -39.12
CA SER O 208 25.44 -18.16 -38.98
C SER O 208 24.28 -18.48 -38.03
N LYS O 209 24.15 -17.72 -36.95
CA LYS O 209 23.07 -17.96 -36.00
C LYS O 209 21.71 -17.71 -36.63
N ALA O 210 21.58 -16.63 -37.41
CA ALA O 210 20.31 -16.34 -38.07
C ALA O 210 19.98 -17.40 -39.12
N LEU O 211 20.99 -17.85 -39.87
CA LEU O 211 20.76 -18.89 -40.87
C LEU O 211 20.33 -20.20 -40.22
N LEU O 212 20.97 -20.57 -39.10
CA LEU O 212 20.60 -21.80 -38.42
C LEU O 212 19.23 -21.71 -37.77
N LEU O 213 18.83 -20.52 -37.31
CA LEU O 213 17.49 -20.34 -36.77
C LEU O 213 16.44 -20.58 -37.86
N GLU O 214 16.65 -20.01 -39.04
CA GLU O 214 15.72 -20.22 -40.14
C GLU O 214 15.71 -21.67 -40.59
N ALA O 215 16.88 -22.33 -40.59
CA ALA O 215 16.94 -23.73 -40.96
C ALA O 215 16.21 -24.61 -39.95
N SER O 216 16.34 -24.30 -38.66
CA SER O 216 15.64 -25.07 -37.65
C SER O 216 14.13 -24.87 -37.74
N THR O 217 13.69 -23.66 -38.08
CA THR O 217 12.26 -23.40 -38.25
C THR O 217 11.71 -24.15 -39.46
N HIS O 218 12.49 -24.24 -40.54
CA HIS O 218 12.06 -25.03 -41.69
C HIS O 218 12.01 -26.52 -41.37
N LEU O 219 12.95 -27.01 -40.55
CA LEU O 219 12.96 -28.43 -40.19
C LEU O 219 11.75 -28.79 -39.35
N SER O 220 11.35 -27.92 -38.43
CA SER O 220 10.18 -28.19 -37.58
C SER O 220 8.88 -28.17 -38.37
N GLN O 221 8.87 -27.61 -39.58
CA GLN O 221 7.67 -27.56 -40.40
C GLN O 221 7.74 -28.61 -41.51
N LEU P 20 66.45 74.51 26.05
CA LEU P 20 65.48 73.80 25.23
C LEU P 20 66.11 73.26 23.96
N ALA P 21 66.98 74.05 23.34
CA ALA P 21 67.64 73.62 22.11
C ALA P 21 68.53 72.40 22.36
N VAL P 22 69.25 72.39 23.49
CA VAL P 22 70.03 71.22 23.86
C VAL P 22 69.13 70.10 24.37
N LEU P 23 68.04 70.46 25.06
CA LEU P 23 67.10 69.44 25.52
C LEU P 23 66.40 68.76 24.35
N LEU P 24 66.04 69.53 23.32
CA LEU P 24 65.44 68.93 22.13
C LEU P 24 66.45 68.07 21.37
N GLN P 25 67.71 68.50 21.31
CA GLN P 25 68.74 67.69 20.67
C GLN P 25 68.95 66.39 21.44
N LEU P 26 68.86 66.44 22.77
CA LEU P 26 69.01 65.25 23.58
C LEU P 26 67.82 64.31 23.40
N ILE P 27 66.61 64.85 23.46
CA ILE P 27 65.41 64.02 23.32
C ILE P 27 65.30 63.46 21.91
N ARG P 28 65.49 64.31 20.90
CA ARG P 28 65.44 63.83 19.52
C ARG P 28 66.60 62.90 19.20
N GLY P 29 67.73 63.06 19.89
CA GLY P 29 68.83 62.14 19.70
C GLY P 29 68.53 60.76 20.23
N TRP P 30 67.85 60.69 21.38
CA TRP P 30 67.38 59.40 21.87
C TRP P 30 66.36 58.78 20.92
N LEU P 31 65.43 59.59 20.41
CA LEU P 31 64.43 59.07 19.48
C LEU P 31 65.05 58.63 18.16
N SER P 32 66.20 59.21 17.79
CA SER P 32 66.87 58.87 16.55
C SER P 32 67.82 57.69 16.67
N SER P 33 68.16 57.27 17.89
CA SER P 33 69.09 56.17 18.12
C SER P 33 68.51 55.05 18.97
N LYS P 34 67.20 55.03 19.17
CA LYS P 34 66.56 54.06 20.05
C LYS P 34 66.09 52.84 19.27
N SER P 35 66.78 51.71 19.44
CA SER P 35 66.29 50.41 19.00
C SER P 35 64.81 50.23 19.32
N TYR P 36 63.96 50.31 18.30
CA TYR P 36 62.52 50.15 18.43
C TYR P 36 62.11 48.71 18.19
N VAL P 37 60.88 48.40 18.61
CA VAL P 37 60.31 47.06 18.43
C VAL P 37 59.65 46.96 17.05
N PHE P 38 58.69 47.84 16.80
CA PHE P 38 57.90 47.84 15.58
C PHE P 38 58.41 48.90 14.61
N ASN P 39 57.92 48.84 13.38
CA ASN P 39 58.13 49.88 12.39
C ASN P 39 56.84 50.04 11.58
N ARG P 40 56.69 51.23 11.00
CA ARG P 40 55.42 51.56 10.35
C ARG P 40 55.12 50.68 9.15
N GLU P 41 56.16 50.24 8.43
CA GLU P 41 55.93 49.37 7.28
C GLU P 41 55.42 48.00 7.71
N GLU P 42 55.93 47.48 8.84
CA GLU P 42 55.51 46.17 9.32
C GLU P 42 54.01 46.16 9.65
N ILE P 43 53.56 47.15 10.44
CA ILE P 43 52.15 47.22 10.81
C ILE P 43 51.28 47.49 9.59
N ALA P 44 51.77 48.33 8.67
CA ALA P 44 50.99 48.65 7.48
C ALA P 44 50.79 47.43 6.60
N ARG P 45 51.84 46.65 6.39
CA ARG P 45 51.71 45.45 5.54
C ARG P 45 50.82 44.41 6.21
N LEU P 46 51.02 44.17 7.51
CA LEU P 46 50.21 43.18 8.21
C LEU P 46 48.73 43.56 8.17
N ALA P 47 48.43 44.86 8.21
CA ALA P 47 47.03 45.28 8.13
C ALA P 47 46.52 45.22 6.70
N LYS P 48 47.37 45.56 5.72
CA LYS P 48 46.93 45.54 4.33
C LYS P 48 46.70 44.13 3.81
N GLU P 49 47.35 43.12 4.40
CA GLU P 49 47.09 41.75 3.97
C GLU P 49 45.63 41.36 4.19
N HIS P 50 45.04 41.84 5.27
CA HIS P 50 43.70 41.45 5.66
C HIS P 50 42.64 42.49 5.31
N SER P 51 43.03 43.57 4.64
CA SER P 51 42.05 44.52 4.12
C SER P 51 41.21 43.86 3.03
N GLY P 52 39.96 44.27 2.94
CA GLY P 52 39.04 43.61 2.04
C GLY P 52 38.37 42.40 2.63
N LEU P 53 38.61 42.11 3.90
CA LEU P 53 37.96 41.05 4.65
C LEU P 53 37.09 41.69 5.73
N ASP P 54 36.32 40.86 6.42
CA ASP P 54 35.55 41.38 7.54
C ASP P 54 36.51 41.97 8.57
N TYR P 55 36.24 43.21 8.98
CA TYR P 55 37.20 43.91 9.82
C TYR P 55 37.35 43.27 11.19
N GLU P 56 36.32 42.57 11.67
CA GLU P 56 36.47 41.84 12.93
C GLU P 56 37.42 40.66 12.78
N VAL P 57 37.28 39.89 11.70
CA VAL P 57 38.22 38.80 11.44
C VAL P 57 39.61 39.36 11.22
N ALA P 58 39.71 40.51 10.53
CA ALA P 58 41.01 41.13 10.31
C ALA P 58 41.65 41.53 11.64
N PHE P 59 40.85 42.07 12.57
CA PHE P 59 41.36 42.39 13.90
C PHE P 59 41.96 41.16 14.56
N SER P 60 41.24 40.04 14.56
CA SER P 60 41.70 38.85 15.24
C SER P 60 42.97 38.30 14.63
N LYS P 61 43.02 38.22 13.30
CA LYS P 61 44.20 37.67 12.63
C LYS P 61 45.42 38.56 12.85
N ILE P 62 45.23 39.89 12.85
CA ILE P 62 46.35 40.80 13.07
C ILE P 62 46.87 40.69 14.50
N ILE P 63 45.96 40.57 15.48
CA ILE P 63 46.37 40.39 16.87
C ILE P 63 47.15 39.09 17.02
N VAL P 64 46.70 38.03 16.37
CA VAL P 64 47.40 36.74 16.45
C VAL P 64 48.80 36.87 15.85
N GLU P 65 48.90 37.53 14.70
CA GLU P 65 50.21 37.68 14.05
C GLU P 65 51.15 38.56 14.88
N LEU P 66 50.63 39.62 15.51
CA LEU P 66 51.48 40.48 16.31
C LEU P 66 51.99 39.76 17.56
N ARG P 67 51.14 38.97 18.21
CA ARG P 67 51.58 38.20 19.36
C ARG P 67 52.53 37.07 18.96
N LYS P 68 52.47 36.60 17.72
CA LYS P 68 53.39 35.57 17.26
C LYS P 68 54.79 36.14 17.02
N LYS P 69 54.87 37.21 16.22
CA LYS P 69 56.18 37.74 15.85
C LYS P 69 56.79 38.62 16.94
N HIS P 70 55.99 39.09 17.90
CA HIS P 70 56.48 39.94 18.99
C HIS P 70 55.85 39.50 20.30
N PRO P 71 56.33 38.41 20.88
CA PRO P 71 55.79 37.97 22.17
C PRO P 71 56.23 38.88 23.30
N GLY P 72 55.36 39.02 24.30
CA GLY P 72 55.63 39.87 25.43
C GLY P 72 55.51 41.35 25.19
N HIS P 73 55.02 41.76 24.02
CA HIS P 73 54.87 43.17 23.71
C HIS P 73 53.44 43.58 23.41
N ILE P 74 52.51 42.63 23.28
CA ILE P 74 51.11 42.93 23.00
C ILE P 74 50.28 42.44 24.18
N LEU P 75 49.35 43.27 24.63
CA LEU P 75 48.49 42.91 25.76
C LEU P 75 47.68 41.66 25.43
N GLN P 76 47.35 40.91 26.47
CA GLN P 76 46.55 39.70 26.32
C GLN P 76 45.07 40.06 26.17
N ASP P 77 44.27 39.05 25.81
CA ASP P 77 42.84 39.27 25.62
C ASP P 77 42.16 39.70 26.93
N GLU P 78 42.74 39.34 28.07
CA GLU P 78 42.17 39.75 29.34
C GLU P 78 42.23 41.26 29.52
N ASP P 79 43.26 41.91 28.96
CA ASP P 79 43.47 43.34 29.13
C ASP P 79 43.01 44.16 27.93
N LEU P 80 42.20 43.58 27.04
CA LEU P 80 41.72 44.29 25.87
C LEU P 80 40.27 44.73 26.08
N GLN P 81 39.97 45.97 25.74
CA GLN P 81 38.61 46.49 25.80
C GLN P 81 38.52 47.73 24.90
N TRP P 82 37.36 47.90 24.28
CA TRP P 82 37.11 49.06 23.43
C TRP P 82 36.84 50.29 24.31
N VAL P 83 37.67 51.32 24.15
CA VAL P 83 37.55 52.57 24.91
C VAL P 83 37.26 53.69 23.94
N PHE P 84 36.30 54.54 24.28
CA PHE P 84 35.97 55.70 23.46
C PHE P 84 37.12 56.71 23.46
N VAL P 85 37.23 57.44 22.35
CA VAL P 85 38.27 58.46 22.17
C VAL P 85 37.60 59.69 21.58
N ASN P 86 37.57 60.79 22.34
CA ASN P 86 37.04 62.07 21.88
C ASN P 86 38.19 63.06 21.80
N ALA P 87 38.43 63.61 20.61
CA ALA P 87 39.55 64.53 20.43
C ALA P 87 39.32 65.35 19.17
N GLY P 88 39.70 66.63 19.23
CA GLY P 88 39.69 67.51 18.08
C GLY P 88 38.34 67.73 17.43
N GLY P 89 37.27 67.27 18.08
CA GLY P 89 35.93 67.41 17.54
C GLY P 89 35.36 66.16 16.92
N TRP P 90 36.12 65.06 16.89
CA TRP P 90 35.64 63.79 16.39
C TRP P 90 35.58 62.77 17.52
N MET P 91 34.85 61.68 17.27
CA MET P 91 34.65 60.64 18.27
C MET P 91 34.79 59.27 17.63
N GLY P 92 35.65 58.44 18.22
CA GLY P 92 35.82 57.08 17.76
C GLY P 92 36.09 56.13 18.91
N SER P 93 36.68 54.98 18.64
CA SER P 93 37.02 54.02 19.67
C SER P 93 38.34 53.35 19.33
N MET P 94 39.06 52.93 20.36
CA MET P 94 40.38 52.33 20.20
C MET P 94 40.44 51.02 20.97
N CYS P 95 41.32 50.14 20.53
CA CYS P 95 41.68 48.92 21.25
C CYS P 95 43.20 48.87 21.33
N LEU P 96 43.74 49.14 22.51
CA LEU P 96 45.18 49.29 22.66
C LEU P 96 45.84 47.92 22.72
N LEU P 97 46.67 47.63 21.71
CA LEU P 97 47.42 46.38 21.65
C LEU P 97 48.79 46.50 22.29
N HIS P 98 49.50 47.58 21.98
CA HIS P 98 50.83 47.84 22.51
C HIS P 98 51.01 49.32 22.74
N ALA P 99 51.76 49.67 23.78
CA ALA P 99 52.05 51.06 24.09
C ALA P 99 53.30 51.13 24.94
N SER P 100 54.22 52.01 24.59
CA SER P 100 55.43 52.25 25.36
C SER P 100 55.61 53.76 25.44
N LEU P 101 56.81 54.20 25.82
CA LEU P 101 57.12 55.63 25.89
C LEU P 101 57.45 56.22 24.53
N THR P 102 57.74 55.39 23.53
CA THR P 102 58.06 55.85 22.18
C THR P 102 57.23 55.22 21.07
N GLU P 103 56.54 54.11 21.34
CA GLU P 103 55.74 53.44 20.33
C GLU P 103 54.37 53.13 20.90
N TYR P 104 53.39 52.96 20.00
CA TYR P 104 52.10 52.44 20.42
C TYR P 104 51.41 51.83 19.21
N VAL P 105 50.69 50.72 19.45
CA VAL P 105 49.93 50.02 18.42
C VAL P 105 48.50 49.85 18.93
N LEU P 106 47.52 50.16 18.09
CA LEU P 106 46.13 50.00 18.48
C LEU P 106 45.28 49.80 17.23
N LEU P 107 44.03 49.40 17.46
CA LEU P 107 43.03 49.28 16.42
C LEU P 107 42.02 50.41 16.62
N PHE P 108 41.98 51.34 15.68
CA PHE P 108 41.12 52.51 15.79
C PHE P 108 40.00 52.45 14.76
N GLY P 109 38.91 53.13 15.07
CA GLY P 109 37.82 53.26 14.13
C GLY P 109 36.57 53.76 14.83
N THR P 110 35.57 54.07 14.01
CA THR P 110 34.29 54.57 14.50
C THR P 110 33.16 53.93 13.71
N ALA P 111 32.03 53.73 14.39
CA ALA P 111 30.82 53.24 13.75
C ALA P 111 29.80 54.34 13.50
N VAL P 112 30.20 55.60 13.64
CA VAL P 112 29.37 56.76 13.35
C VAL P 112 30.20 57.73 12.49
N ASP P 113 29.50 58.72 11.90
CA ASP P 113 30.12 59.73 11.05
C ASP P 113 30.66 60.87 11.92
N THR P 114 31.99 60.98 12.00
CA THR P 114 32.60 62.03 12.80
C THR P 114 33.77 62.60 12.02
N GLY P 115 34.34 63.66 12.55
CA GLY P 115 35.48 64.28 11.91
C GLY P 115 35.84 65.54 12.63
N GLY P 116 37.10 65.92 12.45
CA GLY P 116 37.60 67.13 13.08
C GLY P 116 39.10 67.25 12.89
N HIS P 117 39.74 67.84 13.90
CA HIS P 117 41.19 68.11 13.86
C HIS P 117 41.98 66.88 14.26
N SER P 118 42.95 66.51 13.44
CA SER P 118 43.76 65.34 13.71
C SER P 118 44.70 65.54 14.90
N GLY P 119 45.05 66.78 15.22
CA GLY P 119 45.97 67.04 16.31
C GLY P 119 47.41 67.16 15.85
N ARG P 120 48.11 68.16 16.37
CA ARG P 120 49.52 68.40 16.05
C ARG P 120 50.36 68.03 17.26
N TYR P 121 51.16 66.97 17.13
CA TYR P 121 51.92 66.43 18.24
C TYR P 121 53.28 65.95 17.74
N TRP P 122 54.11 65.54 18.69
CA TRP P 122 55.48 65.11 18.41
C TRP P 122 55.52 63.58 18.23
N ALA P 123 54.84 63.13 17.18
CA ALA P 123 54.75 61.70 16.92
C ALA P 123 54.35 61.47 15.48
N GLU P 124 55.03 60.55 14.81
CA GLU P 124 54.66 60.13 13.46
C GLU P 124 53.69 58.96 13.55
N ILE P 125 52.53 59.11 12.91
CA ILE P 125 51.45 58.14 13.02
C ILE P 125 51.11 57.60 11.65
N SER P 126 50.91 56.28 11.58
CA SER P 126 50.53 55.60 10.34
C SER P 126 49.26 54.79 10.57
N ASP P 127 48.26 55.00 9.73
CA ASP P 127 46.97 54.29 9.82
C ASP P 127 46.71 53.56 8.52
N THR P 128 46.47 52.26 8.62
CA THR P 128 46.12 51.43 7.47
C THR P 128 44.64 51.09 7.57
N ILE P 129 43.85 51.60 6.64
CA ILE P 129 42.40 51.44 6.70
C ILE P 129 42.04 50.00 6.35
N LEU P 130 41.30 49.34 7.25
CA LEU P 130 40.81 47.99 7.00
C LEU P 130 39.44 48.02 6.31
N SER P 131 38.60 48.98 6.66
CA SER P 131 37.28 49.13 6.04
C SER P 131 36.84 50.57 6.21
N GLY P 132 35.92 50.99 5.35
CA GLY P 132 35.38 52.33 5.41
C GLY P 132 36.09 53.29 4.48
N THR P 133 36.02 54.57 4.83
CA THR P 133 36.68 55.62 4.06
C THR P 133 37.36 56.58 5.02
N PHE P 134 38.38 57.28 4.52
CA PHE P 134 39.16 58.23 5.30
C PHE P 134 39.34 59.48 4.44
N ARG P 135 38.69 60.57 4.83
CA ARG P 135 38.90 61.85 4.18
C ARG P 135 39.96 62.63 4.95
N GLN P 136 41.03 63.02 4.26
CA GLN P 136 42.10 63.80 4.84
C GLN P 136 42.20 65.14 4.13
N TRP P 137 42.30 66.21 4.90
CA TRP P 137 42.40 67.58 4.37
C TRP P 137 43.70 68.18 4.89
N LYS P 138 44.73 68.19 4.06
CA LYS P 138 46.05 68.63 4.48
C LYS P 138 46.08 70.14 4.68
N GLU P 139 47.02 70.59 5.50
CA GLU P 139 47.12 72.01 5.83
C GLU P 139 47.63 72.82 4.64
N GLY P 140 47.03 74.00 4.45
CA GLY P 140 47.47 74.90 3.40
C GLY P 140 46.89 74.64 2.02
N THR P 141 45.95 73.71 1.90
CA THR P 141 45.33 73.39 0.62
C THR P 141 43.83 73.69 0.67
N THR P 142 43.20 73.61 -0.50
CA THR P 142 41.76 73.85 -0.63
C THR P 142 41.02 72.59 -1.07
N LYS P 143 41.70 71.45 -1.19
CA LYS P 143 41.08 70.21 -1.60
C LYS P 143 41.51 69.09 -0.66
N SER P 144 40.63 68.13 -0.46
CA SER P 144 40.89 66.98 0.40
C SER P 144 40.91 65.72 -0.43
N GLU P 145 41.53 64.68 0.13
CA GLU P 145 41.63 63.38 -0.52
C GLU P 145 40.92 62.33 0.32
N ILE P 146 40.35 61.33 -0.36
CA ILE P 146 39.60 60.26 0.27
C ILE P 146 40.37 58.96 0.10
N PHE P 147 40.61 58.27 1.21
CA PHE P 147 41.34 57.01 1.20
C PHE P 147 40.43 55.85 1.56
N TYR P 148 40.69 54.70 0.94
CA TYR P 148 39.82 53.54 0.97
C TYR P 148 40.53 52.36 1.63
N PRO P 149 39.84 51.24 1.89
CA PRO P 149 40.50 50.11 2.55
C PRO P 149 41.74 49.65 1.80
N GLY P 150 42.81 49.38 2.56
CA GLY P 150 44.09 49.01 2.01
C GLY P 150 45.11 50.13 2.03
N ASP P 151 44.66 51.38 1.94
CA ASP P 151 45.58 52.51 1.95
C ASP P 151 46.16 52.74 3.34
N THR P 152 47.32 53.39 3.37
CA THR P 152 48.02 53.71 4.60
C THR P 152 48.39 55.18 4.57
N ILE P 153 47.98 55.92 5.60
CA ILE P 153 48.17 57.36 5.67
C ILE P 153 49.18 57.64 6.77
N VAL P 154 50.16 58.48 6.46
CA VAL P 154 51.25 58.81 7.39
C VAL P 154 51.05 60.24 7.83
N HIS P 155 50.66 60.41 9.10
CA HIS P 155 50.56 61.72 9.73
C HIS P 155 51.92 62.00 10.36
N GLU P 156 52.70 62.85 9.69
CA GLU P 156 54.08 63.09 10.06
C GLU P 156 54.17 64.00 11.29
N VAL P 157 55.39 64.12 11.83
CA VAL P 157 55.61 64.93 13.02
C VAL P 157 55.41 66.40 12.68
N GLY P 158 54.68 67.11 13.55
CA GLY P 158 54.41 68.51 13.33
C GLY P 158 53.33 68.81 12.33
N GLU P 159 52.80 67.79 11.65
CA GLU P 159 51.75 68.00 10.66
C GLU P 159 50.40 68.10 11.36
N ALA P 160 49.52 68.92 10.78
CA ALA P 160 48.15 69.07 11.27
C ALA P 160 47.21 68.95 10.09
N THR P 161 46.28 67.99 10.16
CA THR P 161 45.32 67.75 9.11
C THR P 161 43.91 67.70 9.69
N SER P 162 42.94 67.71 8.79
CA SER P 162 41.53 67.54 9.14
C SER P 162 41.10 66.13 8.73
N VAL P 163 40.57 65.37 9.68
CA VAL P 163 40.17 63.99 9.44
C VAL P 163 38.65 63.90 9.41
N GLN P 164 38.15 62.92 8.66
CA GLN P 164 36.72 62.62 8.59
C GLN P 164 36.56 61.15 8.25
N TRP P 165 35.63 60.48 8.95
CA TRP P 165 35.43 59.05 8.78
C TRP P 165 33.96 58.76 8.50
N SER P 166 33.74 57.63 7.82
CA SER P 166 32.40 57.18 7.47
C SER P 166 31.81 56.35 8.60
N SER P 167 30.61 55.82 8.36
CA SER P 167 29.86 55.07 9.36
C SER P 167 30.35 53.63 9.54
N GLY P 168 31.51 53.27 8.99
CA GLY P 168 32.02 51.92 9.16
C GLY P 168 33.52 51.82 8.99
N THR P 169 34.25 52.84 9.42
CA THR P 169 35.68 52.92 9.19
C THR P 169 36.45 52.28 10.35
N TRP P 170 37.41 51.43 10.02
CA TRP P 170 38.24 50.76 11.01
C TRP P 170 39.65 50.60 10.44
N MET P 171 40.65 50.81 11.29
CA MET P 171 42.03 50.87 10.83
C MET P 171 42.96 50.39 11.94
N VAL P 172 44.17 50.01 11.52
CA VAL P 172 45.24 49.63 12.42
C VAL P 172 46.26 50.76 12.43
N GLU P 173 46.60 51.26 13.62
CA GLU P 173 47.38 52.45 13.78
C GLU P 173 48.64 52.19 14.60
N TYR P 174 49.75 52.77 14.14
CA TYR P 174 51.04 52.65 14.83
C TYR P 174 51.67 54.05 14.92
N GLY P 175 52.15 54.39 16.10
CA GLY P 175 52.72 55.72 16.35
C GLY P 175 54.14 55.66 16.88
N ARG P 176 54.97 56.56 16.38
CA ARG P 176 56.37 56.68 16.79
C ARG P 176 56.66 58.11 17.20
N GLY P 177 57.46 58.27 18.25
CA GLY P 177 57.86 59.59 18.68
C GLY P 177 57.75 59.80 20.18
N PHE P 178 57.58 61.05 20.61
CA PHE P 178 57.42 61.34 22.04
C PHE P 178 55.96 61.09 22.39
N ILE P 179 55.68 59.85 22.81
CA ILE P 179 54.29 59.44 23.01
C ILE P 179 53.62 60.22 24.12
N PRO P 180 54.22 60.45 25.30
CA PRO P 180 53.49 61.16 26.37
C PRO P 180 52.92 62.51 25.95
N SER P 181 53.54 63.18 24.97
CA SER P 181 53.05 64.48 24.55
C SER P 181 51.68 64.39 23.89
N THR P 182 51.39 63.27 23.23
CA THR P 182 50.15 63.15 22.49
C THR P 182 48.94 63.01 23.40
N CYS P 183 49.13 62.51 24.62
CA CYS P 183 48.00 62.27 25.53
C CYS P 183 47.28 63.54 25.93
N ALA P 184 47.95 64.68 25.87
CA ALA P 184 47.28 65.95 26.16
C ALA P 184 46.14 66.21 25.18
N PHE P 185 46.38 65.96 23.89
CA PHE P 185 45.34 66.16 22.88
C PHE P 185 44.26 65.08 22.98
N ALA P 186 44.64 63.84 23.30
CA ALA P 186 43.68 62.73 23.32
C ALA P 186 42.67 62.86 24.45
N LEU P 187 42.93 63.69 25.47
CA LEU P 187 42.04 63.80 26.62
C LEU P 187 41.47 65.20 26.74
N ALA P 188 41.68 66.05 25.74
CA ALA P 188 41.18 67.43 25.81
C ALA P 188 39.66 67.46 25.75
N ASP P 189 39.07 66.79 24.76
CA ASP P 189 37.62 66.77 24.62
C ASP P 189 36.97 66.02 25.78
N THR P 190 37.65 65.02 26.34
CA THR P 190 37.12 64.28 27.47
C THR P 190 37.05 65.14 28.73
N ILE P 191 37.80 66.23 28.79
CA ILE P 191 37.81 67.10 29.96
C ILE P 191 36.84 68.27 29.80
N PHE P 192 36.84 68.93 28.64
CA PHE P 192 36.10 70.16 28.45
C PHE P 192 34.80 69.98 27.68
N SER P 193 34.49 68.77 27.21
CA SER P 193 33.29 68.57 26.41
C SER P 193 32.44 67.41 26.92
N THR P 194 32.99 66.19 26.88
CA THR P 194 32.20 65.03 27.27
C THR P 194 32.13 64.88 28.78
N GLN P 195 33.21 65.21 29.48
CA GLN P 195 33.31 65.01 30.93
C GLN P 195 33.00 63.57 31.30
N ASP P 196 33.44 62.65 30.45
CA ASP P 196 33.29 61.21 30.69
C ASP P 196 34.55 60.71 31.39
N PHE P 197 34.60 60.94 32.70
CA PHE P 197 35.77 60.59 33.47
C PHE P 197 35.97 59.08 33.56
N LEU P 198 34.91 58.30 33.39
CA LEU P 198 35.06 56.85 33.37
C LEU P 198 35.84 56.38 32.15
N THR P 199 35.61 57.02 30.99
CA THR P 199 36.41 56.70 29.81
C THR P 199 37.85 57.14 29.99
N LEU P 200 38.06 58.28 30.65
CA LEU P 200 39.42 58.70 31.01
C LEU P 200 40.09 57.65 31.89
N PHE P 201 39.34 57.08 32.83
CA PHE P 201 39.89 56.01 33.66
C PHE P 201 40.25 54.80 32.80
N TYR P 202 39.39 54.45 31.84
CA TYR P 202 39.68 53.33 30.96
C TYR P 202 40.95 53.56 30.14
N THR P 203 41.12 54.77 29.62
CA THR P 203 42.31 55.08 28.82
C THR P 203 43.57 54.99 29.67
N VAL P 204 43.55 55.59 30.86
CA VAL P 204 44.70 55.50 31.76
C VAL P 204 44.94 54.05 32.16
N LYS P 205 43.86 53.28 32.30
CA LYS P 205 44.00 51.89 32.72
C LYS P 205 44.71 51.05 31.67
N VAL P 206 44.21 51.09 30.42
CA VAL P 206 44.81 50.27 29.37
C VAL P 206 46.21 50.74 29.04
N CYS P 207 46.46 52.05 29.15
CA CYS P 207 47.80 52.54 28.90
C CYS P 207 48.77 52.07 29.97
N SER P 208 48.35 52.11 31.23
CA SER P 208 49.19 51.64 32.32
C SER P 208 49.46 50.15 32.20
N LYS P 209 48.46 49.39 31.78
CA LYS P 209 48.64 47.95 31.59
C LYS P 209 49.68 47.68 30.51
N ALA P 210 49.62 48.43 29.41
CA ALA P 210 50.59 48.27 28.34
C ALA P 210 51.99 48.68 28.79
N LEU P 211 52.10 49.77 29.56
CA LEU P 211 53.39 50.21 30.07
C LEU P 211 53.98 49.20 31.04
N LEU P 212 53.16 48.62 31.92
CA LEU P 212 53.67 47.63 32.87
C LEU P 212 54.05 46.34 32.17
N LEU P 213 53.33 45.95 31.11
CA LEU P 213 53.72 44.78 30.34
C LEU P 213 55.07 44.98 29.66
N GLU P 214 55.28 46.17 29.08
CA GLU P 214 56.56 46.46 28.45
C GLU P 214 57.68 46.52 29.48
N ALA P 215 57.40 47.07 30.66
CA ALA P 215 58.40 47.11 31.72
C ALA P 215 58.72 45.70 32.22
N SER P 216 57.71 44.84 32.34
CA SER P 216 57.96 43.47 32.76
C SER P 216 58.78 42.72 31.73
N THR P 217 58.54 42.98 30.45
CA THR P 217 59.34 42.34 29.41
C THR P 217 60.78 42.83 29.47
N HIS P 218 60.99 44.12 29.76
CA HIS P 218 62.34 44.63 29.92
C HIS P 218 63.02 44.04 31.15
N LEU P 219 62.27 43.83 32.23
CA LEU P 219 62.85 43.25 33.43
C LEU P 219 63.29 41.81 33.21
N SER P 220 62.48 41.04 32.47
CA SER P 220 62.83 39.65 32.20
C SER P 220 64.04 39.53 31.29
N GLN P 221 64.41 40.59 30.58
CA GLN P 221 65.57 40.57 29.71
C GLN P 221 66.74 41.33 30.35
N GLY Q 10 45.47 51.39 55.49
CA GLY Q 10 44.78 52.67 55.50
C GLY Q 10 43.29 52.57 55.73
N LEU Q 11 42.90 52.55 57.01
CA LEU Q 11 41.48 52.47 57.36
C LEU Q 11 40.75 53.78 57.10
N ARG Q 12 41.47 54.90 56.97
CA ARG Q 12 40.84 56.16 56.63
C ARG Q 12 40.19 56.08 55.25
N ALA Q 13 40.93 55.58 54.27
CA ALA Q 13 40.40 55.51 52.91
C ALA Q 13 39.24 54.52 52.82
N VAL Q 14 39.31 53.42 53.56
CA VAL Q 14 38.20 52.47 53.57
C VAL Q 14 36.97 53.09 54.22
N LEU Q 15 37.17 53.97 55.20
CA LEU Q 15 36.04 54.68 55.79
C LEU Q 15 35.45 55.70 54.81
N VAL Q 16 36.30 56.32 54.00
CA VAL Q 16 35.80 57.24 52.98
C VAL Q 16 35.01 56.48 51.92
N VAL Q 17 35.48 55.28 51.54
CA VAL Q 17 34.73 54.44 50.60
C VAL Q 17 33.41 54.01 51.22
N ALA Q 18 33.46 53.50 52.45
CA ALA Q 18 32.23 53.10 53.14
C ALA Q 18 31.32 54.29 53.40
N GLY Q 19 31.89 55.48 53.62
CA GLY Q 19 31.07 56.66 53.83
C GLY Q 19 30.36 57.09 52.56
N LEU Q 20 31.01 56.93 51.40
CA LEU Q 20 30.34 57.20 50.14
C LEU Q 20 29.32 56.12 49.81
N ALA Q 21 29.57 54.88 50.22
CA ALA Q 21 28.60 53.81 50.00
C ALA Q 21 27.34 54.03 50.82
N VAL Q 22 27.50 54.45 52.07
CA VAL Q 22 26.35 54.79 52.90
C VAL Q 22 25.64 56.03 52.34
N LEU Q 23 26.42 57.00 51.85
CA LEU Q 23 25.83 58.16 51.19
C LEU Q 23 25.08 57.75 49.93
N LEU Q 24 25.57 56.73 49.23
CA LEU Q 24 24.83 56.21 48.09
C LEU Q 24 23.56 55.50 48.53
N GLN Q 25 23.63 54.73 49.62
CA GLN Q 25 22.43 54.08 50.14
C GLN Q 25 21.37 55.11 50.49
N LEU Q 26 21.79 56.26 51.04
CA LEU Q 26 20.82 57.29 51.41
C LEU Q 26 20.27 57.98 50.16
N ILE Q 27 21.16 58.40 49.25
CA ILE Q 27 20.71 59.12 48.06
C ILE Q 27 19.96 58.20 47.12
N ARG Q 28 20.51 57.01 46.84
CA ARG Q 28 19.79 56.07 45.98
C ARG Q 28 18.53 55.54 46.65
N GLY Q 29 18.51 55.52 47.99
CA GLY Q 29 17.30 55.13 48.69
C GLY Q 29 16.18 56.13 48.53
N TRP Q 30 16.51 57.42 48.55
CA TRP Q 30 15.52 58.44 48.23
C TRP Q 30 15.03 58.31 46.80
N LEU Q 31 15.95 58.09 45.85
CA LEU Q 31 15.58 57.97 44.45
C LEU Q 31 14.79 56.69 44.19
N SER Q 32 14.97 55.66 45.02
CA SER Q 32 14.26 54.40 44.86
C SER Q 32 12.91 54.39 45.56
N SER Q 33 12.65 55.36 46.44
CA SER Q 33 11.41 55.41 47.20
C SER Q 33 10.63 56.72 46.99
N LYS Q 34 10.98 57.50 45.97
CA LYS Q 34 10.39 58.80 45.73
C LYS Q 34 9.22 58.68 44.75
N SER Q 35 7.99 58.79 45.26
CA SER Q 35 6.81 58.99 44.42
C SER Q 35 7.08 60.02 43.33
N TYR Q 36 7.23 59.56 42.09
CA TYR Q 36 7.48 60.39 40.93
C TYR Q 36 6.18 60.80 40.25
N VAL Q 37 6.29 61.82 39.40
CA VAL Q 37 5.12 62.32 38.68
C VAL Q 37 4.88 61.52 37.40
N PHE Q 38 5.87 61.50 36.52
CA PHE Q 38 5.79 60.84 35.23
C PHE Q 38 6.45 59.47 35.28
N ASN Q 39 6.27 58.72 34.20
CA ASN Q 39 7.00 57.48 33.98
C ASN Q 39 7.37 57.40 32.51
N ARG Q 40 8.45 56.66 32.22
CA ARG Q 40 8.97 56.64 30.86
C ARG Q 40 7.97 56.01 29.88
N GLU Q 41 7.17 55.06 30.36
CA GLU Q 41 6.17 54.42 29.50
C GLU Q 41 5.07 55.40 29.11
N GLU Q 42 4.68 56.27 30.05
CA GLU Q 42 3.64 57.27 29.76
C GLU Q 42 4.09 58.22 28.66
N ILE Q 43 5.27 58.80 28.81
CA ILE Q 43 5.78 59.74 27.81
C ILE Q 43 6.05 59.04 26.48
N ALA Q 44 6.54 57.80 26.54
CA ALA Q 44 6.83 57.07 25.29
C ALA Q 44 5.56 56.81 24.50
N ARG Q 45 4.48 56.40 25.17
CA ARG Q 45 3.23 56.15 24.46
C ARG Q 45 2.63 57.44 23.90
N LEU Q 46 2.62 58.52 24.70
CA LEU Q 46 2.07 59.78 24.22
C LEU Q 46 2.82 60.31 23.01
N ALA Q 47 4.13 60.07 22.95
CA ALA Q 47 4.90 60.51 21.79
C ALA Q 47 4.69 59.57 20.61
N LYS Q 48 4.56 58.26 20.87
CA LYS Q 48 4.38 57.29 19.79
C LYS Q 48 3.00 57.42 19.15
N GLU Q 49 2.01 57.92 19.89
CA GLU Q 49 0.69 58.12 19.30
C GLU Q 49 0.71 59.11 18.15
N HIS Q 50 1.54 60.15 18.25
CA HIS Q 50 1.60 61.19 17.24
C HIS Q 50 2.78 61.01 16.29
N SER Q 51 3.51 59.91 16.40
CA SER Q 51 4.54 59.62 15.42
C SER Q 51 3.90 59.37 14.07
N GLY Q 52 4.59 59.77 13.00
CA GLY Q 52 4.04 59.74 11.67
C GLY Q 52 3.23 60.96 11.29
N LEU Q 53 3.17 61.96 12.15
CA LEU Q 53 2.51 63.24 11.87
C LEU Q 53 3.55 64.35 11.86
N ASP Q 54 3.11 65.54 11.49
CA ASP Q 54 3.99 66.71 11.53
C ASP Q 54 4.44 66.95 12.96
N TYR Q 55 5.76 67.11 13.13
CA TYR Q 55 6.30 67.20 14.49
C TYR Q 55 5.82 68.45 15.21
N GLU Q 56 5.50 69.51 14.46
CA GLU Q 56 4.95 70.70 15.09
C GLU Q 56 3.56 70.43 15.65
N VAL Q 57 2.70 69.76 14.87
CA VAL Q 57 1.41 69.36 15.38
C VAL Q 57 1.57 68.35 16.51
N ALA Q 58 2.55 67.46 16.40
CA ALA Q 58 2.82 66.51 17.46
C ALA Q 58 3.26 67.21 18.74
N PHE Q 59 4.14 68.21 18.61
CA PHE Q 59 4.55 68.99 19.79
C PHE Q 59 3.35 69.61 20.49
N SER Q 60 2.48 70.28 19.74
CA SER Q 60 1.36 70.99 20.34
C SER Q 60 0.40 70.02 21.03
N LYS Q 61 0.06 68.92 20.35
CA LYS Q 61 -0.87 67.96 20.92
C LYS Q 61 -0.31 67.30 22.17
N ILE Q 62 1.00 67.02 22.18
CA ILE Q 62 1.62 66.41 23.35
C ILE Q 62 1.65 67.40 24.52
N ILE Q 63 1.92 68.67 24.23
CA ILE Q 63 1.89 69.69 25.28
C ILE Q 63 0.50 69.81 25.87
N VAL Q 64 -0.53 69.78 25.02
CA VAL Q 64 -1.90 69.87 25.51
C VAL Q 64 -2.24 68.66 26.37
N GLU Q 65 -1.85 67.46 25.94
CA GLU Q 65 -2.14 66.26 26.70
C GLU Q 65 -1.40 66.24 28.04
N LEU Q 66 -0.15 66.72 28.06
CA LEU Q 66 0.60 66.75 29.31
C LEU Q 66 -0.01 67.74 30.31
N ARG Q 67 -0.40 68.92 29.83
CA ARG Q 67 -1.04 69.89 30.71
C ARG Q 67 -2.45 69.45 31.12
N LYS Q 68 -3.09 68.59 30.34
CA LYS Q 68 -4.40 68.07 30.74
C LYS Q 68 -4.25 67.03 31.84
N LYS Q 69 -3.40 66.02 31.62
CA LYS Q 69 -3.27 64.93 32.57
C LYS Q 69 -2.39 65.28 33.77
N HIS Q 70 -1.58 66.33 33.67
CA HIS Q 70 -0.71 66.76 34.78
C HIS Q 70 -0.74 68.28 34.89
N PRO Q 71 -1.80 68.83 35.47
CA PRO Q 71 -1.87 70.28 35.63
C PRO Q 71 -0.90 70.77 36.68
N GLY Q 72 -0.38 71.97 36.48
CA GLY Q 72 0.56 72.55 37.41
C GLY Q 72 1.95 71.98 37.37
N HIS Q 73 2.24 71.10 36.41
CA HIS Q 73 3.55 70.49 36.28
C HIS Q 73 4.26 70.80 34.97
N ILE Q 74 3.58 71.39 34.00
CA ILE Q 74 4.16 71.72 32.70
C ILE Q 74 4.13 73.24 32.56
N LEU Q 75 5.25 73.81 32.12
CA LEU Q 75 5.34 75.26 31.95
C LEU Q 75 4.31 75.75 30.93
N GLN Q 76 3.88 76.99 31.12
CA GLN Q 76 2.93 77.62 30.20
C GLN Q 76 3.65 78.12 28.95
N ASP Q 77 2.85 78.54 27.97
CA ASP Q 77 3.41 79.01 26.70
C ASP Q 77 4.27 80.26 26.90
N GLU Q 78 4.01 81.03 27.96
CA GLU Q 78 4.81 82.22 28.21
C GLU Q 78 6.26 81.88 28.55
N ASP Q 79 6.49 80.73 29.18
CA ASP Q 79 7.82 80.33 29.63
C ASP Q 79 8.48 79.32 28.69
N LEU Q 80 7.96 79.15 27.48
CA LEU Q 80 8.51 78.20 26.52
C LEU Q 80 9.34 78.93 25.47
N GLN Q 81 10.52 78.39 25.18
CA GLN Q 81 11.38 78.93 24.13
C GLN Q 81 12.38 77.86 23.73
N TRP Q 82 12.74 77.86 22.45
CA TRP Q 82 13.74 76.93 21.95
C TRP Q 82 15.12 77.43 22.35
N VAL Q 83 15.85 76.61 23.10
CA VAL Q 83 17.19 76.96 23.57
C VAL Q 83 18.18 75.99 22.94
N PHE Q 84 19.26 76.52 22.41
CA PHE Q 84 20.31 75.69 21.84
C PHE Q 84 21.00 74.89 22.94
N VAL Q 85 21.48 73.70 22.57
CA VAL Q 85 22.14 72.80 23.50
C VAL Q 85 23.39 72.26 22.82
N ASN Q 86 24.56 72.62 23.33
CA ASN Q 86 25.83 72.13 22.83
C ASN Q 86 26.49 71.28 23.92
N ALA Q 87 26.74 70.01 23.62
CA ALA Q 87 27.34 69.11 24.59
C ALA Q 87 27.93 67.91 23.86
N GLY Q 88 29.09 67.46 24.33
CA GLY Q 88 29.71 66.25 23.83
C GLY Q 88 30.05 66.23 22.35
N GLY Q 89 29.97 67.36 21.68
CA GLY Q 89 30.27 67.44 20.27
C GLY Q 89 29.07 67.50 19.34
N TRP Q 90 27.85 67.47 19.87
CA TRP Q 90 26.65 67.63 19.06
C TRP Q 90 25.94 68.92 19.43
N MET Q 91 25.05 69.36 18.55
CA MET Q 91 24.32 70.61 18.75
C MET Q 91 22.87 70.43 18.36
N GLY Q 92 21.96 70.79 19.27
CA GLY Q 92 20.54 70.74 18.99
C GLY Q 92 19.80 71.87 19.69
N SER Q 93 18.49 71.70 19.88
CA SER Q 93 17.68 72.68 20.58
C SER Q 93 16.64 71.95 21.41
N MET Q 94 16.25 72.56 22.52
CA MET Q 94 15.30 71.95 23.43
C MET Q 94 14.18 72.93 23.76
N CYS Q 95 13.04 72.38 24.13
CA CYS Q 95 11.91 73.15 24.68
C CYS Q 95 11.49 72.46 25.96
N LEU Q 96 11.85 73.05 27.09
CA LEU Q 96 11.65 72.41 28.39
C LEU Q 96 10.20 72.57 28.83
N LEU Q 97 9.50 71.43 28.97
CA LEU Q 97 8.12 71.43 29.44
C LEU Q 97 8.03 71.27 30.96
N HIS Q 98 8.81 70.36 31.52
CA HIS Q 98 8.82 70.12 32.96
C HIS Q 98 10.24 69.80 33.40
N ALA Q 99 10.58 70.23 34.61
CA ALA Q 99 11.89 69.94 35.19
C ALA Q 99 11.80 70.09 36.69
N SER Q 100 12.34 69.12 37.41
CA SER Q 100 12.39 69.15 38.87
C SER Q 100 13.80 68.70 39.28
N LEU Q 101 13.97 68.33 40.55
CA LEU Q 101 15.25 67.84 41.01
C LEU Q 101 15.51 66.38 40.65
N THR Q 102 14.48 65.64 40.23
CA THR Q 102 14.63 64.24 39.86
C THR Q 102 14.04 63.89 38.49
N GLU Q 103 13.21 64.74 37.90
CA GLU Q 103 12.59 64.47 36.61
C GLU Q 103 12.71 65.68 35.70
N TYR Q 104 12.63 65.42 34.39
CA TYR Q 104 12.49 66.51 33.43
C TYR Q 104 11.88 65.96 32.15
N VAL Q 105 11.04 66.78 31.51
CA VAL Q 105 10.41 66.46 30.24
C VAL Q 105 10.69 67.61 29.28
N LEU Q 106 11.10 67.28 28.06
CA LEU Q 106 11.37 68.31 27.06
C LEU Q 106 11.17 67.75 25.66
N LEU Q 107 11.14 68.65 24.69
CA LEU Q 107 11.08 68.32 23.27
C LEU Q 107 12.45 68.67 22.68
N PHE Q 108 13.19 67.66 22.26
CA PHE Q 108 14.54 67.83 21.75
C PHE Q 108 14.58 67.50 20.26
N GLY Q 109 15.57 68.06 19.58
CA GLY Q 109 15.79 67.74 18.19
C GLY Q 109 16.73 68.74 17.55
N THR Q 110 17.13 68.43 16.33
CA THR Q 110 18.05 69.28 15.59
C THR Q 110 17.61 69.38 14.12
N ALA Q 111 17.87 70.54 13.54
CA ALA Q 111 17.63 70.77 12.12
C ALA Q 111 18.92 70.76 11.30
N VAL Q 112 20.03 70.31 11.90
CA VAL Q 112 21.30 70.15 11.22
C VAL Q 112 21.84 68.76 11.54
N ASP Q 113 22.84 68.34 10.76
CA ASP Q 113 23.46 67.04 10.96
C ASP Q 113 24.55 67.18 12.02
N THR Q 114 24.32 66.57 13.18
CA THR Q 114 25.30 66.63 14.25
C THR Q 114 25.41 65.26 14.87
N GLY Q 115 26.38 65.13 15.78
CA GLY Q 115 26.61 63.87 16.46
C GLY Q 115 27.81 63.92 17.38
N GLY Q 116 27.82 63.05 18.39
CA GLY Q 116 28.92 63.02 19.32
C GLY Q 116 28.70 62.16 20.56
N HIS Q 117 29.24 62.60 21.69
CA HIS Q 117 29.15 61.84 22.93
C HIS Q 117 27.79 62.08 23.59
N SER Q 118 27.08 61.00 23.91
CA SER Q 118 25.76 61.14 24.54
C SER Q 118 25.87 61.63 25.98
N GLY Q 119 27.00 61.44 26.62
CA GLY Q 119 27.20 61.85 27.99
C GLY Q 119 26.93 60.74 28.98
N ARG Q 120 27.81 60.59 29.97
CA ARG Q 120 27.67 59.59 31.02
C ARG Q 120 27.34 60.34 32.30
N TYR Q 121 26.13 60.16 32.81
CA TYR Q 121 25.64 60.88 33.98
C TYR Q 121 24.74 59.96 34.80
N TRP Q 122 24.30 60.48 35.94
CA TRP Q 122 23.47 59.72 36.89
C TRP Q 122 21.99 59.95 36.61
N ALA Q 123 21.56 59.51 35.43
CA ALA Q 123 20.17 59.72 35.03
C ALA Q 123 19.79 58.77 33.90
N GLU Q 124 18.61 58.17 34.03
CA GLU Q 124 18.04 57.34 32.98
C GLU Q 124 17.19 58.22 32.06
N ILE Q 125 17.49 58.19 30.77
CA ILE Q 125 16.85 59.05 29.79
C ILE Q 125 16.18 58.20 28.72
N SER Q 126 14.95 58.57 28.35
CA SER Q 126 14.20 57.88 27.32
C SER Q 126 13.81 58.88 26.24
N ASP Q 127 14.11 58.55 24.99
CA ASP Q 127 13.82 59.41 23.86
C ASP Q 127 12.95 58.65 22.87
N THR Q 128 11.79 59.24 22.55
CA THR Q 128 10.87 58.67 21.55
C THR Q 128 10.94 59.57 20.31
N ILE Q 129 11.47 59.03 19.22
CA ILE Q 129 11.71 59.81 18.01
C ILE Q 129 10.36 60.10 17.33
N LEU Q 130 10.08 61.38 17.10
CA LEU Q 130 8.88 61.78 16.36
C LEU Q 130 9.14 61.85 14.85
N SER Q 131 10.32 62.32 14.46
CA SER Q 131 10.69 62.39 13.05
C SER Q 131 12.22 62.39 12.95
N GLY Q 132 12.71 61.98 11.79
CA GLY Q 132 14.13 61.91 11.54
C GLY Q 132 14.70 60.53 11.77
N THR Q 133 16.00 60.50 12.06
CA THR Q 133 16.70 59.25 12.34
C THR Q 133 17.61 59.44 13.55
N PHE Q 134 17.91 58.31 14.22
CA PHE Q 134 18.74 58.30 15.42
C PHE Q 134 19.71 57.15 15.28
N ARG Q 135 20.99 57.46 15.09
CA ARG Q 135 22.03 56.44 15.08
C ARG Q 135 22.64 56.35 16.46
N GLN Q 136 22.62 55.15 17.05
CA GLN Q 136 23.17 54.91 18.37
C GLN Q 136 24.33 53.94 18.25
N TRP Q 137 25.44 54.26 18.91
CA TRP Q 137 26.64 53.42 18.91
C TRP Q 137 26.96 53.07 20.36
N LYS Q 138 26.60 51.87 20.78
CA LYS Q 138 26.78 51.49 22.17
C LYS Q 138 28.25 51.25 22.48
N GLU Q 139 28.58 51.37 23.76
CA GLU Q 139 29.96 51.23 24.22
C GLU Q 139 30.41 49.77 24.12
N GLY Q 140 31.64 49.57 23.69
CA GLY Q 140 32.21 48.24 23.63
C GLY Q 140 31.88 47.45 22.38
N THR Q 141 31.22 48.05 21.39
CA THR Q 141 30.83 47.40 20.16
C THR Q 141 31.53 48.02 18.97
N THR Q 142 31.40 47.36 17.81
CA THR Q 142 31.97 47.84 16.56
C THR Q 142 30.90 48.15 15.53
N LYS Q 143 29.63 48.06 15.89
CA LYS Q 143 28.52 48.36 14.99
C LYS Q 143 27.50 49.24 15.69
N SER Q 144 26.83 50.08 14.91
CA SER Q 144 25.81 50.99 15.39
C SER Q 144 24.46 50.62 14.81
N GLU Q 145 23.40 51.10 15.48
CA GLU Q 145 22.03 50.85 15.07
C GLU Q 145 21.33 52.16 14.72
N ILE Q 146 20.39 52.09 13.78
CA ILE Q 146 19.62 53.23 13.34
C ILE Q 146 18.17 53.04 13.77
N PHE Q 147 17.63 54.03 14.47
CA PHE Q 147 16.28 53.99 14.97
C PHE Q 147 15.43 55.04 14.26
N TYR Q 148 14.16 54.71 14.04
CA TYR Q 148 13.29 55.51 13.20
C TYR Q 148 12.12 56.05 14.03
N PRO Q 149 11.30 56.95 13.48
CA PRO Q 149 10.16 57.47 14.27
C PRO Q 149 9.27 56.33 14.74
N GLY Q 150 8.85 56.44 16.01
CA GLY Q 150 8.09 55.41 16.67
C GLY Q 150 8.90 54.60 17.67
N ASP Q 151 10.20 54.47 17.44
CA ASP Q 151 11.06 53.74 18.37
C ASP Q 151 11.30 54.57 19.63
N THR Q 152 11.68 53.87 20.70
CA THR Q 152 11.99 54.51 21.98
C THR Q 152 13.32 53.96 22.46
N ILE Q 153 14.26 54.85 22.74
CA ILE Q 153 15.62 54.51 23.11
C ILE Q 153 15.83 54.89 24.57
N VAL Q 154 16.38 53.96 25.35
CA VAL Q 154 16.60 54.16 26.78
C VAL Q 154 18.09 54.26 27.02
N HIS Q 155 18.56 55.46 27.35
CA HIS Q 155 19.95 55.67 27.76
C HIS Q 155 20.01 55.47 29.27
N GLU Q 156 20.50 54.32 29.71
CA GLU Q 156 20.44 53.95 31.10
C GLU Q 156 21.49 54.71 31.91
N VAL Q 157 21.40 54.57 33.23
CA VAL Q 157 22.32 55.25 34.12
C VAL Q 157 23.71 54.65 33.98
N GLY Q 158 24.72 55.51 33.86
CA GLY Q 158 26.09 55.07 33.70
C GLY Q 158 26.47 54.62 32.30
N GLU Q 159 25.52 54.58 31.37
CA GLU Q 159 25.82 54.20 30.00
C GLU Q 159 26.39 55.38 29.22
N ALA Q 160 27.33 55.09 28.33
CA ALA Q 160 27.91 56.09 27.44
C ALA Q 160 27.87 55.55 26.03
N THR Q 161 27.17 56.25 25.14
CA THR Q 161 27.04 55.86 23.75
C THR Q 161 27.36 57.06 22.86
N SER Q 162 27.47 56.80 21.57
CA SER Q 162 27.65 57.84 20.58
C SER Q 162 26.33 58.02 19.82
N VAL Q 163 25.84 59.25 19.79
CA VAL Q 163 24.57 59.56 19.15
C VAL Q 163 24.85 60.35 17.87
N GLN Q 164 23.94 60.21 16.90
CA GLN Q 164 24.02 60.95 15.65
C GLN Q 164 22.61 61.15 15.13
N TRP Q 165 22.33 62.35 14.64
CA TRP Q 165 21.01 62.74 14.20
C TRP Q 165 21.06 63.31 12.79
N SER Q 166 19.94 63.20 12.08
CA SER Q 166 19.82 63.71 10.73
C SER Q 166 19.37 65.17 10.75
N SER Q 167 19.15 65.72 9.57
CA SER Q 167 18.79 67.12 9.39
C SER Q 167 17.33 67.42 9.68
N GLY Q 168 16.60 66.50 10.29
CA GLY Q 168 15.21 66.73 10.61
C GLY Q 168 14.73 65.89 11.77
N THR Q 169 15.60 65.66 12.75
CA THR Q 169 15.31 64.76 13.86
C THR Q 169 14.63 65.53 15.00
N TRP Q 170 13.52 64.99 15.49
CA TRP Q 170 12.78 65.58 16.60
C TRP Q 170 12.19 64.46 17.44
N MET Q 171 12.23 64.64 18.76
CA MET Q 171 11.88 63.58 19.69
C MET Q 171 11.31 64.19 20.97
N VAL Q 172 10.59 63.37 21.71
CA VAL Q 172 10.10 63.71 23.04
C VAL Q 172 10.93 62.94 24.06
N GLU Q 173 11.52 63.66 25.01
CA GLU Q 173 12.50 63.09 25.92
C GLU Q 173 12.07 63.26 27.36
N TYR Q 174 12.26 62.20 28.15
CA TYR Q 174 11.94 62.20 29.57
C TYR Q 174 13.13 61.63 30.34
N GLY Q 175 13.52 62.30 31.41
CA GLY Q 175 14.69 61.91 32.19
C GLY Q 175 14.38 61.71 33.66
N ARG Q 176 14.98 60.66 34.23
CA ARG Q 176 14.83 60.32 35.64
C ARG Q 176 16.21 60.12 36.26
N GLY Q 177 16.37 60.56 37.49
CA GLY Q 177 17.60 60.33 38.22
C GLY Q 177 18.05 61.59 38.93
N PHE Q 178 19.36 61.65 39.19
CA PHE Q 178 19.97 62.81 39.84
C PHE Q 178 20.21 63.88 38.78
N ILE Q 179 19.21 64.75 38.59
CA ILE Q 179 19.28 65.73 37.51
C ILE Q 179 20.43 66.72 37.68
N PRO Q 180 20.67 67.29 38.87
CA PRO Q 180 21.75 68.30 38.97
C PRO Q 180 23.10 67.84 38.47
N SER Q 181 23.40 66.54 38.54
CA SER Q 181 24.69 66.05 38.06
C SER Q 181 24.81 66.16 36.54
N THR Q 182 23.69 66.02 35.83
CA THR Q 182 23.72 65.98 34.37
C THR Q 182 23.97 67.37 33.77
N CYS Q 183 23.63 68.43 34.49
CA CYS Q 183 23.77 69.78 33.96
C CYS Q 183 25.22 70.18 33.71
N ALA Q 184 26.18 69.53 34.39
CA ALA Q 184 27.59 69.80 34.12
C ALA Q 184 27.94 69.44 32.68
N PHE Q 185 27.45 68.31 32.19
CA PHE Q 185 27.72 67.89 30.82
C PHE Q 185 26.95 68.73 29.81
N ALA Q 186 25.72 69.15 30.16
CA ALA Q 186 24.88 69.89 29.23
C ALA Q 186 25.44 71.26 28.89
N LEU Q 187 26.39 71.77 29.67
CA LEU Q 187 26.93 73.11 29.49
C LEU Q 187 28.42 73.12 29.17
N ALA Q 188 29.02 71.95 28.93
CA ALA Q 188 30.47 71.89 28.72
C ALA Q 188 30.88 72.61 27.44
N ASP Q 189 30.25 72.27 26.31
CA ASP Q 189 30.58 72.94 25.06
C ASP Q 189 30.19 74.41 25.08
N THR Q 190 29.15 74.76 25.84
CA THR Q 190 28.76 76.16 25.95
C THR Q 190 29.81 77.00 26.66
N ILE Q 191 30.67 76.38 27.46
CA ILE Q 191 31.71 77.10 28.21
C ILE Q 191 33.04 77.12 27.46
N PHE Q 192 33.49 75.96 26.97
CA PHE Q 192 34.83 75.83 26.42
C PHE Q 192 34.87 75.80 24.90
N SER Q 193 33.72 75.89 24.23
CA SER Q 193 33.72 75.81 22.77
C SER Q 193 32.94 76.97 22.16
N THR Q 194 31.64 77.03 22.43
CA THR Q 194 30.81 78.07 21.82
C THR Q 194 30.99 79.41 22.52
N GLN Q 195 31.16 79.39 23.84
CA GLN Q 195 31.24 80.60 24.66
C GLN Q 195 30.03 81.50 24.42
N ASP Q 196 28.87 80.87 24.22
CA ASP Q 196 27.61 81.59 24.04
C ASP Q 196 26.94 81.69 25.40
N PHE Q 197 27.39 82.67 26.18
CA PHE Q 197 26.89 82.83 27.54
C PHE Q 197 25.43 83.22 27.59
N LEU Q 198 24.90 83.81 26.51
CA LEU Q 198 23.47 84.11 26.47
C LEU Q 198 22.65 82.82 26.44
N THR Q 199 23.12 81.81 25.73
CA THR Q 199 22.46 80.51 25.74
C THR Q 199 22.58 79.86 27.11
N LEU Q 200 23.73 80.03 27.77
CA LEU Q 200 23.87 79.58 29.15
C LEU Q 200 22.87 80.26 30.05
N PHE Q 201 22.66 81.57 29.86
CA PHE Q 201 21.66 82.30 30.63
C PHE Q 201 20.27 81.76 30.35
N TYR Q 202 19.96 81.46 29.10
CA TYR Q 202 18.65 80.89 28.75
C TYR Q 202 18.42 79.57 29.45
N THR Q 203 19.44 78.70 29.49
CA THR Q 203 19.29 77.40 30.12
C THR Q 203 19.04 77.54 31.62
N VAL Q 204 19.84 78.37 32.30
CA VAL Q 204 19.63 78.59 33.72
C VAL Q 204 18.27 79.23 33.96
N LYS Q 205 17.82 80.08 33.04
CA LYS Q 205 16.54 80.76 33.19
C LYS Q 205 15.38 79.77 33.14
N VAL Q 206 15.32 78.95 32.09
CA VAL Q 206 14.20 78.02 31.95
C VAL Q 206 14.26 76.92 33.00
N CYS Q 207 15.46 76.52 33.42
CA CYS Q 207 15.56 75.52 34.48
C CYS Q 207 15.05 76.08 35.80
N SER Q 208 15.38 77.33 36.11
CA SER Q 208 14.88 77.95 37.33
C SER Q 208 13.37 78.13 37.30
N LYS Q 209 12.81 78.48 36.13
CA LYS Q 209 11.37 78.64 36.02
C LYS Q 209 10.63 77.34 36.28
N ALA Q 210 11.14 76.22 35.74
CA ALA Q 210 10.52 74.94 35.98
C ALA Q 210 10.64 74.52 37.44
N LEU Q 211 11.81 74.77 38.05
CA LEU Q 211 12.00 74.43 39.46
C LEU Q 211 11.09 75.25 40.36
N LEU Q 212 10.95 76.55 40.08
CA LEU Q 212 10.08 77.38 40.90
C LEU Q 212 8.61 77.02 40.70
N LEU Q 213 8.22 76.64 39.49
CA LEU Q 213 6.85 76.17 39.26
C LEU Q 213 6.56 74.90 40.05
N GLU Q 214 7.50 73.95 40.04
CA GLU Q 214 7.32 72.72 40.80
C GLU Q 214 7.32 73.00 42.30
N ALA Q 215 8.15 73.95 42.75
CA ALA Q 215 8.16 74.32 44.16
C ALA Q 215 6.85 74.99 44.56
N SER Q 216 6.31 75.85 43.69
CA SER Q 216 5.03 76.49 43.98
C SER Q 216 3.89 75.47 43.99
N THR Q 217 3.94 74.48 43.10
CA THR Q 217 2.92 73.44 43.08
C THR Q 217 2.94 72.59 44.35
N HIS Q 218 4.14 72.30 44.87
CA HIS Q 218 4.24 71.58 46.13
C HIS Q 218 3.74 72.43 47.30
N LEU Q 219 3.98 73.74 47.26
CA LEU Q 219 3.52 74.61 48.33
C LEU Q 219 2.00 74.67 48.38
N SER Q 220 1.35 74.70 47.22
CA SER Q 220 -0.11 74.72 47.17
C SER Q 220 -0.72 73.39 47.65
N GLN Q 221 0.06 72.33 47.69
CA GLN Q 221 -0.42 71.04 48.16
C GLN Q 221 0.08 70.75 49.58
N GLY R 10 20.04 101.32 45.96
CA GLY R 10 21.04 102.37 45.90
C GLY R 10 22.42 101.90 46.33
N LEU R 11 23.17 101.32 45.40
CA LEU R 11 24.52 100.84 45.67
C LEU R 11 25.38 101.09 44.43
N ARG R 12 26.70 100.89 44.60
CA ARG R 12 27.66 101.11 43.52
C ARG R 12 27.35 100.27 42.29
N ALA R 13 26.55 99.21 42.44
CA ALA R 13 26.20 98.38 41.30
C ALA R 13 25.45 99.18 40.24
N VAL R 14 24.63 100.14 40.68
CA VAL R 14 23.95 101.02 39.73
C VAL R 14 24.98 101.82 38.93
N LEU R 15 26.07 102.23 39.57
CA LEU R 15 27.08 103.00 38.87
C LEU R 15 27.81 102.15 37.84
N VAL R 16 28.14 100.91 38.19
CA VAL R 16 28.78 100.01 37.23
C VAL R 16 27.86 99.71 36.06
N VAL R 17 26.56 99.54 36.34
CA VAL R 17 25.60 99.29 35.27
C VAL R 17 25.52 100.50 34.35
N ALA R 18 25.42 101.70 34.92
CA ALA R 18 25.40 102.91 34.10
C ALA R 18 26.75 103.16 33.44
N GLY R 19 27.84 102.73 34.08
CA GLY R 19 29.15 102.91 33.46
C GLY R 19 29.34 102.06 32.22
N LEU R 20 28.90 100.80 32.28
CA LEU R 20 28.94 99.95 31.09
C LEU R 20 27.99 100.45 30.02
N ALA R 21 26.85 101.01 30.42
CA ALA R 21 25.90 101.55 29.46
C ALA R 21 26.48 102.76 28.73
N VAL R 22 27.17 103.64 29.47
CA VAL R 22 27.80 104.78 28.83
C VAL R 22 29.00 104.35 27.99
N LEU R 23 29.76 103.36 28.47
CA LEU R 23 30.85 102.81 27.67
C LEU R 23 30.31 102.18 26.39
N LEU R 24 29.15 101.52 26.47
CA LEU R 24 28.54 100.96 25.27
C LEU R 24 28.06 102.06 24.33
N GLN R 25 27.47 103.12 24.88
CA GLN R 25 27.08 104.26 24.04
C GLN R 25 28.30 104.90 23.38
N LEU R 26 29.45 104.90 24.06
CA LEU R 26 30.65 105.50 23.49
C LEU R 26 31.21 104.61 22.39
N ILE R 27 31.33 103.31 22.64
CA ILE R 27 31.89 102.40 21.64
C ILE R 27 30.94 102.26 20.46
N ARG R 28 29.64 102.09 20.72
CA ARG R 28 28.67 101.99 19.63
C ARG R 28 28.55 103.30 18.89
N GLY R 29 28.81 104.43 19.55
CA GLY R 29 28.83 105.70 18.85
C GLY R 29 30.01 105.80 17.90
N TRP R 30 31.17 105.29 18.32
CA TRP R 30 32.31 105.21 17.41
C TRP R 30 32.02 104.31 16.24
N LEU R 31 31.39 103.15 16.49
CA LEU R 31 31.06 102.23 15.42
C LEU R 31 30.00 102.81 14.49
N SER R 32 29.18 103.74 14.99
CA SER R 32 28.12 104.35 14.19
C SER R 32 28.60 105.57 13.42
N SER R 33 29.76 106.12 13.74
CA SER R 33 30.26 107.33 13.11
C SER R 33 31.64 107.15 12.48
N LYS R 34 32.11 105.92 12.33
CA LYS R 34 33.45 105.64 11.83
C LYS R 34 33.43 105.42 10.32
N SER R 35 33.94 106.40 9.57
CA SER R 35 34.23 106.21 8.15
C SER R 35 34.89 104.87 7.89
N TYR R 36 34.14 103.93 7.32
CA TYR R 36 34.64 102.61 6.99
C TYR R 36 35.17 102.57 5.56
N VAL R 37 35.95 101.53 5.27
CA VAL R 37 36.53 101.30 3.97
C VAL R 37 35.56 100.52 3.09
N PHE R 38 35.17 99.33 3.55
CA PHE R 38 34.33 98.42 2.80
C PHE R 38 32.87 98.50 3.26
N ASN R 39 31.99 97.86 2.48
CA ASN R 39 30.60 97.67 2.86
C ASN R 39 30.17 96.28 2.40
N ARG R 40 29.16 95.74 3.08
CA ARG R 40 28.77 94.35 2.82
C ARG R 40 28.20 94.15 1.43
N GLU R 41 27.51 95.15 0.87
CA GLU R 41 26.98 95.01 -0.48
C GLU R 41 28.10 94.97 -1.51
N GLU R 42 29.15 95.76 -1.30
CA GLU R 42 30.27 95.76 -2.24
C GLU R 42 30.92 94.38 -2.31
N ILE R 43 31.25 93.80 -1.14
CA ILE R 43 31.87 92.49 -1.12
C ILE R 43 30.91 91.42 -1.63
N ALA R 44 29.62 91.55 -1.31
CA ALA R 44 28.64 90.56 -1.75
C ALA R 44 28.52 90.54 -3.27
N ARG R 45 28.46 91.72 -3.91
CA ARG R 45 28.37 91.77 -5.36
C ARG R 45 29.63 91.25 -6.02
N LEU R 46 30.81 91.65 -5.51
CA LEU R 46 32.06 91.20 -6.09
C LEU R 46 32.20 89.68 -6.06
N ALA R 47 31.69 89.05 -5.01
CA ALA R 47 31.74 87.59 -4.94
C ALA R 47 30.69 86.94 -5.82
N LYS R 48 29.49 87.54 -5.92
CA LYS R 48 28.44 86.95 -6.72
C LYS R 48 28.74 87.05 -8.21
N GLU R 49 29.55 88.03 -8.61
CA GLU R 49 29.95 88.13 -10.02
C GLU R 49 30.71 86.90 -10.46
N HIS R 50 31.49 86.30 -9.56
CA HIS R 50 32.32 85.16 -9.89
C HIS R 50 31.68 83.83 -9.51
N SER R 51 30.42 83.86 -9.07
CA SER R 51 29.71 82.61 -8.87
C SER R 51 29.52 81.91 -10.21
N GLY R 52 29.56 80.59 -10.18
CA GLY R 52 29.57 79.83 -11.41
C GLY R 52 30.94 79.65 -12.02
N LEU R 53 32.00 80.11 -11.35
CA LEU R 53 33.37 79.89 -11.76
C LEU R 53 34.07 79.02 -10.72
N ASP R 54 35.28 78.60 -11.04
CA ASP R 54 36.11 77.86 -10.10
C ASP R 54 36.41 78.72 -8.88
N TYR R 55 36.22 78.16 -7.68
CA TYR R 55 36.34 78.97 -6.48
C TYR R 55 37.77 79.47 -6.28
N GLU R 56 38.76 78.74 -6.81
CA GLU R 56 40.13 79.21 -6.76
C GLU R 56 40.35 80.40 -7.70
N VAL R 57 39.83 80.32 -8.92
CA VAL R 57 39.88 81.46 -9.83
C VAL R 57 39.09 82.63 -9.28
N ALA R 58 37.95 82.35 -8.64
CA ALA R 58 37.16 83.40 -8.03
C ALA R 58 37.93 84.09 -6.90
N PHE R 59 38.65 83.31 -6.09
CA PHE R 59 39.49 83.90 -5.06
C PHE R 59 40.49 84.89 -5.64
N SER R 60 41.21 84.46 -6.69
CA SER R 60 42.24 85.31 -7.28
C SER R 60 41.65 86.57 -7.90
N LYS R 61 40.55 86.43 -8.65
CA LYS R 61 39.94 87.60 -9.27
C LYS R 61 39.43 88.58 -8.22
N ILE R 62 38.89 88.07 -7.12
CA ILE R 62 38.39 88.95 -6.06
C ILE R 62 39.55 89.67 -5.39
N ILE R 63 40.67 88.97 -5.17
CA ILE R 63 41.85 89.60 -4.58
C ILE R 63 42.38 90.70 -5.51
N VAL R 64 42.40 90.43 -6.81
CA VAL R 64 42.85 91.43 -7.77
C VAL R 64 41.93 92.64 -7.76
N GLU R 65 40.61 92.41 -7.75
CA GLU R 65 39.66 93.52 -7.74
C GLU R 65 39.76 94.32 -6.46
N LEU R 66 39.96 93.65 -5.33
CA LEU R 66 40.07 94.36 -4.06
C LEU R 66 41.34 95.21 -4.01
N ARG R 67 42.46 94.67 -4.48
CA ARG R 67 43.69 95.46 -4.52
C ARG R 67 43.63 96.58 -5.54
N LYS R 68 42.79 96.45 -6.57
CA LYS R 68 42.61 97.53 -7.54
C LYS R 68 41.78 98.66 -6.95
N LYS R 69 40.59 98.34 -6.43
CA LYS R 69 39.69 99.36 -5.93
C LYS R 69 40.06 99.86 -4.54
N HIS R 70 40.89 99.12 -3.79
CA HIS R 70 41.30 99.51 -2.45
C HIS R 70 42.78 99.25 -2.27
N PRO R 71 43.62 100.13 -2.80
CA PRO R 71 45.07 99.93 -2.64
C PRO R 71 45.51 100.18 -1.21
N GLY R 72 46.52 99.43 -0.79
CA GLY R 72 47.03 99.59 0.56
C GLY R 72 46.15 99.04 1.65
N HIS R 73 45.09 98.31 1.30
CA HIS R 73 44.17 97.76 2.28
C HIS R 73 44.08 96.23 2.26
N ILE R 74 44.66 95.57 1.27
CA ILE R 74 44.64 94.11 1.16
C ILE R 74 46.08 93.62 1.22
N LEU R 75 46.32 92.58 2.02
CA LEU R 75 47.66 92.02 2.16
C LEU R 75 48.20 91.55 0.82
N GLN R 76 49.53 91.57 0.70
CA GLN R 76 50.19 91.12 -0.50
C GLN R 76 50.23 89.59 -0.53
N ASP R 77 50.60 89.04 -1.69
CA ASP R 77 50.66 87.59 -1.84
C ASP R 77 51.69 86.97 -0.91
N GLU R 78 52.72 87.74 -0.52
CA GLU R 78 53.74 87.22 0.37
C GLU R 78 53.20 86.90 1.76
N ASP R 79 52.19 87.65 2.22
CA ASP R 79 51.66 87.49 3.57
C ASP R 79 50.35 86.70 3.59
N LEU R 80 50.03 86.00 2.51
CA LEU R 80 48.82 85.20 2.45
C LEU R 80 49.14 83.73 2.68
N GLN R 81 48.33 83.08 3.51
CA GLN R 81 48.47 81.65 3.75
C GLN R 81 47.16 81.14 4.35
N TRP R 82 46.81 79.91 3.99
CA TRP R 82 45.61 79.27 4.51
C TRP R 82 45.83 78.82 5.94
N VAL R 83 45.02 79.34 6.86
CA VAL R 83 45.10 79.02 8.28
C VAL R 83 43.81 78.30 8.69
N PHE R 84 43.95 77.20 9.40
CA PHE R 84 42.79 76.46 9.90
C PHE R 84 42.04 77.27 10.96
N VAL R 85 40.74 77.06 11.03
CA VAL R 85 39.86 77.74 11.97
C VAL R 85 38.93 76.71 12.59
N ASN R 86 39.07 76.51 13.90
CA ASN R 86 38.20 75.62 14.67
C ASN R 86 37.41 76.46 15.63
N ALA R 87 36.08 76.41 15.53
CA ALA R 87 35.22 77.21 16.39
C ALA R 87 33.83 76.60 16.42
N GLY R 88 33.20 76.63 17.59
CA GLY R 88 31.81 76.23 17.77
C GLY R 88 31.47 74.81 17.40
N GLY R 89 32.48 73.97 17.17
CA GLY R 89 32.26 72.58 16.79
C GLY R 89 32.46 72.30 15.32
N TRP R 90 32.77 73.30 14.51
CA TRP R 90 33.09 73.13 13.10
C TRP R 90 34.54 73.48 12.85
N MET R 91 35.05 73.05 11.70
CA MET R 91 36.44 73.26 11.33
C MET R 91 36.50 73.66 9.86
N GLY R 92 37.21 74.76 9.59
CA GLY R 92 37.42 75.20 8.21
C GLY R 92 38.78 75.83 8.02
N SER R 93 38.92 76.65 6.97
CA SER R 93 40.16 77.36 6.72
C SER R 93 39.84 78.75 6.19
N MET R 94 40.73 79.69 6.48
CA MET R 94 40.55 81.09 6.11
C MET R 94 41.78 81.61 5.42
N CYS R 95 41.58 82.64 4.59
CA CYS R 95 42.66 83.42 4.00
C CYS R 95 42.36 84.90 4.25
N LEU R 96 43.07 85.49 5.20
CA LEU R 96 42.77 86.85 5.63
C LEU R 96 43.35 87.83 4.64
N LEU R 97 42.48 88.58 3.95
CA LEU R 97 42.90 89.59 2.99
C LEU R 97 43.04 90.97 3.62
N HIS R 98 42.07 91.36 4.44
CA HIS R 98 42.07 92.66 5.11
C HIS R 98 41.52 92.46 6.51
N ALA R 99 42.06 93.21 7.47
CA ALA R 99 41.58 93.14 8.84
C ALA R 99 41.99 94.40 9.59
N SER R 100 41.05 94.99 10.31
CA SER R 100 41.32 96.14 11.16
C SER R 100 40.62 95.90 12.49
N LEU R 101 40.46 96.95 13.30
CA LEU R 101 39.76 96.83 14.56
C LEU R 101 38.25 96.86 14.40
N THR R 102 37.73 97.26 13.24
CA THR R 102 36.30 97.31 13.00
C THR R 102 35.85 96.56 11.76
N GLU R 103 36.74 96.23 10.83
CA GLU R 103 36.40 95.50 9.62
C GLU R 103 37.39 94.38 9.39
N TYR R 104 36.96 93.37 8.62
CA TYR R 104 37.87 92.34 8.15
C TYR R 104 37.27 91.67 6.92
N VAL R 105 38.13 91.30 5.97
CA VAL R 105 37.73 90.59 4.76
C VAL R 105 38.61 89.36 4.63
N LEU R 106 37.99 88.21 4.35
CA LEU R 106 38.74 86.98 4.19
C LEU R 106 37.98 86.04 3.27
N LEU R 107 38.66 84.97 2.86
CA LEU R 107 38.09 83.88 2.08
C LEU R 107 37.98 82.67 2.98
N PHE R 108 36.75 82.26 3.29
CA PHE R 108 36.52 81.14 4.19
C PHE R 108 35.91 79.96 3.44
N GLY R 109 36.12 78.77 4.00
CA GLY R 109 35.51 77.57 3.47
C GLY R 109 36.15 76.36 4.09
N THR R 110 35.55 75.20 3.78
CA THR R 110 36.02 73.93 4.28
C THR R 110 35.98 72.88 3.17
N ALA R 111 36.92 71.95 3.22
CA ALA R 111 36.94 70.81 2.33
C ALA R 111 36.47 69.54 3.01
N VAL R 112 35.89 69.65 4.21
CA VAL R 112 35.33 68.50 4.90
C VAL R 112 33.93 68.87 5.38
N ASP R 113 33.18 67.85 5.78
CA ASP R 113 31.83 68.04 6.30
C ASP R 113 31.93 68.37 7.78
N THR R 114 31.63 69.62 8.13
CA THR R 114 31.65 70.07 9.53
C THR R 114 30.42 70.93 9.80
N GLY R 115 30.26 71.30 11.08
CA GLY R 115 29.15 72.13 11.51
C GLY R 115 29.07 72.35 13.01
N GLY R 116 28.43 73.43 13.44
CA GLY R 116 28.29 73.68 14.87
C GLY R 116 27.76 75.08 15.15
N HIS R 117 28.24 75.66 16.23
CA HIS R 117 27.75 76.96 16.67
C HIS R 117 28.45 78.07 15.90
N SER R 118 27.64 78.98 15.32
CA SER R 118 28.19 80.09 14.54
C SER R 118 28.90 81.10 15.42
N GLY R 119 28.57 81.15 16.70
CA GLY R 119 29.18 82.10 17.61
C GLY R 119 28.37 83.37 17.75
N ARG R 120 28.22 83.85 18.98
CA ARG R 120 27.49 85.07 19.28
C ARG R 120 28.52 86.12 19.71
N TYR R 121 28.69 87.15 18.88
CA TYR R 121 29.72 88.15 19.12
C TYR R 121 29.21 89.51 18.68
N TRP R 122 30.03 90.54 18.91
CA TRP R 122 29.68 91.92 18.61
C TRP R 122 30.17 92.30 17.21
N ALA R 123 29.61 91.63 16.21
CA ALA R 123 30.04 91.87 14.83
C ALA R 123 28.99 91.34 13.86
N GLU R 124 28.68 92.14 12.84
CA GLU R 124 27.81 91.73 11.75
C GLU R 124 28.67 91.14 10.63
N ILE R 125 28.34 89.91 10.23
CA ILE R 125 29.15 89.15 9.29
C ILE R 125 28.29 88.81 8.07
N SER R 126 28.88 88.97 6.88
CA SER R 126 28.21 88.66 5.63
C SER R 126 29.08 87.69 4.83
N ASP R 127 28.47 86.58 4.41
CA ASP R 127 29.16 85.54 3.63
C ASP R 127 28.42 85.31 2.32
N THR R 128 29.15 85.42 1.21
CA THR R 128 28.61 85.13 -0.13
C THR R 128 29.24 83.82 -0.61
N ILE R 129 28.40 82.80 -0.75
CA ILE R 129 28.88 81.46 -1.09
C ILE R 129 29.32 81.43 -2.55
N LEU R 130 30.57 81.01 -2.78
CA LEU R 130 31.08 80.82 -4.14
C LEU R 130 30.82 79.41 -4.66
N SER R 131 30.91 78.40 -3.80
CA SER R 131 30.65 77.02 -4.19
C SER R 131 30.25 76.23 -2.94
N GLY R 132 29.54 75.14 -3.16
CA GLY R 132 29.10 74.29 -2.06
C GLY R 132 27.70 74.62 -1.58
N THR R 133 27.44 74.27 -0.33
CA THR R 133 26.15 74.54 0.31
C THR R 133 26.37 75.08 1.72
N PHE R 134 25.37 75.81 2.21
CA PHE R 134 25.41 76.44 3.52
C PHE R 134 24.07 76.18 4.19
N ARG R 135 24.06 75.34 5.22
CA ARG R 135 22.87 75.10 6.03
C ARG R 135 22.91 76.02 7.25
N GLN R 136 21.88 76.85 7.39
CA GLN R 136 21.75 77.77 8.52
C GLN R 136 20.51 77.41 9.32
N TRP R 137 20.66 77.34 10.63
CA TRP R 137 19.56 77.00 11.54
C TRP R 137 19.43 78.15 12.52
N LYS R 138 18.43 79.00 12.29
CA LYS R 138 18.26 80.19 13.12
C LYS R 138 17.76 79.81 14.51
N GLU R 139 18.03 80.68 15.47
CA GLU R 139 17.65 80.43 16.84
C GLU R 139 16.14 80.54 17.02
N GLY R 140 15.57 79.64 17.82
CA GLY R 140 14.16 79.68 18.12
C GLY R 140 13.25 79.06 17.09
N THR R 141 13.81 78.40 16.07
CA THR R 141 13.01 77.78 15.02
C THR R 141 13.26 76.27 15.03
N THR R 142 12.43 75.57 14.25
CA THR R 142 12.54 74.12 14.13
C THR R 142 12.91 73.67 12.72
N LYS R 143 13.18 74.59 11.80
CA LYS R 143 13.57 74.24 10.44
C LYS R 143 14.80 75.06 10.04
N SER R 144 15.62 74.45 9.18
CA SER R 144 16.81 75.09 8.67
C SER R 144 16.69 75.28 7.16
N GLU R 145 17.47 76.21 6.63
CA GLU R 145 17.49 76.52 5.22
C GLU R 145 18.86 76.21 4.63
N ILE R 146 18.87 75.84 3.36
CA ILE R 146 20.10 75.52 2.64
C ILE R 146 20.30 76.59 1.57
N PHE R 147 21.48 77.22 1.57
CA PHE R 147 21.81 78.27 0.63
C PHE R 147 22.89 77.80 -0.32
N TYR R 148 22.81 78.26 -1.56
CA TYR R 148 23.63 77.75 -2.64
C TYR R 148 24.52 78.86 -3.18
N PRO R 149 25.49 78.57 -4.05
CA PRO R 149 26.35 79.63 -4.59
C PRO R 149 25.53 80.75 -5.22
N GLY R 150 25.94 81.99 -4.92
CA GLY R 150 25.23 83.18 -5.34
C GLY R 150 24.46 83.85 -4.22
N ASP R 151 23.99 83.07 -3.24
CA ASP R 151 23.27 83.63 -2.11
C ASP R 151 24.23 84.36 -1.17
N THR R 152 23.67 85.27 -0.37
CA THR R 152 24.44 86.03 0.60
C THR R 152 23.72 85.96 1.94
N ILE R 153 24.43 85.52 2.97
CA ILE R 153 23.86 85.31 4.30
C ILE R 153 24.46 86.32 5.25
N VAL R 154 23.60 86.98 6.03
CA VAL R 154 24.01 88.02 6.96
C VAL R 154 23.77 87.52 8.37
N HIS R 155 24.86 87.24 9.10
CA HIS R 155 24.79 86.88 10.51
C HIS R 155 24.91 88.17 11.32
N GLU R 156 23.79 88.65 11.85
CA GLU R 156 23.74 89.96 12.51
C GLU R 156 24.42 89.91 13.87
N VAL R 157 24.60 91.10 14.46
CA VAL R 157 25.24 91.21 15.76
C VAL R 157 24.32 90.61 16.82
N GLY R 158 24.90 89.81 17.71
CA GLY R 158 24.13 89.16 18.76
C GLY R 158 23.33 87.97 18.32
N GLU R 159 23.29 87.67 17.02
CA GLU R 159 22.56 86.52 16.54
C GLU R 159 23.38 85.25 16.70
N ALA R 160 22.70 84.15 16.99
CA ALA R 160 23.34 82.85 17.13
C ALA R 160 22.57 81.83 16.29
N THR R 161 23.26 81.20 15.34
CA THR R 161 22.67 80.20 14.48
C THR R 161 23.55 78.95 14.48
N SER R 162 23.03 77.89 13.90
CA SER R 162 23.78 76.65 13.68
C SER R 162 24.16 76.59 12.21
N VAL R 163 25.45 76.44 11.94
CA VAL R 163 25.97 76.43 10.58
C VAL R 163 26.39 75.02 10.21
N GLN R 164 26.33 74.72 8.92
CA GLN R 164 26.75 73.43 8.40
C GLN R 164 27.22 73.60 6.97
N TRP R 165 28.35 72.97 6.64
CA TRP R 165 28.95 73.12 5.32
C TRP R 165 29.24 71.74 4.73
N SER R 166 29.28 71.69 3.40
CA SER R 166 29.58 70.46 2.69
C SER R 166 31.09 70.32 2.51
N SER R 167 31.49 69.27 1.81
CA SER R 167 32.90 68.95 1.63
C SER R 167 33.58 69.80 0.57
N GLY R 168 32.94 70.86 0.09
CA GLY R 168 33.56 71.70 -0.91
C GLY R 168 33.00 73.12 -0.90
N THR R 169 32.70 73.61 0.30
CA THR R 169 32.07 74.91 0.46
C THR R 169 33.14 75.99 0.56
N TRP R 170 32.97 77.07 -0.20
CA TRP R 170 33.91 78.19 -0.18
C TRP R 170 33.13 79.47 -0.39
N MET R 171 33.50 80.50 0.37
CA MET R 171 32.73 81.74 0.40
C MET R 171 33.65 82.90 0.69
N VAL R 172 33.19 84.10 0.34
CA VAL R 172 33.88 85.35 0.64
C VAL R 172 33.13 86.05 1.77
N GLU R 173 33.85 86.41 2.82
CA GLU R 173 33.25 86.88 4.06
C GLU R 173 33.76 88.27 4.41
N TYR R 174 32.84 89.11 4.87
CA TYR R 174 33.13 90.47 5.32
C TYR R 174 32.47 90.70 6.67
N GLY R 175 33.22 91.23 7.62
CA GLY R 175 32.72 91.43 8.97
C GLY R 175 32.88 92.87 9.42
N ARG R 176 31.86 93.36 10.13
CA ARG R 176 31.83 94.71 10.68
C ARG R 176 31.46 94.66 12.16
N GLY R 177 32.09 95.51 12.95
CA GLY R 177 31.73 95.62 14.36
C GLY R 177 32.96 95.66 15.22
N PHE R 178 32.79 95.28 16.48
CA PHE R 178 33.89 95.25 17.45
C PHE R 178 34.66 93.96 17.24
N ILE R 179 35.69 94.04 16.39
CA ILE R 179 36.42 92.83 15.99
C ILE R 179 37.13 92.15 17.15
N PRO R 180 37.83 92.85 18.05
CA PRO R 180 38.56 92.14 19.12
C PRO R 180 37.72 91.19 19.95
N SER R 181 36.40 91.43 20.09
CA SER R 181 35.57 90.53 20.88
C SER R 181 35.42 89.18 20.22
N THR R 182 35.45 89.13 18.89
CA THR R 182 35.19 87.88 18.18
C THR R 182 36.34 86.90 18.31
N CYS R 183 37.57 87.39 18.55
CA CYS R 183 38.71 86.49 18.62
C CYS R 183 38.63 85.53 19.81
N ALA R 184 37.87 85.88 20.85
CA ALA R 184 37.68 84.95 21.95
C ALA R 184 36.96 83.70 21.48
N PHE R 185 35.93 83.85 20.65
CA PHE R 185 35.21 82.69 20.13
C PHE R 185 36.02 81.96 19.07
N ALA R 186 36.77 82.70 18.26
CA ALA R 186 37.53 82.09 17.17
C ALA R 186 38.66 81.19 17.66
N LEU R 187 39.05 81.31 18.92
CA LEU R 187 40.18 80.57 19.46
C LEU R 187 39.80 79.63 20.58
N ALA R 188 38.51 79.44 20.84
CA ALA R 188 38.08 78.56 21.94
C ALA R 188 38.43 77.11 21.65
N ASP R 189 38.05 76.60 20.48
CA ASP R 189 38.35 75.21 20.13
C ASP R 189 39.85 74.99 19.95
N THR R 190 40.58 76.02 19.51
CA THR R 190 42.02 75.90 19.37
C THR R 190 42.72 75.77 20.72
N ILE R 191 42.09 76.23 21.79
CA ILE R 191 42.66 76.15 23.13
C ILE R 191 42.20 74.92 23.89
N PHE R 192 40.89 74.63 23.87
CA PHE R 192 40.31 73.59 24.70
C PHE R 192 40.02 72.30 23.96
N SER R 193 40.27 72.23 22.66
CA SER R 193 39.97 71.03 21.91
C SER R 193 41.15 70.56 21.07
N THR R 194 41.54 71.37 20.09
CA THR R 194 42.60 70.96 19.16
C THR R 194 43.98 71.13 19.78
N GLN R 195 44.18 72.16 20.58
CA GLN R 195 45.48 72.47 21.18
C GLN R 195 46.57 72.58 20.12
N ASP R 196 46.20 73.12 18.96
CA ASP R 196 47.13 73.37 17.86
C ASP R 196 47.66 74.80 17.99
N PHE R 197 48.66 74.96 18.86
CA PHE R 197 49.20 76.29 19.12
C PHE R 197 49.90 76.89 17.92
N LEU R 198 50.36 76.06 16.97
CA LEU R 198 50.93 76.61 15.74
C LEU R 198 49.85 77.30 14.91
N THR R 199 48.64 76.74 14.89
CA THR R 199 47.52 77.41 14.22
C THR R 199 47.14 78.69 14.94
N LEU R 200 47.20 78.69 16.28
CA LEU R 200 47.00 79.92 17.02
C LEU R 200 48.06 80.96 16.66
N PHE R 201 49.32 80.53 16.54
CA PHE R 201 50.38 81.43 16.14
C PHE R 201 50.14 82.00 14.74
N TYR R 202 49.73 81.15 13.80
CA TYR R 202 49.43 81.62 12.45
C TYR R 202 48.31 82.65 12.45
N THR R 203 47.26 82.41 13.25
CA THR R 203 46.13 83.34 13.28
C THR R 203 46.56 84.69 13.82
N VAL R 204 47.30 84.70 14.93
CA VAL R 204 47.82 85.96 15.46
C VAL R 204 48.78 86.60 14.47
N LYS R 205 49.54 85.79 13.73
CA LYS R 205 50.51 86.33 12.79
C LYS R 205 49.83 87.08 11.66
N VAL R 206 48.88 86.45 10.98
CA VAL R 206 48.22 87.10 9.85
C VAL R 206 47.38 88.28 10.32
N CYS R 207 46.81 88.18 11.53
CA CYS R 207 46.06 89.30 12.09
C CYS R 207 46.99 90.47 12.39
N SER R 208 48.19 90.19 12.92
CA SER R 208 49.16 91.24 13.19
C SER R 208 49.64 91.91 11.90
N LYS R 209 49.86 91.11 10.86
CA LYS R 209 50.31 91.69 9.58
C LYS R 209 49.25 92.60 8.99
N ALA R 210 47.98 92.20 9.07
CA ALA R 210 46.90 93.03 8.55
C ALA R 210 46.75 94.32 9.35
N LEU R 211 46.87 94.25 10.67
CA LEU R 211 46.76 95.45 11.50
C LEU R 211 47.91 96.41 11.21
N LEU R 212 49.13 95.89 11.05
CA LEU R 212 50.27 96.76 10.75
C LEU R 212 50.18 97.35 9.35
N LEU R 213 49.60 96.62 8.41
CA LEU R 213 49.38 97.17 7.07
C LEU R 213 48.41 98.34 7.12
N GLU R 214 47.30 98.19 7.84
CA GLU R 214 46.34 99.27 7.96
C GLU R 214 46.93 100.46 8.73
N ALA R 215 47.73 100.19 9.76
CA ALA R 215 48.36 101.28 10.50
C ALA R 215 49.38 102.02 9.63
N SER R 216 50.16 101.28 8.84
CA SER R 216 51.13 101.91 7.95
C SER R 216 50.44 102.73 6.86
N THR R 217 49.30 102.24 6.35
CA THR R 217 48.56 103.01 5.36
C THR R 217 48.00 104.30 5.95
N HIS R 218 47.55 104.25 7.20
CA HIS R 218 47.10 105.46 7.88
C HIS R 218 48.24 106.43 8.13
N LEU R 219 49.43 105.91 8.44
CA LEU R 219 50.57 106.78 8.69
C LEU R 219 50.98 107.52 7.42
N SER R 220 50.93 106.84 6.28
CA SER R 220 51.28 107.48 5.01
C SER R 220 50.26 108.54 4.61
N GLN R 221 49.08 108.53 5.21
CA GLN R 221 48.05 109.52 4.91
C GLN R 221 47.95 110.56 6.02
N ALA S 13 9.90 -40.14 36.00
CA ALA S 13 10.73 -41.32 36.06
C ALA S 13 10.10 -42.47 35.29
N VAL S 14 8.82 -42.74 35.57
CA VAL S 14 8.12 -43.82 34.87
C VAL S 14 7.94 -43.48 33.40
N LEU S 15 7.74 -42.20 33.08
CA LEU S 15 7.63 -41.81 31.68
C LEU S 15 8.96 -41.97 30.94
N VAL S 16 10.08 -41.92 31.66
CA VAL S 16 11.38 -42.15 31.02
C VAL S 16 11.56 -43.63 30.70
N VAL S 17 11.02 -44.52 31.53
CA VAL S 17 11.07 -45.95 31.22
C VAL S 17 10.26 -46.23 29.95
N ALA S 18 9.05 -45.67 29.87
CA ALA S 18 8.24 -45.85 28.67
C ALA S 18 8.85 -45.15 27.48
N GLY S 19 9.51 -44.01 27.70
CA GLY S 19 10.12 -43.28 26.60
C GLY S 19 11.27 -44.04 25.97
N LEU S 20 12.14 -44.62 26.79
CA LEU S 20 13.25 -45.40 26.26
C LEU S 20 12.75 -46.67 25.58
N ALA S 21 11.73 -47.31 26.14
CA ALA S 21 11.20 -48.53 25.53
C ALA S 21 10.49 -48.22 24.21
N VAL S 22 9.75 -47.12 24.16
CA VAL S 22 9.05 -46.76 22.93
C VAL S 22 10.04 -46.24 21.88
N LEU S 23 11.05 -45.48 22.31
CA LEU S 23 12.04 -44.98 21.37
C LEU S 23 12.83 -46.12 20.74
N LEU S 24 13.19 -47.13 21.54
CA LEU S 24 13.89 -48.29 20.99
C LEU S 24 12.98 -49.09 20.06
N GLN S 25 11.70 -49.24 20.42
CA GLN S 25 10.77 -49.91 19.53
C GLN S 25 10.60 -49.14 18.23
N LEU S 26 10.59 -47.81 18.31
CA LEU S 26 10.44 -46.99 17.12
C LEU S 26 11.69 -47.06 16.24
N ILE S 27 12.87 -46.93 16.84
CA ILE S 27 14.11 -46.96 16.07
C ILE S 27 14.34 -48.35 15.50
N ARG S 28 14.17 -49.38 16.32
CA ARG S 28 14.34 -50.74 15.81
C ARG S 28 13.25 -51.10 14.81
N GLY S 29 12.08 -50.47 14.92
CA GLY S 29 11.04 -50.71 13.93
C GLY S 29 11.39 -50.11 12.58
N TRP S 30 12.01 -48.94 12.57
CA TRP S 30 12.51 -48.38 11.32
C TRP S 30 13.60 -49.26 10.73
N LEU S 31 14.53 -49.74 11.58
CA LEU S 31 15.60 -50.59 11.09
C LEU S 31 15.08 -51.94 10.60
N SER S 32 13.94 -52.39 11.11
CA SER S 32 13.36 -53.66 10.69
C SER S 32 12.50 -53.56 9.44
N SER S 33 12.12 -52.35 9.03
CA SER S 33 11.25 -52.15 7.88
C SER S 33 11.88 -51.24 6.82
N LYS S 34 13.18 -50.98 6.90
CA LYS S 34 13.84 -50.03 6.01
C LYS S 34 14.44 -50.74 4.81
N SER S 35 13.83 -50.55 3.64
CA SER S 35 14.44 -50.91 2.36
C SER S 35 15.90 -50.50 2.31
N TYR S 36 16.79 -51.46 2.43
CA TYR S 36 18.23 -51.24 2.36
C TYR S 36 18.75 -51.42 0.94
N VAL S 37 19.97 -50.92 0.72
CA VAL S 37 20.63 -51.02 -0.58
C VAL S 37 21.38 -52.35 -0.67
N PHE S 38 22.30 -52.57 0.27
CA PHE S 38 23.15 -53.76 0.29
C PHE S 38 22.61 -54.78 1.29
N ASN S 39 23.20 -55.99 1.22
CA ASN S 39 22.97 -57.03 2.21
C ASN S 39 24.29 -57.74 2.44
N ARG S 40 24.43 -58.34 3.63
CA ARG S 40 25.72 -58.90 4.04
C ARG S 40 26.15 -60.05 3.15
N GLU S 41 25.20 -60.84 2.63
CA GLU S 41 25.57 -61.95 1.75
C GLU S 41 26.15 -61.45 0.43
N GLU S 42 25.60 -60.35 -0.10
CA GLU S 42 26.10 -59.80 -1.36
C GLU S 42 27.55 -59.38 -1.24
N ILE S 43 27.88 -58.59 -0.22
CA ILE S 43 29.25 -58.13 -0.03
C ILE S 43 30.18 -59.31 0.27
N ALA S 44 29.69 -60.27 1.06
CA ALA S 44 30.52 -61.42 1.41
C ALA S 44 30.88 -62.24 0.18
N ARG S 45 29.89 -62.51 -0.67
CA ARG S 45 30.15 -63.30 -1.87
C ARG S 45 31.06 -62.55 -2.84
N LEU S 46 30.79 -61.26 -3.06
CA LEU S 46 31.61 -60.48 -3.98
C LEU S 46 33.07 -60.42 -3.52
N ALA S 47 33.30 -60.40 -2.21
CA ALA S 47 34.66 -60.40 -1.70
C ALA S 47 35.28 -61.79 -1.75
N LYS S 48 34.48 -62.82 -1.50
CA LYS S 48 35.03 -64.18 -1.49
C LYS S 48 35.39 -64.66 -2.89
N GLU S 49 34.78 -64.10 -3.94
CA GLU S 49 35.15 -64.49 -5.30
C GLU S 49 36.61 -64.17 -5.59
N HIS S 50 37.10 -63.06 -5.04
CA HIS S 50 38.45 -62.59 -5.33
C HIS S 50 39.45 -62.91 -4.24
N SER S 51 39.04 -63.64 -3.20
CA SER S 51 39.99 -64.12 -2.21
C SER S 51 40.94 -65.13 -2.84
N GLY S 52 42.17 -65.14 -2.33
CA GLY S 52 43.22 -65.94 -2.93
C GLY S 52 43.98 -65.27 -4.05
N LEU S 53 43.68 -64.01 -4.34
CA LEU S 53 44.40 -63.18 -5.29
C LEU S 53 45.09 -62.05 -4.54
N ASP S 54 45.89 -61.29 -5.26
CA ASP S 54 46.52 -60.12 -4.64
C ASP S 54 45.43 -59.17 -4.16
N TYR S 55 45.53 -58.75 -2.90
CA TYR S 55 44.44 -57.99 -2.29
C TYR S 55 44.24 -56.63 -2.95
N GLU S 56 45.29 -56.06 -3.55
CA GLU S 56 45.10 -54.79 -4.26
C GLU S 56 44.25 -54.98 -5.51
N VAL S 57 44.53 -56.01 -6.30
CA VAL S 57 43.70 -56.30 -7.47
C VAL S 57 42.29 -56.66 -7.03
N ALA S 58 42.16 -57.39 -5.92
CA ALA S 58 40.84 -57.73 -5.40
C ALA S 58 40.07 -56.47 -5.02
N PHE S 59 40.76 -55.51 -4.40
CA PHE S 59 40.12 -54.22 -4.09
C PHE S 59 39.56 -53.57 -5.35
N SER S 60 40.36 -53.51 -6.41
CA SER S 60 39.94 -52.83 -7.63
C SER S 60 38.74 -53.52 -8.27
N LYS S 61 38.78 -54.85 -8.38
CA LYS S 61 37.68 -55.59 -8.99
C LYS S 61 36.41 -55.46 -8.17
N ILE S 62 36.52 -55.46 -6.84
CA ILE S 62 35.34 -55.33 -5.99
C ILE S 62 34.73 -53.94 -6.13
N ILE S 63 35.58 -52.90 -6.21
CA ILE S 63 35.07 -51.54 -6.38
C ILE S 63 34.37 -51.40 -7.72
N VAL S 64 34.93 -52.01 -8.78
CA VAL S 64 34.30 -51.94 -10.09
C VAL S 64 32.94 -52.63 -10.07
N GLU S 65 32.86 -53.81 -9.43
CA GLU S 65 31.60 -54.53 -9.35
C GLU S 65 30.56 -53.77 -8.54
N LEU S 66 30.99 -53.12 -7.46
CA LEU S 66 30.05 -52.36 -6.63
C LEU S 66 29.50 -51.15 -7.37
N ARG S 67 30.35 -50.43 -8.10
CA ARG S 67 29.88 -49.29 -8.88
C ARG S 67 29.03 -49.71 -10.07
N LYS S 68 29.20 -50.94 -10.57
CA LYS S 68 28.37 -51.42 -11.66
C LYS S 68 26.97 -51.77 -11.18
N LYS S 69 26.88 -52.62 -10.15
CA LYS S 69 25.58 -53.09 -9.68
C LYS S 69 24.85 -52.09 -8.81
N HIS S 70 25.55 -51.09 -8.28
CA HIS S 70 24.95 -50.06 -7.44
C HIS S 70 25.50 -48.70 -7.81
N PRO S 71 25.03 -48.13 -8.92
CA PRO S 71 25.49 -46.80 -9.32
C PRO S 71 24.92 -45.73 -8.40
N GLY S 72 25.70 -44.67 -8.20
CA GLY S 72 25.28 -43.58 -7.35
C GLY S 72 25.32 -43.87 -5.87
N HIS S 73 25.88 -45.02 -5.45
CA HIS S 73 25.97 -45.35 -4.04
C HIS S 73 27.39 -45.56 -3.55
N ILE S 74 28.38 -45.59 -4.43
CA ILE S 74 29.78 -45.79 -4.05
C ILE S 74 30.56 -44.54 -4.45
N LEU S 75 31.41 -44.06 -3.55
CA LEU S 75 32.21 -42.88 -3.82
C LEU S 75 33.11 -43.10 -5.03
N GLN S 76 33.42 -42.02 -5.73
CA GLN S 76 34.30 -42.08 -6.89
C GLN S 76 35.76 -42.17 -6.44
N ASP S 77 36.64 -42.47 -7.41
CA ASP S 77 38.06 -42.57 -7.11
C ASP S 77 38.64 -41.26 -6.61
N GLU S 78 38.03 -40.13 -6.96
CA GLU S 78 38.49 -38.84 -6.48
C GLU S 78 38.34 -38.71 -4.97
N ASP S 79 37.33 -39.37 -4.40
CA ASP S 79 37.01 -39.24 -2.98
C ASP S 79 37.51 -40.43 -2.16
N LEU S 80 38.40 -41.24 -2.70
CA LEU S 80 38.93 -42.40 -1.99
C LEU S 80 40.33 -42.11 -1.46
N GLN S 81 40.58 -42.46 -0.20
CA GLN S 81 41.89 -42.35 0.41
C GLN S 81 41.93 -43.24 1.64
N TRP S 82 43.09 -43.83 1.90
CA TRP S 82 43.28 -44.68 3.08
C TRP S 82 43.41 -43.81 4.32
N VAL S 83 42.52 -44.00 5.29
CA VAL S 83 42.52 -43.25 6.54
C VAL S 83 42.77 -44.21 7.69
N PHE S 84 43.67 -43.81 8.59
CA PHE S 84 43.96 -44.61 9.77
C PHE S 84 42.75 -44.69 10.71
N VAL S 85 42.66 -45.81 11.42
CA VAL S 85 41.58 -46.06 12.37
C VAL S 85 42.21 -46.62 13.63
N ASN S 86 42.13 -45.89 14.73
CA ASN S 86 42.61 -46.34 16.03
C ASN S 86 41.41 -46.50 16.96
N ALA S 87 41.21 -47.72 17.47
CA ALA S 87 40.07 -48.01 18.32
C ALA S 87 40.35 -49.27 19.13
N GLY S 88 39.91 -49.27 20.38
CA GLY S 88 39.95 -50.45 21.22
C GLY S 88 41.33 -51.02 21.49
N GLY S 89 42.38 -50.30 21.13
CA GLY S 89 43.74 -50.76 21.32
C GLY S 89 44.40 -51.32 20.10
N TRP S 90 43.70 -51.38 18.97
CA TRP S 90 44.26 -51.82 17.71
C TRP S 90 44.32 -50.66 16.73
N MET S 91 45.11 -50.84 15.68
CA MET S 91 45.32 -49.80 14.67
C MET S 91 45.29 -50.42 13.28
N GLY S 92 44.47 -49.86 12.41
CA GLY S 92 44.42 -50.29 11.02
C GLY S 92 44.15 -49.12 10.10
N SER S 93 43.66 -49.41 8.90
CA SER S 93 43.32 -48.36 7.94
C SER S 93 42.08 -48.79 7.17
N MET S 94 41.30 -47.79 6.73
CA MET S 94 40.06 -48.04 6.02
C MET S 94 40.03 -47.24 4.74
N CYS S 95 39.24 -47.74 3.78
CA CYS S 95 38.93 -47.02 2.55
C CYS S 95 37.41 -47.05 2.41
N LEU S 96 36.77 -45.92 2.69
CA LEU S 96 35.31 -45.88 2.73
C LEU S 96 34.74 -45.81 1.32
N LEU S 97 34.01 -46.84 0.91
CA LEU S 97 33.35 -46.87 -0.39
C LEU S 97 31.94 -46.32 -0.32
N HIS S 98 31.17 -46.73 0.69
CA HIS S 98 29.80 -46.29 0.87
C HIS S 98 29.50 -46.14 2.35
N ALA S 99 28.68 -45.15 2.69
CA ALA S 99 28.28 -44.93 4.08
C ALA S 99 26.98 -44.15 4.10
N SER S 100 26.03 -44.62 4.90
CA SER S 100 24.76 -43.93 5.09
C SER S 100 24.46 -43.91 6.59
N LEU S 101 23.21 -43.63 6.94
CA LEU S 101 22.83 -43.61 8.35
C LEU S 101 22.56 -45.02 8.89
N THR S 102 22.38 -46.01 8.01
CA THR S 102 22.11 -47.37 8.43
C THR S 102 23.05 -48.41 7.84
N GLU S 103 23.79 -48.08 6.78
CA GLU S 103 24.70 -49.02 6.14
C GLU S 103 26.04 -48.35 5.92
N TYR S 104 27.09 -49.17 5.80
CA TYR S 104 28.38 -48.67 5.35
C TYR S 104 29.19 -49.82 4.76
N VAL S 105 29.93 -49.50 3.71
CA VAL S 105 30.82 -50.46 3.04
C VAL S 105 32.19 -49.84 2.96
N LEU S 106 33.22 -50.61 3.33
CA LEU S 106 34.59 -50.12 3.25
C LEU S 106 35.53 -51.30 3.11
N LEU S 107 36.79 -50.97 2.79
CA LEU S 107 37.87 -51.94 2.72
C LEU S 107 38.78 -51.68 3.92
N PHE S 108 38.83 -52.64 4.84
CA PHE S 108 39.61 -52.51 6.07
C PHE S 108 40.78 -53.48 6.06
N GLY S 109 41.80 -53.13 6.82
CA GLY S 109 42.93 -54.03 7.01
C GLY S 109 44.09 -53.28 7.62
N THR S 110 45.12 -54.05 7.97
CA THR S 110 46.33 -53.50 8.56
C THR S 110 47.55 -54.20 7.98
N ALA S 111 48.64 -53.46 7.86
CA ALA S 111 49.93 -54.01 7.44
C ALA S 111 50.89 -54.21 8.60
N VAL S 112 50.39 -54.10 9.83
CA VAL S 112 51.17 -54.36 11.03
C VAL S 112 50.37 -55.28 11.93
N ASP S 113 51.05 -55.84 12.93
CA ASP S 113 50.43 -56.75 13.89
C ASP S 113 49.77 -55.93 15.00
N THR S 114 48.44 -55.92 15.03
CA THR S 114 47.69 -55.19 16.04
C THR S 114 46.54 -56.05 16.53
N GLY S 115 45.86 -55.56 17.56
CA GLY S 115 44.73 -56.27 18.12
C GLY S 115 44.17 -55.64 19.38
N GLY S 116 42.91 -55.91 19.68
CA GLY S 116 42.30 -55.37 20.87
C GLY S 116 40.81 -55.63 20.91
N HIS S 117 40.07 -54.68 21.49
CA HIS S 117 38.64 -54.82 21.65
C HIS S 117 37.91 -54.45 20.37
N SER S 118 37.02 -55.33 19.92
CA SER S 118 36.28 -55.07 18.69
C SER S 118 35.25 -53.95 18.86
N GLY S 119 34.79 -53.71 20.08
CA GLY S 119 33.79 -52.68 20.31
C GLY S 119 32.39 -53.25 20.31
N ARG S 120 31.57 -52.81 21.27
CA ARG S 120 30.19 -53.24 21.41
C ARG S 120 29.29 -52.09 21.00
N TYR S 121 28.58 -52.25 19.88
CA TYR S 121 27.76 -51.17 19.32
C TYR S 121 26.48 -51.76 18.72
N TRP S 122 25.60 -50.85 18.29
CA TRP S 122 24.29 -51.23 17.75
C TRP S 122 24.38 -51.36 16.23
N ALA S 123 25.16 -52.35 15.80
CA ALA S 123 25.35 -52.57 14.37
C ALA S 123 25.87 -53.98 14.15
N GLU S 124 25.29 -54.66 13.15
CA GLU S 124 25.77 -55.96 12.73
C GLU S 124 26.79 -55.77 11.62
N ILE S 125 27.99 -56.33 11.82
CA ILE S 125 29.11 -56.10 10.92
C ILE S 125 29.59 -57.45 10.38
N SER S 126 29.87 -57.49 9.08
CA SER S 126 30.37 -58.68 8.41
C SER S 126 31.68 -58.33 7.70
N ASP S 127 32.71 -59.10 7.96
CA ASP S 127 34.04 -58.91 7.36
C ASP S 127 34.43 -60.16 6.61
N THR S 128 34.75 -60.01 5.33
CA THR S 128 35.24 -61.11 4.50
C THR S 128 36.72 -60.91 4.26
N ILE S 129 37.54 -61.80 4.82
CA ILE S 129 38.98 -61.66 4.75
C ILE S 129 39.46 -61.97 3.33
N LEU S 130 40.17 -61.02 2.73
CA LEU S 130 40.78 -61.21 1.42
C LEU S 130 42.18 -61.81 1.52
N SER S 131 42.93 -61.43 2.55
CA SER S 131 44.27 -61.97 2.79
C SER S 131 44.60 -61.80 4.26
N GLY S 132 45.54 -62.60 4.73
CA GLY S 132 45.99 -62.54 6.11
C GLY S 132 45.28 -63.53 6.99
N THR S 133 45.25 -63.21 8.28
CA THR S 133 44.58 -64.03 9.27
C THR S 133 43.77 -63.14 10.21
N PHE S 134 42.77 -63.74 10.83
CA PHE S 134 41.88 -63.03 11.75
C PHE S 134 41.70 -63.92 12.97
N ARG S 135 42.24 -63.51 14.11
CA ARG S 135 42.00 -64.22 15.36
C ARG S 135 40.84 -63.54 16.09
N GLN S 136 39.80 -64.32 16.39
CA GLN S 136 38.63 -63.83 17.10
C GLN S 136 38.50 -64.57 18.41
N TRP S 137 38.26 -63.83 19.48
CA TRP S 137 38.10 -64.39 20.83
C TRP S 137 36.72 -63.96 21.33
N LYS S 138 35.76 -64.87 21.26
CA LYS S 138 34.38 -64.55 21.61
C LYS S 138 34.24 -64.39 23.13
N GLU S 139 33.20 -63.65 23.53
CA GLU S 139 32.98 -63.36 24.94
C GLU S 139 32.52 -64.60 25.68
N GLY S 140 33.03 -64.78 26.89
CA GLY S 140 32.61 -65.88 27.73
C GLY S 140 33.29 -67.21 27.46
N THR S 141 34.31 -67.24 26.61
CA THR S 141 35.04 -68.46 26.31
C THR S 141 36.50 -68.32 26.73
N THR S 142 37.22 -69.44 26.68
CA THR S 142 38.63 -69.47 27.01
C THR S 142 39.49 -69.83 25.80
N LYS S 143 38.89 -69.98 24.63
CA LYS S 143 39.62 -70.32 23.42
C LYS S 143 39.20 -69.38 22.30
N SER S 144 40.14 -69.13 21.39
CA SER S 144 39.92 -68.27 20.25
C SER S 144 40.01 -69.07 18.96
N GLU S 145 39.43 -68.52 17.90
CA GLU S 145 39.43 -69.14 16.58
C GLU S 145 40.17 -68.24 15.60
N ILE S 146 40.83 -68.87 14.62
CA ILE S 146 41.60 -68.17 13.60
C ILE S 146 40.92 -68.34 12.26
N PHE S 147 40.66 -67.22 11.58
CA PHE S 147 40.00 -67.22 10.29
C PHE S 147 40.99 -66.81 9.20
N TYR S 148 40.84 -67.40 8.02
CA TYR S 148 41.79 -67.31 6.93
C TYR S 148 41.12 -66.66 5.71
N PRO S 149 41.86 -66.34 4.64
CA PRO S 149 41.23 -65.71 3.48
C PRO S 149 40.07 -66.53 2.95
N GLY S 150 38.98 -65.84 2.62
CA GLY S 150 37.76 -66.47 2.19
C GLY S 150 36.68 -66.53 3.26
N ASP S 151 37.06 -66.57 4.52
CA ASP S 151 36.08 -66.63 5.60
C ASP S 151 35.37 -65.29 5.77
N THR S 152 34.17 -65.35 6.34
CA THR S 152 33.36 -64.17 6.61
C THR S 152 32.91 -64.24 8.05
N ILE S 153 33.20 -63.19 8.81
CA ILE S 153 32.91 -63.14 10.24
C ILE S 153 31.81 -62.11 10.47
N VAL S 154 30.79 -62.50 11.24
CA VAL S 154 29.64 -61.66 11.51
C VAL S 154 29.70 -61.25 12.98
N HIS S 155 29.97 -59.97 13.21
CA HIS S 155 29.93 -59.38 14.54
C HIS S 155 28.50 -58.89 14.75
N GLU S 156 27.72 -59.64 15.52
CA GLU S 156 26.31 -59.40 15.68
C GLU S 156 26.06 -58.21 16.62
N VAL S 157 24.78 -57.81 16.70
CA VAL S 157 24.41 -56.68 17.53
C VAL S 157 24.60 -57.03 18.99
N GLY S 158 25.23 -56.12 19.74
CA GLY S 158 25.49 -56.33 21.15
C GLY S 158 26.64 -57.25 21.47
N GLU S 159 27.25 -57.89 20.47
CA GLU S 159 28.36 -58.80 20.73
C GLU S 159 29.66 -58.02 20.90
N ALA S 160 30.52 -58.53 21.78
CA ALA S 160 31.84 -57.97 22.01
C ALA S 160 32.87 -59.09 21.97
N THR S 161 33.84 -58.97 21.07
CA THR S 161 34.90 -59.96 20.92
C THR S 161 36.26 -59.26 20.93
N SER S 162 37.31 -60.07 21.02
CA SER S 162 38.69 -59.60 20.93
C SER S 162 39.24 -59.96 19.55
N VAL S 163 39.74 -58.95 18.84
CA VAL S 163 40.24 -59.15 17.48
C VAL S 163 41.76 -59.04 17.47
N GLN S 164 42.37 -59.73 16.52
CA GLN S 164 43.81 -59.68 16.31
C GLN S 164 44.08 -59.97 14.84
N TRP S 165 44.98 -59.20 14.24
CA TRP S 165 45.27 -59.32 12.81
C TRP S 165 46.77 -59.49 12.60
N SER S 166 47.11 -60.12 11.47
CA SER S 166 48.49 -60.35 11.10
C SER S 166 49.06 -59.16 10.34
N SER S 167 50.31 -59.30 9.89
CA SER S 167 51.05 -58.24 9.23
C SER S 167 50.65 -58.06 7.75
N GLY S 168 49.58 -58.68 7.30
CA GLY S 168 49.15 -58.52 5.92
C GLY S 168 47.68 -58.81 5.72
N THR S 169 46.86 -58.48 6.71
CA THR S 169 45.45 -58.82 6.71
C THR S 169 44.63 -57.71 6.05
N TRP S 170 43.75 -58.08 5.13
CA TRP S 170 42.89 -57.14 4.44
C TRP S 170 41.53 -57.78 4.18
N MET S 171 40.47 -57.00 4.36
CA MET S 171 39.12 -57.54 4.32
C MET S 171 38.15 -56.49 3.80
N VAL S 172 37.00 -56.96 3.33
CA VAL S 172 35.90 -56.11 2.91
C VAL S 172 34.83 -56.18 3.97
N GLU S 173 34.40 -55.02 4.46
CA GLU S 173 33.53 -54.94 5.61
C GLU S 173 32.24 -54.20 5.27
N TYR S 174 31.12 -54.75 5.75
CA TYR S 174 29.80 -54.16 5.57
C TYR S 174 29.08 -54.15 6.91
N GLY S 175 28.50 -53.01 7.26
CA GLY S 175 27.85 -52.85 8.55
C GLY S 175 26.40 -52.42 8.40
N ARG S 176 25.53 -52.98 9.23
CA ARG S 176 24.11 -52.67 9.24
C ARG S 176 23.69 -52.33 10.66
N GLY S 177 22.81 -51.34 10.79
CA GLY S 177 22.29 -50.96 12.08
C GLY S 177 22.29 -49.47 12.29
N PHE S 178 22.34 -49.02 13.55
CA PHE S 178 22.39 -47.60 13.87
C PHE S 178 23.84 -47.13 13.76
N ILE S 179 24.19 -46.65 12.56
CA ILE S 179 25.59 -46.32 12.27
C ILE S 179 26.14 -45.19 13.15
N PRO S 180 25.42 -44.08 13.36
CA PRO S 180 26.01 -42.98 14.14
C PRO S 180 26.53 -43.40 15.51
N SER S 181 25.96 -44.45 16.12
CA SER S 181 26.40 -44.86 17.45
C SER S 181 27.82 -45.42 17.42
N THR S 182 28.21 -46.03 16.30
CA THR S 182 29.50 -46.71 16.26
C THR S 182 30.67 -45.72 16.20
N CYS S 183 30.45 -44.51 15.67
CA CYS S 183 31.55 -43.57 15.52
C CYS S 183 32.13 -43.11 16.86
N ALA S 184 31.37 -43.21 17.95
CA ALA S 184 31.91 -42.88 19.26
C ALA S 184 33.08 -43.79 19.62
N PHE S 185 32.94 -45.09 19.37
CA PHE S 185 34.02 -46.02 19.66
C PHE S 185 35.16 -45.89 18.65
N ALA S 186 34.82 -45.60 17.39
CA ALA S 186 35.83 -45.51 16.33
C ALA S 186 36.76 -44.31 16.51
N LEU S 187 36.37 -43.33 17.32
CA LEU S 187 37.15 -42.12 17.52
C LEU S 187 37.61 -41.96 18.97
N ALA S 188 37.42 -42.99 19.79
CA ALA S 188 37.83 -42.91 21.18
C ALA S 188 39.34 -42.87 21.31
N ASP S 189 40.03 -43.82 20.68
CA ASP S 189 41.48 -43.85 20.75
C ASP S 189 42.13 -42.66 20.05
N THR S 190 41.49 -42.14 19.00
CA THR S 190 42.02 -40.96 18.32
C THR S 190 41.96 -39.71 19.19
N ILE S 191 41.12 -39.71 20.22
CA ILE S 191 41.00 -38.56 21.11
C ILE S 191 41.89 -38.70 22.34
N PHE S 192 41.89 -39.87 22.98
CA PHE S 192 42.56 -40.03 24.27
C PHE S 192 43.90 -40.75 24.17
N SER S 193 44.32 -41.17 22.99
CA SER S 193 45.57 -41.90 22.86
C SER S 193 46.46 -41.32 21.77
N THR S 194 45.99 -41.38 20.52
CA THR S 194 46.82 -40.92 19.41
C THR S 194 46.82 -39.40 19.29
N GLN S 195 45.67 -38.78 19.57
CA GLN S 195 45.50 -37.33 19.39
C GLN S 195 45.87 -36.90 17.97
N ASP S 196 45.54 -37.77 17.01
CA ASP S 196 45.76 -37.50 15.59
C ASP S 196 44.49 -36.86 15.03
N PHE S 197 44.35 -35.56 15.30
CA PHE S 197 43.15 -34.84 14.89
C PHE S 197 43.05 -34.69 13.38
N LEU S 198 44.18 -34.77 12.67
CA LEU S 198 44.12 -34.74 11.21
C LEU S 198 43.45 -35.99 10.67
N THR S 199 43.72 -37.15 11.29
CA THR S 199 43.02 -38.37 10.90
C THR S 199 41.55 -38.29 11.26
N LEU S 200 41.23 -37.67 12.40
CA LEU S 200 39.83 -37.44 12.75
C LEU S 200 39.16 -36.58 11.68
N PHE S 201 39.85 -35.56 11.18
CA PHE S 201 39.30 -34.76 10.09
C PHE S 201 39.08 -35.61 8.85
N TYR S 202 40.03 -36.49 8.53
CA TYR S 202 39.89 -37.36 7.36
C TYR S 202 38.67 -38.27 7.50
N THR S 203 38.47 -38.84 8.69
CA THR S 203 37.32 -39.72 8.92
C THR S 203 36.01 -38.94 8.75
N VAL S 204 35.92 -37.76 9.37
CA VAL S 204 34.73 -36.93 9.21
C VAL S 204 34.56 -36.50 7.76
N LYS S 205 35.67 -36.28 7.05
CA LYS S 205 35.59 -35.84 5.66
C LYS S 205 34.99 -36.93 4.78
N VAL S 206 35.56 -38.13 4.82
CA VAL S 206 35.09 -39.21 3.96
C VAL S 206 33.68 -39.65 4.34
N CYS S 207 33.34 -39.58 5.62
CA CYS S 207 31.98 -39.91 6.04
C CYS S 207 30.99 -38.87 5.52
N SER S 208 31.36 -37.59 5.57
CA SER S 208 30.49 -36.54 5.04
C SER S 208 30.33 -36.67 3.53
N LYS S 209 31.40 -37.02 2.83
CA LYS S 209 31.30 -37.18 1.38
C LYS S 209 30.35 -38.32 1.02
N ALA S 210 30.42 -39.44 1.75
CA ALA S 210 29.52 -40.55 1.49
C ALA S 210 28.08 -40.19 1.82
N LEU S 211 27.86 -39.46 2.91
CA LEU S 211 26.50 -39.05 3.27
C LEU S 211 25.91 -38.09 2.24
N LEU S 212 26.72 -37.15 1.75
CA LEU S 212 26.24 -36.21 0.74
C LEU S 212 26.00 -36.89 -0.60
N LEU S 213 26.83 -37.88 -0.95
CA LEU S 213 26.58 -38.65 -2.17
C LEU S 213 25.27 -39.41 -2.08
N GLU S 214 25.02 -40.06 -0.94
CA GLU S 214 23.76 -40.77 -0.76
C GLU S 214 22.57 -39.81 -0.76
N ALA S 215 22.74 -38.63 -0.17
CA ALA S 215 21.67 -37.64 -0.17
C ALA S 215 21.39 -37.14 -1.58
N SER S 216 22.45 -36.93 -2.37
CA SER S 216 22.27 -36.49 -3.76
C SER S 216 21.57 -37.55 -4.59
N THR S 217 21.90 -38.82 -4.36
CA THR S 217 21.21 -39.90 -5.07
C THR S 217 19.74 -39.97 -4.68
N HIS S 218 19.44 -39.74 -3.39
CA HIS S 218 18.04 -39.72 -2.97
C HIS S 218 17.29 -38.54 -3.57
N LEU S 219 17.96 -37.39 -3.70
CA LEU S 219 17.32 -36.21 -4.29
C LEU S 219 17.00 -36.44 -5.76
N SER S 220 17.91 -37.09 -6.49
CA SER S 220 17.69 -37.35 -7.91
C SER S 220 16.55 -38.33 -8.13
N GLN S 221 16.14 -39.08 -7.12
CA GLN S 221 15.04 -40.02 -7.24
C GLN S 221 13.78 -39.47 -6.57
N LEU T 9 32.20 -14.91 2.51
CA LEU T 9 33.38 -14.14 2.91
C LEU T 9 32.98 -12.72 3.30
N GLY T 10 34.00 -11.87 3.50
CA GLY T 10 33.78 -10.50 3.89
C GLY T 10 33.83 -10.26 5.40
N LEU T 11 33.49 -11.27 6.20
CA LEU T 11 33.57 -11.14 7.65
C LEU T 11 35.00 -11.24 8.16
N ARG T 12 35.97 -11.54 7.29
CA ARG T 12 37.38 -11.61 7.63
C ARG T 12 37.64 -12.54 8.80
N ALA T 13 37.61 -13.85 8.53
CA ALA T 13 38.25 -14.81 9.42
C ALA T 13 39.75 -14.87 9.21
N VAL T 14 40.29 -14.02 8.34
CA VAL T 14 41.73 -13.99 8.08
C VAL T 14 42.47 -13.61 9.36
N LEU T 15 41.94 -12.65 10.12
CA LEU T 15 42.52 -12.34 11.42
C LEU T 15 42.52 -13.55 12.34
N VAL T 16 41.67 -14.53 12.07
CA VAL T 16 41.77 -15.82 12.74
C VAL T 16 42.60 -16.80 11.90
N VAL T 17 42.62 -16.63 10.58
CA VAL T 17 43.32 -17.55 9.69
C VAL T 17 44.75 -17.06 9.46
N ALA T 18 44.90 -15.86 8.91
CA ALA T 18 46.23 -15.29 8.79
C ALA T 18 46.83 -14.93 10.14
N GLY T 19 45.99 -14.70 11.16
CA GLY T 19 46.53 -14.49 12.50
C GLY T 19 47.28 -15.70 13.01
N LEU T 20 46.77 -16.89 12.68
CA LEU T 20 47.51 -18.12 12.95
C LEU T 20 48.56 -18.38 11.87
N ALA T 21 48.34 -17.88 10.64
CA ALA T 21 49.33 -18.06 9.59
C ALA T 21 50.55 -17.17 9.82
N VAL T 22 50.32 -15.91 10.22
CA VAL T 22 51.44 -15.04 10.59
C VAL T 22 52.15 -15.58 11.82
N LEU T 23 51.38 -16.10 12.79
CA LEU T 23 52.00 -16.75 13.95
C LEU T 23 52.83 -17.95 13.51
N LEU T 24 52.35 -18.70 12.52
CA LEU T 24 53.14 -19.80 11.97
C LEU T 24 54.40 -19.29 11.29
N GLN T 25 54.27 -18.24 10.47
CA GLN T 25 55.42 -17.67 9.80
C GLN T 25 56.45 -17.15 10.81
N LEU T 26 55.96 -16.59 11.93
CA LEU T 26 56.87 -16.14 12.98
C LEU T 26 57.53 -17.33 13.67
N ILE T 27 56.73 -18.32 14.06
CA ILE T 27 57.28 -19.48 14.77
C ILE T 27 58.16 -20.31 13.84
N ARG T 28 57.68 -20.58 12.62
CA ARG T 28 58.52 -21.33 11.68
C ARG T 28 59.72 -20.49 11.23
N GLY T 29 59.61 -19.16 11.27
CA GLY T 29 60.76 -18.34 10.96
C GLY T 29 61.84 -18.42 12.02
N TRP T 30 61.43 -18.48 13.29
CA TRP T 30 62.38 -18.73 14.37
C TRP T 30 63.01 -20.10 14.23
N LEU T 31 62.19 -21.12 13.93
CA LEU T 31 62.70 -22.47 13.79
C LEU T 31 63.60 -22.62 12.56
N SER T 32 63.41 -21.78 11.54
CA SER T 32 64.22 -21.83 10.34
C SER T 32 65.50 -21.02 10.45
N SER T 33 65.62 -20.17 11.47
CA SER T 33 66.78 -19.30 11.64
C SER T 33 67.47 -19.50 12.98
N LYS T 34 67.16 -20.58 13.71
CA LYS T 34 67.69 -20.82 15.04
C LYS T 34 68.92 -21.71 14.97
N SER T 35 70.09 -21.11 15.20
CA SER T 35 71.30 -21.88 15.46
C SER T 35 71.04 -23.03 16.43
N TYR T 36 71.02 -24.25 15.92
CA TYR T 36 70.79 -25.46 16.69
C TYR T 36 72.11 -26.05 17.19
N VAL T 37 71.99 -26.95 18.17
CA VAL T 37 73.16 -27.61 18.76
C VAL T 37 73.52 -28.85 17.95
N PHE T 38 72.58 -29.78 17.82
CA PHE T 38 72.80 -31.04 17.14
C PHE T 38 72.26 -30.98 15.71
N ASN T 39 72.57 -32.03 14.95
CA ASN T 39 71.97 -32.26 13.65
C ASN T 39 71.71 -33.74 13.50
N ARG T 40 70.72 -34.08 12.66
CA ARG T 40 70.29 -35.47 12.56
C ARG T 40 71.40 -36.35 11.98
N GLU T 41 72.24 -35.80 11.10
CA GLU T 41 73.31 -36.58 10.52
C GLU T 41 74.37 -36.94 11.56
N GLU T 42 74.67 -36.01 12.47
CA GLU T 42 75.67 -36.27 13.50
C GLU T 42 75.24 -37.41 14.42
N ILE T 43 74.02 -37.33 14.96
CA ILE T 43 73.53 -38.37 15.86
C ILE T 43 73.37 -39.70 15.14
N ALA T 44 72.93 -39.65 13.87
CA ALA T 44 72.75 -40.89 13.11
C ALA T 44 74.09 -41.61 12.91
N ARG T 45 75.15 -40.86 12.58
CA ARG T 45 76.45 -41.48 12.40
C ARG T 45 76.98 -42.03 13.72
N LEU T 46 76.86 -41.26 14.81
CA LEU T 46 77.34 -41.73 16.10
C LEU T 46 76.65 -43.01 16.55
N ALA T 47 75.35 -43.15 16.23
CA ALA T 47 74.65 -44.37 16.59
C ALA T 47 74.97 -45.51 15.64
N LYS T 48 75.17 -45.22 14.36
CA LYS T 48 75.47 -46.28 13.40
C LYS T 48 76.87 -46.84 13.59
N GLU T 49 77.79 -46.05 14.16
CA GLU T 49 79.13 -46.55 14.42
C GLU T 49 79.10 -47.71 15.40
N HIS T 50 78.21 -47.67 16.38
CA HIS T 50 78.10 -48.71 17.39
C HIS T 50 76.97 -49.68 17.11
N SER T 51 76.31 -49.54 15.96
CA SER T 51 75.33 -50.54 15.55
C SER T 51 76.04 -51.86 15.27
N GLY T 52 75.36 -52.96 15.59
CA GLY T 52 75.96 -54.27 15.52
C GLY T 52 76.72 -54.68 16.76
N LEU T 53 76.71 -53.85 17.80
CA LEU T 53 77.33 -54.16 19.09
C LEU T 53 76.24 -54.25 20.16
N ASP T 54 76.66 -54.63 21.36
CA ASP T 54 75.74 -54.67 22.49
C ASP T 54 75.20 -53.27 22.76
N TYR T 55 73.87 -53.17 22.87
CA TYR T 55 73.24 -51.85 22.97
C TYR T 55 73.62 -51.15 24.27
N GLU T 56 73.92 -51.92 25.32
CA GLU T 56 74.35 -51.30 26.57
C GLU T 56 75.72 -50.67 26.41
N VAL T 57 76.66 -51.38 25.77
CA VAL T 57 77.95 -50.80 25.47
C VAL T 57 77.79 -49.65 24.48
N ALA T 58 76.88 -49.80 23.52
CA ALA T 58 76.60 -48.72 22.57
C ALA T 58 76.04 -47.50 23.27
N PHE T 59 75.12 -47.70 24.22
CA PHE T 59 74.59 -46.58 25.00
C PHE T 59 75.71 -45.81 25.71
N SER T 60 76.59 -46.55 26.41
CA SER T 60 77.63 -45.89 27.20
C SER T 60 78.60 -45.12 26.30
N LYS T 61 79.04 -45.74 25.21
CA LYS T 61 79.99 -45.08 24.32
C LYS T 61 79.38 -43.86 23.65
N ILE T 62 78.10 -43.92 23.28
CA ILE T 62 77.44 -42.78 22.66
C ILE T 62 77.28 -41.64 23.66
N ILE T 63 76.94 -41.97 24.91
CA ILE T 63 76.83 -40.94 25.94
C ILE T 63 78.19 -40.27 26.17
N VAL T 64 79.26 -41.05 26.19
CA VAL T 64 80.59 -40.49 26.39
C VAL T 64 80.96 -39.57 25.23
N GLU T 65 80.67 -40.00 23.99
CA GLU T 65 80.99 -39.17 22.83
C GLU T 65 80.18 -37.88 22.81
N LEU T 66 78.90 -37.96 23.22
CA LEU T 66 78.07 -36.75 23.22
C LEU T 66 78.55 -35.76 24.29
N ARG T 67 78.92 -36.24 25.47
CA ARG T 67 79.46 -35.36 26.49
C ARG T 67 80.85 -34.84 26.14
N LYS T 68 81.60 -35.56 25.30
CA LYS T 68 82.90 -35.06 24.88
C LYS T 68 82.75 -33.94 23.85
N LYS T 69 81.99 -34.18 22.79
CA LYS T 69 81.87 -33.20 21.71
C LYS T 69 80.90 -32.07 22.03
N HIS T 70 80.02 -32.24 23.01
CA HIS T 70 79.05 -31.22 23.40
C HIS T 70 78.97 -31.14 24.92
N PRO T 71 79.95 -30.50 25.56
CA PRO T 71 79.91 -30.37 27.01
C PRO T 71 78.83 -29.39 27.44
N GLY T 72 78.25 -29.66 28.62
CA GLY T 72 77.21 -28.80 29.14
C GLY T 72 75.86 -28.93 28.48
N HIS T 73 75.70 -29.89 27.57
CA HIS T 73 74.43 -30.08 26.88
C HIS T 73 73.79 -31.45 27.11
N ILE T 74 74.51 -32.39 27.73
CA ILE T 74 73.98 -33.72 28.01
C ILE T 74 73.93 -33.91 29.52
N LEU T 75 72.80 -34.43 30.01
CA LEU T 75 72.63 -34.63 31.43
C LEU T 75 73.69 -35.59 31.98
N GLN T 76 74.03 -35.40 33.24
CA GLN T 76 74.98 -36.26 33.92
C GLN T 76 74.33 -37.57 34.35
N ASP T 77 75.17 -38.51 34.80
CA ASP T 77 74.67 -39.81 35.22
C ASP T 77 73.73 -39.71 36.41
N GLU T 78 73.87 -38.65 37.22
CA GLU T 78 72.99 -38.47 38.36
C GLU T 78 71.54 -38.23 37.95
N ASP T 79 71.32 -37.59 36.79
CA ASP T 79 70.00 -37.23 36.32
C ASP T 79 69.47 -38.18 35.25
N LEU T 80 70.09 -39.35 35.08
CA LEU T 80 69.67 -40.32 34.08
C LEU T 80 68.87 -41.44 34.74
N GLN T 81 67.75 -41.79 34.13
CA GLN T 81 66.93 -42.90 34.59
C GLN T 81 66.01 -43.34 33.45
N TRP T 82 65.75 -44.64 33.39
CA TRP T 82 64.84 -45.17 32.39
C TRP T 82 63.41 -44.87 32.80
N VAL T 83 62.70 -44.15 31.94
CA VAL T 83 61.30 -43.76 32.19
C VAL T 83 60.43 -44.45 31.15
N PHE T 84 59.34 -45.06 31.61
CA PHE T 84 58.39 -45.68 30.70
C PHE T 84 57.69 -44.61 29.86
N VAL T 85 57.32 -44.99 28.64
CA VAL T 85 56.65 -44.10 27.71
C VAL T 85 55.51 -44.87 27.08
N ASN T 86 54.27 -44.46 27.36
CA ASN T 86 53.08 -45.04 26.77
C ASN T 86 52.41 -43.99 25.91
N ALA T 87 52.26 -44.28 24.62
CA ALA T 87 51.66 -43.34 23.68
C ALA T 87 51.19 -44.09 22.45
N GLY T 88 50.04 -43.65 21.92
CA GLY T 88 49.53 -44.16 20.66
C GLY T 88 49.26 -45.65 20.62
N GLY T 89 49.30 -46.32 21.76
CA GLY T 89 49.05 -47.75 21.83
C GLY T 89 50.28 -48.61 21.99
N TRP T 90 51.48 -48.03 22.03
CA TRP T 90 52.70 -48.77 22.26
C TRP T 90 53.31 -48.37 23.59
N MET T 91 54.24 -49.20 24.07
CA MET T 91 54.88 -48.98 25.36
C MET T 91 56.37 -49.25 25.25
N GLY T 92 57.18 -48.29 25.69
CA GLY T 92 58.62 -48.46 25.73
C GLY T 92 59.24 -47.74 26.90
N SER T 93 60.54 -47.46 26.81
CA SER T 93 61.25 -46.73 27.86
C SER T 93 62.28 -45.81 27.20
N MET T 94 62.56 -44.69 27.86
CA MET T 94 63.48 -43.69 27.34
C MET T 94 64.51 -43.32 28.39
N CYS T 95 65.67 -42.86 27.91
CA CYS T 95 66.71 -42.27 28.75
C CYS T 95 67.09 -40.94 28.11
N LEU T 96 66.62 -39.84 28.70
CA LEU T 96 66.77 -38.52 28.10
C LEU T 96 68.18 -37.99 28.36
N LEU T 97 68.94 -37.78 27.28
CA LEU T 97 70.28 -37.23 27.40
C LEU T 97 70.29 -35.71 27.29
N HIS T 98 69.55 -35.15 26.33
CA HIS T 98 69.48 -33.71 26.13
C HIS T 98 68.06 -33.35 25.72
N ALA T 99 67.60 -32.18 26.15
CA ALA T 99 66.29 -31.70 25.78
C ALA T 99 66.24 -30.19 25.96
N SER T 100 65.72 -29.50 24.95
CA SER T 100 65.55 -28.05 25.00
C SER T 100 64.15 -27.75 24.47
N LEU T 101 63.91 -26.48 24.10
CA LEU T 101 62.63 -26.10 23.53
C LEU T 101 62.49 -26.46 22.07
N THR T 102 63.60 -26.77 21.38
CA THR T 102 63.56 -27.12 19.96
C THR T 102 64.27 -28.43 19.62
N GLU T 103 65.09 -28.97 20.51
CA GLU T 103 65.81 -30.22 20.26
C GLU T 103 65.67 -31.14 21.45
N TYR T 104 65.86 -32.44 21.19
CA TYR T 104 65.99 -33.41 22.27
C TYR T 104 66.72 -34.63 21.74
N VAL T 105 67.54 -35.24 22.60
CA VAL T 105 68.27 -36.46 22.29
C VAL T 105 68.00 -37.46 23.41
N LEU T 106 67.68 -38.70 23.04
CA LEU T 106 67.41 -39.72 24.03
C LEU T 106 67.73 -41.09 23.47
N LEU T 107 67.76 -42.07 24.37
CA LEU T 107 67.92 -43.48 24.02
C LEU T 107 66.59 -44.17 24.27
N PHE T 108 65.93 -44.61 23.19
CA PHE T 108 64.61 -45.21 23.28
C PHE T 108 64.69 -46.69 22.91
N GLY T 109 63.71 -47.45 23.41
CA GLY T 109 63.59 -48.85 23.04
C GLY T 109 62.64 -49.56 23.96
N THR T 110 62.34 -50.81 23.60
CA THR T 110 61.42 -51.64 24.36
C THR T 110 61.96 -53.07 24.46
N ALA T 111 61.66 -53.70 25.59
CA ALA T 111 61.97 -55.11 25.80
C ALA T 111 60.75 -56.00 25.68
N VAL T 112 59.64 -55.47 25.17
CA VAL T 112 58.45 -56.26 24.90
C VAL T 112 57.97 -55.94 23.49
N ASP T 113 57.09 -56.79 22.99
CA ASP T 113 56.52 -56.58 21.65
C ASP T 113 55.34 -55.62 21.76
N THR T 114 55.51 -54.42 21.20
CA THR T 114 54.48 -53.38 21.21
C THR T 114 54.40 -52.72 19.84
N GLY T 115 53.40 -51.85 19.66
CA GLY T 115 53.18 -51.14 18.43
C GLY T 115 51.90 -50.29 18.40
N GLY T 116 51.85 -49.28 17.56
CA GLY T 116 50.65 -48.47 17.50
C GLY T 116 50.90 -47.21 16.68
N HIS T 117 50.25 -46.13 17.11
CA HIS T 117 50.34 -44.88 16.38
C HIS T 117 51.62 -44.13 16.75
N SER T 118 52.40 -43.74 15.73
CA SER T 118 53.65 -43.02 15.98
C SER T 118 53.42 -41.60 16.46
N GLY T 119 52.25 -41.03 16.18
CA GLY T 119 51.94 -39.68 16.58
C GLY T 119 52.25 -38.64 15.52
N ARG T 120 51.32 -37.71 15.30
CA ARG T 120 51.48 -36.63 14.34
C ARG T 120 51.67 -35.34 15.13
N TYR T 121 52.87 -34.77 15.04
CA TYR T 121 53.23 -33.59 15.82
C TYR T 121 54.13 -32.68 15.01
N TRP T 122 54.46 -31.53 15.59
CA TRP T 122 55.26 -30.51 14.92
C TRP T 122 56.74 -30.71 15.26
N ALA T 123 57.28 -31.84 14.80
CA ALA T 123 58.67 -32.16 15.10
C ALA T 123 59.17 -33.21 14.13
N GLU T 124 60.37 -33.00 13.59
CA GLU T 124 61.06 -33.99 12.78
C GLU T 124 61.92 -34.87 13.68
N ILE T 125 61.71 -36.18 13.59
CA ILE T 125 62.36 -37.14 14.48
C ILE T 125 63.17 -38.12 13.65
N SER T 126 64.37 -38.42 14.11
CA SER T 126 65.26 -39.38 13.44
C SER T 126 65.63 -40.46 14.45
N ASP T 127 65.43 -41.72 14.06
CA ASP T 127 65.73 -42.86 14.91
C ASP T 127 66.71 -43.78 14.21
N THR T 128 67.84 -44.06 14.86
CA THR T 128 68.84 -44.99 14.36
C THR T 128 68.78 -46.25 15.23
N ILE T 129 68.35 -47.35 14.63
CA ILE T 129 68.16 -48.60 15.38
C ILE T 129 69.51 -49.19 15.74
N LEU T 130 69.73 -49.43 17.03
CA LEU T 130 70.95 -50.09 17.50
C LEU T 130 70.80 -51.61 17.52
N SER T 131 69.63 -52.12 17.88
CA SER T 131 69.36 -53.55 17.91
C SER T 131 67.86 -53.76 17.78
N GLY T 132 67.50 -54.95 17.31
CA GLY T 132 66.09 -55.30 17.13
C GLY T 132 65.61 -55.07 15.72
N THR T 133 64.29 -54.86 15.61
CA THR T 133 63.65 -54.60 14.33
C THR T 133 62.64 -53.46 14.49
N PHE T 134 62.36 -52.78 13.38
CA PHE T 134 61.46 -51.64 13.33
C PHE T 134 60.55 -51.80 12.12
N ARG T 135 59.28 -52.09 12.36
CA ARG T 135 58.29 -52.14 11.29
C ARG T 135 57.61 -50.79 11.19
N GLN T 136 57.67 -50.17 10.00
CA GLN T 136 57.06 -48.88 9.76
C GLN T 136 55.97 -49.02 8.69
N TRP T 137 54.81 -48.43 8.95
CA TRP T 137 53.67 -48.47 8.03
C TRP T 137 53.29 -47.04 7.71
N LYS T 138 53.71 -46.55 6.55
CA LYS T 138 53.45 -45.17 6.19
C LYS T 138 51.97 -44.95 5.85
N GLU T 139 51.54 -43.70 5.96
CA GLU T 139 50.16 -43.35 5.72
C GLU T 139 49.82 -43.45 4.24
N GLY T 140 48.62 -43.96 3.94
CA GLY T 140 48.14 -44.03 2.58
C GLY T 140 48.62 -45.22 1.79
N THR T 141 49.30 -46.17 2.41
CA THR T 141 49.82 -47.36 1.74
C THR T 141 49.16 -48.61 2.32
N THR T 142 49.40 -49.74 1.64
CA THR T 142 48.89 -51.03 2.07
C THR T 142 50.00 -52.00 2.44
N LYS T 143 51.25 -51.55 2.43
CA LYS T 143 52.39 -52.40 2.78
C LYS T 143 53.30 -51.66 3.76
N SER T 144 53.97 -52.44 4.62
CA SER T 144 54.89 -51.91 5.61
C SER T 144 56.31 -52.40 5.31
N GLU T 145 57.29 -51.68 5.86
CA GLU T 145 58.70 -52.01 5.70
C GLU T 145 59.33 -52.33 7.05
N ILE T 146 60.34 -53.19 7.01
CA ILE T 146 61.07 -53.61 8.20
C ILE T 146 62.49 -53.07 8.11
N PHE T 147 62.92 -52.36 9.14
CA PHE T 147 64.25 -51.77 9.21
C PHE T 147 65.07 -52.47 10.28
N TYR T 148 66.37 -52.61 10.04
CA TYR T 148 67.23 -53.42 10.89
C TYR T 148 68.30 -52.53 11.52
N PRO T 149 69.10 -53.04 12.46
CA PRO T 149 70.15 -52.21 13.06
C PRO T 149 71.07 -51.64 12.00
N GLY T 150 71.40 -50.36 12.16
CA GLY T 150 72.17 -49.62 11.19
C GLY T 150 71.34 -48.67 10.35
N ASP T 151 70.06 -48.97 10.15
CA ASP T 151 69.18 -48.10 9.39
C ASP T 151 68.81 -46.87 10.21
N THR T 152 68.42 -45.81 9.50
CA THR T 152 67.99 -44.56 10.12
C THR T 152 66.66 -44.15 9.51
N ILE T 153 65.66 -43.94 10.35
CA ILE T 153 64.30 -43.63 9.91
C ILE T 153 63.99 -42.20 10.31
N VAL T 154 63.45 -41.43 9.37
CA VAL T 154 63.14 -40.02 9.58
C VAL T 154 61.62 -39.88 9.59
N HIS T 155 61.06 -39.61 10.76
CA HIS T 155 59.63 -39.30 10.89
C HIS T 155 59.47 -37.80 10.74
N GLU T 156 59.02 -37.36 9.56
CA GLU T 156 58.99 -35.96 9.22
C GLU T 156 57.84 -35.24 9.93
N VAL T 157 57.83 -33.91 9.82
CA VAL T 157 56.80 -33.10 10.45
C VAL T 157 55.48 -33.33 9.73
N GLY T 158 54.42 -33.52 10.50
CA GLY T 158 53.10 -33.77 9.95
C GLY T 158 52.86 -35.18 9.48
N GLU T 159 53.86 -36.05 9.51
CA GLU T 159 53.68 -37.43 9.09
C GLU T 159 53.08 -38.25 10.23
N ALA T 160 52.23 -39.21 9.87
CA ALA T 160 51.64 -40.15 10.82
C ALA T 160 51.83 -41.55 10.26
N THR T 161 52.53 -42.40 10.99
CA THR T 161 52.78 -43.77 10.59
C THR T 161 52.43 -44.71 11.73
N SER T 162 52.41 -46.00 11.43
CA SER T 162 52.23 -47.04 12.43
C SER T 162 53.57 -47.71 12.70
N VAL T 163 53.97 -47.75 13.96
CA VAL T 163 55.27 -48.32 14.35
C VAL T 163 55.03 -49.62 15.08
N GLN T 164 56.01 -50.52 14.99
CA GLN T 164 55.98 -51.79 15.68
C GLN T 164 57.41 -52.22 15.95
N TRP T 165 57.67 -52.70 17.17
CA TRP T 165 59.00 -53.06 17.61
C TRP T 165 59.01 -54.49 18.14
N SER T 166 60.18 -55.11 18.09
CA SER T 166 60.36 -56.46 18.59
C SER T 166 60.70 -56.43 20.08
N SER T 167 60.94 -57.62 20.63
CA SER T 167 61.21 -57.79 22.06
C SER T 167 62.63 -57.42 22.44
N GLY T 168 63.37 -56.76 21.57
CA GLY T 168 64.74 -56.37 21.89
C GLY T 168 65.20 -55.18 21.08
N THR T 169 64.28 -54.24 20.85
CA THR T 169 64.54 -53.09 19.99
C THR T 169 65.10 -51.95 20.82
N TRP T 170 66.20 -51.35 20.36
CA TRP T 170 66.82 -50.21 21.03
C TRP T 170 67.43 -49.30 19.98
N MET T 171 67.28 -47.99 20.19
CA MET T 171 67.65 -47.01 19.18
C MET T 171 68.07 -45.71 19.84
N VAL T 172 68.80 -44.90 19.08
CA VAL T 172 69.16 -43.55 19.47
C VAL T 172 68.32 -42.58 18.66
N GLU T 173 67.63 -41.67 19.34
CA GLU T 173 66.63 -40.83 18.72
C GLU T 173 66.94 -39.35 18.94
N TYR T 174 66.78 -38.56 17.88
CA TYR T 174 67.00 -37.13 17.92
C TYR T 174 65.82 -36.41 17.27
N GLY T 175 65.30 -35.39 17.94
CA GLY T 175 64.13 -34.67 17.48
C GLY T 175 64.36 -33.17 17.35
N ARG T 176 63.81 -32.59 16.29
CA ARG T 176 63.90 -31.17 16.01
C ARG T 176 62.51 -30.62 15.75
N GLY T 177 62.25 -29.41 16.22
CA GLY T 177 60.98 -28.76 15.94
C GLY T 177 60.34 -28.13 17.16
N PHE T 178 59.01 -28.00 17.14
CA PHE T 178 58.26 -27.45 18.26
C PHE T 178 58.04 -28.56 19.28
N ILE T 179 58.99 -28.69 20.21
CA ILE T 179 58.95 -29.79 21.16
C ILE T 179 57.74 -29.73 22.08
N PRO T 180 57.36 -28.59 22.66
CA PRO T 180 56.22 -28.59 23.61
C PRO T 180 54.93 -29.18 23.05
N SER T 181 54.72 -29.10 21.73
CA SER T 181 53.50 -29.67 21.17
C SER T 181 53.49 -31.19 21.24
N THR T 182 54.68 -31.81 21.15
CA THR T 182 54.77 -33.26 21.09
C THR T 182 54.48 -33.91 22.45
N CYS T 183 54.70 -33.17 23.54
CA CYS T 183 54.52 -33.75 24.87
C CYS T 183 53.06 -34.11 25.16
N ALA T 184 52.11 -33.48 24.47
CA ALA T 184 50.72 -33.86 24.62
C ALA T 184 50.49 -35.30 24.19
N PHE T 185 51.09 -35.71 23.09
CA PHE T 185 50.95 -37.09 22.62
C PHE T 185 51.73 -38.07 23.47
N ALA T 186 52.90 -37.66 23.97
CA ALA T 186 53.75 -38.55 24.74
C ALA T 186 53.13 -38.95 26.08
N LEU T 187 52.12 -38.23 26.54
CA LEU T 187 51.50 -38.46 27.84
C LEU T 187 50.04 -38.86 27.74
N ALA T 188 49.54 -39.13 26.53
CA ALA T 188 48.11 -39.44 26.36
C ALA T 188 47.75 -40.76 27.03
N ASP T 189 48.48 -41.83 26.72
CA ASP T 189 48.19 -43.13 27.34
C ASP T 189 48.48 -43.12 28.84
N THR T 190 49.44 -42.32 29.28
CA THR T 190 49.74 -42.24 30.70
C THR T 190 48.60 -41.60 31.50
N ILE T 191 47.73 -40.84 30.84
CA ILE T 191 46.61 -40.19 31.51
C ILE T 191 45.34 -41.02 31.41
N PHE T 192 45.00 -41.49 30.21
CA PHE T 192 43.72 -42.11 29.93
C PHE T 192 43.77 -43.63 29.87
N SER T 193 44.95 -44.24 30.02
CA SER T 193 45.05 -45.68 29.92
C SER T 193 45.78 -46.27 31.12
N THR T 194 47.06 -45.92 31.28
CA THR T 194 47.83 -46.51 32.36
C THR T 194 47.52 -45.83 33.70
N GLN T 195 47.27 -44.52 33.67
CA GLN T 195 47.05 -43.74 34.89
C GLN T 195 48.20 -43.91 35.87
N ASP T 196 49.41 -44.03 35.32
CA ASP T 196 50.63 -44.14 36.11
C ASP T 196 51.20 -42.73 36.30
N PHE T 197 50.62 -42.02 37.28
CA PHE T 197 51.01 -40.64 37.51
C PHE T 197 52.44 -40.50 38.00
N LEU T 198 53.01 -41.55 38.59
CA LEU T 198 54.41 -41.50 39.00
C LEU T 198 55.32 -41.45 37.77
N THR T 199 54.97 -42.17 36.71
CA THR T 199 55.73 -42.08 35.47
C THR T 199 55.57 -40.71 34.83
N LEU T 200 54.36 -40.13 34.91
CA LEU T 200 54.16 -38.76 34.48
C LEU T 200 55.05 -37.81 35.26
N PHE T 201 55.17 -38.02 36.57
CA PHE T 201 56.05 -37.21 37.39
C PHE T 201 57.50 -37.36 36.94
N TYR T 202 57.92 -38.59 36.64
CA TYR T 202 59.28 -38.83 36.16
C TYR T 202 59.56 -38.09 34.86
N THR T 203 58.61 -38.11 33.92
CA THR T 203 58.79 -37.45 32.64
C THR T 203 58.93 -35.94 32.81
N VAL T 204 58.03 -35.33 33.59
CA VAL T 204 58.13 -33.90 33.86
C VAL T 204 59.41 -33.59 34.60
N LYS T 205 59.87 -34.50 35.46
CA LYS T 205 61.08 -34.28 36.23
C LYS T 205 62.31 -34.23 35.34
N VAL T 206 62.51 -35.26 34.51
CA VAL T 206 63.69 -35.31 33.66
C VAL T 206 63.63 -34.25 32.57
N CYS T 207 62.42 -33.92 32.08
CA CYS T 207 62.30 -32.86 31.09
C CYS T 207 62.66 -31.50 31.70
N SER T 208 62.23 -31.26 32.94
CA SER T 208 62.59 -30.02 33.62
C SER T 208 64.10 -29.95 33.90
N LYS T 209 64.71 -31.08 34.25
CA LYS T 209 66.15 -31.10 34.51
C LYS T 209 66.93 -30.74 33.26
N ALA T 210 66.54 -31.28 32.10
CA ALA T 210 67.23 -30.97 30.86
C ALA T 210 67.03 -29.50 30.47
N LEU T 211 65.81 -28.98 30.64
CA LEU T 211 65.55 -27.58 30.31
C LEU T 211 66.34 -26.64 31.20
N LEU T 212 66.41 -26.94 32.51
CA LEU T 212 67.15 -26.08 33.43
C LEU T 212 68.66 -26.18 33.18
N LEU T 213 69.15 -27.36 32.79
CA LEU T 213 70.55 -27.49 32.43
C LEU T 213 70.88 -26.65 31.19
N GLU T 214 70.03 -26.72 30.18
CA GLU T 214 70.25 -25.93 28.97
C GLU T 214 70.14 -24.44 29.27
N ALA T 215 69.22 -24.06 30.16
CA ALA T 215 69.11 -22.65 30.55
C ALA T 215 70.34 -22.19 31.31
N SER T 216 70.89 -23.06 32.18
CA SER T 216 72.10 -22.71 32.91
C SER T 216 73.29 -22.56 31.97
N THR T 217 73.37 -23.41 30.94
CA THR T 217 74.46 -23.31 29.98
C THR T 217 74.36 -22.02 29.16
N HIS T 218 73.15 -21.60 28.83
CA HIS T 218 72.99 -20.33 28.12
C HIS T 218 73.35 -19.14 29.02
N LEU T 219 73.04 -19.23 30.31
CA LEU T 219 73.37 -18.15 31.24
C LEU T 219 74.88 -18.00 31.40
N SER T 220 75.60 -19.12 31.47
CA SER T 220 77.05 -19.06 31.59
C SER T 220 77.72 -18.53 30.33
N GLN T 221 77.01 -18.49 29.20
CA GLN T 221 77.56 -17.97 27.96
C GLN T 221 77.03 -16.58 27.67
N LEU U 9 57.70 -21.00 57.24
CA LEU U 9 56.25 -20.87 57.38
C LEU U 9 55.55 -22.22 57.24
N GLY U 10 54.67 -22.52 58.18
CA GLY U 10 53.88 -23.73 58.12
C GLY U 10 52.63 -23.56 57.28
N LEU U 11 51.94 -22.44 57.47
CA LEU U 11 50.72 -22.08 56.74
C LEU U 11 49.71 -23.20 56.95
N ARG U 12 49.08 -23.73 55.90
CA ARG U 12 48.11 -24.82 56.03
C ARG U 12 48.49 -26.06 55.25
N ALA U 13 49.44 -25.96 54.31
CA ALA U 13 49.82 -27.12 53.51
C ALA U 13 50.57 -28.15 54.35
N VAL U 14 51.31 -27.70 55.37
CA VAL U 14 51.96 -28.64 56.27
C VAL U 14 50.93 -29.53 56.96
N LEU U 15 49.76 -28.99 57.26
CA LEU U 15 48.72 -29.80 57.91
C LEU U 15 48.14 -30.83 56.95
N VAL U 16 47.90 -30.46 55.70
CA VAL U 16 47.37 -31.42 54.73
C VAL U 16 48.39 -32.51 54.46
N VAL U 17 49.68 -32.14 54.39
CA VAL U 17 50.72 -33.14 54.20
C VAL U 17 50.74 -34.11 55.38
N ALA U 18 50.73 -33.58 56.59
CA ALA U 18 50.74 -34.44 57.77
C ALA U 18 49.42 -35.20 57.91
N GLY U 19 48.32 -34.62 57.43
CA GLY U 19 47.04 -35.33 57.47
C GLY U 19 47.01 -36.54 56.57
N LEU U 20 47.55 -36.41 55.36
CA LEU U 20 47.64 -37.59 54.50
C LEU U 20 48.61 -38.61 55.06
N ALA U 21 49.70 -38.14 55.68
CA ALA U 21 50.66 -39.06 56.27
C ALA U 21 50.05 -39.87 57.41
N VAL U 22 49.26 -39.22 58.26
CA VAL U 22 48.58 -39.92 59.34
C VAL U 22 47.47 -40.80 58.80
N LEU U 23 46.77 -40.33 57.76
CA LEU U 23 45.78 -41.18 57.11
C LEU U 23 46.42 -42.41 56.48
N LEU U 24 47.62 -42.25 55.91
CA LEU U 24 48.35 -43.40 55.40
C LEU U 24 48.78 -44.32 56.52
N GLN U 25 49.27 -43.76 57.63
CA GLN U 25 49.63 -44.59 58.78
C GLN U 25 48.43 -45.35 59.30
N LEU U 26 47.25 -44.72 59.28
CA LEU U 26 46.04 -45.38 59.77
C LEU U 26 45.62 -46.51 58.83
N ILE U 27 45.57 -46.24 57.53
CA ILE U 27 45.15 -47.25 56.57
C ILE U 27 46.19 -48.37 56.49
N ARG U 28 47.47 -48.01 56.43
CA ARG U 28 48.51 -49.05 56.39
C ARG U 28 48.58 -49.82 57.70
N GLY U 29 48.18 -49.20 58.80
CA GLY U 29 48.12 -49.93 60.06
C GLY U 29 47.00 -50.96 60.07
N TRP U 30 45.86 -50.61 59.49
CA TRP U 30 44.78 -51.59 59.32
C TRP U 30 45.21 -52.72 58.40
N LEU U 31 45.87 -52.39 57.28
CA LEU U 31 46.33 -53.43 56.36
C LEU U 31 47.43 -54.30 56.98
N SER U 32 48.18 -53.76 57.93
CA SER U 32 49.26 -54.49 58.57
C SER U 32 48.81 -55.32 59.75
N SER U 33 47.59 -55.10 60.25
CA SER U 33 47.08 -55.81 61.42
C SER U 33 45.76 -56.53 61.16
N LYS U 34 45.37 -56.67 59.89
CA LYS U 34 44.07 -57.25 59.55
C LYS U 34 44.21 -58.75 59.29
N SER U 35 43.71 -59.55 60.21
CA SER U 35 43.51 -60.98 59.99
C SER U 35 42.94 -61.25 58.60
N TYR U 36 43.77 -61.75 57.69
CA TYR U 36 43.37 -62.06 56.33
C TYR U 36 42.94 -63.52 56.20
N VAL U 37 42.24 -63.81 55.11
CA VAL U 37 41.76 -65.17 54.84
C VAL U 37 42.84 -65.97 54.13
N PHE U 38 43.27 -65.48 52.98
CA PHE U 38 44.24 -66.17 52.13
C PHE U 38 45.65 -65.61 52.33
N ASN U 39 46.62 -66.32 51.75
CA ASN U 39 47.99 -65.83 51.66
C ASN U 39 48.55 -66.24 50.31
N ARG U 40 49.56 -65.50 49.84
CA ARG U 40 50.06 -65.70 48.49
C ARG U 40 50.71 -67.07 48.32
N GLU U 41 51.34 -67.61 49.36
CA GLU U 41 51.95 -68.93 49.25
C GLU U 41 50.90 -70.01 49.08
N GLU U 42 49.76 -69.87 49.78
CA GLU U 42 48.68 -70.84 49.66
C GLU U 42 48.15 -70.92 48.23
N ILE U 43 47.81 -69.76 47.66
CA ILE U 43 47.30 -69.74 46.29
C ILE U 43 48.36 -70.20 45.30
N ALA U 44 49.62 -69.80 45.53
CA ALA U 44 50.70 -70.18 44.63
C ALA U 44 50.90 -71.68 44.59
N ARG U 45 50.90 -72.33 45.76
CA ARG U 45 51.08 -73.78 45.81
C ARG U 45 49.90 -74.50 45.18
N LEU U 46 48.67 -74.08 45.49
CA LEU U 46 47.49 -74.73 44.93
C LEU U 46 47.47 -74.63 43.41
N ALA U 47 47.96 -73.54 42.84
CA ALA U 47 48.00 -73.41 41.39
C ALA U 47 49.17 -74.19 40.79
N LYS U 48 50.32 -74.22 41.48
CA LYS U 48 51.46 -74.94 40.94
C LYS U 48 51.25 -76.44 41.00
N GLU U 49 50.42 -76.92 41.92
CA GLU U 49 50.10 -78.35 41.95
C GLU U 49 49.43 -78.78 40.66
N HIS U 50 48.62 -77.91 40.07
CA HIS U 50 47.90 -78.24 38.84
C HIS U 50 48.59 -77.68 37.60
N SER U 51 49.77 -77.09 37.75
CA SER U 51 50.54 -76.70 36.59
C SER U 51 51.00 -77.95 35.84
N GLY U 52 51.06 -77.85 34.53
CA GLY U 52 51.31 -79.01 33.71
C GLY U 52 50.07 -79.81 33.38
N LEU U 53 48.90 -79.35 33.77
CA LEU U 53 47.62 -79.94 33.41
C LEU U 53 46.83 -78.97 32.54
N ASP U 54 45.71 -79.45 32.03
CA ASP U 54 44.83 -78.58 31.26
C ASP U 54 44.30 -77.45 32.13
N TYR U 55 44.40 -76.22 31.62
CA TYR U 55 44.07 -75.05 32.43
C TYR U 55 42.60 -75.01 32.82
N GLU U 56 41.73 -75.61 32.01
CA GLU U 56 40.31 -75.67 32.37
C GLU U 56 40.08 -76.63 33.54
N VAL U 57 40.70 -77.81 33.49
CA VAL U 57 40.61 -78.73 34.62
C VAL U 57 41.28 -78.14 35.85
N ALA U 58 42.39 -77.44 35.65
CA ALA U 58 43.07 -76.80 36.78
C ALA U 58 42.18 -75.75 37.43
N PHE U 59 41.47 -74.95 36.62
CA PHE U 59 40.54 -73.98 37.18
C PHE U 59 39.50 -74.65 38.07
N SER U 60 38.86 -75.71 37.57
CA SER U 60 37.81 -76.37 38.35
C SER U 60 38.35 -77.01 39.61
N LYS U 61 39.49 -77.70 39.53
CA LYS U 61 40.06 -78.33 40.72
C LYS U 61 40.48 -77.30 41.75
N ILE U 62 41.01 -76.15 41.31
CA ILE U 62 41.40 -75.11 42.25
C ILE U 62 40.18 -74.49 42.91
N ILE U 63 39.10 -74.30 42.15
CA ILE U 63 37.85 -73.79 42.72
C ILE U 63 37.31 -74.77 43.75
N VAL U 64 37.37 -76.07 43.46
CA VAL U 64 36.89 -77.08 44.40
C VAL U 64 37.72 -77.06 45.68
N GLU U 65 39.05 -76.96 45.54
CA GLU U 65 39.92 -76.91 46.71
C GLU U 65 39.69 -75.65 47.53
N LEU U 66 39.45 -74.52 46.86
CA LEU U 66 39.21 -73.27 47.57
C LEU U 66 37.90 -73.32 48.33
N ARG U 67 36.84 -73.87 47.72
CA ARG U 67 35.57 -73.98 48.41
C ARG U 67 35.62 -75.02 49.54
N LYS U 68 36.53 -76.00 49.44
CA LYS U 68 36.69 -76.96 50.52
C LYS U 68 37.43 -76.34 51.70
N LYS U 69 38.60 -75.76 51.46
CA LYS U 69 39.41 -75.22 52.54
C LYS U 69 38.91 -73.88 53.04
N HIS U 70 38.08 -73.18 52.26
CA HIS U 70 37.55 -71.87 52.64
C HIS U 70 36.08 -71.79 52.27
N PRO U 71 35.22 -72.40 53.08
CA PRO U 71 33.78 -72.33 52.78
C PRO U 71 33.24 -70.94 53.05
N GLY U 72 32.24 -70.55 52.24
CA GLY U 72 31.65 -69.25 52.39
C GLY U 72 32.50 -68.09 51.92
N HIS U 73 33.63 -68.36 51.28
CA HIS U 73 34.52 -67.31 50.80
C HIS U 73 34.73 -67.30 49.29
N ILE U 74 34.26 -68.32 48.57
CA ILE U 74 34.40 -68.40 47.12
C ILE U 74 33.00 -68.41 46.52
N LEU U 75 32.79 -67.61 45.47
CA LEU U 75 31.49 -67.53 44.81
C LEU U 75 31.06 -68.89 44.29
N GLN U 76 29.74 -69.09 44.22
CA GLN U 76 29.19 -70.33 43.69
C GLN U 76 29.24 -70.31 42.17
N ASP U 77 29.00 -71.48 41.57
CA ASP U 77 29.03 -71.60 40.11
C ASP U 77 27.95 -70.74 39.45
N GLU U 78 26.86 -70.47 40.18
CA GLU U 78 25.80 -69.64 39.63
C GLU U 78 26.26 -68.20 39.41
N ASP U 79 27.18 -67.70 40.25
CA ASP U 79 27.63 -66.32 40.19
C ASP U 79 28.98 -66.17 39.49
N LEU U 80 29.44 -67.17 38.77
CA LEU U 80 30.71 -67.11 38.05
C LEU U 80 30.46 -66.85 36.57
N GLN U 81 31.25 -65.95 36.00
CA GLN U 81 31.18 -65.69 34.56
C GLN U 81 32.48 -65.03 34.12
N TRP U 82 32.91 -65.35 32.90
CA TRP U 82 34.12 -64.76 32.33
C TRP U 82 33.83 -63.34 31.88
N VAL U 83 34.57 -62.39 32.44
CA VAL U 83 34.41 -60.97 32.13
C VAL U 83 35.70 -60.47 31.50
N PHE U 84 35.57 -59.74 30.39
CA PHE U 84 36.73 -59.15 29.74
C PHE U 84 37.35 -58.05 30.60
N VAL U 85 38.67 -57.90 30.47
CA VAL U 85 39.43 -56.91 31.23
C VAL U 85 40.37 -56.21 30.27
N ASN U 86 40.15 -54.92 30.06
CA ASN U 86 41.02 -54.07 29.24
C ASN U 86 41.67 -53.05 30.16
N ALA U 87 43.01 -53.06 30.20
CA ALA U 87 43.74 -52.16 31.07
C ALA U 87 45.17 -52.02 30.59
N GLY U 88 45.71 -50.81 30.68
CA GLY U 88 47.11 -50.56 30.39
C GLY U 88 47.58 -50.88 28.98
N GLY U 89 46.64 -51.15 28.08
CA GLY U 89 46.98 -51.49 26.71
C GLY U 89 46.88 -52.96 26.37
N TRP U 90 46.56 -53.80 27.34
CA TRP U 90 46.36 -55.23 27.11
C TRP U 90 44.90 -55.59 27.35
N MET U 91 44.51 -56.76 26.85
CA MET U 91 43.15 -57.24 26.96
C MET U 91 43.15 -58.72 27.32
N GLY U 92 42.41 -59.07 28.37
CA GLY U 92 42.27 -60.45 28.79
C GLY U 92 40.89 -60.74 29.35
N SER U 93 40.77 -61.80 30.15
CA SER U 93 39.51 -62.14 30.78
C SER U 93 39.77 -62.66 32.19
N MET U 94 38.80 -62.45 33.08
CA MET U 94 38.93 -62.83 34.48
C MET U 94 37.73 -63.65 34.90
N CYS U 95 37.93 -64.48 35.92
CA CYS U 95 36.85 -65.19 36.62
C CYS U 95 37.05 -64.93 38.11
N LEU U 96 36.22 -64.06 38.68
CA LEU U 96 36.41 -63.64 40.06
C LEU U 96 35.85 -64.71 40.99
N LEU U 97 36.73 -65.34 41.77
CA LEU U 97 36.32 -66.35 42.73
C LEU U 97 36.04 -65.78 44.11
N HIS U 98 36.90 -64.88 44.58
CA HIS U 98 36.76 -64.25 45.88
C HIS U 98 37.24 -62.80 45.76
N ALA U 99 36.57 -61.90 46.48
CA ALA U 99 36.96 -60.50 46.47
C ALA U 99 36.41 -59.80 47.71
N SER U 100 37.26 -59.03 48.37
CA SER U 100 36.86 -58.21 49.51
C SER U 100 37.47 -56.83 49.32
N LEU U 101 37.49 -56.02 50.38
CA LEU U 101 38.12 -54.72 50.32
C LEU U 101 39.63 -54.78 50.47
N THR U 102 40.16 -55.93 50.91
CA THR U 102 41.60 -56.10 51.09
C THR U 102 42.18 -57.31 50.36
N GLU U 103 41.37 -58.27 49.95
CA GLU U 103 41.83 -59.45 49.23
C GLU U 103 40.94 -59.70 48.02
N TYR U 104 41.51 -60.41 47.04
CA TYR U 104 40.71 -60.91 45.92
C TYR U 104 41.45 -62.07 45.27
N VAL U 105 40.69 -63.06 44.82
CA VAL U 105 41.22 -64.22 44.11
C VAL U 105 40.45 -64.38 42.81
N LEU U 106 41.15 -64.58 41.72
CA LEU U 106 40.50 -64.77 40.42
C LEU U 106 41.38 -65.62 39.52
N LEU U 107 40.78 -66.06 38.42
CA LEU U 107 41.47 -66.79 37.37
C LEU U 107 41.58 -65.86 36.16
N PHE U 108 42.80 -65.45 35.82
CA PHE U 108 43.03 -64.52 34.74
C PHE U 108 43.76 -65.20 33.58
N GLY U 109 43.60 -64.62 32.41
CA GLY U 109 44.31 -65.08 31.23
C GLY U 109 43.73 -64.48 29.97
N THR U 110 44.41 -64.74 28.87
CA THR U 110 44.00 -64.25 27.56
C THR U 110 44.18 -65.35 26.52
N ALA U 111 43.30 -65.34 25.53
CA ALA U 111 43.41 -66.23 24.38
C ALA U 111 43.92 -65.50 23.15
N VAL U 112 44.42 -64.27 23.31
CA VAL U 112 45.03 -63.51 22.23
C VAL U 112 46.34 -62.94 22.72
N ASP U 113 47.14 -62.45 21.77
CA ASP U 113 48.43 -61.84 22.10
C ASP U 113 48.20 -60.38 22.48
N THR U 114 48.40 -60.06 23.75
CA THR U 114 48.23 -58.71 24.25
C THR U 114 49.38 -58.37 25.18
N GLY U 115 49.42 -57.11 25.59
CA GLY U 115 50.46 -56.63 26.48
C GLY U 115 50.40 -55.14 26.70
N GLY U 116 50.96 -54.68 27.81
CA GLY U 116 50.96 -53.25 28.08
C GLY U 116 51.44 -52.94 29.49
N HIS U 117 50.86 -51.90 30.07
CA HIS U 117 51.25 -51.44 31.39
C HIS U 117 50.55 -52.28 32.46
N SER U 118 51.34 -52.82 33.39
CA SER U 118 50.78 -53.65 34.45
C SER U 118 49.94 -52.86 35.44
N GLY U 119 50.18 -51.55 35.54
CA GLY U 119 49.45 -50.72 36.47
C GLY U 119 50.17 -50.56 37.79
N ARG U 120 50.21 -49.32 38.29
CA ARG U 120 50.83 -49.00 39.57
C ARG U 120 49.71 -48.67 40.55
N TYR U 121 49.52 -49.52 41.54
CA TYR U 121 48.40 -49.37 42.47
C TYR U 121 48.85 -49.81 43.86
N TRP U 122 47.95 -49.64 44.83
CA TRP U 122 48.23 -49.95 46.22
C TRP U 122 47.80 -51.38 46.55
N ALA U 123 48.45 -52.33 45.90
CA ALA U 123 48.11 -53.74 46.07
C ALA U 123 49.25 -54.63 45.59
N GLU U 124 49.58 -55.64 46.39
CA GLU U 124 50.54 -56.66 46.00
C GLU U 124 49.80 -57.81 45.34
N ILE U 125 50.24 -58.17 44.14
CA ILE U 125 49.55 -59.15 43.31
C ILE U 125 50.51 -60.29 43.00
N SER U 126 50.01 -61.53 43.11
CA SER U 126 50.78 -62.72 42.82
C SER U 126 50.03 -63.55 41.77
N ASP U 127 50.73 -63.91 40.70
CA ASP U 127 50.15 -64.68 39.60
C ASP U 127 50.97 -65.96 39.40
N THR U 128 50.30 -67.10 39.44
CA THR U 128 50.91 -68.40 39.18
C THR U 128 50.42 -68.91 37.83
N ILE U 129 51.33 -68.99 36.86
CA ILE U 129 50.96 -69.35 35.49
C ILE U 129 50.61 -70.82 35.41
N LEU U 130 49.41 -71.12 34.91
CA LEU U 130 48.99 -72.51 34.67
C LEU U 130 49.39 -72.99 33.28
N SER U 131 49.32 -72.11 32.27
CA SER U 131 49.71 -72.45 30.92
C SER U 131 50.08 -71.17 30.18
N GLY U 132 50.90 -71.31 29.14
CA GLY U 132 51.31 -70.18 28.33
C GLY U 132 52.65 -69.62 28.74
N THR U 133 52.85 -68.33 28.44
CA THR U 133 54.07 -67.61 28.78
C THR U 133 53.73 -66.24 29.31
N PHE U 134 54.64 -65.70 30.12
CA PHE U 134 54.49 -64.39 30.76
C PHE U 134 55.81 -63.64 30.61
N ARG U 135 55.81 -62.60 29.78
CA ARG U 135 56.98 -61.73 29.65
C ARG U 135 56.80 -60.52 30.58
N GLN U 136 57.75 -60.33 31.48
CA GLN U 136 57.73 -59.20 32.41
C GLN U 136 58.94 -58.32 32.14
N TRP U 137 58.70 -57.01 32.08
CA TRP U 137 59.75 -56.03 31.82
C TRP U 137 59.75 -55.07 33.01
N LYS U 138 60.68 -55.26 33.92
CA LYS U 138 60.70 -54.45 35.14
C LYS U 138 61.15 -53.02 34.82
N GLU U 139 60.74 -52.10 35.68
CA GLU U 139 61.05 -50.70 35.48
C GLU U 139 62.53 -50.43 35.71
N GLY U 140 63.11 -49.57 34.87
CA GLY U 140 64.49 -49.17 35.01
C GLY U 140 65.50 -50.11 34.42
N THR U 141 65.07 -51.15 33.72
CA THR U 141 65.96 -52.12 33.12
C THR U 141 65.81 -52.10 31.60
N THR U 142 66.72 -52.79 30.92
CA THR U 142 66.71 -52.87 29.46
C THR U 142 66.47 -54.30 28.96
N LYS U 143 66.20 -55.25 29.85
CA LYS U 143 65.93 -56.62 29.46
C LYS U 143 64.69 -57.13 30.17
N SER U 144 63.98 -58.04 29.51
CA SER U 144 62.77 -58.65 30.05
C SER U 144 63.00 -60.14 30.25
N GLU U 145 62.17 -60.72 31.12
CA GLU U 145 62.24 -62.14 31.43
C GLU U 145 60.94 -62.82 31.03
N ILE U 146 61.03 -64.09 30.66
CA ILE U 146 59.88 -64.88 30.25
C ILE U 146 59.67 -65.98 31.30
N PHE U 147 58.46 -66.05 31.84
CA PHE U 147 58.12 -67.04 32.85
C PHE U 147 57.14 -68.05 32.29
N TYR U 148 57.28 -69.29 32.73
CA TYR U 148 56.58 -70.41 32.14
C TYR U 148 55.65 -71.04 33.19
N PRO U 149 54.78 -71.97 32.81
CA PRO U 149 53.89 -72.60 33.80
C PRO U 149 54.67 -73.21 34.95
N GLY U 150 54.15 -72.98 36.17
CA GLY U 150 54.79 -73.38 37.40
C GLY U 150 55.43 -72.22 38.14
N ASP U 151 55.87 -71.20 37.43
CA ASP U 151 56.48 -70.03 38.04
C ASP U 151 55.41 -69.16 38.69
N THR U 152 55.85 -68.34 39.65
CA THR U 152 54.96 -67.42 40.35
C THR U 152 55.61 -66.04 40.37
N ILE U 153 54.86 -65.05 39.89
CA ILE U 153 55.36 -63.69 39.76
C ILE U 153 54.62 -62.80 40.75
N VAL U 154 55.37 -61.99 41.48
CA VAL U 154 54.83 -61.12 42.52
C VAL U 154 55.01 -59.67 42.07
N HIS U 155 53.91 -59.02 41.72
CA HIS U 155 53.92 -57.60 41.38
C HIS U 155 53.66 -56.82 42.67
N GLU U 156 54.71 -56.22 43.23
CA GLU U 156 54.63 -55.60 44.54
C GLU U 156 53.89 -54.26 44.47
N VAL U 157 53.60 -53.72 45.66
CA VAL U 157 52.89 -52.45 45.76
C VAL U 157 53.78 -51.33 45.25
N GLY U 158 53.22 -50.45 44.42
CA GLY U 158 53.95 -49.35 43.86
C GLY U 158 54.86 -49.70 42.70
N GLU U 159 55.00 -50.98 42.37
CA GLU U 159 55.83 -51.39 41.25
C GLU U 159 55.06 -51.24 39.95
N ALA U 160 55.78 -50.88 38.88
CA ALA U 160 55.21 -50.75 37.55
C ALA U 160 56.09 -51.52 36.57
N THR U 161 55.49 -52.49 35.89
CA THR U 161 56.19 -53.31 34.91
C THR U 161 55.40 -53.33 33.62
N SER U 162 56.04 -53.88 32.58
CA SER U 162 55.40 -54.12 31.30
C SER U 162 55.11 -55.60 31.17
N VAL U 163 53.86 -55.95 30.92
CA VAL U 163 53.43 -57.35 30.85
C VAL U 163 53.14 -57.71 29.40
N GLN U 164 53.31 -59.00 29.09
CA GLN U 164 53.00 -59.52 27.76
C GLN U 164 52.63 -60.99 27.90
N TRP U 165 51.56 -61.40 27.21
CA TRP U 165 51.05 -62.75 27.30
C TRP U 165 50.88 -63.35 25.91
N SER U 166 50.93 -64.67 25.85
CA SER U 166 50.78 -65.38 24.59
C SER U 166 49.29 -65.64 24.33
N SER U 167 49.02 -66.36 23.24
CA SER U 167 47.66 -66.61 22.79
C SER U 167 46.96 -67.72 23.57
N GLY U 168 47.54 -68.17 24.68
CA GLY U 168 46.92 -69.21 25.47
C GLY U 168 47.38 -69.18 26.92
N THR U 169 47.58 -67.97 27.43
CA THR U 169 48.12 -67.78 28.77
C THR U 169 46.98 -67.76 29.78
N TRP U 170 47.13 -68.54 30.85
CA TRP U 170 46.12 -68.62 31.89
C TRP U 170 46.82 -68.82 33.23
N MET U 171 46.34 -68.12 34.26
CA MET U 171 47.02 -68.08 35.54
C MET U 171 46.01 -67.88 36.66
N VAL U 172 46.42 -68.22 37.88
CA VAL U 172 45.64 -68.01 39.08
C VAL U 172 46.28 -66.85 39.84
N GLU U 173 45.46 -65.84 40.17
CA GLU U 173 45.96 -64.58 40.69
C GLU U 173 45.35 -64.27 42.05
N TYR U 174 46.18 -63.77 42.95
CA TYR U 174 45.78 -63.38 44.30
C TYR U 174 46.32 -61.98 44.61
N GLY U 175 45.46 -61.12 45.11
CA GLY U 175 45.84 -59.73 45.38
C GLY U 175 45.56 -59.33 46.81
N ARG U 176 46.50 -58.57 47.38
CA ARG U 176 46.40 -58.05 48.74
C ARG U 176 46.67 -56.55 48.74
N GLY U 177 45.92 -55.83 49.57
CA GLY U 177 46.17 -54.42 49.74
C GLY U 177 44.88 -53.63 49.71
N PHE U 178 45.00 -52.35 49.36
CA PHE U 178 43.85 -51.45 49.26
C PHE U 178 43.18 -51.69 47.92
N ILE U 179 42.21 -52.60 47.91
CA ILE U 179 41.59 -53.03 46.66
C ILE U 179 40.87 -51.89 45.94
N PRO U 180 40.07 -51.04 46.60
CA PRO U 180 39.33 -50.01 45.85
C PRO U 180 40.19 -49.11 44.98
N SER U 181 41.47 -48.91 45.32
CA SER U 181 42.33 -48.05 44.51
C SER U 181 42.62 -48.66 43.15
N THR U 182 42.68 -49.99 43.07
CA THR U 182 43.09 -50.64 41.83
C THR U 182 42.01 -50.57 40.76
N CYS U 183 40.74 -50.47 41.16
CA CYS U 183 39.65 -50.45 40.18
C CYS U 183 39.69 -49.23 39.28
N ALA U 184 40.32 -48.14 39.72
CA ALA U 184 40.48 -46.98 38.85
C ALA U 184 41.32 -47.34 37.63
N PHE U 185 42.40 -48.10 37.83
CA PHE U 185 43.22 -48.53 36.69
C PHE U 185 42.53 -49.62 35.89
N ALA U 186 41.80 -50.51 36.56
CA ALA U 186 41.18 -51.64 35.88
C ALA U 186 40.07 -51.22 34.92
N LEU U 187 39.56 -50.00 35.05
CA LEU U 187 38.44 -49.54 34.24
C LEU U 187 38.79 -48.36 33.35
N ALA U 188 40.08 -48.00 33.27
CA ALA U 188 40.48 -46.86 32.45
C ALA U 188 40.24 -47.12 30.97
N ASP U 189 40.75 -48.25 30.47
CA ASP U 189 40.57 -48.57 29.05
C ASP U 189 39.11 -48.85 28.73
N THR U 190 38.34 -49.37 29.69
CA THR U 190 36.92 -49.62 29.47
C THR U 190 36.13 -48.33 29.33
N ILE U 191 36.66 -47.21 29.84
CA ILE U 191 35.99 -45.91 29.75
C ILE U 191 36.49 -45.10 28.57
N PHE U 192 37.81 -45.03 28.37
CA PHE U 192 38.40 -44.13 27.39
C PHE U 192 38.84 -44.83 26.12
N SER U 193 38.69 -46.15 26.02
CA SER U 193 39.14 -46.87 24.84
C SER U 193 38.05 -47.77 24.28
N THR U 194 37.67 -48.79 25.05
CA THR U 194 36.71 -49.77 24.54
C THR U 194 35.27 -49.24 24.61
N GLN U 195 34.95 -48.47 25.66
CA GLN U 195 33.60 -47.97 25.88
C GLN U 195 32.58 -49.10 25.88
N ASP U 196 32.98 -50.25 26.43
CA ASP U 196 32.10 -51.40 26.58
C ASP U 196 31.46 -51.35 27.96
N PHE U 197 30.39 -50.55 28.05
CA PHE U 197 29.73 -50.34 29.34
C PHE U 197 29.06 -51.62 29.86
N LEU U 198 28.73 -52.56 28.98
CA LEU U 198 28.21 -53.84 29.47
C LEU U 198 29.28 -54.62 30.22
N THR U 199 30.52 -54.57 29.74
CA THR U 199 31.63 -55.19 30.47
C THR U 199 31.89 -54.47 31.78
N LEU U 200 31.76 -53.14 31.79
CA LEU U 200 31.84 -52.39 33.04
C LEU U 200 30.75 -52.82 34.00
N PHE U 201 29.52 -53.01 33.50
CA PHE U 201 28.44 -53.50 34.35
C PHE U 201 28.73 -54.88 34.89
N TYR U 202 29.26 -55.77 34.05
CA TYR U 202 29.61 -57.11 34.50
C TYR U 202 30.67 -57.07 35.59
N THR U 203 31.67 -56.19 35.45
CA THR U 203 32.71 -56.08 36.45
C THR U 203 32.14 -55.62 37.78
N VAL U 204 31.30 -54.58 37.76
CA VAL U 204 30.66 -54.11 38.98
C VAL U 204 29.74 -55.19 39.54
N LYS U 205 29.10 -55.98 38.67
CA LYS U 205 28.18 -57.02 39.14
C LYS U 205 28.92 -58.11 39.91
N VAL U 206 29.96 -58.69 39.33
CA VAL U 206 30.68 -59.75 40.00
C VAL U 206 31.41 -59.22 41.23
N CYS U 207 31.85 -57.97 41.18
CA CYS U 207 32.48 -57.36 42.34
C CYS U 207 31.46 -57.17 43.46
N SER U 208 30.23 -56.74 43.12
CA SER U 208 29.19 -56.57 44.12
C SER U 208 28.79 -57.91 44.74
N LYS U 209 28.70 -58.96 43.92
CA LYS U 209 28.33 -60.27 44.45
C LYS U 209 29.38 -60.80 45.41
N ALA U 210 30.66 -60.61 45.09
CA ALA U 210 31.72 -61.08 45.98
C ALA U 210 31.74 -60.31 47.30
N LEU U 211 31.54 -58.98 47.24
CA LEU U 211 31.52 -58.19 48.46
C LEU U 211 30.34 -58.56 49.35
N LEU U 212 29.16 -58.77 48.73
CA LEU U 212 28.00 -59.15 49.53
C LEU U 212 28.13 -60.56 50.07
N LEU U 213 28.80 -61.46 49.34
CA LEU U 213 29.05 -62.79 49.86
C LEU U 213 29.95 -62.73 51.10
N GLU U 214 31.01 -61.93 51.04
CA GLU U 214 31.90 -61.80 52.19
C GLU U 214 31.20 -61.12 53.35
N ALA U 215 30.34 -60.13 53.08
CA ALA U 215 29.60 -59.46 54.15
C ALA U 215 28.60 -60.40 54.81
N SER U 216 27.91 -61.22 54.01
CA SER U 216 26.95 -62.17 54.60
C SER U 216 27.66 -63.23 55.43
N THR U 217 28.84 -63.67 55.00
CA THR U 217 29.60 -64.63 55.79
C THR U 217 30.05 -64.03 57.11
N HIS U 218 30.42 -62.74 57.11
CA HIS U 218 30.75 -62.07 58.36
C HIS U 218 29.52 -61.91 59.24
N LEU U 219 28.36 -61.68 58.64
CA LEU U 219 27.13 -61.53 59.42
C LEU U 219 26.76 -62.83 60.11
N SER U 220 26.95 -63.97 59.44
CA SER U 220 26.65 -65.25 60.03
C SER U 220 27.59 -65.60 61.18
N GLN U 221 28.73 -64.92 61.29
CA GLN U 221 29.67 -65.17 62.37
C GLN U 221 29.61 -64.07 63.43
N ARG V 12 -77.77 25.56 21.31
CA ARG V 12 -77.65 25.60 19.85
C ARG V 12 -76.38 24.91 19.38
N ALA V 13 -75.47 24.62 20.32
CA ALA V 13 -74.24 23.93 19.97
C ALA V 13 -74.51 22.50 19.49
N VAL V 14 -75.59 21.88 19.96
CA VAL V 14 -75.92 20.53 19.52
C VAL V 14 -76.40 20.53 18.07
N LEU V 15 -77.10 21.59 17.65
CA LEU V 15 -77.53 21.68 16.25
C LEU V 15 -76.34 21.85 15.31
N VAL V 16 -75.25 22.50 15.77
CA VAL V 16 -74.07 22.64 14.94
C VAL V 16 -73.43 21.28 14.67
N VAL V 17 -73.60 20.32 15.57
CA VAL V 17 -73.10 18.96 15.35
C VAL V 17 -73.71 18.37 14.09
N ALA V 18 -75.05 18.27 14.07
CA ALA V 18 -75.75 17.76 12.90
C ALA V 18 -75.52 18.64 11.67
N GLY V 19 -75.26 19.93 11.88
CA GLY V 19 -74.97 20.81 10.76
C GLY V 19 -73.69 20.43 10.04
N LEU V 20 -72.65 20.08 10.80
CA LEU V 20 -71.42 19.58 10.18
C LEU V 20 -71.66 18.25 9.48
N ALA V 21 -72.47 17.38 10.08
CA ALA V 21 -72.76 16.10 9.45
C ALA V 21 -73.57 16.29 8.16
N VAL V 22 -74.45 17.29 8.13
CA VAL V 22 -75.21 17.59 6.92
C VAL V 22 -74.30 18.18 5.85
N LEU V 23 -73.35 19.04 6.26
CA LEU V 23 -72.40 19.59 5.30
C LEU V 23 -71.55 18.50 4.67
N LEU V 24 -71.12 17.52 5.46
CA LEU V 24 -70.37 16.39 4.91
C LEU V 24 -71.23 15.56 3.97
N GLN V 25 -72.51 15.38 4.30
CA GLN V 25 -73.41 14.67 3.39
C GLN V 25 -73.59 15.44 2.10
N LEU V 26 -73.63 16.78 2.17
CA LEU V 26 -73.79 17.59 0.97
C LEU V 26 -72.54 17.52 0.10
N ILE V 27 -71.37 17.67 0.72
CA ILE V 27 -70.11 17.65 -0.05
C ILE V 27 -69.86 16.25 -0.61
N ARG V 28 -70.04 15.21 0.21
CA ARG V 28 -69.85 13.85 -0.28
C ARG V 28 -70.91 13.48 -1.30
N GLY V 29 -72.09 14.08 -1.22
CA GLY V 29 -73.10 13.84 -2.24
C GLY V 29 -72.73 14.43 -3.58
N TRP V 30 -72.12 15.62 -3.58
CA TRP V 30 -71.61 16.18 -4.82
C TRP V 30 -70.50 15.32 -5.40
N LEU V 31 -69.59 14.83 -4.55
CA LEU V 31 -68.50 13.98 -5.04
C LEU V 31 -69.01 12.65 -5.56
N SER V 32 -70.16 12.20 -5.07
CA SER V 32 -70.73 10.93 -5.50
C SER V 32 -71.61 11.05 -6.74
N SER V 33 -72.00 12.26 -7.14
CA SER V 33 -72.88 12.47 -8.29
C SER V 33 -72.29 13.40 -9.34
N LYS V 34 -70.98 13.67 -9.27
CA LYS V 34 -70.34 14.64 -10.17
C LYS V 34 -69.75 13.93 -11.39
N SER V 35 -70.38 14.09 -12.54
CA SER V 35 -69.77 13.73 -13.82
C SER V 35 -68.31 14.15 -13.89
N TYR V 36 -67.41 13.17 -13.78
CA TYR V 36 -65.98 13.39 -13.84
C TYR V 36 -65.44 13.22 -15.27
N VAL V 37 -64.24 13.73 -15.49
CA VAL V 37 -63.56 13.64 -16.78
C VAL V 37 -62.80 12.31 -16.87
N PHE V 38 -61.89 12.08 -15.93
CA PHE V 38 -61.04 10.90 -15.92
C PHE V 38 -61.57 9.86 -14.94
N ASN V 39 -60.97 8.66 -15.01
CA ASN V 39 -61.18 7.62 -14.02
C ASN V 39 -59.85 6.92 -13.77
N ARG V 40 -59.72 6.32 -12.59
CA ARG V 40 -58.43 5.78 -12.18
C ARG V 40 -57.99 4.63 -13.08
N GLU V 41 -58.93 3.84 -13.60
CA GLU V 41 -58.57 2.74 -14.47
C GLU V 41 -57.99 3.25 -15.79
N GLU V 42 -58.53 4.36 -16.31
CA GLU V 42 -58.03 4.92 -17.57
C GLU V 42 -56.57 5.33 -17.43
N ILE V 43 -56.26 6.11 -16.39
CA ILE V 43 -54.89 6.57 -16.18
C ILE V 43 -53.97 5.40 -15.88
N ALA V 44 -54.44 4.41 -15.10
CA ALA V 44 -53.60 3.28 -14.76
C ALA V 44 -53.24 2.46 -15.99
N ARG V 45 -54.22 2.19 -16.86
CA ARG V 45 -53.94 1.42 -18.06
C ARG V 45 -53.04 2.19 -19.02
N LEU V 46 -53.32 3.48 -19.23
CA LEU V 46 -52.50 4.28 -20.13
C LEU V 46 -51.05 4.32 -19.67
N ALA V 47 -50.81 4.34 -18.36
CA ALA V 47 -49.45 4.34 -17.86
C ALA V 47 -48.82 2.95 -17.93
N LYS V 48 -49.60 1.91 -17.67
CA LYS V 48 -49.05 0.56 -17.69
C LYS V 48 -48.67 0.10 -19.09
N GLU V 49 -49.29 0.67 -20.13
CA GLU V 49 -48.92 0.30 -21.49
C GLU V 49 -47.46 0.66 -21.77
N HIS V 50 -46.99 1.76 -21.21
CA HIS V 50 -45.65 2.27 -21.50
C HIS V 50 -44.65 1.93 -20.41
N SER V 51 -45.03 1.17 -19.41
CA SER V 51 -44.07 0.68 -18.42
C SER V 51 -43.09 -0.27 -19.08
N GLY V 52 -41.86 -0.28 -18.58
CA GLY V 52 -40.79 -1.05 -19.18
C GLY V 52 -40.04 -0.34 -20.29
N LEU V 53 -40.36 0.91 -20.57
CA LEU V 53 -39.63 1.74 -21.53
C LEU V 53 -38.96 2.88 -20.76
N ASP V 54 -38.17 3.67 -21.48
CA ASP V 54 -37.57 4.84 -20.87
C ASP V 54 -38.67 5.78 -20.41
N TYR V 55 -38.57 6.22 -19.14
CA TYR V 55 -39.67 6.96 -18.54
C TYR V 55 -39.89 8.31 -19.23
N GLU V 56 -38.86 8.88 -19.85
CA GLU V 56 -39.05 10.13 -20.58
C GLU V 56 -39.90 9.91 -21.82
N VAL V 57 -39.61 8.86 -22.58
CA VAL V 57 -40.45 8.54 -23.74
C VAL V 57 -41.86 8.18 -23.30
N ALA V 58 -41.97 7.47 -22.16
CA ALA V 58 -43.29 7.15 -21.62
C ALA V 58 -44.06 8.40 -21.25
N PHE V 59 -43.39 9.38 -20.63
CA PHE V 59 -44.03 10.65 -20.32
C PHE V 59 -44.60 11.29 -21.58
N SER V 60 -43.80 11.37 -22.64
CA SER V 60 -44.24 12.04 -23.86
C SER V 60 -45.44 11.34 -24.49
N LYS V 61 -45.37 10.01 -24.59
CA LYS V 61 -46.46 9.26 -25.20
C LYS V 61 -47.75 9.38 -24.37
N ILE V 62 -47.62 9.37 -23.04
CA ILE V 62 -48.79 9.49 -22.19
C ILE V 62 -49.41 10.88 -22.31
N ILE V 63 -48.57 11.91 -22.37
CA ILE V 63 -49.08 13.28 -22.54
C ILE V 63 -49.79 13.42 -23.87
N VAL V 64 -49.23 12.84 -24.94
CA VAL V 64 -49.87 12.92 -26.25
C VAL V 64 -51.21 12.21 -26.23
N GLU V 65 -51.29 11.04 -25.60
CA GLU V 65 -52.53 10.29 -25.54
C GLU V 65 -53.59 11.03 -24.72
N LEU V 66 -53.19 11.68 -23.63
CA LEU V 66 -54.14 12.43 -22.82
C LEU V 66 -54.69 13.64 -23.57
N ARG V 67 -53.82 14.35 -24.29
CA ARG V 67 -54.28 15.50 -25.06
C ARG V 67 -55.14 15.07 -26.26
N LYS V 68 -54.95 13.85 -26.76
CA LYS V 68 -55.77 13.37 -27.85
C LYS V 68 -57.17 12.99 -27.38
N LYS V 69 -57.26 12.14 -26.36
CA LYS V 69 -58.56 11.66 -25.90
C LYS V 69 -59.28 12.66 -25.02
N HIS V 70 -58.58 13.66 -24.49
CA HIS V 70 -59.18 14.69 -23.64
C HIS V 70 -58.63 16.05 -24.02
N PRO V 71 -59.10 16.62 -25.11
CA PRO V 71 -58.64 17.95 -25.51
C PRO V 71 -59.20 19.02 -24.59
N GLY V 72 -58.40 20.07 -24.38
CA GLY V 72 -58.81 21.16 -23.53
C GLY V 72 -58.79 20.86 -22.04
N HIS V 73 -58.26 19.70 -21.64
CA HIS V 73 -58.20 19.33 -20.23
C HIS V 73 -56.78 19.12 -19.72
N ILE V 74 -55.78 19.12 -20.59
CA ILE V 74 -54.39 18.93 -20.20
C ILE V 74 -53.62 20.20 -20.57
N LEU V 75 -52.78 20.68 -19.65
CA LEU V 75 -51.99 21.87 -19.90
C LEU V 75 -51.09 21.68 -21.12
N GLN V 76 -50.79 22.80 -21.78
CA GLN V 76 -49.92 22.76 -22.94
C GLN V 76 -48.45 22.67 -22.52
N ASP V 77 -47.58 22.39 -23.49
CA ASP V 77 -46.16 22.29 -23.18
C ASP V 77 -45.61 23.62 -22.70
N GLU V 78 -46.25 24.73 -23.07
CA GLU V 78 -45.80 26.03 -22.61
C GLU V 78 -45.96 26.17 -21.10
N ASP V 79 -46.97 25.52 -20.51
CA ASP V 79 -47.28 25.64 -19.10
C ASP V 79 -46.79 24.44 -18.27
N LEU V 80 -45.91 23.61 -18.83
CA LEU V 80 -45.39 22.44 -18.13
C LEU V 80 -43.99 22.73 -17.59
N GLN V 81 -43.76 22.36 -16.33
CA GLN V 81 -42.44 22.49 -15.71
C GLN V 81 -42.40 21.60 -14.49
N TRP V 82 -41.22 21.03 -14.22
CA TRP V 82 -41.01 20.19 -13.05
C TRP V 82 -40.89 21.06 -11.80
N VAL V 83 -41.77 20.84 -10.83
CA VAL V 83 -41.81 21.57 -9.57
C VAL V 83 -41.51 20.61 -8.44
N PHE V 84 -40.63 21.01 -7.53
CA PHE V 84 -40.30 20.19 -6.37
C PHE V 84 -41.51 20.07 -5.44
N VAL V 85 -41.59 18.94 -4.74
CA VAL V 85 -42.66 18.66 -3.81
C VAL V 85 -42.04 18.08 -2.54
N ASN V 86 -42.13 18.82 -1.44
CA ASN V 86 -41.64 18.37 -0.14
C ASN V 86 -42.84 18.17 0.78
N ALA V 87 -43.01 16.94 1.27
CA ALA V 87 -44.15 16.62 2.11
C ALA V 87 -43.86 15.37 2.92
N GLY V 88 -44.32 15.36 4.17
CA GLY V 88 -44.25 14.20 5.04
C GLY V 88 -42.86 13.67 5.32
N GLY V 89 -41.83 14.41 4.94
CA GLY V 89 -40.46 13.98 5.16
C GLY V 89 -39.77 13.43 3.94
N TRP V 90 -40.45 13.35 2.80
CA TRP V 90 -39.85 12.92 1.54
C TRP V 90 -39.82 14.09 0.57
N MET V 91 -39.02 13.94 -0.48
CA MET V 91 -38.84 15.00 -1.47
C MET V 91 -38.87 14.41 -2.87
N GLY V 92 -39.71 14.98 -3.73
CA GLY V 92 -39.75 14.58 -5.12
C GLY V 92 -40.05 15.76 -6.03
N SER V 93 -40.52 15.47 -7.25
CA SER V 93 -40.89 16.50 -8.20
C SER V 93 -42.10 16.04 -9.00
N MET V 94 -42.90 17.01 -9.43
CA MET V 94 -44.13 16.72 -10.16
C MET V 94 -44.18 17.53 -11.45
N CYS V 95 -44.95 17.01 -12.40
CA CYS V 95 -45.28 17.73 -13.63
C CYS V 95 -46.79 17.67 -13.77
N LEU V 96 -47.47 18.78 -13.47
CA LEU V 96 -48.91 18.81 -13.42
C LEU V 96 -49.49 18.92 -14.83
N LEU V 97 -50.22 17.88 -15.25
CA LEU V 97 -50.87 17.89 -16.57
C LEU V 97 -52.28 18.45 -16.50
N HIS V 98 -53.06 18.03 -15.51
CA HIS V 98 -54.44 18.46 -15.34
C HIS V 98 -54.74 18.62 -13.85
N ALA V 99 -55.58 19.59 -13.52
CA ALA V 99 -55.98 19.79 -12.14
C ALA V 99 -57.29 20.56 -12.10
N SER V 100 -58.22 20.09 -11.29
CA SER V 100 -59.51 20.75 -11.09
C SER V 100 -59.79 20.76 -9.59
N LEU V 101 -61.04 21.04 -9.22
CA LEU V 101 -61.43 21.04 -7.82
C LEU V 101 -61.69 19.64 -7.28
N THR V 102 -61.85 18.65 -8.16
CA THR V 102 -62.10 17.27 -7.73
C THR V 102 -61.16 16.24 -8.34
N GLU V 103 -60.42 16.58 -9.40
CA GLU V 103 -59.50 15.65 -10.04
C GLU V 103 -58.17 16.34 -10.28
N TYR V 104 -57.12 15.53 -10.41
CA TYR V 104 -55.83 16.04 -10.87
C TYR V 104 -55.01 14.90 -11.44
N VAL V 105 -54.26 15.20 -12.49
CA VAL V 105 -53.37 14.24 -13.14
C VAL V 105 -51.98 14.86 -13.22
N LEU V 106 -50.96 14.11 -12.85
CA LEU V 106 -49.59 14.61 -12.91
C LEU V 106 -48.63 13.45 -13.08
N LEU V 107 -47.38 13.80 -13.38
CA LEU V 107 -46.28 12.85 -13.44
C LEU V 107 -45.38 13.12 -12.25
N PHE V 108 -45.31 12.16 -11.33
CA PHE V 108 -44.55 12.31 -10.11
C PHE V 108 -43.35 11.36 -10.12
N GLY V 109 -42.34 11.72 -9.35
CA GLY V 109 -41.18 10.86 -9.17
C GLY V 109 -40.05 11.63 -8.53
N THR V 110 -39.00 10.88 -8.19
CA THR V 110 -37.83 11.44 -7.55
C THR V 110 -36.57 10.81 -8.14
N ALA V 111 -35.50 11.61 -8.18
CA ALA V 111 -34.18 11.15 -8.59
C ALA V 111 -33.26 10.92 -7.42
N VAL V 112 -33.78 10.92 -6.20
CA VAL V 112 -33.04 10.60 -4.98
C VAL V 112 -33.85 9.60 -4.17
N ASP V 113 -33.19 9.00 -3.19
CA ASP V 113 -33.82 8.04 -2.29
C ASP V 113 -34.51 8.81 -1.16
N THR V 114 -35.83 8.79 -1.16
CA THR V 114 -36.60 9.49 -0.14
C THR V 114 -37.73 8.61 0.34
N GLY V 115 -38.42 9.09 1.39
CA GLY V 115 -39.54 8.37 1.95
C GLY V 115 -40.08 9.02 3.20
N GLY V 116 -41.34 8.75 3.52
CA GLY V 116 -41.93 9.32 4.72
C GLY V 116 -43.42 9.06 4.77
N HIS V 117 -44.14 10.03 5.33
CA HIS V 117 -45.58 9.89 5.50
C HIS V 117 -46.30 10.27 4.21
N SER V 118 -47.16 9.38 3.74
CA SER V 118 -47.89 9.64 2.50
C SER V 118 -48.96 10.71 2.65
N GLY V 119 -49.44 10.94 3.87
CA GLY V 119 -50.48 11.92 4.09
C GLY V 119 -51.87 11.33 4.10
N ARG V 120 -52.68 11.76 5.06
CA ARG V 120 -54.07 11.31 5.20
C ARG V 120 -54.97 12.47 4.79
N TYR V 121 -55.67 12.32 3.67
CA TYR V 121 -56.47 13.41 3.11
C TYR V 121 -57.76 12.86 2.51
N TRP V 122 -58.61 13.78 2.07
CA TRP V 122 -59.92 13.42 1.52
C TRP V 122 -59.83 13.28 0.00
N ALA V 123 -59.03 12.29 -0.42
CA ALA V 123 -58.83 12.08 -1.85
C ALA V 123 -58.29 10.68 -2.08
N GLU V 124 -58.86 9.99 -3.06
CA GLU V 124 -58.36 8.69 -3.48
C GLU V 124 -57.35 8.92 -4.61
N ILE V 125 -56.15 8.37 -4.42
CA ILE V 125 -55.03 8.61 -5.32
C ILE V 125 -54.53 7.28 -5.87
N SER V 126 -54.26 7.24 -7.17
CA SER V 126 -53.76 6.06 -7.84
C SER V 126 -52.45 6.41 -8.55
N ASP V 127 -51.41 5.63 -8.27
CA ASP V 127 -50.10 5.83 -8.86
C ASP V 127 -49.69 4.57 -9.62
N THR V 128 -49.36 4.72 -10.90
CA THR V 128 -48.88 3.62 -11.72
C THR V 128 -47.39 3.84 -11.97
N ILE V 129 -46.57 2.94 -11.41
CA ILE V 129 -45.12 3.11 -11.48
C ILE V 129 -44.66 2.84 -12.91
N LEU V 130 -43.95 3.80 -13.50
CA LEU V 130 -43.35 3.63 -14.81
C LEU V 130 -41.96 3.02 -14.71
N SER V 131 -41.21 3.41 -13.69
CA SER V 131 -39.86 2.88 -13.46
C SER V 131 -39.53 3.05 -11.98
N GLY V 132 -38.59 2.25 -11.51
CA GLY V 132 -38.14 2.33 -10.14
C GLY V 132 -38.85 1.35 -9.22
N THR V 133 -38.87 1.71 -7.94
CA THR V 133 -39.53 0.89 -6.93
C THR V 133 -40.36 1.78 -6.01
N PHE V 134 -41.36 1.15 -5.40
CA PHE V 134 -42.28 1.82 -4.47
C PHE V 134 -42.46 0.89 -3.28
N ARG V 135 -41.91 1.27 -2.12
CA ARG V 135 -42.17 0.53 -0.89
C ARG V 135 -43.30 1.19 -0.14
N GLN V 136 -44.35 0.44 0.15
CA GLN V 136 -45.50 0.94 0.89
C GLN V 136 -45.64 0.18 2.19
N TRP V 137 -45.85 0.90 3.28
CA TRP V 137 -46.01 0.32 4.61
C TRP V 137 -47.38 0.76 5.12
N LYS V 138 -48.35 -0.15 5.03
CA LYS V 138 -49.73 0.17 5.39
C LYS V 138 -49.89 0.30 6.91
N GLU V 139 -50.94 1.02 7.30
CA GLU V 139 -51.19 1.28 8.71
C GLU V 139 -51.65 0.01 9.41
N GLY V 140 -51.16 -0.18 10.64
CA GLY V 140 -51.57 -1.30 11.45
C GLY V 140 -50.84 -2.60 11.17
N THR V 141 -49.82 -2.58 10.32
CA THR V 141 -49.06 -3.78 9.99
C THR V 141 -47.60 -3.62 10.41
N THR V 142 -46.86 -4.72 10.37
CA THR V 142 -45.45 -4.73 10.69
C THR V 142 -44.57 -5.12 9.50
N LYS V 143 -45.15 -5.30 8.33
CA LYS V 143 -44.41 -5.66 7.13
C LYS V 143 -44.83 -4.76 5.98
N SER V 144 -43.90 -4.48 5.09
CA SER V 144 -44.14 -3.60 3.96
C SER V 144 -44.03 -4.39 2.66
N GLU V 145 -44.61 -3.82 1.61
CA GLU V 145 -44.59 -4.43 0.28
C GLU V 145 -43.83 -3.52 -0.67
N ILE V 146 -43.17 -4.13 -1.64
CA ILE V 146 -42.38 -3.43 -2.64
C ILE V 146 -43.06 -3.61 -3.99
N PHE V 147 -43.33 -2.49 -4.67
CA PHE V 147 -44.01 -2.52 -5.96
C PHE V 147 -43.05 -2.08 -7.06
N TYR V 148 -43.21 -2.71 -8.22
CA TYR V 148 -42.25 -2.60 -9.32
C TYR V 148 -42.94 -1.97 -10.52
N PRO V 149 -42.22 -1.62 -11.59
CA PRO V 149 -42.88 -1.00 -12.75
C PRO V 149 -44.02 -1.84 -13.27
N GLY V 150 -45.13 -1.16 -13.59
CA GLY V 150 -46.34 -1.80 -14.02
C GLY V 150 -47.44 -1.86 -12.97
N ASP V 151 -47.06 -1.92 -11.70
CA ASP V 151 -48.06 -1.98 -10.63
C ASP V 151 -48.72 -0.62 -10.45
N THR V 152 -49.93 -0.67 -9.89
CA THR V 152 -50.72 0.53 -9.62
C THR V 152 -51.20 0.47 -8.18
N ILE V 153 -50.90 1.49 -7.40
CA ILE V 153 -51.20 1.53 -5.97
C ILE V 153 -52.29 2.59 -5.75
N VAL V 154 -53.31 2.21 -4.99
CA VAL V 154 -54.45 3.06 -4.72
C VAL V 154 -54.42 3.44 -3.25
N HIS V 155 -54.14 4.71 -2.97
CA HIS V 155 -54.21 5.24 -1.61
C HIS V 155 -55.62 5.77 -1.39
N GLU V 156 -56.43 5.01 -0.65
CA GLU V 156 -57.84 5.31 -0.51
C GLU V 156 -58.06 6.48 0.44
N VAL V 157 -59.31 6.94 0.50
CA VAL V 157 -59.66 8.08 1.34
C VAL V 157 -59.50 7.70 2.80
N GLY V 158 -58.89 8.59 3.58
CA GLY V 158 -58.67 8.35 5.00
C GLY V 158 -57.54 7.41 5.33
N GLU V 159 -56.90 6.82 4.33
CA GLU V 159 -55.78 5.91 4.57
C GLU V 159 -54.49 6.71 4.76
N ALA V 160 -53.64 6.20 5.63
CA ALA V 160 -52.32 6.80 5.88
C ALA V 160 -51.27 5.69 5.82
N THR V 161 -50.32 5.82 4.91
CA THR V 161 -49.27 4.83 4.74
C THR V 161 -47.91 5.51 4.73
N SER V 162 -46.87 4.68 4.81
CA SER V 162 -45.49 5.13 4.69
C SER V 162 -44.95 4.75 3.31
N VAL V 163 -44.46 5.75 2.58
CA VAL V 163 -43.97 5.55 1.23
C VAL V 163 -42.45 5.66 1.23
N GLN V 164 -41.83 4.98 0.27
CA GLN V 164 -40.38 5.05 0.07
C GLN V 164 -40.09 4.80 -1.40
N TRP V 165 -39.18 5.60 -1.96
CA TRP V 165 -38.83 5.51 -3.38
C TRP V 165 -37.32 5.40 -3.55
N SER V 166 -36.92 4.76 -4.64
CA SER V 166 -35.52 4.58 -4.98
C SER V 166 -34.99 5.76 -5.78
N SER V 167 -33.74 5.64 -6.24
CA SER V 167 -33.05 6.71 -6.95
C SER V 167 -33.47 6.85 -8.41
N GLY V 168 -34.55 6.20 -8.83
CA GLY V 168 -35.00 6.32 -10.20
C GLY V 168 -36.47 6.03 -10.38
N THR V 169 -37.27 6.40 -9.38
CA THR V 169 -38.70 6.07 -9.38
C THR V 169 -39.48 7.17 -10.07
N TRP V 170 -40.36 6.77 -11.00
CA TRP V 170 -41.20 7.69 -11.74
C TRP V 170 -42.55 7.04 -12.01
N MET V 171 -43.62 7.82 -11.88
CA MET V 171 -44.97 7.26 -11.92
C MET V 171 -45.93 8.32 -12.46
N VAL V 172 -47.08 7.83 -12.93
CA VAL V 172 -48.20 8.67 -13.34
C VAL V 172 -49.28 8.57 -12.28
N GLU V 173 -49.71 9.71 -11.77
CA GLU V 173 -50.59 9.77 -10.61
C GLU V 173 -51.88 10.50 -10.93
N TYR V 174 -53.00 9.94 -10.46
CA TYR V 174 -54.32 10.52 -10.62
C TYR V 174 -55.04 10.51 -9.29
N GLY V 175 -55.62 11.65 -8.92
CA GLY V 175 -56.29 11.81 -7.65
C GLY V 175 -57.73 12.26 -7.81
N ARG V 176 -58.61 11.68 -6.99
CA ARG V 176 -60.03 12.00 -6.99
C ARG V 176 -60.45 12.34 -5.58
N GLY V 177 -61.32 13.34 -5.44
CA GLY V 177 -61.84 13.69 -4.14
C GLY V 177 -61.86 15.17 -3.87
N PHE V 178 -61.81 15.56 -2.59
CA PHE V 178 -61.79 16.97 -2.22
C PHE V 178 -60.35 17.46 -2.37
N ILE V 179 -60.01 17.94 -3.56
CA ILE V 179 -58.62 18.30 -3.87
C ILE V 179 -58.09 19.44 -3.00
N PRO V 180 -58.81 20.55 -2.80
CA PRO V 180 -58.22 21.65 -2.02
C PRO V 180 -57.73 21.24 -0.64
N SER V 181 -58.31 20.19 -0.06
CA SER V 181 -57.89 19.76 1.27
C SER V 181 -56.48 19.21 1.26
N THR V 182 -56.06 18.61 0.15
CA THR V 182 -54.76 17.95 0.11
C THR V 182 -53.61 18.95 0.06
N CYS V 183 -53.86 20.15 -0.47
CA CYS V 183 -52.77 21.12 -0.62
C CYS V 183 -52.19 21.56 0.71
N ALA V 184 -52.96 21.43 1.80
CA ALA V 184 -52.42 21.75 3.12
C ALA V 184 -51.25 20.84 3.47
N PHE V 185 -51.38 19.54 3.20
CA PHE V 185 -50.30 18.60 3.48
C PHE V 185 -49.16 18.78 2.49
N ALA V 186 -49.48 19.13 1.25
CA ALA V 186 -48.46 19.26 0.21
C ALA V 186 -47.55 20.45 0.44
N LEU V 187 -47.93 21.39 1.28
CA LEU V 187 -47.14 22.60 1.51
C LEU V 187 -46.67 22.72 2.95
N ALA V 188 -46.85 21.69 3.77
CA ALA V 188 -46.43 21.76 5.16
C ALA V 188 -44.91 21.80 5.26
N ASP V 189 -44.23 20.85 4.61
CA ASP V 189 -42.77 20.80 4.68
C ASP V 189 -42.13 22.00 3.98
N THR V 190 -42.78 22.54 2.95
CA THR V 190 -42.24 23.74 2.29
C THR V 190 -42.32 24.97 3.19
N ILE V 191 -43.17 24.94 4.21
CA ILE V 191 -43.32 26.08 5.12
C ILE V 191 -42.41 25.94 6.34
N PHE V 192 -42.39 24.77 6.96
CA PHE V 192 -41.71 24.57 8.23
C PHE V 192 -40.36 23.89 8.10
N SER V 193 -39.95 23.51 6.90
CA SER V 193 -38.67 22.80 6.73
C SER V 193 -37.81 23.43 5.64
N THR V 194 -38.28 23.38 4.38
CA THR V 194 -37.46 23.85 3.28
C THR V 194 -37.45 25.36 3.18
N GLN V 195 -38.59 25.99 3.47
CA GLN V 195 -38.76 27.44 3.32
C GLN V 195 -38.42 27.89 1.91
N ASP V 196 -38.75 27.04 0.93
CA ASP V 196 -38.54 27.35 -0.49
C ASP V 196 -39.82 27.96 -1.05
N PHE V 197 -39.99 29.26 -0.77
CA PHE V 197 -41.21 29.95 -1.19
C PHE V 197 -41.31 30.07 -2.70
N LEU V 198 -40.18 30.02 -3.42
CA LEU V 198 -40.23 30.03 -4.88
C LEU V 198 -40.89 28.77 -5.41
N THR V 199 -40.62 27.63 -4.78
CA THR V 199 -41.30 26.40 -5.15
C THR V 199 -42.79 26.48 -4.80
N LEU V 200 -43.12 27.10 -3.66
CA LEU V 200 -44.51 27.36 -3.34
C LEU V 200 -45.16 28.22 -4.40
N PHE V 201 -44.45 29.25 -4.87
CA PHE V 201 -44.96 30.09 -5.94
C PHE V 201 -45.18 29.27 -7.21
N TYR V 202 -44.22 28.40 -7.55
CA TYR V 202 -44.38 27.54 -8.71
C TYR V 202 -45.58 26.63 -8.58
N THR V 203 -45.78 26.04 -7.39
CA THR V 203 -46.92 25.15 -7.18
C THR V 203 -48.23 25.91 -7.33
N VAL V 204 -48.33 27.08 -6.71
CA VAL V 204 -49.53 27.90 -6.86
C VAL V 204 -49.72 28.31 -8.31
N LYS V 205 -48.61 28.55 -9.02
CA LYS V 205 -48.70 28.99 -10.41
C LYS V 205 -49.28 27.91 -11.31
N VAL V 206 -48.70 26.71 -11.27
CA VAL V 206 -49.17 25.65 -12.15
C VAL V 206 -50.57 25.19 -11.75
N CYS V 207 -50.89 25.24 -10.45
CA CYS V 207 -52.24 24.88 -10.02
C CYS V 207 -53.26 25.88 -10.53
N SER V 208 -52.92 27.17 -10.50
CA SER V 208 -53.83 28.19 -11.03
C SER V 208 -54.00 28.04 -12.54
N LYS V 209 -52.92 27.72 -13.25
CA LYS V 209 -53.02 27.56 -14.70
C LYS V 209 -53.94 26.41 -15.07
N ALA V 210 -53.84 25.29 -14.36
CA ALA V 210 -54.72 24.16 -14.64
C ALA V 210 -56.17 24.48 -14.30
N LEU V 211 -56.41 25.19 -13.20
CA LEU V 211 -57.77 25.56 -12.82
C LEU V 211 -58.38 26.51 -13.84
N LEU V 212 -57.61 27.50 -14.32
CA LEU V 212 -58.14 28.44 -15.30
C LEU V 212 -58.37 27.77 -16.65
N LEU V 213 -57.53 26.79 -17.01
CA LEU V 213 -57.76 26.02 -18.24
C LEU V 213 -59.06 25.25 -18.15
N GLU V 214 -59.32 24.60 -17.02
CA GLU V 214 -60.58 23.89 -16.84
C GLU V 214 -61.76 24.84 -16.84
N ALA V 215 -61.59 26.02 -16.24
CA ALA V 215 -62.66 27.02 -16.24
C ALA V 215 -62.93 27.55 -17.64
N SER V 216 -61.88 27.77 -18.43
CA SER V 216 -62.07 28.21 -19.81
C SER V 216 -62.75 27.14 -20.65
N THR V 217 -62.40 25.88 -20.41
CA THR V 217 -63.05 24.78 -21.13
C THR V 217 -64.52 24.68 -20.77
N HIS V 218 -64.86 24.91 -19.49
CA HIS V 218 -66.26 24.92 -19.09
C HIS V 218 -67.00 26.10 -19.70
N LEU V 219 -66.34 27.26 -19.81
CA LEU V 219 -66.98 28.43 -20.39
C LEU V 219 -67.28 28.23 -21.87
N SER V 220 -66.37 27.57 -22.60
CA SER V 220 -66.59 27.33 -24.01
C SER V 220 -67.73 26.34 -24.25
N GLN V 221 -68.12 25.57 -23.23
CA GLN V 221 -69.22 24.63 -23.36
C GLN V 221 -70.48 25.14 -22.67
N LEU W 9 -51.65 50.63 -13.49
CA LEU W 9 -50.23 50.97 -13.60
C LEU W 9 -49.82 52.03 -12.58
N GLY W 10 -48.73 51.78 -11.87
CA GLY W 10 -48.26 52.76 -10.89
C GLY W 10 -49.21 52.82 -9.70
N LEU W 11 -49.51 54.04 -9.27
CA LEU W 11 -50.35 54.29 -8.09
C LEU W 11 -49.78 53.58 -6.87
N ARG W 12 -48.53 53.93 -6.54
CA ARG W 12 -47.78 53.41 -5.41
C ARG W 12 -47.42 51.93 -5.55
N ALA W 13 -48.04 51.21 -6.50
CA ALA W 13 -47.75 49.79 -6.67
C ALA W 13 -46.32 49.54 -7.12
N VAL W 14 -45.80 50.38 -8.03
CA VAL W 14 -44.43 50.21 -8.50
C VAL W 14 -43.42 50.86 -7.56
N LEU W 15 -43.86 51.83 -6.75
CA LEU W 15 -42.93 52.51 -5.84
C LEU W 15 -42.31 51.53 -4.85
N VAL W 16 -43.10 50.56 -4.36
CA VAL W 16 -42.55 49.56 -3.45
C VAL W 16 -41.68 48.57 -4.21
N VAL W 17 -42.02 48.29 -5.47
CA VAL W 17 -41.16 47.45 -6.30
C VAL W 17 -39.83 48.14 -6.59
N ALA W 18 -39.88 49.43 -6.97
CA ALA W 18 -38.64 50.16 -7.22
C ALA W 18 -37.81 50.31 -5.96
N GLY W 19 -38.49 50.50 -4.81
CA GLY W 19 -37.76 50.61 -3.56
C GLY W 19 -36.99 49.35 -3.21
N LEU W 20 -37.62 48.18 -3.40
CA LEU W 20 -36.91 46.92 -3.21
C LEU W 20 -35.84 46.73 -4.28
N ALA W 21 -36.12 47.19 -5.51
CA ALA W 21 -35.14 47.09 -6.57
C ALA W 21 -33.88 47.88 -6.24
N VAL W 22 -34.06 49.11 -5.71
CA VAL W 22 -32.92 49.92 -5.30
C VAL W 22 -32.23 49.30 -4.09
N LEU W 23 -33.02 48.79 -3.13
CA LEU W 23 -32.43 48.12 -1.97
C LEU W 23 -31.58 46.93 -2.38
N LEU W 24 -32.06 46.14 -3.35
CA LEU W 24 -31.27 45.04 -3.87
C LEU W 24 -30.05 45.56 -4.63
N GLN W 25 -30.19 46.66 -5.35
CA GLN W 25 -29.04 47.24 -6.04
C GLN W 25 -27.98 47.72 -5.05
N LEU W 26 -28.43 48.29 -3.92
CA LEU W 26 -27.48 48.71 -2.88
C LEU W 26 -26.83 47.50 -2.22
N ILE W 27 -27.63 46.50 -1.85
CA ILE W 27 -27.09 45.33 -1.17
C ILE W 27 -26.18 44.54 -2.11
N ARG W 28 -26.65 44.30 -3.34
CA ARG W 28 -25.83 43.58 -4.30
C ARG W 28 -24.62 44.41 -4.73
N GLY W 29 -24.72 45.73 -4.68
CA GLY W 29 -23.57 46.57 -4.97
C GLY W 29 -22.49 46.47 -3.90
N TRP W 30 -22.90 46.41 -2.64
CA TRP W 30 -21.94 46.16 -1.56
C TRP W 30 -21.30 44.79 -1.70
N LEU W 31 -22.10 43.77 -2.01
CA LEU W 31 -21.57 42.42 -2.17
C LEU W 31 -20.68 42.31 -3.40
N SER W 32 -20.88 43.17 -4.39
CA SER W 32 -20.09 43.13 -5.62
C SER W 32 -18.80 43.94 -5.52
N SER W 33 -18.64 44.78 -4.50
CA SER W 33 -17.47 45.63 -4.35
C SER W 33 -16.76 45.42 -3.02
N LYS W 34 -17.08 44.36 -2.29
CA LYS W 34 -16.53 44.13 -0.95
C LYS W 34 -15.32 43.22 -1.04
N SER W 35 -14.12 43.78 -0.86
CA SER W 35 -12.91 43.00 -0.63
C SER W 35 -13.17 41.87 0.37
N TYR W 36 -13.21 40.64 -0.13
CA TYR W 36 -13.43 39.45 0.68
C TYR W 36 -12.12 38.86 1.16
N VAL W 37 -12.23 37.99 2.17
CA VAL W 37 -11.05 37.33 2.73
C VAL W 37 -10.68 36.10 1.91
N PHE W 38 -11.62 35.17 1.79
CA PHE W 38 -11.41 33.90 1.09
C PHE W 38 -11.96 33.96 -0.32
N ASN W 39 -11.66 32.91 -1.09
CA ASN W 39 -12.27 32.68 -2.38
C ASN W 39 -12.53 31.19 -2.54
N ARG W 40 -13.53 30.85 -3.34
CA ARG W 40 -13.96 29.46 -3.43
C ARG W 40 -12.88 28.57 -4.01
N GLU W 41 -12.05 29.10 -4.91
CA GLU W 41 -10.97 28.31 -5.49
C GLU W 41 -9.92 27.98 -4.44
N GLU W 42 -9.62 28.92 -3.54
CA GLU W 42 -8.63 28.67 -2.50
C GLU W 42 -9.06 27.52 -1.60
N ILE W 43 -10.29 27.58 -1.07
CA ILE W 43 -10.79 26.53 -0.19
C ILE W 43 -10.93 25.22 -0.95
N ALA W 44 -11.34 25.29 -2.22
CA ALA W 44 -11.51 24.06 -3.01
C ALA W 44 -10.19 23.34 -3.21
N ARG W 45 -9.12 24.08 -3.53
CA ARG W 45 -7.82 23.44 -3.71
C ARG W 45 -7.29 22.88 -2.40
N LEU W 46 -7.41 23.65 -1.32
CA LEU W 46 -6.92 23.19 -0.02
C LEU W 46 -7.61 21.92 0.44
N ALA W 47 -8.91 21.77 0.12
CA ALA W 47 -9.60 20.54 0.49
C ALA W 47 -9.27 19.39 -0.45
N LYS W 48 -9.11 19.70 -1.74
CA LYS W 48 -8.81 18.63 -2.70
C LYS W 48 -7.40 18.10 -2.52
N GLU W 49 -6.49 18.90 -1.98
CA GLU W 49 -5.13 18.41 -1.72
C GLU W 49 -5.14 17.28 -0.71
N HIS W 50 -6.02 17.35 0.29
CA HIS W 50 -6.07 16.35 1.34
C HIS W 50 -7.19 15.35 1.12
N SER W 51 -7.90 15.43 0.00
CA SER W 51 -8.89 14.43 -0.35
C SER W 51 -8.22 13.08 -0.62
N GLY W 52 -8.94 12.01 -0.30
CA GLY W 52 -8.41 10.67 -0.39
C GLY W 52 -7.66 10.19 0.83
N LEU W 53 -7.61 10.99 1.89
CA LEU W 53 -7.03 10.62 3.17
C LEU W 53 -8.14 10.56 4.22
N ASP W 54 -7.78 10.14 5.43
CA ASP W 54 -8.74 10.15 6.52
C ASP W 54 -9.21 11.58 6.75
N TYR W 55 -10.53 11.76 6.80
CA TYR W 55 -11.09 13.11 6.86
C TYR W 55 -10.71 13.83 8.14
N GLU W 56 -10.42 13.08 9.21
CA GLU W 56 -9.98 13.71 10.45
C GLU W 56 -8.60 14.33 10.28
N VAL W 57 -7.67 13.60 9.67
CA VAL W 57 -6.35 14.17 9.40
C VAL W 57 -6.47 15.33 8.41
N ALA W 58 -7.36 15.19 7.42
CA ALA W 58 -7.61 16.27 6.48
C ALA W 58 -8.14 17.51 7.19
N PHE W 59 -9.07 17.31 8.13
CA PHE W 59 -9.59 18.43 8.92
C PHE W 59 -8.45 19.18 9.62
N SER W 60 -7.58 18.46 10.32
CA SER W 60 -6.52 19.10 11.09
C SER W 60 -5.57 19.88 10.19
N LYS W 61 -5.14 19.27 9.08
CA LYS W 61 -4.21 19.95 8.18
C LYS W 61 -4.86 21.16 7.52
N ILE W 62 -6.13 21.07 7.17
CA ILE W 62 -6.81 22.20 6.55
C ILE W 62 -7.02 23.33 7.55
N ILE W 63 -7.38 23.00 8.80
CA ILE W 63 -7.55 24.02 9.83
C ILE W 63 -6.25 24.75 10.11
N VAL W 64 -5.15 24.01 10.21
CA VAL W 64 -3.85 24.66 10.46
C VAL W 64 -3.47 25.55 9.28
N GLU W 65 -3.68 25.06 8.05
CA GLU W 65 -3.33 25.85 6.87
C GLU W 65 -4.18 27.11 6.79
N LEU W 66 -5.46 27.02 7.16
CA LEU W 66 -6.31 28.20 7.16
C LEU W 66 -5.85 29.22 8.20
N ARG W 67 -5.47 28.75 9.39
CA ARG W 67 -4.93 29.65 10.41
C ARG W 67 -3.55 30.17 10.01
N LYS W 68 -2.82 29.45 9.15
CA LYS W 68 -1.53 29.93 8.68
C LYS W 68 -1.69 31.07 7.68
N LYS W 69 -2.48 30.85 6.63
CA LYS W 69 -2.60 31.84 5.56
C LYS W 69 -3.56 32.97 5.91
N HIS W 70 -4.42 32.80 6.92
CA HIS W 70 -5.37 33.83 7.33
C HIS W 70 -5.43 33.88 8.84
N PRO W 71 -4.43 34.51 9.47
CA PRO W 71 -4.45 34.62 10.93
C PRO W 71 -5.52 35.60 11.40
N GLY W 72 -6.08 35.32 12.57
CA GLY W 72 -7.11 36.16 13.13
C GLY W 72 -8.48 36.04 12.48
N HIS W 73 -8.66 35.09 11.57
CA HIS W 73 -9.94 34.91 10.89
C HIS W 73 -10.56 33.54 11.13
N ILE W 74 -9.85 32.60 11.74
CA ILE W 74 -10.34 31.26 12.00
C ILE W 74 -10.39 31.06 13.51
N LEU W 75 -11.50 30.52 14.00
CA LEU W 75 -11.66 30.29 15.43
C LEU W 75 -10.59 29.34 15.94
N GLN W 76 -10.24 29.51 17.22
CA GLN W 76 -9.27 28.64 17.87
C GLN W 76 -9.91 27.33 18.28
N ASP W 77 -9.07 26.38 18.70
CA ASP W 77 -9.55 25.07 19.10
C ASP W 77 -10.49 25.14 20.30
N GLU W 78 -10.36 26.18 21.14
CA GLU W 78 -11.23 26.32 22.29
C GLU W 78 -12.68 26.55 21.90
N ASP W 79 -12.93 27.22 20.77
CA ASP W 79 -14.27 27.58 20.34
C ASP W 79 -14.81 26.64 19.28
N LEU W 80 -14.19 25.48 19.08
CA LEU W 80 -14.63 24.52 18.07
C LEU W 80 -15.39 23.39 18.74
N GLN W 81 -16.53 23.02 18.13
CA GLN W 81 -17.32 21.88 18.59
C GLN W 81 -18.23 21.46 17.44
N TRP W 82 -18.47 20.15 17.35
CA TRP W 82 -19.37 19.62 16.34
C TRP W 82 -20.81 19.89 16.75
N VAL W 83 -21.54 20.61 15.92
CA VAL W 83 -22.93 20.97 16.19
C VAL W 83 -23.80 20.29 15.14
N PHE W 84 -24.89 19.67 15.60
CA PHE W 84 -25.83 19.04 14.68
C PHE W 84 -26.53 20.11 13.84
N VAL W 85 -26.88 19.74 12.62
CA VAL W 85 -27.54 20.64 11.68
C VAL W 85 -28.69 19.88 11.05
N ASN W 86 -29.91 20.30 11.35
CA ASN W 86 -31.12 19.74 10.76
C ASN W 86 -31.79 20.81 9.92
N ALA W 87 -31.94 20.56 8.62
CA ALA W 87 -32.53 21.53 7.73
C ALA W 87 -33.04 20.82 6.49
N GLY W 88 -34.18 21.28 5.98
CA GLY W 88 -34.72 20.79 4.72
C GLY W 88 -35.00 19.30 4.68
N GLY W 89 -34.92 18.63 5.83
CA GLY W 89 -35.17 17.21 5.90
C GLY W 89 -33.95 16.33 6.01
N TRP W 90 -32.74 16.90 6.00
CA TRP W 90 -31.53 16.14 6.18
C TRP W 90 -30.87 16.53 7.49
N MET W 91 -29.95 15.69 7.96
CA MET W 91 -29.27 15.91 9.23
C MET W 91 -27.79 15.61 9.10
N GLY W 92 -26.97 16.56 9.54
CA GLY W 92 -25.54 16.38 9.57
C GLY W 92 -24.93 17.08 10.76
N SER W 93 -23.63 17.37 10.70
CA SER W 93 -22.95 18.10 11.76
C SER W 93 -21.92 19.02 11.12
N MET W 94 -21.65 20.14 11.79
CA MET W 94 -20.74 21.14 11.28
C MET W 94 -19.72 21.52 12.35
N CYS W 95 -18.57 21.99 11.88
CA CYS W 95 -17.55 22.61 12.74
C CYS W 95 -17.21 23.95 12.10
N LEU W 96 -17.71 25.03 12.69
CA LEU W 96 -17.57 26.35 12.10
C LEU W 96 -16.18 26.90 12.38
N LEU W 97 -15.40 27.11 11.31
CA LEU W 97 -14.06 27.66 11.44
C LEU W 97 -14.06 29.18 11.33
N HIS W 98 -14.78 29.73 10.37
CA HIS W 98 -14.85 31.16 10.15
C HIS W 98 -16.27 31.52 9.72
N ALA W 99 -16.73 32.70 10.14
CA ALA W 99 -18.05 33.19 9.76
C ALA W 99 -18.08 34.70 9.93
N SER W 100 -18.59 35.39 8.92
CA SER W 100 -18.76 36.84 8.97
C SER W 100 -20.15 37.17 8.45
N LEU W 101 -20.37 38.43 8.11
CA LEU W 101 -21.65 38.83 7.54
C LEU W 101 -21.77 38.51 6.06
N THR W 102 -20.66 38.19 5.40
CA THR W 102 -20.68 37.85 3.98
C THR W 102 -19.99 36.54 3.62
N GLU W 103 -19.17 35.98 4.51
CA GLU W 103 -18.45 34.73 4.23
C GLU W 103 -18.58 33.79 5.43
N TYR W 104 -18.41 32.50 5.15
CA TYR W 104 -18.28 31.52 6.23
C TYR W 104 -17.56 30.29 5.70
N VAL W 105 -16.73 29.69 6.57
CA VAL W 105 -15.99 28.48 6.26
C VAL W 105 -16.29 27.47 7.37
N LEU W 106 -16.58 26.22 6.99
CA LEU W 106 -16.85 25.19 7.97
C LEU W 106 -16.49 23.83 7.41
N LEU W 107 -16.46 22.84 8.29
CA LEU W 107 -16.30 21.44 7.94
C LEU W 107 -17.63 20.75 8.20
N PHE W 108 -18.30 20.32 7.14
CA PHE W 108 -19.61 19.71 7.22
C PHE W 108 -19.54 18.24 6.85
N GLY W 109 -20.51 17.48 7.35
CA GLY W 109 -20.61 16.09 6.97
C GLY W 109 -21.55 15.35 7.91
N THR W 110 -21.81 14.10 7.53
CA THR W 110 -22.70 13.24 8.32
C THR W 110 -22.13 11.83 8.38
N ALA W 111 -22.40 11.16 9.49
CA ALA W 111 -22.07 9.76 9.67
C ALA W 111 -23.29 8.86 9.53
N VAL W 112 -24.41 9.39 9.04
CA VAL W 112 -25.62 8.63 8.75
C VAL W 112 -26.10 8.99 7.35
N ASP W 113 -27.00 8.16 6.83
CA ASP W 113 -27.59 8.36 5.51
C ASP W 113 -28.76 9.33 5.63
N THR W 114 -28.61 10.53 5.10
CA THR W 114 -29.68 11.51 5.13
C THR W 114 -29.75 12.19 3.76
N GLY W 115 -30.77 13.01 3.59
CA GLY W 115 -30.94 13.71 2.35
C GLY W 115 -32.24 14.47 2.37
N GLY W 116 -32.28 15.50 1.54
CA GLY W 116 -33.43 16.37 1.41
C GLY W 116 -33.21 17.62 0.58
N HIS W 117 -33.89 18.72 0.98
CA HIS W 117 -33.82 19.97 0.24
C HIS W 117 -32.55 20.74 0.62
N SER W 118 -31.79 21.15 -0.40
CA SER W 118 -30.55 21.87 -0.16
C SER W 118 -30.78 23.30 0.35
N GLY W 119 -31.94 23.87 0.08
CA GLY W 119 -32.25 25.22 0.51
C GLY W 119 -31.95 26.25 -0.56
N ARG W 120 -32.87 27.19 -0.76
CA ARG W 120 -32.71 28.28 -1.72
C ARG W 120 -32.52 29.57 -0.94
N TYR W 121 -31.32 30.14 -1.03
CA TYR W 121 -30.96 31.31 -0.25
C TYR W 121 -30.06 32.23 -1.09
N TRP W 122 -29.75 33.39 -0.51
CA TRP W 122 -28.95 34.42 -1.19
C TRP W 122 -27.47 34.22 -0.88
N ALA W 123 -26.94 33.08 -1.33
CA ALA W 123 -25.55 32.75 -1.03
C ALA W 123 -25.04 31.69 -1.99
N GLU W 124 -23.84 31.91 -2.51
CA GLU W 124 -23.16 30.91 -3.33
C GLU W 124 -22.31 30.02 -2.42
N ILE W 125 -22.53 28.71 -2.50
CA ILE W 125 -21.88 27.77 -1.59
C ILE W 125 -21.08 26.77 -2.42
N SER W 126 -19.86 26.48 -1.96
CA SER W 126 -18.98 25.52 -2.61
C SER W 126 -18.58 24.46 -1.61
N ASP W 127 -18.76 23.19 -2.00
CA ASP W 127 -18.45 22.06 -1.14
C ASP W 127 -17.46 21.14 -1.86
N THR W 128 -16.33 20.87 -1.22
CA THR W 128 -15.34 19.93 -1.72
C THR W 128 -15.37 18.69 -0.86
N ILE W 129 -15.78 17.56 -1.45
CA ILE W 129 -15.96 16.33 -0.69
C ILE W 129 -14.61 15.77 -0.30
N LEU W 130 -14.41 15.53 1.00
CA LEU W 130 -13.20 14.89 1.50
C LEU W 130 -13.32 13.36 1.51
N SER W 131 -14.50 12.85 1.85
CA SER W 131 -14.76 11.41 1.85
C SER W 131 -16.25 11.20 1.70
N GLY W 132 -16.61 10.01 1.21
CA GLY W 132 -18.01 9.66 1.02
C GLY W 132 -18.51 9.91 -0.39
N THR W 133 -19.82 10.10 -0.49
CA THR W 133 -20.48 10.39 -1.76
C THR W 133 -21.50 11.49 -1.57
N PHE W 134 -21.79 12.19 -2.68
CA PHE W 134 -22.71 13.33 -2.70
C PHE W 134 -23.61 13.15 -3.91
N ARG W 135 -24.88 12.84 -3.68
CA ARG W 135 -25.87 12.77 -4.75
C ARG W 135 -26.57 14.13 -4.85
N GLN W 136 -26.51 14.74 -6.04
CA GLN W 136 -27.14 16.02 -6.29
C GLN W 136 -28.20 15.86 -7.37
N TRP W 137 -29.38 16.43 -7.13
CA TRP W 137 -30.51 16.37 -8.05
C TRP W 137 -30.89 17.81 -8.40
N LYS W 138 -30.48 18.27 -9.58
CA LYS W 138 -30.73 19.65 -9.96
C LYS W 138 -32.22 19.87 -10.26
N GLU W 139 -32.64 21.12 -10.13
CA GLU W 139 -34.04 21.46 -10.34
C GLU W 139 -34.38 21.39 -11.83
N GLY W 140 -35.58 20.89 -12.13
CA GLY W 140 -36.02 20.82 -13.51
C GLY W 140 -35.51 19.62 -14.27
N THR W 141 -34.85 18.69 -13.61
CA THR W 141 -34.30 17.51 -14.26
C THR W 141 -34.96 16.25 -13.71
N THR W 142 -34.70 15.13 -14.38
CA THR W 142 -35.21 13.83 -13.96
C THR W 142 -34.10 12.85 -13.59
N LYS W 143 -32.84 13.29 -13.60
CA LYS W 143 -31.71 12.44 -13.25
C LYS W 143 -30.79 13.18 -12.28
N SER W 144 -30.14 12.41 -11.42
CA SER W 144 -29.21 12.95 -10.43
C SER W 144 -27.80 12.44 -10.72
N GLU W 145 -26.81 13.16 -10.20
CA GLU W 145 -25.41 12.81 -10.37
C GLU W 145 -24.76 12.55 -9.01
N ILE W 146 -23.77 11.68 -9.01
CA ILE W 146 -23.04 11.28 -7.81
C ILE W 146 -21.63 11.85 -7.90
N PHE W 147 -21.21 12.57 -6.88
CA PHE W 147 -19.90 13.20 -6.81
C PHE W 147 -19.07 12.52 -5.74
N TYR W 148 -17.77 12.40 -5.99
CA TYR W 148 -16.90 11.58 -5.17
C TYR W 148 -15.82 12.44 -4.54
N PRO W 149 -15.02 11.92 -3.60
CA PRO W 149 -13.96 12.74 -3.01
C PRO W 149 -13.07 13.32 -4.08
N GLY W 150 -12.76 14.61 -3.92
CA GLY W 150 -12.01 15.37 -4.90
C GLY W 150 -12.87 16.31 -5.73
N ASP W 151 -14.13 15.94 -5.96
CA ASP W 151 -15.02 16.81 -6.71
C ASP W 151 -15.48 17.99 -5.85
N THR W 152 -15.87 19.07 -6.53
CA THR W 152 -16.34 20.28 -5.87
C THR W 152 -17.64 20.72 -6.52
N ILE W 153 -18.66 20.93 -5.71
CA ILE W 153 -20.00 21.25 -6.18
C ILE W 153 -20.30 22.70 -5.79
N VAL W 154 -20.82 23.46 -6.74
CA VAL W 154 -21.11 24.87 -6.54
C VAL W 154 -22.63 25.02 -6.54
N HIS W 155 -23.19 25.28 -5.35
CA HIS W 155 -24.61 25.58 -5.22
C HIS W 155 -24.78 27.09 -5.32
N GLU W 156 -25.23 27.55 -6.48
CA GLU W 156 -25.28 28.97 -6.80
C GLU W 156 -26.44 29.66 -6.08
N VAL W 157 -26.45 30.98 -6.18
CA VAL W 157 -27.49 31.79 -5.54
C VAL W 157 -28.81 31.57 -6.24
N GLY W 158 -29.87 31.36 -5.47
CA GLY W 158 -31.19 31.12 -6.00
C GLY W 158 -31.43 29.71 -6.50
N GLU W 159 -30.41 28.86 -6.50
CA GLU W 159 -30.56 27.48 -6.95
C GLU W 159 -31.12 26.62 -5.83
N ALA W 160 -31.95 25.65 -6.21
CA ALA W 160 -32.52 24.69 -5.28
C ALA W 160 -32.32 23.29 -5.86
N THR W 161 -31.62 22.44 -5.13
CA THR W 161 -31.37 21.06 -5.54
C THR W 161 -31.73 20.14 -4.40
N SER W 162 -31.77 18.84 -4.69
CA SER W 162 -31.99 17.82 -3.68
C SER W 162 -30.66 17.14 -3.39
N VAL W 163 -30.27 17.11 -2.12
CA VAL W 163 -28.99 16.55 -1.71
C VAL W 163 -29.24 15.24 -0.98
N GLN W 164 -28.24 14.35 -1.05
CA GLN W 164 -28.27 13.08 -0.35
C GLN W 164 -26.83 12.66 -0.08
N TRP W 165 -26.58 12.16 1.13
CA TRP W 165 -25.23 11.80 1.54
C TRP W 165 -25.20 10.37 2.06
N SER W 166 -24.02 9.76 1.99
CA SER W 166 -23.82 8.41 2.47
C SER W 166 -23.45 8.42 3.95
N SER W 167 -23.17 7.23 4.48
CA SER W 167 -22.91 7.03 5.91
C SER W 167 -21.50 7.44 6.31
N GLY W 168 -20.76 8.15 5.47
CA GLY W 168 -19.42 8.57 5.83
C GLY W 168 -18.99 9.80 5.05
N THR W 169 -19.92 10.71 4.79
CA THR W 169 -19.65 11.87 3.95
C THR W 169 -19.13 13.01 4.80
N TRP W 170 -18.03 13.61 4.36
CA TRP W 170 -17.41 14.75 5.04
C TRP W 170 -16.80 15.65 3.99
N MET W 171 -16.95 16.96 4.18
CA MET W 171 -16.58 17.92 3.15
C MET W 171 -16.15 19.23 3.81
N VAL W 172 -15.42 20.03 3.04
CA VAL W 172 -15.06 21.39 3.43
C VAL W 172 -15.91 22.34 2.60
N GLU W 173 -16.60 23.26 3.29
CA GLU W 173 -17.60 24.10 2.67
C GLU W 173 -17.29 25.57 2.90
N TYR W 174 -17.46 26.38 1.85
CA TYR W 174 -17.25 27.81 1.90
C TYR W 174 -18.44 28.53 1.26
N GLY W 175 -18.95 29.55 1.93
CA GLY W 175 -20.13 30.28 1.48
C GLY W 175 -19.89 31.76 1.33
N ARG W 176 -20.46 32.33 0.28
CA ARG W 176 -20.37 33.76 -0.01
C ARG W 176 -21.76 34.31 -0.27
N GLY W 177 -22.02 35.52 0.20
CA GLY W 177 -23.29 36.17 -0.08
C GLY W 177 -23.93 36.81 1.13
N PHE W 178 -25.25 36.95 1.10
CA PHE W 178 -26.01 37.52 2.22
C PHE W 178 -26.20 36.42 3.26
N ILE W 179 -25.24 36.34 4.19
CA ILE W 179 -25.23 35.24 5.15
C ILE W 179 -26.45 35.23 6.06
N PRO W 180 -26.90 36.35 6.64
CA PRO W 180 -28.04 36.28 7.57
C PRO W 180 -29.29 35.61 7.01
N SER W 181 -29.51 35.66 5.69
CA SER W 181 -30.70 35.05 5.12
C SER W 181 -30.66 33.52 5.21
N THR W 182 -29.47 32.93 5.14
CA THR W 182 -29.38 31.48 5.11
C THR W 182 -29.69 30.85 6.47
N CYS W 183 -29.48 31.58 7.56
CA CYS W 183 -29.69 31.00 8.89
C CYS W 183 -31.16 30.66 9.15
N ALA W 184 -32.09 31.31 8.45
CA ALA W 184 -33.50 30.94 8.59
C ALA W 184 -33.74 29.50 8.15
N PHE W 185 -33.13 29.10 7.03
CA PHE W 185 -33.28 27.74 6.55
C PHE W 185 -32.49 26.74 7.39
N ALA W 186 -31.33 27.16 7.90
CA ALA W 186 -30.46 26.25 8.65
C ALA W 186 -31.07 25.83 9.99
N LEU W 187 -32.09 26.54 10.47
CA LEU W 187 -32.69 26.26 11.78
C LEU W 187 -34.16 25.88 11.69
N ALA W 188 -34.68 25.66 10.47
CA ALA W 188 -36.11 25.36 10.32
C ALA W 188 -36.47 24.02 10.96
N ASP W 189 -35.74 22.96 10.62
CA ASP W 189 -36.04 21.65 11.20
C ASP W 189 -35.75 21.62 12.69
N THR W 190 -34.77 22.40 13.16
CA THR W 190 -34.49 22.44 14.59
C THR W 190 -35.63 23.04 15.39
N ILE W 191 -36.49 23.83 14.75
CA ILE W 191 -37.62 24.45 15.44
C ILE W 191 -38.87 23.61 15.31
N PHE W 192 -39.19 23.16 14.11
CA PHE W 192 -40.46 22.51 13.82
C PHE W 192 -40.38 21.00 13.73
N SER W 193 -39.20 20.42 13.89
CA SER W 193 -39.07 18.97 13.76
C SER W 193 -38.34 18.37 14.97
N THR W 194 -37.07 18.74 15.15
CA THR W 194 -36.30 18.15 16.23
C THR W 194 -36.65 18.78 17.57
N GLN W 195 -36.93 20.08 17.58
CA GLN W 195 -37.19 20.84 18.81
C GLN W 195 -36.04 20.66 19.80
N ASP W 196 -34.82 20.59 19.27
CA ASP W 196 -33.60 20.49 20.08
C ASP W 196 -33.05 21.90 20.28
N PHE W 197 -33.63 22.60 21.25
CA PHE W 197 -33.25 23.99 21.48
C PHE W 197 -31.82 24.13 21.98
N LEU W 198 -31.25 23.08 22.56
CA LEU W 198 -29.85 23.12 22.96
C LEU W 198 -28.94 23.21 21.74
N THR W 199 -29.28 22.50 20.67
CA THR W 199 -28.51 22.60 19.42
C THR W 199 -28.67 23.99 18.80
N LEU W 200 -29.88 24.55 18.89
CA LEU W 200 -30.09 25.94 18.45
C LEU W 200 -29.20 26.89 19.25
N PHE W 201 -29.08 26.65 20.55
CA PHE W 201 -28.17 27.46 21.37
C PHE W 201 -26.73 27.31 20.93
N TYR W 202 -26.31 26.09 20.60
CA TYR W 202 -24.95 25.86 20.12
C TYR W 202 -24.68 26.63 18.84
N THR W 203 -25.62 26.61 17.90
CA THR W 203 -25.44 27.30 16.62
C THR W 203 -25.32 28.81 16.82
N VAL W 204 -26.22 29.40 17.60
CA VAL W 204 -26.14 30.83 17.89
C VAL W 204 -24.86 31.16 18.63
N LYS W 205 -24.39 30.23 19.49
CA LYS W 205 -23.18 30.48 20.27
C LYS W 205 -21.95 30.56 19.36
N VAL W 206 -21.74 29.53 18.53
CA VAL W 206 -20.57 29.51 17.67
C VAL W 206 -20.65 30.60 16.60
N CYS W 207 -21.87 30.92 16.14
CA CYS W 207 -22.02 32.00 15.17
C CYS W 207 -21.64 33.34 15.78
N SER W 208 -22.05 33.58 17.03
CA SER W 208 -21.67 34.81 17.71
C SER W 208 -20.16 34.88 17.95
N LYS W 209 -19.55 33.75 18.31
CA LYS W 209 -18.11 33.73 18.55
C LYS W 209 -17.33 34.07 17.29
N ALA W 210 -17.74 33.51 16.15
CA ALA W 210 -17.05 33.81 14.90
C ALA W 210 -17.25 35.27 14.49
N LEU W 211 -18.46 35.80 14.68
CA LEU W 211 -18.73 37.20 14.36
C LEU W 211 -17.93 38.13 15.26
N LEU W 212 -17.85 37.82 16.55
CA LEU W 212 -17.09 38.67 17.47
C LEU W 212 -15.59 38.58 17.20
N LEU W 213 -15.10 37.40 16.80
CA LEU W 213 -13.68 37.28 16.44
C LEU W 213 -13.36 38.14 15.21
N GLU W 214 -14.22 38.09 14.19
CA GLU W 214 -14.00 38.92 13.01
C GLU W 214 -14.11 40.40 13.34
N ALA W 215 -15.04 40.76 14.23
CA ALA W 215 -15.17 42.15 14.64
C ALA W 215 -13.94 42.61 15.42
N SER W 216 -13.41 41.74 16.28
CA SER W 216 -12.19 42.08 17.02
C SER W 216 -10.99 42.23 16.09
N THR W 217 -10.91 41.38 15.06
CA THR W 217 -9.83 41.50 14.08
C THR W 217 -9.95 42.79 13.29
N HIS W 218 -11.19 43.21 12.97
CA HIS W 218 -11.38 44.49 12.29
C HIS W 218 -10.98 45.65 13.18
N LEU W 219 -11.25 45.55 14.48
CA LEU W 219 -10.89 46.61 15.42
C LEU W 219 -9.38 46.74 15.55
N SER W 220 -8.67 45.62 15.58
CA SER W 220 -7.21 45.66 15.70
C SER W 220 -6.54 46.24 14.47
N GLN W 221 -7.23 46.30 13.34
CA GLN W 221 -6.67 46.87 12.13
C GLN W 221 -7.26 48.26 11.88
N LEU X 9 -26.59 42.63 39.66
CA LEU X 9 -27.62 41.82 40.30
C LEU X 9 -28.77 42.68 40.80
N GLY X 10 -29.35 42.31 41.94
CA GLY X 10 -30.47 43.05 42.50
C GLY X 10 -31.67 43.18 41.57
N LEU X 11 -32.04 42.10 40.89
CA LEU X 11 -33.16 42.11 39.96
C LEU X 11 -34.04 40.89 40.21
N ARG X 12 -35.30 40.96 39.76
CA ARG X 12 -36.23 39.83 39.93
C ARG X 12 -35.85 38.63 39.08
N ALA X 13 -34.91 38.77 38.15
CA ALA X 13 -34.49 37.64 37.34
C ALA X 13 -33.78 36.58 38.20
N VAL X 14 -33.12 37.00 39.28
CA VAL X 14 -32.51 36.03 40.19
C VAL X 14 -33.58 35.20 40.86
N LEU X 15 -34.76 35.79 41.11
CA LEU X 15 -35.85 35.04 41.70
C LEU X 15 -36.39 33.98 40.74
N VAL X 16 -36.46 34.31 39.45
CA VAL X 16 -36.92 33.33 38.47
C VAL X 16 -35.91 32.21 38.32
N VAL X 17 -34.62 32.54 38.29
CA VAL X 17 -33.58 31.52 38.19
C VAL X 17 -33.60 30.61 39.41
N ALA X 18 -33.71 31.21 40.61
CA ALA X 18 -33.71 30.42 41.84
C ALA X 18 -34.98 29.60 41.96
N GLY X 19 -36.11 30.13 41.50
CA GLY X 19 -37.36 29.39 41.57
C GLY X 19 -37.37 28.18 40.65
N LEU X 20 -36.80 28.32 39.46
CA LEU X 20 -36.67 27.17 38.58
C LEU X 20 -35.61 26.20 39.08
N ALA X 21 -34.58 26.70 39.74
CA ALA X 21 -33.56 25.83 40.31
C ALA X 21 -34.14 24.99 41.44
N VAL X 22 -34.91 25.61 42.33
CA VAL X 22 -35.57 24.87 43.40
C VAL X 22 -36.61 23.92 42.81
N LEU X 23 -37.31 24.35 41.76
CA LEU X 23 -38.26 23.48 41.09
C LEU X 23 -37.58 22.24 40.53
N LEU X 24 -36.44 22.43 39.86
CA LEU X 24 -35.71 21.28 39.31
C LEU X 24 -35.23 20.36 40.41
N GLN X 25 -34.76 20.92 41.53
CA GLN X 25 -34.38 20.09 42.67
C GLN X 25 -35.58 19.33 43.22
N LEU X 26 -36.78 19.91 43.14
CA LEU X 26 -37.96 19.24 43.66
C LEU X 26 -38.38 18.10 42.74
N ILE X 27 -38.44 18.36 41.43
CA ILE X 27 -38.87 17.33 40.49
C ILE X 27 -37.83 16.22 40.40
N ARG X 28 -36.54 16.58 40.32
CA ARG X 28 -35.51 15.55 40.25
C ARG X 28 -35.42 14.75 41.55
N GLY X 29 -35.81 15.35 42.67
CA GLY X 29 -35.87 14.59 43.91
C GLY X 29 -36.99 13.57 43.91
N TRP X 30 -38.15 13.94 43.35
CA TRP X 30 -39.23 12.98 43.19
C TRP X 30 -38.84 11.84 42.26
N LEU X 31 -38.18 12.17 41.15
CA LEU X 31 -37.74 11.14 40.21
C LEU X 31 -36.66 10.26 40.81
N SER X 32 -35.91 10.77 41.78
CA SER X 32 -34.84 10.03 42.43
C SER X 32 -35.33 9.18 43.60
N SER X 33 -36.55 9.40 44.10
CA SER X 33 -37.06 8.67 45.25
C SER X 33 -38.37 7.95 44.97
N LYS X 34 -38.78 7.82 43.70
CA LYS X 34 -40.06 7.23 43.34
C LYS X 34 -39.89 5.75 43.04
N SER X 35 -40.36 4.89 43.95
CA SER X 35 -40.53 3.47 43.67
C SER X 35 -41.13 3.23 42.28
N TYR X 36 -40.31 2.78 41.35
CA TYR X 36 -40.72 2.48 39.99
C TYR X 36 -41.14 1.02 39.86
N VAL X 37 -41.85 0.72 38.77
CA VAL X 37 -42.33 -0.63 38.49
C VAL X 37 -41.27 -1.44 37.78
N PHE X 38 -40.82 -0.96 36.63
CA PHE X 38 -39.85 -1.66 35.79
C PHE X 38 -38.45 -1.10 36.01
N ASN X 39 -37.47 -1.80 35.43
CA ASN X 39 -36.10 -1.32 35.35
C ASN X 39 -35.54 -1.69 33.99
N ARG X 40 -34.53 -0.93 33.56
CA ARG X 40 -34.02 -1.11 32.20
C ARG X 40 -33.37 -2.48 32.02
N GLU X 41 -32.75 -3.02 33.07
CA GLU X 41 -32.13 -4.33 32.95
C GLU X 41 -33.18 -5.43 32.77
N GLU X 42 -34.32 -5.29 33.46
CA GLU X 42 -35.39 -6.28 33.35
C GLU X 42 -35.93 -6.36 31.93
N ILE X 43 -36.30 -5.21 31.36
CA ILE X 43 -36.84 -5.19 30.00
C ILE X 43 -35.77 -5.62 29.00
N ALA X 44 -34.52 -5.20 29.23
CA ALA X 44 -33.45 -5.55 28.30
C ALA X 44 -33.22 -7.05 28.25
N ARG X 45 -33.21 -7.72 29.42
CA ARG X 45 -33.01 -9.16 29.42
C ARG X 45 -34.19 -9.87 28.77
N LEU X 46 -35.42 -9.46 29.11
CA LEU X 46 -36.60 -10.10 28.53
C LEU X 46 -36.63 -9.98 27.01
N ALA X 47 -36.14 -8.87 26.47
CA ALA X 47 -36.09 -8.72 25.03
C ALA X 47 -34.94 -9.51 24.42
N LYS X 48 -33.78 -9.55 25.09
CA LYS X 48 -32.64 -10.25 24.54
C LYS X 48 -32.85 -11.76 24.55
N GLU X 49 -33.68 -12.27 25.46
CA GLU X 49 -33.97 -13.71 25.47
C GLU X 49 -34.65 -14.13 24.18
N HIS X 50 -35.50 -13.27 23.62
CA HIS X 50 -36.24 -13.58 22.41
C HIS X 50 -35.60 -12.97 21.17
N SER X 51 -34.44 -12.34 21.31
CA SER X 51 -33.69 -11.84 20.17
C SER X 51 -33.20 -13.01 19.31
N GLY X 52 -33.14 -12.77 18.01
CA GLY X 52 -32.83 -13.82 17.07
C GLY X 52 -34.03 -14.64 16.64
N LEU X 53 -35.23 -14.28 17.08
CA LEU X 53 -36.46 -14.92 16.68
C LEU X 53 -37.30 -13.96 15.87
N ASP X 54 -38.41 -14.46 15.32
CA ASP X 54 -39.34 -13.57 14.62
C ASP X 54 -39.87 -12.54 15.59
N TYR X 55 -39.83 -11.27 15.18
CA TYR X 55 -40.17 -10.18 16.09
C TYR X 55 -41.62 -10.22 16.53
N GLU X 56 -42.51 -10.81 15.71
CA GLU X 56 -43.91 -10.93 16.10
C GLU X 56 -44.09 -11.91 17.25
N VAL X 57 -43.44 -13.08 17.16
CA VAL X 57 -43.49 -14.04 18.27
C VAL X 57 -42.81 -13.48 19.50
N ALA X 58 -41.69 -12.76 19.32
CA ALA X 58 -41.01 -12.15 20.45
C ALA X 58 -41.89 -11.12 21.13
N PHE X 59 -42.61 -10.31 20.35
CA PHE X 59 -43.54 -9.35 20.93
C PHE X 59 -44.56 -10.02 21.83
N SER X 60 -45.21 -11.08 21.33
CA SER X 60 -46.27 -11.74 22.09
C SER X 60 -45.72 -12.38 23.36
N LYS X 61 -44.59 -13.08 23.27
CA LYS X 61 -44.03 -13.71 24.45
C LYS X 61 -43.59 -12.68 25.49
N ILE X 62 -43.05 -11.55 25.02
CA ILE X 62 -42.67 -10.49 25.96
C ILE X 62 -43.90 -9.87 26.60
N ILE X 63 -44.98 -9.70 25.84
CA ILE X 63 -46.24 -9.20 26.40
C ILE X 63 -46.76 -10.18 27.45
N VAL X 64 -46.66 -11.48 27.17
CA VAL X 64 -47.11 -12.49 28.13
C VAL X 64 -46.28 -12.41 29.41
N GLU X 65 -44.96 -12.29 29.26
CA GLU X 65 -44.09 -12.21 30.44
C GLU X 65 -44.34 -10.95 31.25
N LEU X 66 -44.59 -9.82 30.57
CA LEU X 66 -44.83 -8.58 31.29
C LEU X 66 -46.16 -8.63 32.05
N ARG X 67 -47.21 -9.17 31.43
CA ARG X 67 -48.47 -9.30 32.14
C ARG X 67 -48.42 -10.35 33.23
N LYS X 68 -47.52 -11.33 33.12
CA LYS X 68 -47.37 -12.31 34.20
C LYS X 68 -46.65 -11.71 35.40
N LYS X 69 -45.48 -11.12 35.18
CA LYS X 69 -44.70 -10.61 36.30
C LYS X 69 -45.19 -9.26 36.79
N HIS X 70 -45.99 -8.56 36.00
CA HIS X 70 -46.54 -7.25 36.39
C HIS X 70 -48.00 -7.17 35.96
N PRO X 71 -48.89 -7.83 36.70
CA PRO X 71 -50.31 -7.76 36.35
C PRO X 71 -50.90 -6.40 36.66
N GLY X 72 -51.87 -6.01 35.83
CA GLY X 72 -52.52 -4.72 36.02
C GLY X 72 -51.70 -3.52 35.61
N HIS X 73 -50.54 -3.72 34.98
CA HIS X 73 -49.68 -2.62 34.56
C HIS X 73 -49.48 -2.56 33.05
N ILE X 74 -49.90 -3.59 32.31
CA ILE X 74 -49.77 -3.63 30.86
C ILE X 74 -51.18 -3.68 30.26
N LEU X 75 -51.41 -2.87 29.24
CA LEU X 75 -52.73 -2.81 28.60
C LEU X 75 -53.13 -4.18 28.05
N GLN X 76 -54.44 -4.41 27.99
CA GLN X 76 -54.96 -5.65 27.46
C GLN X 76 -54.94 -5.63 25.94
N ASP X 77 -55.18 -6.80 25.35
CA ASP X 77 -55.18 -6.91 23.88
C ASP X 77 -56.28 -6.05 23.26
N GLU X 78 -57.34 -5.78 24.02
CA GLU X 78 -58.41 -4.94 23.52
C GLU X 78 -57.94 -3.52 23.25
N ASP X 79 -56.97 -3.04 24.03
CA ASP X 79 -56.47 -1.67 23.94
C ASP X 79 -55.14 -1.56 23.20
N LEU X 80 -54.74 -2.60 22.47
CA LEU X 80 -53.47 -2.59 21.75
C LEU X 80 -53.71 -2.32 20.26
N GLN X 81 -52.89 -1.44 19.69
CA GLN X 81 -52.93 -1.13 18.27
C GLN X 81 -51.62 -0.49 17.84
N TRP X 82 -51.20 -0.79 16.62
CA TRP X 82 -49.99 -0.19 16.06
C TRP X 82 -50.29 1.23 15.61
N VAL X 83 -49.57 2.20 16.18
CA VAL X 83 -49.74 3.62 15.87
C VAL X 83 -48.46 4.14 15.24
N PHE X 84 -48.60 4.89 14.14
CA PHE X 84 -47.45 5.51 13.51
C PHE X 84 -46.85 6.61 14.39
N VAL X 85 -45.53 6.79 14.27
CA VAL X 85 -44.80 7.79 15.05
C VAL X 85 -43.84 8.50 14.12
N ASN X 86 -44.07 9.80 13.91
CA ASN X 86 -43.19 10.66 13.12
C ASN X 86 -42.53 11.67 14.03
N ALA X 87 -41.19 11.65 14.08
CA ALA X 87 -40.46 12.54 14.96
C ALA X 87 -39.02 12.66 14.48
N GLY X 88 -38.47 13.88 14.59
CA GLY X 88 -37.07 14.13 14.30
C GLY X 88 -36.61 13.82 12.89
N GLY X 89 -37.53 13.57 11.98
CA GLY X 89 -37.18 13.26 10.61
C GLY X 89 -37.27 11.79 10.23
N TRP X 90 -37.61 10.92 11.18
CA TRP X 90 -37.82 9.51 10.92
C TRP X 90 -39.27 9.14 11.16
N MET X 91 -39.67 7.96 10.65
CA MET X 91 -41.03 7.48 10.77
C MET X 91 -41.03 6.01 11.13
N GLY X 92 -41.75 5.65 12.18
CA GLY X 92 -41.90 4.27 12.59
C GLY X 92 -43.26 3.97 13.16
N SER X 93 -43.38 2.90 13.94
CA SER X 93 -44.64 2.55 14.58
C SER X 93 -44.37 1.98 15.96
N MET X 94 -45.32 2.17 16.86
CA MET X 94 -45.19 1.76 18.24
C MET X 94 -46.40 0.94 18.66
N CYS X 95 -46.19 0.09 19.66
CA CYS X 95 -47.27 -0.62 20.33
C CYS X 95 -47.07 -0.40 21.83
N LEU X 96 -47.89 0.46 22.42
CA LEU X 96 -47.70 0.87 23.80
C LEU X 96 -48.25 -0.20 24.74
N LEU X 97 -47.36 -0.82 25.52
CA LEU X 97 -47.78 -1.82 26.49
C LEU X 97 -48.07 -1.21 27.86
N HIS X 98 -47.20 -0.31 28.33
CA HIS X 98 -47.36 0.34 29.62
C HIS X 98 -46.89 1.78 29.50
N ALA X 99 -47.55 2.68 30.21
CA ALA X 99 -47.16 4.08 30.21
C ALA X 99 -47.71 4.76 31.46
N SER X 100 -46.86 5.52 32.14
CA SER X 100 -47.27 6.30 33.30
C SER X 100 -46.66 7.69 33.14
N LEU X 101 -46.64 8.46 34.23
CA LEU X 101 -46.03 9.78 34.21
C LEU X 101 -44.51 9.72 34.34
N THR X 102 -43.95 8.57 34.74
CA THR X 102 -42.51 8.42 34.90
C THR X 102 -41.91 7.24 34.13
N GLU X 103 -42.72 6.27 33.69
CA GLU X 103 -42.24 5.12 32.95
C GLU X 103 -43.12 4.88 31.74
N TYR X 104 -42.55 4.19 30.74
CA TYR X 104 -43.35 3.69 29.63
C TYR X 104 -42.61 2.53 28.97
N VAL X 105 -43.37 1.53 28.53
CA VAL X 105 -42.83 0.38 27.82
C VAL X 105 -43.62 0.22 26.53
N LEU X 106 -42.92 0.01 25.41
CA LEU X 106 -43.58 -0.17 24.13
C LEU X 106 -42.71 -1.02 23.23
N LEU X 107 -43.31 -1.47 22.12
CA LEU X 107 -42.63 -2.20 21.06
C LEU X 107 -42.54 -1.26 19.86
N PHE X 108 -41.32 -0.85 19.51
CA PHE X 108 -41.09 0.08 18.42
C PHE X 108 -40.38 -0.58 17.26
N GLY X 109 -40.55 0.00 16.08
CA GLY X 109 -39.83 -0.46 14.91
C GLY X 109 -40.44 0.13 13.65
N THR X 110 -39.75 -0.11 12.55
CA THR X 110 -40.17 0.41 11.26
C THR X 110 -40.00 -0.66 10.19
N ALA X 111 -40.90 -0.63 9.20
CA ALA X 111 -40.82 -1.47 8.02
C ALA X 111 -40.34 -0.72 6.80
N VAL X 112 -39.83 0.50 6.97
CA VAL X 112 -39.23 1.28 5.91
C VAL X 112 -37.90 1.84 6.40
N ASP X 113 -37.11 2.35 5.47
CA ASP X 113 -35.80 2.93 5.79
C ASP X 113 -36.03 4.38 6.20
N THR X 114 -35.81 4.68 7.49
CA THR X 114 -35.98 6.02 8.01
C THR X 114 -34.82 6.36 8.93
N GLY X 115 -34.77 7.61 9.35
CA GLY X 115 -33.72 8.08 10.25
C GLY X 115 -33.77 9.57 10.48
N GLY X 116 -33.19 10.03 11.58
CA GLY X 116 -33.18 11.46 11.86
C GLY X 116 -32.70 11.76 13.26
N HIS X 117 -33.28 12.82 13.83
CA HIS X 117 -32.89 13.27 15.16
C HIS X 117 -33.60 12.44 16.22
N SER X 118 -32.83 11.89 17.16
CA SER X 118 -33.41 11.06 18.22
C SER X 118 -34.22 11.87 19.22
N GLY X 119 -33.97 13.17 19.31
CA GLY X 119 -34.68 14.01 20.25
C GLY X 119 -33.95 14.15 21.57
N ARG X 120 -33.87 15.36 22.09
CA ARG X 120 -33.23 15.65 23.36
C ARG X 120 -34.34 16.00 24.35
N TYR X 121 -34.57 15.12 25.33
CA TYR X 121 -35.67 15.28 26.26
C TYR X 121 -35.24 14.83 27.65
N TRP X 122 -36.14 15.01 28.61
CA TRP X 122 -35.87 14.68 30.01
C TRP X 122 -36.32 13.26 30.33
N ALA X 123 -35.66 12.30 29.68
CA ALA X 123 -36.03 10.90 29.84
C ALA X 123 -34.89 10.01 29.38
N GLU X 124 -34.57 9.00 30.18
CA GLU X 124 -33.60 7.98 29.80
C GLU X 124 -34.34 6.83 29.13
N ILE X 125 -33.90 6.47 27.93
CA ILE X 125 -34.59 5.49 27.11
C ILE X 125 -33.64 4.34 26.79
N SER X 126 -34.14 3.12 26.87
CA SER X 126 -33.38 1.91 26.58
C SER X 126 -34.12 1.10 25.52
N ASP X 127 -33.41 0.76 24.44
CA ASP X 127 -33.98 -0.01 23.33
C ASP X 127 -33.16 -1.27 23.12
N THR X 128 -33.82 -2.42 23.14
CA THR X 128 -33.18 -3.71 22.86
C THR X 128 -33.68 -4.20 21.50
N ILE X 129 -32.77 -4.26 20.53
CA ILE X 129 -33.15 -4.60 19.15
C ILE X 129 -33.49 -6.09 19.07
N LEU X 130 -34.69 -6.39 18.58
CA LEU X 130 -35.10 -7.76 18.33
C LEU X 130 -34.70 -8.23 16.93
N SER X 131 -34.78 -7.34 15.94
CA SER X 131 -34.41 -7.69 14.56
C SER X 131 -34.06 -6.41 13.82
N GLY X 132 -33.29 -6.55 12.75
CA GLY X 132 -32.89 -5.41 11.95
C GLY X 132 -31.54 -4.83 12.32
N THR X 133 -31.33 -3.53 12.04
CA THR X 133 -30.09 -2.86 12.39
C THR X 133 -30.41 -1.48 12.97
N PHE X 134 -29.49 -0.97 13.79
CA PHE X 134 -29.63 0.32 14.45
C PHE X 134 -28.32 1.08 14.30
N ARG X 135 -28.32 2.12 13.49
CA ARG X 135 -27.17 3.00 13.37
C ARG X 135 -27.34 4.19 14.30
N GLN X 136 -26.40 4.38 15.21
CA GLN X 136 -26.43 5.49 16.16
C GLN X 136 -25.22 6.37 15.92
N TRP X 137 -25.46 7.68 15.87
CA TRP X 137 -24.43 8.68 15.64
C TRP X 137 -24.45 9.63 16.84
N LYS X 138 -23.51 9.46 17.76
CA LYS X 138 -23.49 10.26 18.96
C LYS X 138 -23.06 11.69 18.65
N GLU X 139 -23.47 12.62 19.51
CA GLU X 139 -23.16 14.02 19.30
C GLU X 139 -21.68 14.29 19.51
N GLY X 140 -21.12 15.13 18.64
CA GLY X 140 -19.72 15.55 18.78
C GLY X 140 -18.70 14.61 18.20
N THR X 141 -19.11 13.55 17.49
CA THR X 141 -18.20 12.60 16.89
C THR X 141 -18.35 12.63 15.38
N THR X 142 -17.43 11.93 14.71
CA THR X 142 -17.45 11.85 13.26
C THR X 142 -17.69 10.45 12.73
N LYS X 143 -17.93 9.47 13.59
CA LYS X 143 -18.21 8.10 13.18
C LYS X 143 -19.44 7.58 13.92
N SER X 144 -20.17 6.69 13.26
CA SER X 144 -21.36 6.09 13.82
C SER X 144 -21.14 4.59 14.02
N GLU X 145 -21.96 4.01 14.89
CA GLU X 145 -21.90 2.58 15.18
C GLU X 145 -23.19 1.91 14.79
N ILE X 146 -23.09 0.64 14.41
CA ILE X 146 -24.23 -0.17 14.01
C ILE X 146 -24.45 -1.26 15.05
N PHE X 147 -25.66 -1.33 15.57
CA PHE X 147 -26.03 -2.32 16.57
C PHE X 147 -27.02 -3.32 16.00
N TYR X 148 -26.91 -4.57 16.42
CA TYR X 148 -27.62 -5.68 15.81
C TYR X 148 -28.54 -6.33 16.85
N PRO X 149 -29.41 -7.26 16.44
CA PRO X 149 -30.30 -7.90 17.43
C PRO X 149 -29.52 -8.51 18.58
N GLY X 150 -30.03 -8.30 19.80
CA GLY X 150 -29.37 -8.70 21.02
C GLY X 150 -28.73 -7.55 21.76
N ASP X 151 -28.26 -6.53 21.04
CA ASP X 151 -27.66 -5.38 21.66
C ASP X 151 -28.73 -4.48 22.29
N THR X 152 -28.30 -3.68 23.26
CA THR X 152 -29.20 -2.76 23.95
C THR X 152 -28.55 -1.38 23.99
N ILE X 153 -29.28 -0.38 23.53
CA ILE X 153 -28.77 0.99 23.41
C ILE X 153 -29.49 1.86 24.41
N VAL X 154 -28.72 2.64 25.17
CA VAL X 154 -29.25 3.50 26.23
C VAL X 154 -29.06 4.96 25.80
N HIS X 155 -30.16 5.63 25.49
CA HIS X 155 -30.16 7.06 25.18
C HIS X 155 -30.40 7.82 26.48
N GLU X 156 -29.34 8.40 27.04
CA GLU X 156 -29.44 9.01 28.36
C GLU X 156 -30.19 10.34 28.29
N VAL X 157 -30.48 10.89 29.48
CA VAL X 157 -31.19 12.15 29.58
C VAL X 157 -30.29 13.28 29.08
N GLY X 158 -30.85 14.16 28.26
CA GLY X 158 -30.10 15.27 27.70
C GLY X 158 -29.20 14.90 26.53
N GLU X 159 -29.10 13.63 26.18
CA GLU X 159 -28.29 13.21 25.05
C GLU X 159 -29.08 13.38 23.76
N ALA X 160 -28.36 13.74 22.69
CA ALA X 160 -28.94 13.89 21.36
C ALA X 160 -28.07 13.13 20.37
N THR X 161 -28.67 12.17 19.67
CA THR X 161 -27.96 11.39 18.68
C THR X 161 -28.77 11.36 17.38
N SER X 162 -28.14 10.88 16.32
CA SER X 162 -28.81 10.67 15.05
C SER X 162 -29.06 9.17 14.90
N VAL X 163 -30.32 8.81 14.67
CA VAL X 163 -30.71 7.41 14.58
C VAL X 163 -31.01 7.08 13.13
N GLN X 164 -30.81 5.81 12.78
CA GLN X 164 -31.11 5.31 11.46
C GLN X 164 -31.46 3.83 11.58
N TRP X 165 -32.51 3.42 10.89
CA TRP X 165 -33.00 2.05 10.97
C TRP X 165 -33.16 1.46 9.59
N SER X 166 -33.09 0.13 9.51
CA SER X 166 -33.27 -0.57 8.25
C SER X 166 -34.75 -0.84 8.02
N SER X 167 -35.05 -1.55 6.92
CA SER X 167 -36.42 -1.79 6.49
C SER X 167 -37.11 -2.90 7.26
N GLY X 168 -36.55 -3.38 8.37
CA GLY X 168 -37.18 -4.44 9.12
C GLY X 168 -36.76 -4.44 10.58
N THR X 169 -36.57 -3.25 11.14
CA THR X 169 -36.04 -3.11 12.49
C THR X 169 -37.19 -3.10 13.50
N TRP X 170 -37.05 -3.89 14.55
CA TRP X 170 -38.04 -3.97 15.61
C TRP X 170 -37.34 -4.18 16.95
N MET X 171 -37.82 -3.49 17.97
CA MET X 171 -37.12 -3.45 19.24
C MET X 171 -38.13 -3.25 20.37
N VAL X 172 -37.70 -3.60 21.58
CA VAL X 172 -38.48 -3.36 22.79
C VAL X 172 -37.83 -2.20 23.54
N GLU X 173 -38.63 -1.20 23.88
CA GLU X 173 -38.13 0.06 24.38
C GLU X 173 -38.71 0.37 25.75
N TYR X 174 -37.87 0.87 26.64
CA TYR X 174 -38.26 1.26 27.99
C TYR X 174 -37.71 2.64 28.30
N GLY X 175 -38.57 3.52 28.80
CA GLY X 175 -38.18 4.89 29.08
C GLY X 175 -38.47 5.29 30.51
N ARG X 176 -37.53 6.04 31.09
CA ARG X 176 -37.64 6.56 32.46
C ARG X 176 -37.37 8.05 32.49
N GLY X 177 -38.12 8.76 33.31
CA GLY X 177 -37.89 10.18 33.50
C GLY X 177 -39.20 10.94 33.49
N PHE X 178 -39.09 12.23 33.16
CA PHE X 178 -40.27 13.10 33.08
C PHE X 178 -40.93 12.89 31.73
N ILE X 179 -41.90 11.97 31.70
CA ILE X 179 -42.51 11.57 30.43
C ILE X 179 -43.23 12.71 29.72
N PRO X 180 -44.03 13.56 30.40
CA PRO X 180 -44.76 14.60 29.67
C PRO X 180 -43.89 15.50 28.80
N SER X 181 -42.61 15.69 29.15
CA SER X 181 -41.75 16.55 28.34
C SER X 181 -41.46 15.95 26.98
N THR X 182 -41.40 14.63 26.89
CA THR X 182 -41.00 13.98 25.64
C THR X 182 -42.08 14.07 24.58
N CYS X 183 -43.35 14.17 24.97
CA CYS X 183 -44.43 14.18 23.99
C CYS X 183 -44.40 15.41 23.09
N ALA X 184 -43.76 16.50 23.54
CA ALA X 184 -43.58 17.65 22.66
C ALA X 184 -42.77 17.29 21.43
N PHE X 185 -41.70 16.51 21.62
CA PHE X 185 -40.89 16.06 20.48
C PHE X 185 -41.60 14.97 19.70
N ALA X 186 -42.33 14.10 20.38
CA ALA X 186 -42.97 12.97 19.73
C ALA X 186 -44.10 13.39 18.80
N LEU X 187 -44.62 14.62 18.94
CA LEU X 187 -45.75 15.07 18.15
C LEU X 187 -45.43 16.28 17.28
N ALA X 188 -44.16 16.67 17.19
CA ALA X 188 -43.81 17.84 16.40
C ALA X 188 -44.03 17.58 14.91
N ASP X 189 -43.48 16.49 14.39
CA ASP X 189 -43.64 16.18 12.97
C ASP X 189 -45.10 15.90 12.64
N THR X 190 -45.86 15.37 13.58
CA THR X 190 -47.28 15.12 13.34
C THR X 190 -48.05 16.42 13.18
N ILE X 191 -47.53 17.53 13.69
CA ILE X 191 -48.20 18.83 13.57
C ILE X 191 -47.68 19.62 12.39
N PHE X 192 -46.37 19.68 12.21
CA PHE X 192 -45.75 20.57 11.24
C PHE X 192 -45.31 19.87 9.97
N SER X 193 -45.49 18.56 9.87
CA SER X 193 -45.04 17.84 8.68
C SER X 193 -46.14 16.94 8.12
N THR X 194 -46.55 15.93 8.88
CA THR X 194 -47.52 14.96 8.37
C THR X 194 -48.94 15.48 8.42
N GLN X 195 -49.28 16.25 9.46
CA GLN X 195 -50.65 16.72 9.67
C GLN X 195 -51.64 15.56 9.65
N ASP X 196 -51.20 14.41 10.19
CA ASP X 196 -52.05 13.24 10.31
C ASP X 196 -52.69 13.26 11.69
N PHE X 197 -53.77 14.05 11.79
CA PHE X 197 -54.43 14.25 13.08
C PHE X 197 -55.08 12.98 13.62
N LEU X 198 -55.42 12.03 12.76
CA LEU X 198 -55.96 10.76 13.26
C LEU X 198 -54.89 9.98 14.02
N THR X 199 -53.64 10.02 13.55
CA THR X 199 -52.55 9.39 14.29
C THR X 199 -52.28 10.13 15.60
N LEU X 200 -52.40 11.46 15.60
CA LEU X 200 -52.32 12.22 16.84
C LEU X 200 -53.41 11.79 17.81
N PHE X 201 -54.64 11.60 17.30
CA PHE X 201 -55.72 11.11 18.15
C PHE X 201 -55.41 9.72 18.69
N TYR X 202 -54.88 8.84 17.85
CA TYR X 202 -54.52 7.50 18.30
C TYR X 202 -53.48 7.56 19.42
N THR X 203 -52.48 8.43 19.27
CA THR X 203 -51.43 8.54 20.29
C THR X 203 -52.02 8.99 21.62
N VAL X 204 -52.85 10.03 21.60
CA VAL X 204 -53.50 10.49 22.82
C VAL X 204 -54.42 9.40 23.38
N LYS X 205 -55.05 8.63 22.50
CA LYS X 205 -55.97 7.59 22.95
C LYS X 205 -55.24 6.49 23.71
N VAL X 206 -54.20 5.91 23.11
CA VAL X 206 -53.48 4.82 23.77
C VAL X 206 -52.75 5.34 25.00
N CYS X 207 -52.31 6.59 24.96
CA CYS X 207 -51.67 7.18 26.14
C CYS X 207 -52.67 7.36 27.28
N SER X 208 -53.88 7.80 26.96
CA SER X 208 -54.91 7.96 27.99
C SER X 208 -55.30 6.62 28.59
N LYS X 209 -55.42 5.58 27.75
CA LYS X 209 -55.80 4.26 28.25
C LYS X 209 -54.73 3.71 29.20
N ALA X 210 -53.45 3.86 28.84
CA ALA X 210 -52.39 3.35 29.71
C ALA X 210 -52.34 4.13 31.02
N LEU X 211 -52.53 5.44 30.97
CA LEU X 211 -52.53 6.24 32.19
C LEU X 211 -53.71 5.87 33.08
N LEU X 212 -54.89 5.67 32.49
CA LEU X 212 -56.06 5.30 33.29
C LEU X 212 -55.93 3.89 33.85
N LEU X 213 -55.27 2.98 33.11
CA LEU X 213 -55.03 1.64 33.64
C LEU X 213 -54.13 1.71 34.87
N GLU X 214 -53.06 2.50 34.81
CA GLU X 214 -52.18 2.64 35.97
C GLU X 214 -52.89 3.33 37.12
N ALA X 215 -53.74 4.30 36.84
CA ALA X 215 -54.48 4.99 37.90
C ALA X 215 -55.47 4.04 38.58
N SER X 216 -56.13 3.19 37.79
CA SER X 216 -57.07 2.23 38.38
C SER X 216 -56.35 1.21 39.24
N THR X 217 -55.14 0.80 38.84
CA THR X 217 -54.37 -0.14 39.65
C THR X 217 -53.95 0.49 40.97
N HIS X 218 -53.61 1.79 40.94
CA HIS X 218 -53.29 2.48 42.19
C HIS X 218 -54.51 2.61 43.09
N LEU X 219 -55.69 2.80 42.50
CA LEU X 219 -56.90 2.93 43.29
C LEU X 219 -57.26 1.62 43.99
N SER X 220 -57.06 0.49 43.30
CA SER X 220 -57.34 -0.81 43.89
C SER X 220 -56.39 -1.17 45.02
N GLN X 221 -55.25 -0.50 45.13
CA GLN X 221 -54.29 -0.77 46.18
C GLN X 221 -54.37 0.30 47.28
#